data_3TTO
#
_entry.id   3TTO
#
_cell.length_a   66.840
_cell.length_b   140.040
_cell.length_c   155.460
_cell.angle_alpha   85.36
_cell.angle_beta   90.92
_cell.angle_gamma   76.85
#
_symmetry.space_group_name_H-M   'P 1'
#
loop_
_entity.id
_entity.type
_entity.pdbx_description
1 polymer Dextransucrase
2 non-polymer 'CALCIUM ION'
3 non-polymer GLYCEROL
4 water water
#
_entity_poly.entity_id   1
_entity_poly.type   'polypeptide(L)'
_entity_poly.pdbx_seq_one_letter_code
;AQAGHYITKNGNDWQYDTNGELAKGLRQDSNGKLRYFDLTTGIQAKGQFVTIGQETYYFSKDHGDAQLLPMVTEGHYGTI
TLKQGQDTKTAWVYRDQNNTILKGLQNINGTLQFFDPYTGEQLKGGVAKYDDKLFYFESGKGNLVSTVAGDYQDGHYISQ
DGQTRYADKQNQLVKGLVTVNGALQYFDNATGNQIKNQQVIVDGKTYYFDDKGNGEYLFTNTLDMSTNAFSTKNVAFNHD
SSSFDHTVDGFLTADTWYRPKSILANGTTWRDSTDKDMRPLITVWWPNKNVQVNYLNFMKANGLLTTAAQYTLHSDQYDL
NQAAQDVQVAIERRIASEHGTDWLQKLLFESQNNNPSFVKQQFIWNKDSEYHGGGDAWFQGGYLKYGNNPLTPTTNSDYR
QPGNAFDFLLANDVDNSNPVVQAENLNWLHYLMNFGTITAGQDDANFDSIRIDAVDFIHNDTIQRTYDYLRDAYQVQQSE
AKANQHISLVEAGLDAGTSTIHNDALIESNLREAATLSLTNEPGKNKPLTNMLQDVDGGTLITDHTQNSTENQATPNYSI
IHAHDKGVQEKVGAAITDATGADWTNFTDEQLKAGLELFYKDQRATNKKYNSYNIPSIYALMLTNKDTVPRMYYGDMYQD
DGQYMANKSIYYDALVSLMTARKSYVSGGQTMSVDNHGLLKSVRFGKDAMTANDLGTSATRTEGLGVIIGNDPKLQLNDS
DKVTLDMGAAHKNQKYRAVILTTRDGLATFNSDQAPTAWTNDQGTLTFSNQEINGQDNTQIRGVANPQVSGYLAVWVPVG
ASDNQDARTAATTTENHDGKVLHSNAALDSNLIYEGFSNFQPKATTHDELTNVVIAKNADVFNNWGITSFEMAPQYRSSG
DHTFLDSTIDNGYAFTDRYDLGFNTPTKYGTDGDLRATIQALHHANMQVMADVVDNQVYNLPGKEVVSATRAGVYGNDDA
TGFGTQLYVTNSVGGGQYQEKYAGQYLEALKAKYPDLFEGKAYDYWYKNYANDGSNPYYTLSHGDRESIPADVAIKQWSA
KYMNGTNVLGNGMGYVLKDWHNGQYFKLDGDKSTLPQIKGELKLEGKPIPNPLLGLDSTRTGHHHHHH
;
_entity_poly.pdbx_strand_id   A,B,C,D
#
loop_
_chem_comp.id
_chem_comp.type
_chem_comp.name
_chem_comp.formula
CA non-polymer 'CALCIUM ION' 'Ca 2'
GOL non-polymer GLYCEROL 'C3 H8 O3'
#
# COMPACT_ATOMS: atom_id res chain seq x y z
N ALA A 23 -0.32 -71.94 2.16
CA ALA A 23 -0.79 -70.89 1.21
C ALA A 23 -1.21 -69.60 1.94
N LYS A 24 -0.43 -68.52 1.77
CA LYS A 24 -0.69 -67.20 2.39
C LYS A 24 -0.25 -66.04 1.47
N GLY A 25 -1.15 -65.06 1.26
CA GLY A 25 -0.91 -63.91 0.36
C GLY A 25 -1.73 -63.94 -0.93
N LEU A 26 -1.44 -63.03 -1.86
CA LEU A 26 -2.03 -63.08 -3.21
C LEU A 26 -1.18 -63.96 -4.13
N ARG A 27 -1.76 -65.07 -4.54
CA ARG A 27 -1.13 -65.96 -5.51
C ARG A 27 -2.25 -66.65 -6.25
N GLN A 28 -1.97 -67.18 -7.44
CA GLN A 28 -2.96 -67.99 -8.19
C GLN A 28 -2.75 -69.51 -8.02
N ASP A 29 -3.86 -70.27 -7.99
CA ASP A 29 -3.85 -71.73 -7.77
C ASP A 29 -3.51 -72.52 -9.06
N SER A 30 -3.54 -73.85 -8.99
CA SER A 30 -3.28 -74.72 -10.17
C SER A 30 -4.11 -74.34 -11.41
N ASN A 31 -5.36 -73.95 -11.18
CA ASN A 31 -6.31 -73.58 -12.24
C ASN A 31 -6.16 -72.09 -12.66
N GLY A 32 -7.10 -71.58 -13.45
CA GLY A 32 -7.05 -70.19 -13.93
C GLY A 32 -7.51 -69.14 -12.93
N LYS A 33 -7.16 -67.88 -13.21
CA LYS A 33 -7.47 -66.70 -12.37
C LYS A 33 -6.69 -66.69 -11.05
N LEU A 34 -6.95 -65.67 -10.23
CA LEU A 34 -6.24 -65.42 -8.95
C LEU A 34 -7.20 -65.19 -7.76
N ARG A 35 -6.87 -65.76 -6.60
CA ARG A 35 -7.59 -65.49 -5.35
C ARG A 35 -6.63 -64.90 -4.31
N TYR A 36 -7.11 -64.71 -3.07
CA TYR A 36 -6.31 -64.08 -2.01
C TYR A 36 -6.43 -64.77 -0.66
N PHE A 37 -5.33 -64.86 0.06
CA PHE A 37 -5.27 -65.54 1.36
C PHE A 37 -4.65 -64.67 2.43
N ASP A 38 -5.29 -64.56 3.60
CA ASP A 38 -4.78 -63.74 4.69
C ASP A 38 -3.39 -64.23 5.11
N LEU A 39 -2.38 -63.38 4.91
CA LEU A 39 -0.99 -63.68 5.25
C LEU A 39 -0.87 -64.13 6.70
N THR A 40 -1.55 -63.38 7.58
CA THR A 40 -1.58 -63.66 9.02
C THR A 40 -2.23 -65.01 9.31
N THR A 41 -3.57 -65.06 9.34
CA THR A 41 -4.27 -66.31 9.66
C THR A 41 -3.96 -67.42 8.65
N GLY A 42 -4.28 -67.20 7.38
CA GLY A 42 -4.21 -68.24 6.35
C GLY A 42 -5.54 -68.36 5.61
N ILE A 43 -6.56 -67.72 6.17
CA ILE A 43 -7.96 -67.68 5.66
C ILE A 43 -8.06 -67.19 4.21
N GLN A 44 -8.80 -67.90 3.34
CA GLN A 44 -9.05 -67.36 2.00
C GLN A 44 -10.05 -66.22 2.05
N ALA A 45 -9.73 -65.12 1.39
CA ALA A 45 -10.70 -64.07 1.18
C ALA A 45 -11.65 -64.48 0.06
N LYS A 46 -12.92 -64.60 0.44
CA LYS A 46 -14.05 -64.63 -0.51
C LYS A 46 -15.15 -63.76 0.10
N GLY A 47 -15.79 -62.95 -0.74
CA GLY A 47 -16.84 -62.02 -0.30
C GLY A 47 -16.33 -60.80 0.47
N GLN A 48 -15.06 -60.46 0.28
CA GLN A 48 -14.45 -59.35 1.00
C GLN A 48 -13.74 -58.41 0.03
N PHE A 49 -13.30 -57.26 0.54
CA PHE A 49 -12.42 -56.37 -0.20
C PHE A 49 -11.01 -56.46 0.37
N VAL A 50 -10.02 -56.47 -0.51
CA VAL A 50 -8.62 -56.41 -0.10
C VAL A 50 -7.82 -55.50 -1.03
N THR A 51 -6.84 -54.79 -0.46
CA THR A 51 -5.96 -53.94 -1.24
C THR A 51 -4.61 -54.59 -1.26
N ILE A 52 -4.24 -55.16 -2.42
CA ILE A 52 -2.93 -55.84 -2.61
C ILE A 52 -1.93 -54.98 -3.39
N GLY A 53 -0.95 -54.41 -2.69
CA GLY A 53 0.03 -53.55 -3.33
C GLY A 53 -0.58 -52.30 -3.95
N GLN A 54 -0.65 -52.27 -5.28
CA GLN A 54 -1.12 -51.08 -5.98
C GLN A 54 -2.64 -51.00 -6.04
N GLU A 55 -3.27 -52.03 -6.57
CA GLU A 55 -4.70 -52.02 -6.84
C GLU A 55 -5.54 -52.48 -5.64
N THR A 56 -6.85 -52.18 -5.68
CA THR A 56 -7.84 -52.72 -4.73
C THR A 56 -8.87 -53.61 -5.45
N TYR A 57 -9.18 -54.76 -4.83
CA TYR A 57 -9.94 -55.83 -5.46
C TYR A 57 -11.22 -56.14 -4.68
N TYR A 58 -12.15 -56.84 -5.32
CA TYR A 58 -13.23 -57.55 -4.62
C TYR A 58 -13.28 -59.02 -5.05
N PHE A 59 -13.47 -59.91 -4.08
CA PHE A 59 -13.49 -61.35 -4.33
C PHE A 59 -14.86 -61.94 -4.03
N SER A 60 -15.31 -62.83 -4.90
CA SER A 60 -16.73 -63.18 -5.00
C SER A 60 -17.22 -64.09 -3.86
N LYS A 61 -18.55 -64.07 -3.65
CA LYS A 61 -19.23 -64.98 -2.71
C LYS A 61 -19.00 -66.42 -3.16
N ASP A 62 -19.16 -66.67 -4.46
CA ASP A 62 -18.96 -68.00 -5.07
C ASP A 62 -17.70 -68.68 -4.56
N HIS A 63 -16.61 -68.63 -5.32
CA HIS A 63 -15.40 -69.32 -4.89
C HIS A 63 -14.19 -68.39 -4.79
N GLY A 64 -14.43 -67.08 -4.77
CA GLY A 64 -13.37 -66.07 -4.63
C GLY A 64 -12.43 -65.90 -5.83
N ASP A 65 -12.98 -65.52 -6.98
CA ASP A 65 -12.21 -65.45 -8.23
C ASP A 65 -11.67 -64.03 -8.55
N ALA A 66 -12.02 -63.06 -7.70
CA ALA A 66 -11.46 -61.70 -7.81
C ALA A 66 -12.19 -60.74 -8.75
N GLN A 67 -11.92 -59.44 -8.61
CA GLN A 67 -12.50 -58.42 -9.50
C GLN A 67 -11.84 -57.06 -9.25
N LEU A 68 -11.21 -56.49 -10.29
CA LEU A 68 -10.36 -55.28 -10.17
C LEU A 68 -11.17 -54.00 -10.14
N LEU A 69 -10.84 -53.08 -9.24
CA LEU A 69 -11.57 -51.80 -9.11
C LEU A 69 -10.66 -50.60 -9.33
N PRO A 70 -10.50 -50.17 -10.60
CA PRO A 70 -9.47 -49.17 -10.92
C PRO A 70 -9.67 -47.86 -10.18
N MET A 71 -8.58 -47.19 -9.84
CA MET A 71 -8.64 -45.96 -9.06
C MET A 71 -8.91 -44.72 -9.93
N VAL A 72 -9.74 -43.82 -9.41
CA VAL A 72 -10.10 -42.60 -10.11
C VAL A 72 -9.29 -41.41 -9.57
N THR A 73 -8.28 -41.00 -10.34
CA THR A 73 -7.61 -39.73 -10.09
C THR A 73 -8.22 -38.69 -11.04
N GLU A 74 -8.29 -37.44 -10.57
CA GLU A 74 -8.88 -36.34 -11.33
C GLU A 74 -10.38 -36.56 -11.55
N GLY A 75 -11.21 -35.80 -10.84
CA GLY A 75 -12.68 -35.91 -10.95
C GLY A 75 -13.44 -34.78 -10.28
N HIS A 76 -14.48 -34.27 -10.93
CA HIS A 76 -15.11 -32.98 -10.56
C HIS A 76 -15.76 -32.94 -9.18
N TYR A 77 -16.73 -33.83 -8.92
CA TYR A 77 -17.49 -33.87 -7.64
C TYR A 77 -18.46 -32.69 -7.51
N GLY A 78 -19.76 -32.93 -7.76
CA GLY A 78 -20.76 -31.85 -7.83
C GLY A 78 -22.19 -32.30 -7.55
N THR A 79 -23.16 -31.50 -8.00
CA THR A 79 -24.58 -31.74 -7.71
C THR A 79 -25.50 -31.58 -8.92
N ILE A 80 -26.59 -32.36 -8.93
CA ILE A 80 -27.61 -32.28 -9.97
C ILE A 80 -29.01 -32.34 -9.36
N THR A 81 -30.03 -32.23 -10.22
CA THR A 81 -31.44 -32.35 -9.83
C THR A 81 -32.09 -33.59 -10.45
N LEU A 82 -32.86 -34.32 -9.63
CA LEU A 82 -33.56 -35.53 -10.07
C LEU A 82 -34.89 -35.66 -9.29
N LYS A 83 -36.01 -35.74 -10.03
CA LYS A 83 -37.31 -36.02 -9.43
C LYS A 83 -37.65 -37.45 -9.76
N GLN A 84 -37.57 -38.35 -8.78
CA GLN A 84 -37.86 -39.79 -8.95
C GLN A 84 -39.36 -40.01 -9.19
N GLY A 85 -40.18 -39.55 -8.25
CA GLY A 85 -41.65 -39.58 -8.39
C GLY A 85 -42.31 -38.46 -7.61
N GLN A 86 -42.08 -38.46 -6.29
CA GLN A 86 -42.66 -37.48 -5.38
C GLN A 86 -42.04 -36.12 -5.62
N ASP A 87 -40.89 -35.84 -5.01
CA ASP A 87 -40.30 -34.50 -5.04
C ASP A 87 -39.08 -34.43 -5.94
N THR A 88 -38.84 -33.25 -6.50
CA THR A 88 -37.57 -32.97 -7.12
C THR A 88 -36.56 -32.88 -5.97
N LYS A 89 -35.64 -33.83 -5.92
CA LYS A 89 -34.52 -33.81 -4.98
C LYS A 89 -33.29 -33.25 -5.71
N THR A 90 -32.36 -32.61 -4.98
CA THR A 90 -31.04 -32.24 -5.53
C THR A 90 -29.98 -33.25 -5.11
N ALA A 91 -29.59 -34.11 -6.05
CA ALA A 91 -28.68 -35.23 -5.75
C ALA A 91 -27.21 -34.89 -5.97
N TRP A 92 -26.33 -35.44 -5.12
CA TRP A 92 -24.88 -35.33 -5.30
C TRP A 92 -24.39 -36.38 -6.26
N VAL A 93 -23.34 -36.04 -7.01
CA VAL A 93 -22.78 -36.96 -7.98
C VAL A 93 -21.27 -36.78 -7.96
N TYR A 94 -20.53 -37.79 -8.43
CA TYR A 94 -19.09 -37.63 -8.56
C TYR A 94 -18.72 -37.00 -9.89
N ARG A 95 -19.06 -37.69 -10.97
CA ARG A 95 -18.65 -37.33 -12.35
C ARG A 95 -17.12 -37.05 -12.57
N ASP A 96 -16.55 -37.74 -13.56
CA ASP A 96 -15.13 -37.66 -13.86
C ASP A 96 -14.88 -36.35 -14.57
N GLN A 97 -13.61 -35.99 -14.74
CA GLN A 97 -13.23 -34.93 -15.68
C GLN A 97 -13.58 -35.36 -17.13
N ASN A 98 -14.72 -34.84 -17.62
CA ASN A 98 -15.33 -35.25 -18.88
C ASN A 98 -16.84 -35.41 -18.73
N ASN A 99 -17.37 -34.87 -17.64
CA ASN A 99 -18.81 -34.93 -17.29
C ASN A 99 -19.49 -36.30 -17.25
N THR A 100 -18.76 -37.37 -17.58
CA THR A 100 -19.32 -38.71 -17.48
C THR A 100 -19.63 -38.91 -16.02
N ILE A 101 -20.90 -39.04 -15.67
CA ILE A 101 -21.26 -39.30 -14.28
C ILE A 101 -20.97 -40.76 -13.95
N LEU A 102 -20.12 -40.98 -12.94
CA LEU A 102 -19.68 -42.32 -12.59
C LEU A 102 -20.77 -43.04 -11.81
N LYS A 103 -21.04 -44.27 -12.24
CA LYS A 103 -22.17 -45.05 -11.73
C LYS A 103 -21.71 -46.37 -11.10
N GLY A 104 -22.49 -46.87 -10.16
CA GLY A 104 -22.18 -48.09 -9.45
C GLY A 104 -21.12 -47.86 -8.38
N LEU A 105 -20.43 -48.94 -8.04
CA LEU A 105 -19.31 -48.88 -7.11
C LEU A 105 -18.07 -48.34 -7.84
N GLN A 106 -17.42 -47.35 -7.24
CA GLN A 106 -16.20 -46.81 -7.78
C GLN A 106 -15.13 -46.67 -6.68
N ASN A 107 -13.87 -46.78 -7.09
CA ASN A 107 -12.72 -46.61 -6.19
C ASN A 107 -12.13 -45.22 -6.35
N ILE A 108 -12.27 -44.40 -5.32
CA ILE A 108 -11.92 -42.97 -5.40
C ILE A 108 -10.93 -42.60 -4.31
N ASN A 109 -9.69 -42.27 -4.70
CA ASN A 109 -8.60 -41.91 -3.77
C ASN A 109 -8.26 -43.04 -2.81
N GLY A 110 -8.44 -44.27 -3.25
CA GLY A 110 -8.23 -45.42 -2.39
C GLY A 110 -9.27 -45.53 -1.30
N THR A 111 -10.51 -45.18 -1.64
CA THR A 111 -11.67 -45.48 -0.81
C THR A 111 -12.80 -45.87 -1.72
N LEU A 112 -13.75 -46.61 -1.16
CA LEU A 112 -14.84 -47.13 -1.96
C LEU A 112 -16.13 -46.40 -1.60
N GLN A 113 -16.64 -45.64 -2.56
CA GLN A 113 -17.93 -44.96 -2.41
C GLN A 113 -18.82 -45.58 -3.47
N PHE A 114 -20.13 -45.42 -3.27
CA PHE A 114 -21.12 -46.06 -4.14
C PHE A 114 -22.19 -45.09 -4.63
N PHE A 115 -22.51 -45.24 -5.92
CA PHE A 115 -23.43 -44.37 -6.65
C PHE A 115 -24.49 -45.22 -7.30
N ASP A 116 -25.72 -44.70 -7.34
CA ASP A 116 -26.84 -45.41 -7.93
C ASP A 116 -26.62 -45.42 -9.43
N PRO A 117 -26.74 -46.60 -10.08
CA PRO A 117 -26.48 -46.65 -11.52
C PRO A 117 -27.60 -46.12 -12.43
N TYR A 118 -28.73 -45.75 -11.83
CA TYR A 118 -29.87 -45.24 -12.59
C TYR A 118 -29.79 -43.72 -12.50
N THR A 119 -29.88 -43.17 -11.30
CA THR A 119 -29.84 -41.72 -11.07
C THR A 119 -28.43 -41.16 -11.16
N GLY A 120 -27.49 -41.80 -10.47
CA GLY A 120 -26.11 -41.31 -10.34
C GLY A 120 -25.81 -40.70 -8.99
N GLU A 121 -26.73 -40.85 -8.04
CA GLU A 121 -26.66 -40.15 -6.76
C GLU A 121 -25.69 -40.83 -5.82
N GLN A 122 -25.05 -40.06 -4.97
CA GLN A 122 -24.11 -40.64 -4.01
C GLN A 122 -24.87 -41.20 -2.83
N LEU A 123 -24.48 -42.41 -2.44
CA LEU A 123 -25.03 -43.07 -1.29
C LEU A 123 -24.07 -42.91 -0.12
N LYS A 124 -24.57 -42.21 0.91
CA LYS A 124 -23.88 -41.97 2.19
C LYS A 124 -24.85 -42.25 3.36
N GLY A 125 -24.44 -43.10 4.31
CA GLY A 125 -25.28 -43.50 5.45
C GLY A 125 -26.32 -44.58 5.15
N GLY A 126 -26.00 -45.47 4.21
CA GLY A 126 -26.97 -46.45 3.69
C GLY A 126 -26.31 -47.73 3.19
N VAL A 127 -27.10 -48.59 2.55
CA VAL A 127 -26.67 -49.95 2.15
C VAL A 127 -26.90 -50.24 0.67
N ALA A 128 -26.24 -51.28 0.13
CA ALA A 128 -26.44 -51.66 -1.26
C ALA A 128 -26.14 -53.13 -1.56
N LYS A 129 -26.97 -53.77 -2.41
CA LYS A 129 -26.73 -55.15 -2.87
C LYS A 129 -25.57 -55.17 -3.84
N TYR A 130 -24.60 -56.03 -3.56
CA TYR A 130 -23.42 -56.19 -4.39
C TYR A 130 -22.93 -57.61 -4.19
N ASP A 131 -23.01 -58.42 -5.25
CA ASP A 131 -22.69 -59.85 -5.18
C ASP A 131 -23.51 -60.57 -4.10
N ASP A 132 -24.84 -60.38 -4.18
CA ASP A 132 -25.82 -60.91 -3.22
C ASP A 132 -25.35 -60.67 -1.80
N LYS A 133 -24.79 -59.49 -1.56
CA LYS A 133 -24.21 -59.16 -0.27
C LYS A 133 -24.37 -57.67 0.01
N LEU A 134 -24.80 -57.34 1.22
CA LEU A 134 -25.11 -55.96 1.59
C LEU A 134 -23.96 -55.32 2.36
N PHE A 135 -23.46 -54.20 1.83
CA PHE A 135 -22.39 -53.42 2.44
C PHE A 135 -22.87 -52.07 2.90
N TYR A 136 -22.17 -51.48 3.87
CA TYR A 136 -22.56 -50.20 4.45
C TYR A 136 -21.49 -49.12 4.33
N PHE A 137 -21.99 -47.89 4.20
CA PHE A 137 -21.14 -46.72 4.00
C PHE A 137 -21.42 -45.66 5.06
N GLU A 138 -20.34 -45.07 5.62
CA GLU A 138 -20.44 -44.18 6.77
C GLU A 138 -21.28 -42.93 6.48
N SER A 139 -21.91 -42.41 7.54
CA SER A 139 -22.74 -41.22 7.46
C SER A 139 -22.01 -40.07 6.78
N GLY A 140 -20.75 -39.87 7.16
CA GLY A 140 -19.95 -38.74 6.71
C GLY A 140 -19.62 -38.76 5.22
N LYS A 141 -18.41 -39.21 4.90
CA LYS A 141 -17.90 -39.16 3.52
C LYS A 141 -18.58 -40.18 2.59
N GLY A 142 -19.14 -41.23 3.16
CA GLY A 142 -19.85 -42.23 2.36
C GLY A 142 -18.91 -43.26 1.77
N ASN A 143 -17.87 -43.59 2.55
CA ASN A 143 -16.89 -44.65 2.23
C ASN A 143 -17.39 -45.99 2.75
N LEU A 144 -17.00 -47.08 2.08
CA LEU A 144 -17.41 -48.44 2.44
C LEU A 144 -16.63 -48.94 3.66
N VAL A 145 -17.33 -49.24 4.76
CA VAL A 145 -16.63 -49.57 6.02
C VAL A 145 -16.84 -51.02 6.55
N SER A 146 -17.94 -51.65 6.18
CA SER A 146 -18.29 -52.96 6.75
C SER A 146 -19.41 -53.70 6.01
N THR A 147 -19.53 -54.98 6.33
CA THR A 147 -20.61 -55.81 5.85
C THR A 147 -21.77 -55.69 6.83
N VAL A 148 -22.93 -55.30 6.30
CA VAL A 148 -24.18 -55.30 7.05
C VAL A 148 -24.93 -56.63 6.90
N ALA A 149 -25.58 -57.03 7.99
CA ALA A 149 -26.18 -58.35 8.12
C ALA A 149 -27.52 -58.49 7.40
N GLY A 150 -28.44 -57.56 7.65
CA GLY A 150 -29.77 -57.62 7.06
C GLY A 150 -30.26 -56.22 6.76
N ASP A 151 -31.20 -56.12 5.81
CA ASP A 151 -31.75 -54.82 5.37
C ASP A 151 -33.27 -54.84 5.32
N TYR A 152 -33.91 -54.17 6.27
CA TYR A 152 -35.34 -54.35 6.52
C TYR A 152 -36.20 -53.11 6.25
N GLN A 153 -37.12 -53.24 5.29
CA GLN A 153 -38.27 -52.34 5.22
C GLN A 153 -39.51 -53.11 5.73
N ASP A 154 -39.62 -54.41 5.41
CA ASP A 154 -40.63 -55.30 6.02
C ASP A 154 -40.38 -55.52 7.53
N GLY A 155 -41.37 -56.06 8.24
CA GLY A 155 -41.24 -56.31 9.67
C GLY A 155 -41.57 -55.08 10.48
N HIS A 156 -41.50 -55.22 11.80
CA HIS A 156 -41.98 -54.20 12.74
C HIS A 156 -41.26 -54.29 14.05
N TYR A 157 -41.50 -53.32 14.92
CA TYR A 157 -40.92 -53.30 16.27
C TYR A 157 -41.80 -53.98 17.29
N ILE A 158 -41.19 -54.48 18.36
CA ILE A 158 -41.91 -55.10 19.49
C ILE A 158 -41.30 -54.64 20.84
N SER A 159 -42.12 -54.63 21.89
CA SER A 159 -41.65 -54.28 23.23
C SER A 159 -41.87 -55.45 24.21
N GLN A 160 -40.77 -56.05 24.66
CA GLN A 160 -40.81 -57.28 25.42
C GLN A 160 -39.83 -57.18 26.59
N ASP A 161 -40.33 -57.42 27.80
CA ASP A 161 -39.51 -57.41 29.03
C ASP A 161 -39.01 -55.99 29.41
N GLY A 162 -39.67 -54.96 28.91
CA GLY A 162 -39.20 -53.60 29.10
C GLY A 162 -37.99 -53.27 28.23
N GLN A 163 -37.82 -54.02 27.13
CA GLN A 163 -36.75 -53.78 26.16
C GLN A 163 -37.40 -53.46 24.83
N THR A 164 -36.59 -53.10 23.83
CA THR A 164 -37.07 -52.89 22.45
C THR A 164 -36.38 -53.90 21.55
N ARG A 165 -37.12 -54.46 20.60
CA ARG A 165 -36.61 -55.46 19.65
C ARG A 165 -37.34 -55.34 18.34
N TYR A 166 -36.92 -56.12 17.35
CA TYR A 166 -37.48 -55.99 16.02
C TYR A 166 -37.68 -57.33 15.35
N ALA A 167 -38.93 -57.58 14.95
CA ALA A 167 -39.34 -58.85 14.38
C ALA A 167 -39.42 -58.74 12.86
N ASP A 168 -38.94 -59.77 12.15
CA ASP A 168 -38.98 -59.82 10.67
C ASP A 168 -40.41 -59.99 10.13
N LYS A 169 -40.55 -59.99 8.80
CA LYS A 169 -41.84 -60.29 8.14
C LYS A 169 -42.36 -61.68 8.51
N GLN A 170 -41.43 -62.64 8.65
CA GLN A 170 -41.76 -64.03 8.99
C GLN A 170 -41.82 -64.33 10.51
N ASN A 171 -42.29 -63.35 11.30
CA ASN A 171 -42.53 -63.46 12.77
C ASN A 171 -41.31 -63.68 13.69
N GLN A 172 -40.21 -64.27 13.18
CA GLN A 172 -38.93 -64.46 13.92
C GLN A 172 -38.12 -63.15 14.15
N LEU A 173 -37.20 -63.22 15.12
CA LEU A 173 -36.45 -62.04 15.56
C LEU A 173 -35.28 -61.70 14.62
N VAL A 174 -34.79 -60.47 14.72
CA VAL A 174 -33.56 -60.05 14.06
C VAL A 174 -32.47 -59.88 15.11
N LYS A 175 -31.29 -60.43 14.83
CA LYS A 175 -30.12 -60.34 15.72
C LYS A 175 -29.00 -59.56 15.03
N GLY A 176 -28.33 -58.71 15.80
CA GLY A 176 -27.08 -58.09 15.36
C GLY A 176 -27.23 -56.75 14.68
N LEU A 177 -26.28 -56.46 13.79
CA LEU A 177 -26.21 -55.21 13.05
C LEU A 177 -27.04 -55.33 11.79
N VAL A 178 -28.07 -54.50 11.68
CA VAL A 178 -28.88 -54.44 10.46
C VAL A 178 -29.35 -53.01 10.21
N THR A 179 -29.90 -52.76 9.03
CA THR A 179 -30.60 -51.49 8.77
C THR A 179 -32.11 -51.70 8.87
N VAL A 180 -32.71 -50.95 9.79
CA VAL A 180 -34.15 -50.97 10.02
C VAL A 180 -34.79 -49.67 9.51
N ASN A 181 -35.53 -49.81 8.42
CA ASN A 181 -36.17 -48.69 7.75
C ASN A 181 -35.13 -47.62 7.40
N GLY A 182 -34.12 -48.00 6.61
CA GLY A 182 -33.10 -47.05 6.13
C GLY A 182 -32.01 -46.66 7.12
N ALA A 183 -32.34 -46.63 8.41
CA ALA A 183 -31.40 -46.31 9.49
C ALA A 183 -30.58 -47.55 9.89
N LEU A 184 -29.34 -47.32 10.35
CA LEU A 184 -28.53 -48.39 10.94
C LEU A 184 -28.89 -48.50 12.43
N GLN A 185 -28.96 -49.75 12.89
CA GLN A 185 -29.26 -50.08 14.29
C GLN A 185 -28.56 -51.39 14.67
N TYR A 186 -28.57 -51.74 15.94
CA TYR A 186 -28.00 -53.02 16.37
C TYR A 186 -28.82 -53.64 17.51
N PHE A 187 -28.87 -54.98 17.53
CA PHE A 187 -29.62 -55.75 18.55
C PHE A 187 -28.78 -56.89 19.11
N ASP A 188 -28.89 -57.13 20.40
CA ASP A 188 -28.09 -58.12 21.13
C ASP A 188 -28.14 -59.46 20.40
N ASN A 189 -26.97 -60.07 20.17
CA ASN A 189 -26.90 -61.31 19.36
C ASN A 189 -27.60 -62.49 20.03
N ALA A 190 -27.63 -62.50 21.37
CA ALA A 190 -28.36 -63.52 22.13
C ALA A 190 -29.87 -63.21 22.25
N THR A 191 -30.20 -61.99 22.67
CA THR A 191 -31.58 -61.66 23.06
C THR A 191 -32.37 -60.86 22.02
N GLY A 192 -31.67 -60.07 21.22
CA GLY A 192 -32.34 -59.21 20.24
C GLY A 192 -32.75 -57.87 20.84
N ASN A 193 -32.27 -57.58 22.04
CA ASN A 193 -32.45 -56.27 22.68
C ASN A 193 -31.70 -55.15 21.94
N GLN A 194 -32.42 -54.18 21.41
CA GLN A 194 -31.83 -53.04 20.73
C GLN A 194 -30.88 -52.28 21.65
N ILE A 195 -29.60 -52.20 21.27
CA ILE A 195 -28.63 -51.43 22.05
C ILE A 195 -28.92 -49.95 21.87
N LYS A 196 -28.82 -49.18 22.96
CA LYS A 196 -29.03 -47.73 22.91
C LYS A 196 -28.03 -46.98 23.80
N ASN A 197 -27.54 -45.86 23.29
CA ASN A 197 -26.55 -45.01 23.95
C ASN A 197 -25.30 -45.78 24.43
N GLN A 198 -24.66 -46.47 23.50
CA GLN A 198 -23.47 -47.26 23.80
C GLN A 198 -22.64 -47.48 22.54
N GLN A 199 -21.32 -47.53 22.71
CA GLN A 199 -20.43 -47.98 21.65
C GLN A 199 -20.43 -49.50 21.65
N VAL A 200 -20.27 -50.07 20.47
CA VAL A 200 -20.16 -51.52 20.32
C VAL A 200 -19.39 -51.87 19.04
N ILE A 201 -18.64 -52.97 19.09
CA ILE A 201 -17.76 -53.36 17.99
C ILE A 201 -18.40 -54.50 17.24
N VAL A 202 -18.36 -54.42 15.92
CA VAL A 202 -18.85 -55.47 15.03
C VAL A 202 -17.79 -55.72 13.96
N ASP A 203 -17.15 -56.89 14.04
CA ASP A 203 -16.05 -57.28 13.17
C ASP A 203 -14.91 -56.29 13.25
N GLY A 204 -14.61 -55.84 14.46
CA GLY A 204 -13.54 -54.86 14.70
C GLY A 204 -13.82 -53.40 14.34
N LYS A 205 -15.06 -53.08 14.00
CA LYS A 205 -15.45 -51.70 13.68
C LYS A 205 -16.26 -51.17 14.85
N THR A 206 -15.84 -50.05 15.41
CA THR A 206 -16.57 -49.42 16.53
C THR A 206 -17.69 -48.55 15.94
N TYR A 207 -18.94 -48.80 16.36
CA TYR A 207 -20.07 -47.94 15.97
C TYR A 207 -20.65 -47.29 17.22
N TYR A 208 -21.31 -46.14 17.06
CA TYR A 208 -22.13 -45.56 18.15
C TYR A 208 -23.60 -45.45 17.80
N PHE A 209 -24.41 -45.93 18.74
CA PHE A 209 -25.85 -45.94 18.62
C PHE A 209 -26.46 -45.03 19.68
N ASP A 210 -27.31 -44.12 19.22
CA ASP A 210 -27.84 -43.04 20.04
C ASP A 210 -28.97 -43.52 20.95
N ASP A 211 -29.43 -42.62 21.83
CA ASP A 211 -30.50 -42.91 22.80
C ASP A 211 -31.79 -43.37 22.12
N LYS A 212 -32.00 -42.99 20.87
CA LYS A 212 -33.10 -43.53 20.07
C LYS A 212 -32.74 -44.89 19.47
N GLY A 213 -31.46 -45.12 19.20
CA GLY A 213 -30.98 -46.43 18.74
C GLY A 213 -30.32 -46.40 17.38
N ASN A 214 -30.39 -45.26 16.71
CA ASN A 214 -29.86 -45.11 15.34
C ASN A 214 -28.32 -45.08 15.33
N GLY A 215 -27.73 -45.70 14.31
CA GLY A 215 -26.29 -45.97 14.29
C GLY A 215 -25.43 -44.91 13.64
N GLU A 216 -24.13 -44.99 13.90
CA GLU A 216 -23.12 -44.15 13.25
C GLU A 216 -21.76 -44.85 13.36
N TYR A 217 -21.04 -44.94 12.24
CA TYR A 217 -19.68 -45.50 12.23
C TYR A 217 -18.65 -44.55 12.83
N LEU A 218 -17.64 -45.08 13.52
CA LEU A 218 -16.59 -44.25 14.13
C LEU A 218 -15.22 -44.50 13.53
N PHE A 219 -14.70 -45.72 13.67
CA PHE A 219 -13.36 -46.04 13.17
C PHE A 219 -13.11 -47.54 13.15
N THR A 220 -12.42 -48.03 12.13
CA THR A 220 -12.05 -49.45 12.01
C THR A 220 -10.86 -49.76 12.88
N ASN A 221 -10.99 -50.75 13.77
CA ASN A 221 -9.92 -51.10 14.73
C ASN A 221 -8.91 -51.98 14.03
N THR A 222 -7.65 -51.85 14.45
CA THR A 222 -6.59 -52.67 13.90
C THR A 222 -6.64 -54.11 14.42
N LEU A 223 -5.86 -54.99 13.80
CA LEU A 223 -5.84 -56.40 14.20
C LEU A 223 -4.90 -56.64 15.37
N ASP A 224 -3.80 -55.90 15.42
CA ASP A 224 -2.88 -56.02 16.54
C ASP A 224 -2.25 -57.41 16.51
N MET A 225 -1.04 -57.49 15.96
CA MET A 225 -0.31 -58.74 15.73
C MET A 225 0.84 -58.95 16.71
N SER A 226 1.53 -60.10 16.61
CA SER A 226 2.61 -60.46 17.55
C SER A 226 3.85 -59.64 17.33
N THR A 227 4.48 -59.17 18.41
CA THR A 227 5.70 -58.36 18.34
C THR A 227 6.80 -59.17 17.62
N ASN A 228 7.23 -58.66 16.47
CA ASN A 228 8.18 -59.34 15.59
C ASN A 228 9.62 -58.82 15.79
N ALA A 229 10.55 -59.32 14.96
CA ALA A 229 11.96 -58.94 14.99
C ALA A 229 12.16 -57.44 15.13
N PHE A 230 11.47 -56.69 14.29
CA PHE A 230 11.60 -55.24 14.22
C PHE A 230 10.92 -54.50 15.38
N SER A 231 9.62 -54.76 15.60
CA SER A 231 8.86 -54.07 16.65
C SER A 231 9.34 -54.38 18.08
N THR A 232 10.27 -55.33 18.24
CA THR A 232 10.91 -55.61 19.55
C THR A 232 11.69 -54.40 20.05
N LYS A 233 12.35 -53.75 19.11
CA LYS A 233 13.30 -52.68 19.40
C LYS A 233 12.64 -51.29 19.42
N ASN A 234 11.36 -51.23 19.12
CA ASN A 234 10.57 -49.99 19.25
C ASN A 234 9.80 -49.97 20.56
N VAL A 235 10.02 -50.98 21.39
CA VAL A 235 9.40 -51.04 22.68
C VAL A 235 10.03 -49.98 23.57
N ALA A 236 9.25 -49.47 24.50
CA ALA A 236 9.71 -48.41 25.40
C ALA A 236 10.89 -48.85 26.24
N PHE A 237 11.82 -47.93 26.47
CA PHE A 237 13.02 -48.18 27.21
C PHE A 237 12.68 -48.61 28.62
N ASN A 238 11.82 -47.83 29.29
CA ASN A 238 11.29 -48.19 30.62
C ASN A 238 9.99 -47.43 30.94
N HIS A 239 9.35 -47.79 32.07
CA HIS A 239 8.05 -47.21 32.43
C HIS A 239 8.18 -45.95 33.24
N ASP A 240 9.42 -45.51 33.46
CA ASP A 240 9.66 -44.26 34.18
C ASP A 240 9.20 -43.02 33.38
N SER A 241 9.00 -41.92 34.10
CA SER A 241 8.47 -40.69 33.53
C SER A 241 9.46 -40.11 32.54
N SER A 242 10.76 -40.23 32.86
CA SER A 242 11.83 -39.65 32.03
C SER A 242 11.79 -40.07 30.54
N SER A 243 11.29 -41.28 30.26
CA SER A 243 11.26 -41.83 28.91
C SER A 243 10.14 -41.28 28.03
N PHE A 244 9.18 -40.57 28.63
CA PHE A 244 8.05 -40.00 27.88
C PHE A 244 7.96 -38.51 28.13
N ASP A 245 7.37 -37.79 27.18
CA ASP A 245 7.12 -36.36 27.36
C ASP A 245 5.79 -35.98 26.73
N HIS A 246 5.40 -34.72 26.94
CA HIS A 246 4.09 -34.24 26.51
C HIS A 246 3.07 -35.19 27.04
N THR A 247 2.99 -35.25 28.37
CA THR A 247 2.19 -36.23 29.04
C THR A 247 1.50 -35.63 30.26
N VAL A 248 0.20 -35.35 30.14
CA VAL A 248 -0.56 -34.75 31.23
C VAL A 248 -0.88 -35.80 32.29
N ASP A 249 -0.56 -35.51 33.55
CA ASP A 249 -0.90 -36.34 34.71
C ASP A 249 -0.50 -37.81 34.60
N GLY A 250 0.45 -38.11 33.72
CA GLY A 250 0.84 -39.50 33.45
C GLY A 250 -0.06 -40.26 32.48
N PHE A 251 -0.62 -39.56 31.50
CA PHE A 251 -1.39 -40.21 30.45
C PHE A 251 -0.78 -39.85 29.13
N LEU A 252 -0.83 -40.79 28.20
CA LEU A 252 -0.24 -40.57 26.90
C LEU A 252 -1.24 -39.85 26.04
N THR A 253 -0.81 -38.74 25.47
CA THR A 253 -1.61 -37.93 24.57
C THR A 253 -1.15 -38.32 23.18
N ALA A 254 -1.77 -37.77 22.14
CA ALA A 254 -1.36 -38.08 20.76
C ALA A 254 -0.02 -37.40 20.46
N ASP A 255 0.24 -36.28 21.14
CA ASP A 255 1.47 -35.52 20.92
C ASP A 255 2.59 -35.95 21.87
N THR A 256 2.68 -37.26 22.14
CA THR A 256 3.69 -37.79 23.06
C THR A 256 4.84 -38.45 22.32
N TRP A 257 6.05 -38.07 22.72
CA TRP A 257 7.28 -38.67 22.23
C TRP A 257 7.85 -39.56 23.29
N TYR A 258 8.35 -40.72 22.88
CA TYR A 258 8.86 -41.70 23.83
C TYR A 258 10.29 -42.07 23.49
N ARG A 259 10.93 -42.87 24.36
CA ARG A 259 12.30 -43.30 24.18
C ARG A 259 12.37 -44.80 23.96
N PRO A 260 12.69 -45.25 22.72
CA PRO A 260 12.79 -46.69 22.49
C PRO A 260 13.98 -47.34 23.18
N LYS A 261 13.93 -48.67 23.31
CA LYS A 261 15.07 -49.44 23.80
C LYS A 261 16.29 -49.29 22.89
N SER A 262 16.03 -49.12 21.60
CA SER A 262 17.11 -48.90 20.65
C SER A 262 16.60 -48.15 19.41
N ILE A 263 17.55 -47.48 18.73
CA ILE A 263 17.32 -46.67 17.54
C ILE A 263 17.97 -47.34 16.31
N LEU A 264 17.31 -47.27 15.15
CA LEU A 264 17.90 -47.76 13.90
C LEU A 264 18.68 -46.65 13.16
N ALA A 265 19.92 -46.42 13.59
CA ALA A 265 20.77 -45.33 13.05
C ALA A 265 20.85 -45.35 11.53
N ASN A 266 20.34 -44.28 10.89
CA ASN A 266 20.38 -44.13 9.43
C ASN A 266 19.59 -45.24 8.70
N GLY A 267 18.62 -45.82 9.39
CA GLY A 267 17.87 -46.95 8.87
C GLY A 267 18.69 -48.22 8.65
N THR A 268 19.74 -48.44 9.46
CA THR A 268 20.67 -49.56 9.24
C THR A 268 21.22 -50.22 10.52
N THR A 269 21.89 -49.43 11.34
CA THR A 269 22.56 -49.95 12.54
C THR A 269 21.71 -49.77 13.80
N TRP A 270 21.14 -50.87 14.28
CA TRP A 270 20.43 -50.86 15.53
C TRP A 270 21.39 -50.55 16.61
N ARG A 271 21.10 -49.55 17.43
CA ARG A 271 21.99 -49.14 18.50
C ARG A 271 21.21 -48.79 19.76
N ASP A 272 21.72 -49.18 20.92
CA ASP A 272 21.04 -48.86 22.18
C ASP A 272 20.72 -47.37 22.24
N SER A 273 19.50 -47.05 22.65
CA SER A 273 19.07 -45.65 22.71
C SER A 273 19.76 -44.93 23.86
N THR A 274 20.02 -43.64 23.69
CA THR A 274 20.57 -42.80 24.77
C THR A 274 19.43 -42.03 25.43
N ASP A 275 19.73 -41.38 26.56
CA ASP A 275 18.71 -40.61 27.31
C ASP A 275 18.20 -39.38 26.55
N LYS A 276 19.00 -38.89 25.62
CA LYS A 276 18.66 -37.74 24.81
C LYS A 276 17.81 -38.11 23.58
N ASP A 277 17.67 -39.41 23.30
CA ASP A 277 16.86 -39.85 22.17
C ASP A 277 15.34 -39.84 22.46
N MET A 278 14.55 -39.34 21.51
CA MET A 278 13.07 -39.43 21.58
C MET A 278 12.52 -39.66 20.19
N ARG A 279 11.42 -40.39 20.10
CA ARG A 279 10.69 -40.53 18.85
C ARG A 279 9.20 -40.49 19.12
N PRO A 280 8.42 -40.15 18.09
CA PRO A 280 7.01 -39.87 18.30
C PRO A 280 6.26 -41.17 18.39
N LEU A 281 5.32 -41.23 19.32
CA LEU A 281 4.60 -42.45 19.55
C LEU A 281 3.77 -42.82 18.32
N ILE A 282 3.31 -41.83 17.57
CA ILE A 282 2.40 -42.11 16.48
C ILE A 282 3.08 -42.75 15.25
N THR A 283 4.40 -42.93 15.30
CA THR A 283 5.10 -43.57 14.18
C THR A 283 5.20 -45.09 14.36
N VAL A 284 4.93 -45.54 15.58
CA VAL A 284 5.02 -46.95 15.92
C VAL A 284 3.69 -47.53 16.38
N TRP A 285 2.78 -46.69 16.87
CA TRP A 285 1.50 -47.16 17.40
C TRP A 285 0.39 -46.27 16.94
N TRP A 286 -0.80 -46.83 16.85
CA TRP A 286 -1.96 -46.13 16.34
C TRP A 286 -3.11 -46.57 17.16
N PRO A 287 -4.16 -45.76 17.23
CA PRO A 287 -5.36 -46.11 17.98
C PRO A 287 -6.37 -46.89 17.14
N ASN A 288 -6.49 -46.53 15.87
CA ASN A 288 -7.35 -47.29 15.00
C ASN A 288 -6.69 -47.45 13.65
N LYS A 289 -7.33 -48.23 12.78
CA LYS A 289 -6.81 -48.49 11.45
C LYS A 289 -7.01 -47.28 10.57
N ASN A 290 -8.03 -46.48 10.88
CA ASN A 290 -8.22 -45.27 10.13
C ASN A 290 -6.92 -44.45 10.14
N VAL A 291 -6.49 -44.03 11.33
CA VAL A 291 -5.26 -43.26 11.52
C VAL A 291 -4.04 -43.85 10.81
N GLN A 292 -3.86 -45.15 10.98
CA GLN A 292 -2.71 -45.82 10.39
C GLN A 292 -2.71 -45.73 8.89
N VAL A 293 -3.88 -45.90 8.26
CA VAL A 293 -3.97 -45.85 6.82
C VAL A 293 -3.70 -44.43 6.38
N ASN A 294 -4.17 -43.46 7.14
CA ASN A 294 -3.94 -42.04 6.83
C ASN A 294 -2.50 -41.61 7.09
N TYR A 295 -1.85 -42.24 8.07
CA TYR A 295 -0.45 -41.94 8.36
C TYR A 295 0.44 -42.37 7.21
N LEU A 296 0.17 -43.55 6.65
CA LEU A 296 0.94 -44.03 5.49
C LEU A 296 0.76 -43.11 4.26
N ASN A 297 -0.49 -42.93 3.83
CA ASN A 297 -0.79 -42.09 2.65
C ASN A 297 -0.35 -40.64 2.81
N PHE A 298 -0.21 -40.20 4.05
CA PHE A 298 0.34 -38.87 4.35
C PHE A 298 1.84 -38.85 4.02
N MET A 299 2.54 -39.92 4.41
CA MET A 299 3.96 -40.01 4.16
C MET A 299 4.24 -40.14 2.66
N LYS A 300 3.42 -40.93 1.96
CA LYS A 300 3.47 -41.01 0.48
C LYS A 300 3.42 -39.62 -0.18
N ALA A 301 2.60 -38.75 0.39
CA ALA A 301 2.41 -37.39 -0.11
C ALA A 301 3.67 -36.56 0.06
N ASN A 302 4.27 -36.64 1.26
CA ASN A 302 5.40 -35.80 1.62
C ASN A 302 6.77 -36.42 1.34
N GLY A 303 6.79 -37.49 0.57
CA GLY A 303 8.05 -38.06 0.09
C GLY A 303 8.94 -38.57 1.20
N LEU A 304 8.35 -39.20 2.22
CA LEU A 304 9.11 -40.00 3.17
C LEU A 304 8.92 -41.48 2.90
N LEU A 305 7.89 -41.81 2.12
CA LEU A 305 7.63 -43.18 1.68
C LEU A 305 7.35 -43.16 0.18
N THR A 306 8.40 -43.24 -0.61
CA THR A 306 8.24 -43.32 -2.05
C THR A 306 7.88 -44.76 -2.39
N THR A 307 6.63 -44.95 -2.81
CA THR A 307 6.11 -46.29 -3.13
C THR A 307 4.88 -46.21 -4.03
N ALA A 308 4.84 -47.12 -5.00
CA ALA A 308 3.70 -47.23 -5.91
C ALA A 308 2.52 -47.95 -5.27
N ALA A 309 2.72 -48.45 -4.05
CA ALA A 309 1.67 -49.14 -3.31
C ALA A 309 0.57 -48.16 -2.90
N GLN A 310 -0.67 -48.65 -2.84
CA GLN A 310 -1.80 -47.88 -2.31
C GLN A 310 -2.28 -48.52 -1.01
N TYR A 311 -2.60 -47.67 -0.03
CA TYR A 311 -3.02 -48.09 1.33
C TYR A 311 -4.44 -47.63 1.65
N THR A 312 -5.34 -48.58 1.84
CA THR A 312 -6.78 -48.31 2.06
C THR A 312 -7.24 -48.90 3.38
N LEU A 313 -8.52 -48.79 3.69
CA LEU A 313 -9.12 -49.45 4.86
C LEU A 313 -9.26 -50.96 4.67
N HIS A 314 -9.02 -51.44 3.47
CA HIS A 314 -9.09 -52.86 3.17
C HIS A 314 -7.73 -53.49 2.92
N SER A 315 -6.66 -52.78 3.28
CA SER A 315 -5.29 -53.26 3.12
C SER A 315 -4.89 -54.20 4.24
N ASP A 316 -4.07 -55.19 3.92
CA ASP A 316 -3.66 -56.21 4.90
C ASP A 316 -2.85 -55.60 6.02
N GLN A 317 -3.15 -56.00 7.25
CA GLN A 317 -2.47 -55.43 8.41
C GLN A 317 -0.99 -55.63 8.26
N TYR A 318 -0.58 -56.84 7.86
CA TYR A 318 0.85 -57.14 7.67
C TYR A 318 1.48 -56.11 6.73
N ASP A 319 0.81 -55.81 5.61
CA ASP A 319 1.34 -54.87 4.64
C ASP A 319 1.43 -53.47 5.24
N LEU A 320 0.40 -53.08 6.00
CA LEU A 320 0.37 -51.77 6.66
C LEU A 320 1.45 -51.60 7.73
N ASN A 321 1.69 -52.66 8.50
CA ASN A 321 2.68 -52.62 9.58
C ASN A 321 4.11 -52.66 9.06
N GLN A 322 4.30 -53.44 8.01
CA GLN A 322 5.56 -53.51 7.28
C GLN A 322 5.81 -52.15 6.65
N ALA A 323 4.75 -51.56 6.12
CA ALA A 323 4.81 -50.21 5.58
C ALA A 323 5.23 -49.22 6.65
N ALA A 324 4.75 -49.43 7.87
CA ALA A 324 5.07 -48.53 8.98
C ALA A 324 6.53 -48.62 9.39
N GLN A 325 7.13 -49.79 9.18
CA GLN A 325 8.56 -49.98 9.45
C GLN A 325 9.44 -49.36 8.36
N ASP A 326 8.98 -49.37 7.11
CA ASP A 326 9.72 -48.71 6.03
C ASP A 326 9.70 -47.20 6.19
N VAL A 327 8.65 -46.69 6.80
CA VAL A 327 8.55 -45.26 7.14
C VAL A 327 9.63 -44.88 8.18
N GLN A 328 9.86 -45.71 9.18
CA GLN A 328 10.94 -45.43 10.15
C GLN A 328 12.32 -45.44 9.48
N VAL A 329 12.55 -46.43 8.61
CA VAL A 329 13.81 -46.52 7.91
C VAL A 329 14.09 -45.20 7.20
N ALA A 330 13.10 -44.71 6.47
CA ALA A 330 13.28 -43.47 5.71
C ALA A 330 13.39 -42.25 6.63
N ILE A 331 12.71 -42.30 7.76
CA ILE A 331 12.75 -41.23 8.76
C ILE A 331 14.13 -41.11 9.37
N GLU A 332 14.65 -42.25 9.82
CA GLU A 332 15.94 -42.29 10.49
C GLU A 332 17.09 -41.79 9.62
N ARG A 333 16.97 -41.99 8.31
CA ARG A 333 17.88 -41.36 7.37
C ARG A 333 17.83 -39.84 7.55
N ARG A 334 16.64 -39.25 7.43
CA ARG A 334 16.47 -37.80 7.52
C ARG A 334 16.90 -37.24 8.89
N ILE A 335 16.71 -38.02 9.95
CA ILE A 335 17.18 -37.60 11.27
C ILE A 335 18.71 -37.56 11.31
N ALA A 336 19.32 -38.59 10.71
CA ALA A 336 20.79 -38.68 10.60
C ALA A 336 21.34 -37.51 9.84
N SER A 337 20.63 -37.19 8.77
CA SER A 337 21.00 -36.11 7.89
C SER A 337 21.01 -34.80 8.65
N GLU A 338 19.90 -34.48 9.28
CA GLU A 338 19.73 -33.16 9.91
C GLU A 338 20.13 -33.12 11.37
N HIS A 339 20.66 -34.22 11.89
CA HIS A 339 21.20 -34.24 13.23
C HIS A 339 20.20 -33.71 14.23
N GLY A 340 18.94 -34.12 14.08
CA GLY A 340 17.85 -33.66 14.94
C GLY A 340 16.48 -34.09 14.45
N THR A 341 15.44 -33.76 15.22
CA THR A 341 14.08 -34.18 14.90
C THR A 341 13.07 -33.04 14.93
N ASP A 342 13.52 -31.81 14.69
CA ASP A 342 12.62 -30.65 14.70
C ASP A 342 11.80 -30.60 13.43
N TRP A 343 12.31 -31.21 12.37
CA TRP A 343 11.63 -31.21 11.08
C TRP A 343 10.43 -32.11 11.10
N LEU A 344 10.52 -33.18 11.88
CA LEU A 344 9.43 -34.15 11.98
C LEU A 344 8.31 -33.60 12.85
N GLN A 345 8.68 -33.11 14.04
CA GLN A 345 7.78 -32.32 14.89
C GLN A 345 6.97 -31.39 14.00
N LYS A 346 7.65 -30.65 13.14
CA LYS A 346 6.97 -29.69 12.28
C LYS A 346 6.08 -30.43 11.29
N LEU A 347 6.51 -31.62 10.85
CA LEU A 347 5.75 -32.36 9.84
C LEU A 347 4.42 -32.93 10.35
N LEU A 348 4.49 -33.61 11.48
CA LEU A 348 3.32 -34.28 12.03
C LEU A 348 2.41 -33.33 12.78
N PHE A 349 2.99 -32.51 13.65
CA PHE A 349 2.19 -31.79 14.62
C PHE A 349 1.81 -30.35 14.27
N GLU A 350 2.64 -29.64 13.52
CA GLU A 350 2.32 -28.25 13.12
C GLU A 350 1.62 -28.20 11.77
N SER A 351 0.98 -27.06 11.48
CA SER A 351 0.17 -26.93 10.27
C SER A 351 1.02 -26.81 9.03
N GLN A 352 0.52 -27.36 7.92
CA GLN A 352 1.28 -27.40 6.68
C GLN A 352 0.40 -26.95 5.52
N ASN A 353 0.93 -26.03 4.73
CA ASN A 353 0.27 -25.56 3.49
C ASN A 353 -1.17 -25.11 3.73
N ASN A 354 -1.35 -24.30 4.77
CA ASN A 354 -2.65 -23.71 5.11
C ASN A 354 -3.74 -24.75 5.44
N ASN A 355 -3.31 -25.94 5.88
CA ASN A 355 -4.22 -27.03 6.20
C ASN A 355 -4.11 -27.41 7.68
N PRO A 356 -5.08 -28.20 8.18
CA PRO A 356 -4.92 -28.72 9.53
C PRO A 356 -3.74 -29.68 9.58
N SER A 357 -3.10 -29.78 10.74
CA SER A 357 -2.00 -30.72 10.89
C SER A 357 -2.46 -32.14 10.66
N PHE A 358 -1.52 -33.07 10.61
CA PHE A 358 -1.86 -34.46 10.47
C PHE A 358 -2.71 -34.98 11.62
N VAL A 359 -2.26 -34.72 12.85
CA VAL A 359 -3.01 -35.06 14.06
C VAL A 359 -4.46 -34.62 13.88
N LYS A 360 -4.67 -33.32 13.72
CA LYS A 360 -6.02 -32.74 13.67
C LYS A 360 -6.87 -33.26 12.52
N GLN A 361 -6.24 -33.68 11.42
CA GLN A 361 -6.98 -34.25 10.29
C GLN A 361 -7.80 -35.45 10.72
N GLN A 362 -7.34 -36.13 11.77
CA GLN A 362 -7.92 -37.40 12.22
C GLN A 362 -9.19 -37.23 13.02
N PHE A 363 -10.20 -38.03 12.68
CA PHE A 363 -11.53 -37.94 13.30
C PHE A 363 -11.48 -38.04 14.81
N ILE A 364 -10.61 -38.90 15.32
CA ILE A 364 -10.60 -39.14 16.75
C ILE A 364 -9.88 -38.05 17.49
N TRP A 365 -9.33 -37.09 16.77
CA TRP A 365 -8.51 -36.03 17.37
C TRP A 365 -8.94 -34.66 16.93
N ASN A 366 -10.25 -34.46 16.77
CA ASN A 366 -10.76 -33.13 16.46
C ASN A 366 -12.19 -32.90 16.98
N LYS A 367 -12.76 -31.74 16.65
CA LYS A 367 -14.11 -31.45 17.08
C LYS A 367 -15.18 -32.40 16.47
N ASP A 368 -14.94 -32.98 15.29
CA ASP A 368 -15.97 -33.79 14.61
C ASP A 368 -16.44 -34.98 15.42
N SER A 369 -15.51 -35.60 16.17
CA SER A 369 -15.85 -36.70 17.08
C SER A 369 -16.36 -36.23 18.44
N GLU A 370 -16.36 -34.92 18.69
CA GLU A 370 -16.98 -34.38 19.91
C GLU A 370 -18.46 -34.06 19.76
N TYR A 371 -18.94 -33.97 18.52
CA TYR A 371 -20.37 -33.75 18.27
C TYR A 371 -20.93 -32.48 18.91
N HIS A 372 -20.43 -31.33 18.46
CA HIS A 372 -20.80 -30.02 19.04
C HIS A 372 -22.20 -29.63 18.70
N GLY A 373 -22.67 -28.54 19.31
CA GLY A 373 -23.98 -28.00 18.98
C GLY A 373 -25.11 -28.75 19.67
N GLY A 374 -26.35 -28.44 19.26
CA GLY A 374 -27.54 -28.99 19.88
C GLY A 374 -28.35 -27.95 20.60
N GLY A 375 -29.67 -28.14 20.63
CA GLY A 375 -30.58 -27.21 21.27
C GLY A 375 -30.06 -26.79 22.64
N ASP A 376 -29.61 -27.76 23.43
CA ASP A 376 -29.15 -27.50 24.80
C ASP A 376 -27.77 -26.81 24.89
N ALA A 377 -26.98 -26.92 23.83
CA ALA A 377 -25.63 -26.33 23.79
C ALA A 377 -25.70 -24.87 23.30
N TRP A 378 -25.92 -23.95 24.23
CA TRP A 378 -26.22 -22.55 23.87
C TRP A 378 -25.04 -21.81 23.34
N PHE A 379 -23.93 -21.89 24.07
CA PHE A 379 -22.72 -21.15 23.72
C PHE A 379 -21.53 -22.09 23.50
N GLN A 380 -20.56 -21.62 22.72
CA GLN A 380 -19.32 -22.34 22.42
C GLN A 380 -19.48 -23.83 22.07
N GLY A 381 -20.61 -24.17 21.44
CA GLY A 381 -20.81 -25.50 20.86
C GLY A 381 -20.97 -26.64 21.85
N GLY A 382 -21.39 -26.29 23.05
CA GLY A 382 -21.69 -27.31 24.05
C GLY A 382 -20.66 -27.35 25.15
N TYR A 383 -20.80 -28.33 26.05
CA TYR A 383 -20.03 -28.37 27.29
C TYR A 383 -19.60 -29.79 27.57
N LEU A 384 -18.69 -29.93 28.55
CA LEU A 384 -18.10 -31.23 28.95
C LEU A 384 -18.11 -31.41 30.46
N LYS A 385 -19.16 -32.06 30.96
CA LYS A 385 -19.32 -32.30 32.38
C LYS A 385 -18.27 -33.29 32.88
N TYR A 386 -17.49 -32.83 33.86
CA TYR A 386 -16.45 -33.63 34.47
C TYR A 386 -17.06 -34.68 35.40
N GLY A 387 -16.33 -35.78 35.54
CA GLY A 387 -16.78 -36.91 36.34
C GLY A 387 -15.55 -37.59 36.89
N ASN A 388 -15.77 -38.64 37.67
CA ASN A 388 -14.70 -39.30 38.44
C ASN A 388 -14.23 -40.59 37.78
N ASN A 389 -13.01 -40.98 38.10
CA ASN A 389 -12.41 -42.16 37.51
C ASN A 389 -11.22 -42.58 38.33
N PRO A 390 -11.14 -43.87 38.70
CA PRO A 390 -10.01 -44.41 39.47
C PRO A 390 -8.63 -43.94 38.97
N LEU A 391 -8.43 -43.92 37.66
CA LEU A 391 -7.11 -43.57 37.12
C LEU A 391 -6.73 -42.10 37.40
N THR A 392 -7.71 -41.23 37.69
CA THR A 392 -7.50 -39.78 37.87
C THR A 392 -7.93 -39.28 39.25
N PRO A 393 -7.16 -39.61 40.29
CA PRO A 393 -7.52 -39.31 41.65
C PRO A 393 -7.36 -37.85 42.03
N THR A 394 -6.57 -37.12 41.25
CA THR A 394 -6.35 -35.68 41.46
C THR A 394 -7.56 -34.83 41.01
N THR A 395 -8.13 -35.16 39.85
CA THR A 395 -9.27 -34.43 39.28
C THR A 395 -10.65 -35.00 39.70
N ASN A 396 -10.69 -35.84 40.73
CA ASN A 396 -11.95 -36.41 41.18
C ASN A 396 -12.61 -35.49 42.20
N SER A 397 -13.95 -35.51 42.20
CA SER A 397 -14.79 -34.62 43.00
C SER A 397 -16.03 -35.34 43.50
N ASP A 398 -16.31 -35.15 44.78
CA ASP A 398 -17.45 -35.80 45.43
C ASP A 398 -18.73 -35.05 45.07
N TYR A 399 -18.57 -33.76 44.76
CA TYR A 399 -19.71 -32.86 44.64
C TYR A 399 -20.16 -32.73 43.20
N ARG A 400 -19.87 -31.58 42.58
CA ARG A 400 -20.31 -31.27 41.22
C ARG A 400 -21.82 -31.39 41.00
N GLN A 401 -22.59 -30.93 41.99
CA GLN A 401 -24.05 -30.86 41.87
C GLN A 401 -24.45 -29.43 41.47
N PRO A 402 -25.31 -29.27 40.46
CA PRO A 402 -25.69 -27.92 40.00
C PRO A 402 -26.53 -27.13 41.00
N GLY A 403 -27.54 -27.75 41.61
CA GLY A 403 -28.38 -27.06 42.58
C GLY A 403 -28.99 -25.77 42.08
N ASN A 404 -29.43 -25.78 40.82
CA ASN A 404 -30.12 -24.64 40.23
C ASN A 404 -30.59 -24.95 38.82
N ALA A 405 -31.53 -24.17 38.31
CA ALA A 405 -32.18 -24.46 37.02
C ALA A 405 -31.16 -24.82 35.94
N PHE A 406 -30.03 -24.12 35.95
CA PHE A 406 -28.98 -24.29 34.96
C PHE A 406 -27.63 -24.53 35.64
N ASP A 407 -26.64 -24.89 34.83
CA ASP A 407 -25.31 -25.30 35.31
C ASP A 407 -24.14 -24.68 34.47
N PHE A 408 -24.04 -25.11 33.20
CA PHE A 408 -22.98 -24.66 32.27
C PHE A 408 -23.43 -23.50 31.39
N LEU A 409 -22.54 -22.51 31.19
CA LEU A 409 -22.82 -21.38 30.31
C LEU A 409 -21.65 -21.09 29.40
N LEU A 410 -20.49 -20.86 30.00
CA LEU A 410 -19.32 -20.47 29.22
C LEU A 410 -18.06 -20.98 29.90
N ALA A 411 -17.01 -21.14 29.11
CA ALA A 411 -15.67 -21.36 29.63
C ALA A 411 -15.59 -22.56 30.57
N ASN A 412 -14.85 -22.39 31.66
CA ASN A 412 -14.68 -23.42 32.70
C ASN A 412 -15.65 -23.18 33.86
N ASP A 413 -16.76 -23.92 33.90
CA ASP A 413 -17.80 -23.69 34.90
C ASP A 413 -17.22 -24.07 36.24
N VAL A 414 -17.29 -23.15 37.19
CA VAL A 414 -16.75 -23.32 38.52
C VAL A 414 -17.77 -24.05 39.37
N ASP A 415 -17.28 -25.00 40.16
CA ASP A 415 -18.08 -25.82 41.05
C ASP A 415 -18.31 -25.12 42.39
N ASN A 416 -19.48 -24.51 42.51
CA ASN A 416 -19.81 -23.67 43.65
C ASN A 416 -20.48 -24.45 44.77
N SER A 417 -20.81 -25.71 44.50
CA SER A 417 -21.31 -26.60 45.52
C SER A 417 -20.20 -27.00 46.47
N ASN A 418 -18.96 -26.89 46.02
CA ASN A 418 -17.79 -27.26 46.80
C ASN A 418 -17.49 -26.32 47.96
N PRO A 419 -17.35 -26.86 49.17
CA PRO A 419 -17.02 -26.07 50.36
C PRO A 419 -15.84 -25.11 50.20
N VAL A 420 -14.74 -25.60 49.64
CA VAL A 420 -13.56 -24.76 49.46
C VAL A 420 -13.85 -23.66 48.42
N VAL A 421 -14.66 -23.96 47.42
CA VAL A 421 -15.03 -22.96 46.43
C VAL A 421 -15.97 -21.93 47.07
N GLN A 422 -16.82 -22.38 47.99
CA GLN A 422 -17.70 -21.46 48.74
C GLN A 422 -16.94 -20.59 49.71
N ALA A 423 -15.89 -21.12 50.33
CA ALA A 423 -15.01 -20.31 51.15
C ALA A 423 -14.24 -19.32 50.27
N GLU A 424 -13.88 -19.74 49.06
CA GLU A 424 -13.19 -18.86 48.10
C GLU A 424 -14.10 -17.77 47.51
N ASN A 425 -15.39 -18.08 47.36
CA ASN A 425 -16.35 -17.09 46.90
C ASN A 425 -16.64 -16.02 47.94
N LEU A 426 -16.56 -16.37 49.23
CA LEU A 426 -16.65 -15.38 50.30
C LEU A 426 -15.37 -14.57 50.33
N ASN A 427 -14.23 -15.23 50.24
CA ASN A 427 -12.94 -14.54 50.33
C ASN A 427 -12.79 -13.46 49.28
N TRP A 428 -13.30 -13.75 48.08
CA TRP A 428 -13.27 -12.82 46.95
C TRP A 428 -14.27 -11.72 47.12
N LEU A 429 -15.42 -12.08 47.68
CA LEU A 429 -16.43 -11.11 48.01
C LEU A 429 -15.77 -10.12 48.94
N HIS A 430 -15.22 -10.60 50.04
CA HIS A 430 -14.63 -9.72 51.06
C HIS A 430 -13.53 -8.85 50.51
N TYR A 431 -12.78 -9.38 49.56
CA TYR A 431 -11.78 -8.61 48.84
C TYR A 431 -12.42 -7.46 48.07
N LEU A 432 -13.43 -7.77 47.26
CA LEU A 432 -14.13 -6.74 46.50
C LEU A 432 -14.77 -5.75 47.45
N MET A 433 -15.49 -6.24 48.45
CA MET A 433 -16.17 -5.37 49.39
C MET A 433 -15.21 -4.50 50.20
N ASN A 434 -13.95 -4.91 50.36
CA ASN A 434 -12.94 -4.05 51.00
C ASN A 434 -11.74 -3.79 50.09
N PHE A 435 -12.03 -3.42 48.85
CA PHE A 435 -11.00 -3.32 47.82
C PHE A 435 -10.02 -2.20 48.12
N GLY A 436 -10.55 -1.01 48.39
CA GLY A 436 -9.73 0.11 48.77
C GLY A 436 -8.92 -0.17 50.01
N THR A 437 -9.61 -0.55 51.08
CA THR A 437 -8.95 -0.80 52.35
C THR A 437 -7.78 -1.81 52.24
N ILE A 438 -7.91 -2.79 51.34
CA ILE A 438 -6.88 -3.79 51.18
C ILE A 438 -5.73 -3.32 50.31
N THR A 439 -6.05 -2.80 49.13
CA THR A 439 -5.02 -2.45 48.15
C THR A 439 -4.25 -1.17 48.49
N ALA A 440 -4.98 -0.11 48.85
CA ALA A 440 -4.40 1.23 49.05
C ALA A 440 -4.62 1.86 50.44
N GLY A 441 -5.20 1.13 51.38
CA GLY A 441 -5.54 1.69 52.69
C GLY A 441 -6.50 2.88 52.67
N GLN A 442 -7.32 2.97 51.61
CA GLN A 442 -8.31 4.04 51.44
C GLN A 442 -9.70 3.49 51.72
N ASP A 443 -10.30 3.91 52.83
CA ASP A 443 -11.56 3.33 53.32
C ASP A 443 -12.81 3.72 52.51
N ASP A 444 -12.80 4.92 51.93
CA ASP A 444 -13.91 5.39 51.10
C ASP A 444 -13.82 4.89 49.64
N ALA A 445 -12.92 3.94 49.40
CA ALA A 445 -12.68 3.43 48.04
C ALA A 445 -13.15 1.98 47.89
N ASN A 446 -14.20 1.62 48.63
CA ASN A 446 -14.71 0.24 48.62
C ASN A 446 -16.01 0.13 47.81
N PHE A 447 -16.40 -1.10 47.47
CA PHE A 447 -17.69 -1.36 46.87
C PHE A 447 -18.72 -1.48 47.97
N ASP A 448 -20.01 -1.36 47.64
CA ASP A 448 -21.05 -1.42 48.66
C ASP A 448 -22.08 -2.50 48.41
N SER A 449 -22.54 -2.57 47.17
CA SER A 449 -23.51 -3.56 46.73
C SER A 449 -22.84 -4.53 45.77
N ILE A 450 -23.56 -5.57 45.38
CA ILE A 450 -23.05 -6.54 44.40
C ILE A 450 -24.09 -6.84 43.31
N ARG A 451 -23.67 -7.50 42.26
CA ARG A 451 -24.59 -8.03 41.28
C ARG A 451 -24.17 -9.44 40.99
N ILE A 452 -25.03 -10.40 41.27
CA ILE A 452 -24.70 -11.80 41.01
C ILE A 452 -24.86 -12.12 39.50
N ASP A 453 -23.75 -12.40 38.79
CA ASP A 453 -23.83 -12.72 37.34
C ASP A 453 -24.21 -14.17 37.12
N ALA A 454 -25.33 -14.35 36.41
CA ALA A 454 -25.87 -15.66 36.06
C ALA A 454 -26.31 -16.43 37.30
N VAL A 455 -27.23 -15.85 38.06
CA VAL A 455 -27.57 -16.40 39.37
C VAL A 455 -28.18 -17.80 39.26
N ASP A 456 -28.97 -18.04 38.20
CA ASP A 456 -29.58 -19.36 37.97
C ASP A 456 -28.58 -20.41 37.46
N PHE A 457 -27.36 -19.98 37.16
CA PHE A 457 -26.31 -20.90 36.69
C PHE A 457 -25.34 -21.37 37.79
N ILE A 458 -25.54 -20.89 39.02
CA ILE A 458 -24.70 -21.28 40.14
C ILE A 458 -25.51 -21.83 41.33
N HIS A 459 -24.86 -22.67 42.14
CA HIS A 459 -25.50 -23.34 43.29
C HIS A 459 -26.05 -22.39 44.31
N ASN A 460 -27.18 -22.77 44.92
CA ASN A 460 -27.89 -21.90 45.86
C ASN A 460 -27.13 -21.72 47.15
N ASP A 461 -26.29 -22.71 47.47
CA ASP A 461 -25.55 -22.69 48.72
C ASP A 461 -24.68 -21.44 48.80
N THR A 462 -23.94 -21.15 47.73
CA THR A 462 -23.06 -19.99 47.75
C THR A 462 -23.85 -18.67 47.62
N ILE A 463 -25.07 -18.74 47.09
CA ILE A 463 -25.94 -17.57 46.96
C ILE A 463 -26.50 -17.24 48.32
N GLN A 464 -27.04 -18.26 48.98
CA GLN A 464 -27.47 -18.15 50.37
C GLN A 464 -26.35 -17.61 51.26
N ARG A 465 -25.17 -18.20 51.08
CA ARG A 465 -24.02 -17.87 51.90
C ARG A 465 -23.52 -16.48 51.55
N THR A 466 -23.73 -16.07 50.30
CA THR A 466 -23.37 -14.71 49.88
C THR A 466 -24.20 -13.67 50.66
N TYR A 467 -25.52 -13.86 50.67
CA TYR A 467 -26.44 -12.92 51.35
C TYR A 467 -26.19 -12.85 52.85
N ASP A 468 -25.94 -14.02 53.44
CA ASP A 468 -25.54 -14.10 54.85
C ASP A 468 -24.32 -13.21 55.14
N TYR A 469 -23.35 -13.15 54.24
CA TYR A 469 -22.21 -12.26 54.48
C TYR A 469 -22.67 -10.83 54.54
N LEU A 470 -23.58 -10.47 53.64
CA LEU A 470 -24.07 -9.08 53.54
C LEU A 470 -24.98 -8.74 54.71
N ARG A 471 -25.62 -9.76 55.28
CA ARG A 471 -26.38 -9.59 56.51
C ARG A 471 -25.46 -9.45 57.72
N ASP A 472 -24.30 -10.12 57.68
CA ASP A 472 -23.35 -10.13 58.81
C ASP A 472 -22.46 -8.90 58.83
N ALA A 473 -22.06 -8.43 57.67
CA ALA A 473 -21.10 -7.34 57.57
C ALA A 473 -21.76 -5.96 57.53
N TYR A 474 -22.91 -5.86 56.86
CA TYR A 474 -23.62 -4.58 56.72
C TYR A 474 -25.00 -4.52 57.42
N GLN A 475 -25.49 -5.64 57.98
CA GLN A 475 -26.77 -5.69 58.71
C GLN A 475 -27.97 -5.19 57.89
N VAL A 476 -28.05 -5.58 56.62
CA VAL A 476 -29.13 -5.12 55.73
C VAL A 476 -30.53 -5.57 56.17
N GLN A 477 -30.63 -6.71 56.84
CA GLN A 477 -31.92 -7.18 57.37
C GLN A 477 -32.46 -6.31 58.53
N GLN A 478 -31.56 -5.68 59.29
CA GLN A 478 -31.93 -4.92 60.48
C GLN A 478 -32.95 -3.81 60.20
N SER A 479 -32.61 -2.87 59.32
CA SER A 479 -33.46 -1.71 59.00
C SER A 479 -33.36 -1.31 57.54
N GLU A 480 -34.45 -0.79 56.98
CA GLU A 480 -34.46 -0.36 55.57
C GLU A 480 -33.47 0.78 55.29
N ALA A 481 -33.02 1.48 56.32
CA ALA A 481 -31.97 2.47 56.15
C ALA A 481 -30.68 1.77 55.71
N LYS A 482 -30.36 0.64 56.36
CA LYS A 482 -29.15 -0.14 56.08
C LYS A 482 -29.29 -1.01 54.84
N ALA A 483 -30.50 -1.51 54.58
CA ALA A 483 -30.78 -2.27 53.36
C ALA A 483 -30.59 -1.41 52.13
N ASN A 484 -31.12 -0.19 52.20
CA ASN A 484 -31.11 0.68 51.03
C ASN A 484 -29.72 1.19 50.68
N GLN A 485 -28.83 1.32 51.65
CA GLN A 485 -27.48 1.76 51.34
C GLN A 485 -26.65 0.73 50.59
N HIS A 486 -27.03 -0.54 50.66
CA HIS A 486 -26.29 -1.61 49.98
C HIS A 486 -27.22 -2.43 49.12
N ILE A 487 -27.95 -1.77 48.22
CA ILE A 487 -28.94 -2.45 47.35
C ILE A 487 -28.27 -3.31 46.27
N SER A 488 -28.41 -4.63 46.42
CA SER A 488 -27.85 -5.60 45.48
C SER A 488 -28.97 -6.13 44.57
N LEU A 489 -28.59 -6.82 43.48
CA LEU A 489 -29.55 -7.26 42.44
C LEU A 489 -28.99 -8.41 41.63
N VAL A 490 -29.86 -9.16 40.95
CA VAL A 490 -29.43 -10.32 40.18
C VAL A 490 -29.87 -10.28 38.74
N GLU A 491 -29.30 -11.16 37.94
CA GLU A 491 -29.71 -11.32 36.56
C GLU A 491 -30.76 -12.42 36.44
N ALA A 492 -31.96 -12.15 36.96
CA ALA A 492 -33.05 -13.13 36.86
C ALA A 492 -34.41 -12.57 37.24
N GLY A 493 -35.44 -13.35 36.99
CA GLY A 493 -36.79 -12.99 37.39
C GLY A 493 -37.14 -13.52 38.78
N LEU A 494 -38.39 -13.89 38.96
CA LEU A 494 -38.84 -14.62 40.16
C LEU A 494 -38.20 -16.03 40.26
N ASP A 495 -37.72 -16.54 39.11
CA ASP A 495 -37.04 -17.85 39.01
C ASP A 495 -35.77 -18.00 39.87
N ALA A 496 -35.20 -16.88 40.32
CA ALA A 496 -34.11 -16.90 41.29
C ALA A 496 -34.69 -17.02 42.68
N GLY A 497 -34.84 -18.25 43.15
CA GLY A 497 -35.62 -18.51 44.37
C GLY A 497 -34.96 -18.08 45.66
N THR A 498 -33.66 -18.30 45.75
CA THR A 498 -32.89 -17.97 46.94
C THR A 498 -32.93 -16.48 47.21
N SER A 499 -33.05 -15.74 46.12
CA SER A 499 -33.08 -14.30 46.16
C SER A 499 -34.44 -13.80 46.63
N THR A 500 -35.50 -14.19 45.92
CA THR A 500 -36.87 -13.73 46.23
C THR A 500 -37.42 -14.19 47.59
N ILE A 501 -36.87 -15.27 48.16
CA ILE A 501 -37.42 -15.82 49.40
C ILE A 501 -37.41 -14.85 50.59
N HIS A 502 -36.32 -14.11 50.74
CA HIS A 502 -36.20 -13.15 51.80
C HIS A 502 -35.97 -11.79 51.25
N ASN A 503 -36.22 -11.64 49.94
CA ASN A 503 -35.96 -10.40 49.24
C ASN A 503 -34.61 -9.78 49.62
N ASP A 504 -33.53 -10.54 49.42
CA ASP A 504 -32.16 -10.12 49.75
C ASP A 504 -31.59 -9.22 48.65
N ALA A 505 -32.10 -9.40 47.45
CA ALA A 505 -31.68 -8.62 46.29
C ALA A 505 -32.87 -8.26 45.40
N LEU A 506 -32.64 -7.32 44.50
CA LEU A 506 -33.59 -7.00 43.44
C LEU A 506 -33.52 -8.04 42.32
N ILE A 507 -34.63 -8.21 41.62
CA ILE A 507 -34.71 -9.08 40.45
C ILE A 507 -35.33 -8.29 39.31
N GLU A 508 -35.14 -8.74 38.07
CA GLU A 508 -35.65 -8.01 36.89
C GLU A 508 -37.17 -8.17 36.71
N SER A 509 -37.87 -7.05 36.54
CA SER A 509 -39.31 -7.09 36.30
C SER A 509 -39.56 -7.57 34.90
N ASN A 510 -40.84 -7.74 34.57
CA ASN A 510 -41.20 -8.18 33.23
C ASN A 510 -41.39 -7.02 32.27
N LEU A 511 -41.08 -5.81 32.74
CA LEU A 511 -41.29 -4.61 31.94
C LEU A 511 -40.61 -4.71 30.60
N ARG A 512 -39.37 -5.17 30.63
CA ARG A 512 -38.61 -5.34 29.42
C ARG A 512 -39.36 -6.19 28.39
N GLU A 513 -39.78 -7.37 28.83
CA GLU A 513 -40.50 -8.25 27.94
C GLU A 513 -41.78 -7.55 27.46
N ALA A 514 -42.53 -7.00 28.40
CA ALA A 514 -43.83 -6.40 28.10
C ALA A 514 -43.68 -5.30 27.07
N ALA A 515 -42.63 -4.51 27.23
CA ALA A 515 -42.33 -3.44 26.30
C ALA A 515 -42.06 -4.02 24.93
N THR A 516 -41.29 -5.11 24.90
CA THR A 516 -40.85 -5.71 23.64
C THR A 516 -41.98 -6.11 22.67
N LEU A 517 -43.18 -6.40 23.19
CA LEU A 517 -44.33 -6.80 22.34
C LEU A 517 -45.20 -5.62 21.91
N SER A 518 -45.43 -4.69 22.84
CA SER A 518 -46.39 -3.59 22.64
C SER A 518 -45.78 -2.23 22.25
N LEU A 519 -44.44 -2.13 22.25
CA LEU A 519 -43.75 -0.87 21.96
C LEU A 519 -42.56 -1.00 21.00
N THR A 520 -41.51 -1.77 21.35
CA THR A 520 -40.23 -1.77 20.59
C THR A 520 -40.28 -2.26 19.14
N ASN A 521 -41.43 -2.78 18.71
CA ASN A 521 -41.53 -3.23 17.33
C ASN A 521 -41.96 -2.12 16.40
N GLU A 522 -41.92 -2.39 15.10
CA GLU A 522 -42.21 -1.39 14.08
C GLU A 522 -43.71 -1.21 13.98
N PRO A 523 -44.19 -0.13 13.34
CA PRO A 523 -45.63 0.10 13.09
C PRO A 523 -46.38 -1.05 12.40
N GLY A 524 -47.38 -1.61 13.07
CA GLY A 524 -48.14 -2.74 12.53
C GLY A 524 -47.82 -4.06 13.21
N LYS A 525 -46.66 -4.14 13.86
CA LYS A 525 -46.28 -5.35 14.59
C LYS A 525 -46.27 -5.13 16.11
N ASN A 526 -47.07 -4.19 16.60
CA ASN A 526 -47.15 -3.89 18.04
C ASN A 526 -48.50 -4.24 18.63
N LYS A 527 -48.49 -5.00 19.72
CA LYS A 527 -49.72 -5.41 20.42
C LYS A 527 -50.26 -4.25 21.27
N PRO A 528 -51.50 -4.38 21.77
CA PRO A 528 -52.05 -3.28 22.56
C PRO A 528 -51.31 -3.08 23.87
N LEU A 529 -51.35 -1.86 24.39
CA LEU A 529 -50.56 -1.51 25.58
C LEU A 529 -51.20 -1.96 26.92
N THR A 530 -52.30 -2.73 26.87
CA THR A 530 -52.93 -3.25 28.10
C THR A 530 -52.01 -4.20 28.89
N ASN A 531 -50.99 -4.75 28.20
CA ASN A 531 -49.99 -5.61 28.83
C ASN A 531 -49.12 -4.84 29.84
N MET A 532 -48.96 -3.54 29.61
CA MET A 532 -48.17 -2.65 30.47
C MET A 532 -48.89 -2.19 31.75
N LEU A 533 -50.17 -2.56 31.87
CA LEU A 533 -50.94 -2.23 33.05
C LEU A 533 -50.37 -2.95 34.26
N GLN A 534 -50.14 -4.24 34.11
CA GLN A 534 -49.66 -5.09 35.19
C GLN A 534 -48.24 -5.53 34.93
N ASP A 535 -47.53 -5.91 35.97
CA ASP A 535 -46.17 -6.35 35.84
C ASP A 535 -46.17 -7.80 36.31
N VAL A 536 -46.23 -8.73 35.35
CA VAL A 536 -46.41 -10.15 35.66
C VAL A 536 -45.28 -10.95 35.02
N ASP A 537 -44.62 -11.81 35.79
CA ASP A 537 -43.55 -12.70 35.27
C ASP A 537 -44.08 -14.11 34.98
N GLY A 538 -44.80 -14.25 33.87
CA GLY A 538 -45.41 -15.52 33.52
C GLY A 538 -46.38 -15.98 34.60
N GLY A 539 -47.59 -15.44 34.57
CA GLY A 539 -48.60 -15.83 35.54
C GLY A 539 -48.48 -15.10 36.85
N THR A 540 -47.39 -15.31 37.60
CA THR A 540 -47.26 -14.66 38.91
C THR A 540 -47.11 -13.14 38.70
N LEU A 541 -47.78 -12.37 39.56
CA LEU A 541 -47.77 -10.89 39.49
C LEU A 541 -46.62 -10.33 40.31
N ILE A 542 -45.97 -9.30 39.78
CA ILE A 542 -44.87 -8.61 40.50
C ILE A 542 -45.39 -7.31 41.11
N THR A 543 -46.23 -6.61 40.33
CA THR A 543 -46.96 -5.42 40.79
C THR A 543 -48.06 -5.04 39.78
N ASP A 544 -49.16 -4.48 40.28
CA ASP A 544 -50.25 -4.07 39.41
C ASP A 544 -50.47 -2.58 39.45
N HIS A 545 -50.17 -1.91 38.35
CA HIS A 545 -50.18 -0.45 38.31
C HIS A 545 -51.58 0.14 38.29
N THR A 546 -52.57 -0.69 37.97
CA THR A 546 -53.97 -0.24 37.85
C THR A 546 -54.43 0.70 38.96
N GLN A 547 -54.31 0.27 40.21
CA GLN A 547 -54.72 1.11 41.34
C GLN A 547 -53.77 0.96 42.52
N ASN A 548 -52.50 1.22 42.26
CA ASN A 548 -51.46 0.97 43.25
C ASN A 548 -51.48 1.99 44.39
N SER A 549 -52.22 1.69 45.47
CA SER A 549 -52.34 2.63 46.62
C SER A 549 -51.54 2.24 47.86
N THR A 550 -51.34 0.94 48.07
CA THR A 550 -50.59 0.45 49.20
C THR A 550 -49.13 0.32 48.86
N GLU A 551 -48.32 0.09 49.90
CA GLU A 551 -46.88 -0.14 49.74
C GLU A 551 -46.47 -1.36 50.54
N ASN A 552 -45.19 -1.75 50.44
CA ASN A 552 -44.67 -2.93 51.14
C ASN A 552 -45.40 -4.20 50.73
N GLN A 553 -45.81 -4.27 49.47
CA GLN A 553 -46.55 -5.43 48.99
C GLN A 553 -45.81 -6.07 47.85
N ALA A 554 -45.52 -5.29 46.80
CA ALA A 554 -44.91 -5.83 45.58
C ALA A 554 -43.51 -6.43 45.82
N THR A 555 -43.05 -7.22 44.85
CA THR A 555 -41.72 -7.85 44.92
C THR A 555 -40.61 -6.83 44.58
N PRO A 556 -39.65 -6.60 45.50
CA PRO A 556 -38.50 -5.75 45.18
C PRO A 556 -37.84 -6.12 43.84
N ASN A 557 -37.83 -5.16 42.90
CA ASN A 557 -37.44 -5.39 41.51
C ASN A 557 -36.76 -4.18 40.82
N TYR A 558 -36.31 -4.40 39.60
CA TYR A 558 -35.71 -3.33 38.83
C TYR A 558 -36.16 -3.45 37.38
N SER A 559 -36.52 -2.33 36.79
CA SER A 559 -37.03 -2.30 35.43
C SER A 559 -35.95 -1.84 34.47
N ILE A 560 -35.90 -2.45 33.30
CA ILE A 560 -34.96 -2.07 32.25
C ILE A 560 -35.61 -2.29 30.91
N ILE A 561 -35.02 -1.69 29.89
CA ILE A 561 -35.41 -1.92 28.51
C ILE A 561 -34.20 -2.41 27.70
N HIS A 562 -33.00 -1.97 28.12
CA HIS A 562 -31.75 -2.47 27.57
C HIS A 562 -30.73 -2.67 28.65
N ALA A 563 -29.80 -3.58 28.38
CA ALA A 563 -28.59 -3.74 29.19
C ALA A 563 -27.39 -4.12 28.32
N HIS A 564 -26.22 -4.27 28.92
CA HIS A 564 -25.00 -4.53 28.13
C HIS A 564 -25.19 -5.68 27.17
N ASP A 565 -25.95 -6.68 27.62
CA ASP A 565 -26.17 -7.92 26.87
C ASP A 565 -27.61 -8.08 26.36
N LYS A 566 -28.59 -7.64 27.16
CA LYS A 566 -30.01 -7.84 26.86
C LYS A 566 -30.50 -6.84 25.79
N GLY A 567 -30.92 -7.37 24.64
CA GLY A 567 -31.51 -6.55 23.57
C GLY A 567 -30.57 -5.59 22.86
N VAL A 568 -29.27 -5.90 22.89
CA VAL A 568 -28.24 -5.07 22.25
C VAL A 568 -27.28 -5.93 21.45
N GLN A 569 -26.53 -6.81 22.14
CA GLN A 569 -25.53 -7.65 21.48
C GLN A 569 -26.14 -8.39 20.29
N GLU A 570 -27.31 -8.99 20.53
CA GLU A 570 -28.14 -9.56 19.47
C GLU A 570 -28.27 -8.57 18.31
N LYS A 571 -28.73 -7.37 18.63
CA LYS A 571 -29.23 -6.43 17.64
C LYS A 571 -28.15 -5.58 16.98
N VAL A 572 -27.10 -5.28 17.75
CA VAL A 572 -25.90 -4.61 17.24
C VAL A 572 -25.17 -5.51 16.27
N GLY A 573 -24.83 -6.72 16.74
CA GLY A 573 -24.29 -7.78 15.88
C GLY A 573 -24.96 -7.76 14.51
N ALA A 574 -26.28 -7.60 14.51
CA ALA A 574 -27.08 -7.58 13.27
C ALA A 574 -26.50 -6.64 12.22
N ALA A 575 -26.21 -5.40 12.62
CA ALA A 575 -25.62 -4.42 11.69
C ALA A 575 -24.16 -4.75 11.40
N ILE A 576 -23.43 -5.27 12.39
CA ILE A 576 -22.01 -5.61 12.25
C ILE A 576 -21.84 -6.56 11.07
N THR A 577 -22.56 -7.67 11.09
CA THR A 577 -22.43 -8.75 10.08
C THR A 577 -22.80 -8.28 8.67
N ASP A 578 -23.83 -7.45 8.55
CA ASP A 578 -24.14 -6.83 7.26
C ASP A 578 -23.08 -5.79 6.99
N ALA A 579 -22.68 -5.66 5.72
CA ALA A 579 -21.51 -4.84 5.38
C ALA A 579 -20.36 -5.17 6.35
N THR A 580 -19.99 -6.44 6.45
CA THR A 580 -18.80 -6.86 7.21
C THR A 580 -18.68 -8.38 7.37
N GLY A 581 -19.81 -9.05 7.61
CA GLY A 581 -19.87 -10.50 7.54
C GLY A 581 -19.32 -11.28 8.71
N ALA A 582 -18.47 -10.66 9.55
CA ALA A 582 -17.89 -11.37 10.71
C ALA A 582 -18.98 -11.71 11.73
N ASP A 583 -18.96 -12.96 12.22
CA ASP A 583 -19.91 -13.39 13.24
C ASP A 583 -19.75 -12.52 14.49
N TRP A 584 -20.78 -12.50 15.32
CA TRP A 584 -20.86 -11.57 16.46
C TRP A 584 -19.96 -11.89 17.65
N THR A 585 -19.33 -13.08 17.69
CA THR A 585 -18.43 -13.46 18.82
C THR A 585 -16.97 -13.06 18.60
N ASN A 586 -16.51 -13.05 17.35
CA ASN A 586 -15.14 -12.62 17.01
C ASN A 586 -15.05 -11.76 15.73
N PHE A 587 -14.30 -10.67 15.81
CA PHE A 587 -14.11 -9.72 14.70
C PHE A 587 -12.95 -8.73 14.97
N THR A 588 -12.57 -7.97 13.95
CA THR A 588 -11.52 -6.95 14.05
C THR A 588 -12.10 -5.59 14.47
N ASP A 589 -11.32 -4.81 15.22
CA ASP A 589 -11.78 -3.50 15.67
C ASP A 589 -12.38 -2.70 14.51
N GLU A 590 -11.78 -2.78 13.31
CA GLU A 590 -12.28 -2.09 12.11
C GLU A 590 -13.71 -2.52 11.78
N GLN A 591 -13.93 -3.82 11.80
CA GLN A 591 -15.25 -4.35 11.47
C GLN A 591 -16.29 -3.88 12.49
N LEU A 592 -15.90 -3.87 13.77
CA LEU A 592 -16.78 -3.33 14.82
C LEU A 592 -17.16 -1.87 14.50
N LYS A 593 -16.15 -1.01 14.36
CA LYS A 593 -16.36 0.41 14.10
C LYS A 593 -17.21 0.64 12.86
N ALA A 594 -17.00 -0.17 11.83
CA ALA A 594 -17.83 -0.08 10.63
C ALA A 594 -19.30 -0.44 10.92
N GLY A 595 -19.50 -1.46 11.75
CA GLY A 595 -20.86 -1.86 12.11
C GLY A 595 -21.59 -0.71 12.78
N LEU A 596 -21.06 -0.29 13.92
CA LEU A 596 -21.70 0.67 14.80
C LEU A 596 -22.06 1.96 14.05
N GLU A 597 -21.28 2.27 13.02
CA GLU A 597 -21.57 3.36 12.10
C GLU A 597 -22.97 3.23 11.46
N LEU A 598 -23.23 2.06 10.88
CA LEU A 598 -24.52 1.78 10.28
C LEU A 598 -25.55 1.72 11.37
N PHE A 599 -25.15 1.19 12.52
CA PHE A 599 -26.06 1.01 13.64
C PHE A 599 -26.64 2.32 14.15
N TYR A 600 -25.74 3.24 14.49
CA TYR A 600 -26.20 4.52 15.00
C TYR A 600 -26.83 5.34 13.88
N LYS A 601 -26.40 5.09 12.63
CA LYS A 601 -26.95 5.78 11.46
C LYS A 601 -28.38 5.35 11.17
N ASP A 602 -28.73 4.13 11.59
CA ASP A 602 -30.12 3.63 11.54
C ASP A 602 -30.89 4.18 12.74
N GLN A 603 -30.27 4.11 13.93
CA GLN A 603 -30.89 4.51 15.19
C GLN A 603 -31.52 5.91 15.17
N ARG A 604 -30.90 6.83 14.45
CA ARG A 604 -31.38 8.21 14.40
C ARG A 604 -32.52 8.40 13.41
N ALA A 605 -32.75 7.40 12.55
CA ALA A 605 -33.80 7.46 11.52
C ALA A 605 -35.20 7.19 12.08
N THR A 606 -36.20 7.40 11.24
CA THR A 606 -37.58 7.13 11.63
C THR A 606 -37.86 5.65 11.51
N ASN A 607 -37.62 5.10 10.31
CA ASN A 607 -37.73 3.66 10.07
C ASN A 607 -36.45 2.95 10.53
N LYS A 608 -36.58 2.10 11.57
CA LYS A 608 -35.44 1.46 12.22
C LYS A 608 -35.37 -0.04 11.94
N LYS A 609 -34.37 -0.45 11.15
CA LYS A 609 -34.15 -1.87 10.88
C LYS A 609 -33.58 -2.57 12.12
N TYR A 610 -32.43 -2.11 12.58
CA TYR A 610 -31.70 -2.80 13.65
C TYR A 610 -32.04 -2.31 15.04
N ASN A 611 -32.64 -1.12 15.12
CA ASN A 611 -32.92 -0.51 16.41
C ASN A 611 -34.39 -0.61 16.85
N SER A 612 -34.62 -0.32 18.13
CA SER A 612 -35.92 -0.37 18.78
C SER A 612 -36.65 0.96 18.65
N TYR A 613 -37.99 0.89 18.66
CA TYR A 613 -38.87 2.07 18.60
C TYR A 613 -39.38 2.45 19.98
N ASN A 614 -39.75 3.71 20.13
CA ASN A 614 -40.38 4.23 21.35
C ASN A 614 -39.52 4.06 22.62
N ILE A 615 -38.21 4.25 22.51
CA ILE A 615 -37.32 4.10 23.66
C ILE A 615 -37.65 5.10 24.73
N PRO A 616 -37.89 6.36 24.35
CA PRO A 616 -38.19 7.31 25.42
C PRO A 616 -39.52 6.99 26.11
N SER A 617 -40.54 6.61 25.34
CA SER A 617 -41.81 6.21 25.92
C SER A 617 -41.58 5.13 26.98
N ILE A 618 -40.73 4.15 26.65
CA ILE A 618 -40.38 3.08 27.59
C ILE A 618 -39.63 3.63 28.81
N TYR A 619 -38.65 4.51 28.62
CA TYR A 619 -37.96 5.13 29.76
C TYR A 619 -38.92 6.00 30.57
N ALA A 620 -39.92 6.55 29.90
CA ALA A 620 -40.98 7.29 30.58
C ALA A 620 -41.72 6.38 31.57
N LEU A 621 -42.03 5.16 31.16
CA LEU A 621 -42.76 4.24 32.05
C LEU A 621 -41.87 3.88 33.22
N MET A 622 -40.65 3.46 32.92
CA MET A 622 -39.73 3.00 33.94
C MET A 622 -39.55 4.04 35.02
N LEU A 623 -39.51 5.30 34.60
CA LEU A 623 -39.15 6.37 35.52
C LEU A 623 -40.38 6.99 36.19
N THR A 624 -41.57 6.50 35.84
CA THR A 624 -42.81 6.94 36.50
C THR A 624 -43.58 5.85 37.23
N ASN A 625 -43.20 4.59 37.00
CA ASN A 625 -43.94 3.47 37.60
C ASN A 625 -43.61 3.28 39.05
N LYS A 626 -44.63 2.95 39.83
CA LYS A 626 -44.46 2.70 41.24
C LYS A 626 -43.96 1.26 41.48
N ASP A 627 -43.27 1.09 42.60
CA ASP A 627 -42.76 -0.21 43.05
C ASP A 627 -41.77 -0.78 42.07
N THR A 628 -40.73 -0.01 41.74
CA THR A 628 -39.65 -0.53 40.91
C THR A 628 -38.47 0.41 41.03
N VAL A 629 -37.27 -0.15 40.93
CA VAL A 629 -36.04 0.63 40.95
C VAL A 629 -35.41 0.59 39.54
N PRO A 630 -35.75 1.56 38.68
CA PRO A 630 -35.33 1.43 37.30
C PRO A 630 -33.85 1.63 37.18
N ARG A 631 -33.26 0.96 36.22
CA ARG A 631 -31.85 1.08 35.92
C ARG A 631 -31.66 1.66 34.52
N MET A 632 -30.87 2.72 34.43
CA MET A 632 -30.54 3.33 33.16
C MET A 632 -29.36 2.60 32.53
N TYR A 633 -29.42 2.47 31.19
CA TYR A 633 -28.35 1.85 30.42
C TYR A 633 -27.54 2.91 29.71
N TYR A 634 -26.23 2.88 29.90
CA TYR A 634 -25.33 3.87 29.33
C TYR A 634 -25.55 3.98 27.85
N GLY A 635 -25.69 2.84 27.17
CA GLY A 635 -25.74 2.78 25.70
C GLY A 635 -26.95 3.44 25.06
N ASP A 636 -27.99 3.73 25.85
CA ASP A 636 -29.19 4.45 25.36
C ASP A 636 -29.06 5.96 25.40
N MET A 637 -28.12 6.46 26.21
CA MET A 637 -27.87 7.88 26.37
C MET A 637 -26.67 8.32 25.57
N TYR A 638 -25.65 7.47 25.51
CA TYR A 638 -24.41 7.75 24.79
C TYR A 638 -24.17 6.71 23.73
N GLN A 639 -23.44 7.11 22.69
CA GLN A 639 -23.14 6.24 21.55
C GLN A 639 -21.71 5.68 21.61
N ASP A 640 -21.59 4.41 21.23
CA ASP A 640 -20.33 3.70 21.27
C ASP A 640 -19.48 3.91 20.02
N ASP A 641 -20.00 4.63 19.03
CA ASP A 641 -19.15 5.03 17.91
C ASP A 641 -17.98 5.89 18.40
N GLY A 642 -18.20 6.69 19.45
CA GLY A 642 -17.14 7.48 20.07
C GLY A 642 -16.80 6.90 21.42
N GLN A 643 -15.89 7.58 22.12
CA GLN A 643 -15.43 7.16 23.44
C GLN A 643 -16.54 7.27 24.49
N TYR A 644 -16.15 6.95 25.72
CA TYR A 644 -17.06 6.96 26.86
C TYR A 644 -17.52 8.39 27.19
N MET A 645 -18.84 8.54 27.29
CA MET A 645 -19.50 9.83 27.48
C MET A 645 -19.01 10.83 26.44
N ALA A 646 -18.89 10.38 25.20
CA ALA A 646 -18.26 11.15 24.15
C ALA A 646 -19.32 11.67 23.22
N ASN A 647 -20.10 10.75 22.67
CA ASN A 647 -21.19 11.09 21.76
C ASN A 647 -22.53 10.84 22.44
N LYS A 648 -23.33 11.90 22.57
CA LYS A 648 -24.67 11.76 23.14
C LYS A 648 -25.56 11.10 22.10
N SER A 649 -26.57 10.37 22.56
CA SER A 649 -27.49 9.68 21.66
C SER A 649 -28.60 10.62 21.29
N ILE A 650 -29.48 10.17 20.40
CA ILE A 650 -30.64 10.97 20.02
C ILE A 650 -31.64 11.05 21.17
N TYR A 651 -31.62 10.07 22.06
CA TYR A 651 -32.59 10.00 23.16
C TYR A 651 -32.13 10.75 24.41
N TYR A 652 -30.86 11.17 24.42
CA TYR A 652 -30.25 11.81 25.60
C TYR A 652 -31.13 12.89 26.29
N ASP A 653 -31.40 13.99 25.57
CA ASP A 653 -32.25 15.08 26.10
C ASP A 653 -33.53 14.55 26.72
N ALA A 654 -34.21 13.69 25.98
CA ALA A 654 -35.45 13.09 26.45
C ALA A 654 -35.21 12.39 27.78
N LEU A 655 -34.21 11.50 27.82
CA LEU A 655 -33.91 10.75 29.03
C LEU A 655 -33.46 11.64 30.23
N VAL A 656 -32.71 12.70 29.96
CA VAL A 656 -32.24 13.50 31.05
C VAL A 656 -33.42 14.20 31.69
N SER A 657 -34.38 14.62 30.87
CA SER A 657 -35.55 15.34 31.37
C SER A 657 -36.42 14.49 32.32
N LEU A 658 -36.72 13.27 31.88
CA LEU A 658 -37.51 12.32 32.65
C LEU A 658 -36.82 11.98 33.96
N MET A 659 -35.51 11.83 33.94
CA MET A 659 -34.80 11.58 35.20
C MET A 659 -34.93 12.76 36.16
N THR A 660 -34.91 13.96 35.59
CA THR A 660 -35.03 15.20 36.36
C THR A 660 -36.45 15.33 36.86
N ALA A 661 -37.41 14.91 36.04
CA ALA A 661 -38.81 14.91 36.45
C ALA A 661 -39.01 14.02 37.67
N ARG A 662 -38.45 12.79 37.60
CA ARG A 662 -38.52 11.80 38.68
C ARG A 662 -37.95 12.31 40.01
N LYS A 663 -36.74 12.88 40.02
CA LYS A 663 -36.13 13.37 41.27
C LYS A 663 -37.01 14.38 42.00
N SER A 664 -37.66 15.29 41.26
CA SER A 664 -38.43 16.37 41.90
C SER A 664 -39.90 16.04 42.13
N TYR A 665 -40.54 15.35 41.18
CA TYR A 665 -42.00 15.23 41.19
C TYR A 665 -42.54 13.86 41.59
N VAL A 666 -42.11 12.81 40.90
CA VAL A 666 -42.73 11.48 41.02
C VAL A 666 -42.70 10.96 42.44
N SER A 667 -43.90 10.77 43.00
CA SER A 667 -44.08 10.23 44.34
CA SER A 667 -44.08 10.15 44.31
C SER A 667 -45.56 9.88 44.55
N GLY A 668 -45.87 9.22 45.65
CA GLY A 668 -47.24 8.85 45.95
C GLY A 668 -47.74 7.66 45.15
N GLY A 669 -49.06 7.46 45.17
CA GLY A 669 -49.67 6.28 44.54
C GLY A 669 -49.71 6.34 43.03
N GLN A 670 -50.16 5.28 42.39
CA GLN A 670 -50.22 5.23 40.93
C GLN A 670 -51.55 4.68 40.44
N THR A 671 -52.01 5.21 39.30
CA THR A 671 -53.24 4.75 38.66
C THR A 671 -53.13 4.81 37.14
N MET A 672 -53.01 3.66 36.52
CA MET A 672 -52.75 3.54 35.11
C MET A 672 -53.91 2.81 34.44
N SER A 673 -54.24 3.21 33.22
CA SER A 673 -55.34 2.58 32.47
C SER A 673 -55.08 2.71 30.97
N VAL A 674 -55.94 2.12 30.14
CA VAL A 674 -55.85 2.29 28.70
C VAL A 674 -57.22 2.59 28.17
N ASP A 675 -57.45 3.83 27.76
CA ASP A 675 -58.78 4.25 27.31
C ASP A 675 -59.16 3.58 26.01
N ASN A 676 -60.36 3.91 25.51
CA ASN A 676 -60.89 3.34 24.27
C ASN A 676 -60.10 3.67 23.00
N HIS A 677 -59.36 4.78 23.00
CA HIS A 677 -58.57 5.20 21.84
C HIS A 677 -57.25 4.50 21.76
N GLY A 678 -56.87 3.81 22.83
CA GLY A 678 -55.66 3.01 22.85
C GLY A 678 -54.48 3.85 23.24
N LEU A 679 -54.53 4.42 24.44
CA LEU A 679 -53.47 5.29 24.93
C LEU A 679 -53.29 5.13 26.43
N LEU A 680 -52.12 4.63 26.81
CA LEU A 680 -51.81 4.39 28.21
C LEU A 680 -51.89 5.70 28.99
N LYS A 681 -52.55 5.69 30.16
CA LYS A 681 -52.70 6.90 31.00
C LYS A 681 -52.18 6.71 32.44
N SER A 682 -50.87 6.56 32.58
CA SER A 682 -50.25 6.46 33.90
C SER A 682 -50.36 7.82 34.59
N VAL A 683 -50.43 7.81 35.92
CA VAL A 683 -50.50 9.05 36.69
C VAL A 683 -50.04 8.82 38.10
N ARG A 684 -49.32 9.79 38.66
CA ARG A 684 -48.88 9.71 40.04
C ARG A 684 -49.37 10.94 40.84
N PHE A 685 -49.72 10.70 42.11
CA PHE A 685 -50.49 11.68 42.89
C PHE A 685 -49.67 12.52 43.83
N GLY A 686 -48.46 12.06 44.17
CA GLY A 686 -47.53 12.83 45.02
C GLY A 686 -47.33 12.30 46.43
N LYS A 687 -46.22 12.68 47.04
CA LYS A 687 -45.89 12.30 48.41
C LYS A 687 -47.13 12.29 49.29
N ASP A 688 -47.40 11.16 49.94
CA ASP A 688 -48.50 11.05 50.88
C ASP A 688 -49.79 10.54 50.25
N ALA A 689 -50.18 11.15 49.13
CA ALA A 689 -51.44 10.81 48.46
C ALA A 689 -51.28 9.47 47.78
N MET A 690 -52.12 8.50 48.16
CA MET A 690 -52.05 7.14 47.60
C MET A 690 -53.18 6.78 46.62
N THR A 691 -54.34 7.44 46.72
CA THR A 691 -55.42 7.26 45.76
C THR A 691 -55.97 8.57 45.23
N ALA A 692 -56.82 8.48 44.21
CA ALA A 692 -57.33 9.65 43.50
C ALA A 692 -58.27 10.51 44.35
N ASN A 693 -58.74 9.97 45.46
CA ASN A 693 -59.59 10.71 46.38
C ASN A 693 -58.80 11.40 47.50
N ASP A 694 -57.54 11.01 47.71
CA ASP A 694 -56.72 11.49 48.84
C ASP A 694 -56.21 12.92 48.65
N LEU A 695 -56.34 13.72 49.71
CA LEU A 695 -55.95 15.12 49.71
C LEU A 695 -54.45 15.23 49.90
N GLY A 696 -53.95 14.63 50.97
CA GLY A 696 -52.50 14.62 51.24
C GLY A 696 -51.96 15.92 51.80
N THR A 697 -50.66 15.96 52.07
CA THR A 697 -50.03 17.13 52.70
C THR A 697 -49.64 18.19 51.68
N SER A 698 -49.26 19.36 52.18
CA SER A 698 -49.03 20.50 51.32
C SER A 698 -47.98 20.20 50.24
N ALA A 699 -47.01 19.33 50.54
CA ALA A 699 -45.96 19.03 49.56
C ALA A 699 -46.51 18.30 48.33
N THR A 700 -47.71 17.72 48.46
CA THR A 700 -48.34 16.98 47.37
C THR A 700 -48.74 17.84 46.19
N ARG A 701 -49.03 19.11 46.48
CA ARG A 701 -49.65 19.98 45.50
C ARG A 701 -48.80 20.15 44.27
N THR A 702 -47.49 20.27 44.47
CA THR A 702 -46.52 20.47 43.39
C THR A 702 -45.69 19.22 43.13
N GLU A 703 -46.34 18.06 43.21
CA GLU A 703 -45.70 16.77 42.94
C GLU A 703 -46.65 15.85 42.18
N GLY A 704 -46.12 14.71 41.77
CA GLY A 704 -46.88 13.73 40.99
C GLY A 704 -47.10 14.19 39.57
N LEU A 705 -46.67 13.39 38.60
CA LEU A 705 -46.86 13.72 37.18
C LEU A 705 -47.92 12.89 36.51
N GLY A 706 -48.20 13.20 35.26
CA GLY A 706 -49.12 12.42 34.42
C GLY A 706 -48.51 12.16 33.06
N VAL A 707 -48.51 10.89 32.64
CA VAL A 707 -47.91 10.42 31.39
C VAL A 707 -49.02 9.97 30.43
N ILE A 708 -48.88 10.25 29.13
CA ILE A 708 -49.76 9.66 28.12
C ILE A 708 -48.89 9.03 27.03
N ILE A 709 -49.06 7.74 26.74
CA ILE A 709 -48.25 7.04 25.72
C ILE A 709 -49.15 6.36 24.68
N GLY A 710 -48.62 6.17 23.48
CA GLY A 710 -49.38 5.52 22.40
C GLY A 710 -48.47 4.88 21.37
N ASN A 711 -48.91 3.75 20.82
CA ASN A 711 -48.11 2.98 19.87
C ASN A 711 -48.73 2.94 18.48
N ASP A 712 -49.65 3.87 18.23
CA ASP A 712 -50.29 4.03 16.93
C ASP A 712 -49.78 5.33 16.37
N PRO A 713 -48.83 5.26 15.42
CA PRO A 713 -48.32 6.46 14.77
C PRO A 713 -49.31 7.03 13.75
N LYS A 714 -50.23 6.19 13.26
CA LYS A 714 -51.26 6.60 12.30
C LYS A 714 -52.55 7.01 13.02
N LEU A 715 -52.48 7.28 14.32
CA LEU A 715 -53.66 7.66 15.09
C LEU A 715 -54.09 9.08 14.79
N GLN A 716 -55.41 9.28 14.67
CA GLN A 716 -56.02 10.59 14.39
C GLN A 716 -57.36 10.69 15.07
N LEU A 717 -57.39 11.27 16.25
CA LEU A 717 -58.65 11.44 16.96
C LEU A 717 -59.51 12.45 16.24
N ASN A 718 -60.82 12.19 16.20
CA ASN A 718 -61.74 13.14 15.58
C ASN A 718 -62.20 14.19 16.60
N ASP A 719 -62.81 15.25 16.10
CA ASP A 719 -63.05 16.46 16.90
C ASP A 719 -63.88 16.22 18.16
N SER A 720 -64.83 15.29 18.09
CA SER A 720 -65.61 14.91 19.29
C SER A 720 -64.77 14.21 20.40
N ASP A 721 -63.80 13.37 19.98
CA ASP A 721 -62.96 12.60 20.92
C ASP A 721 -62.19 13.50 21.91
N LYS A 722 -62.14 13.04 23.16
CA LYS A 722 -61.44 13.73 24.25
C LYS A 722 -60.66 12.69 25.05
N VAL A 723 -59.37 12.92 25.25
CA VAL A 723 -58.54 12.11 26.13
C VAL A 723 -58.32 12.88 27.43
N THR A 724 -58.34 12.16 28.55
CA THR A 724 -58.23 12.80 29.88
C THR A 724 -57.21 12.11 30.83
N LEU A 725 -56.74 12.86 31.83
CA LEU A 725 -55.87 12.35 32.89
C LEU A 725 -56.41 12.86 34.21
N ASP A 726 -57.02 11.99 34.99
CA ASP A 726 -57.48 12.38 36.33
C ASP A 726 -56.29 12.42 37.28
N MET A 727 -55.80 13.63 37.54
CA MET A 727 -54.56 13.81 38.29
C MET A 727 -54.77 13.66 39.80
N GLY A 728 -56.02 13.60 40.24
CA GLY A 728 -56.35 13.36 41.64
C GLY A 728 -57.12 14.48 42.27
N ALA A 729 -57.62 14.24 43.48
CA ALA A 729 -58.38 15.25 44.22
C ALA A 729 -57.46 16.33 44.84
N ALA A 730 -56.16 16.09 44.91
CA ALA A 730 -55.22 17.11 45.43
C ALA A 730 -54.93 18.24 44.44
N HIS A 731 -55.29 18.02 43.17
CA HIS A 731 -54.86 18.86 42.04
C HIS A 731 -56.02 19.53 41.32
N LYS A 732 -57.05 19.90 42.09
CA LYS A 732 -58.23 20.55 41.55
C LYS A 732 -57.86 21.99 41.20
N ASN A 733 -58.12 22.40 39.96
CA ASN A 733 -57.92 23.80 39.53
C ASN A 733 -56.49 24.28 39.71
N GLN A 734 -55.57 23.58 39.05
CA GLN A 734 -54.14 23.83 39.17
C GLN A 734 -53.55 23.91 37.77
N LYS A 735 -52.46 24.67 37.62
CA LYS A 735 -51.78 24.81 36.31
C LYS A 735 -50.74 23.70 36.15
N TYR A 736 -50.60 23.17 34.94
CA TYR A 736 -49.70 22.04 34.69
C TYR A 736 -48.83 22.31 33.47
N ARG A 737 -47.51 22.10 33.62
CA ARG A 737 -46.57 22.38 32.53
C ARG A 737 -45.87 21.13 32.03
N ALA A 738 -45.63 21.11 30.72
CA ALA A 738 -45.12 19.93 30.05
C ALA A 738 -43.67 19.68 30.41
N VAL A 739 -43.33 18.41 30.55
CA VAL A 739 -41.95 17.95 30.67
C VAL A 739 -41.50 17.40 29.32
N ILE A 740 -42.30 16.53 28.71
CA ILE A 740 -42.01 16.01 27.38
C ILE A 740 -43.23 16.14 26.47
N LEU A 741 -43.00 16.49 25.21
CA LEU A 741 -44.09 16.69 24.24
C LEU A 741 -43.68 16.20 22.88
N THR A 742 -44.57 15.47 22.22
CA THR A 742 -44.26 14.89 20.91
C THR A 742 -44.33 15.96 19.85
N THR A 743 -43.33 15.98 18.98
CA THR A 743 -43.30 16.91 17.87
C THR A 743 -43.02 16.15 16.58
N ARG A 744 -43.17 16.84 15.46
CA ARG A 744 -42.95 16.26 14.15
C ARG A 744 -41.55 15.65 14.06
N ASP A 745 -40.55 16.42 14.48
CA ASP A 745 -39.16 16.03 14.35
C ASP A 745 -38.68 15.06 15.44
N GLY A 746 -39.28 15.17 16.61
CA GLY A 746 -38.89 14.34 17.75
C GLY A 746 -39.70 14.68 18.98
N LEU A 747 -39.01 15.07 20.05
CA LEU A 747 -39.65 15.39 21.33
C LEU A 747 -39.12 16.70 21.84
N ALA A 748 -40.02 17.64 22.13
CA ALA A 748 -39.62 18.87 22.76
C ALA A 748 -39.45 18.69 24.29
N THR A 749 -38.22 18.60 24.78
CA THR A 749 -37.98 18.45 26.20
C THR A 749 -38.16 19.76 26.95
N PHE A 750 -38.42 19.64 28.25
CA PHE A 750 -38.52 20.80 29.13
C PHE A 750 -38.12 20.40 30.54
N ASN A 751 -37.20 21.14 31.16
CA ASN A 751 -36.74 20.85 32.52
C ASN A 751 -37.16 21.90 33.52
N SER A 752 -38.09 22.77 33.14
CA SER A 752 -38.46 23.94 33.96
C SER A 752 -39.85 24.42 33.61
N ASP A 753 -40.44 25.25 34.49
CA ASP A 753 -41.82 25.72 34.29
C ASP A 753 -41.98 26.54 33.00
N GLN A 754 -40.85 26.94 32.41
CA GLN A 754 -40.83 27.57 31.09
C GLN A 754 -41.17 26.54 30.02
N ALA A 755 -42.47 26.35 29.81
CA ALA A 755 -42.96 25.34 28.88
C ALA A 755 -44.45 25.54 28.69
N PRO A 756 -45.02 24.97 27.61
CA PRO A 756 -46.47 25.13 27.41
C PRO A 756 -47.19 24.67 28.66
N THR A 757 -48.35 25.25 28.95
CA THR A 757 -49.08 24.84 30.15
C THR A 757 -50.55 24.59 29.86
N ALA A 758 -51.22 23.99 30.84
CA ALA A 758 -52.60 23.61 30.72
C ALA A 758 -53.17 23.39 32.10
N TRP A 759 -54.45 23.71 32.26
CA TRP A 759 -55.12 23.68 33.56
C TRP A 759 -55.98 22.45 33.71
N THR A 760 -56.30 22.14 34.98
CA THR A 760 -57.25 21.09 35.31
C THR A 760 -58.57 21.71 35.73
N ASN A 761 -59.65 20.95 35.57
CA ASN A 761 -61.00 21.41 35.87
C ASN A 761 -61.33 21.29 37.37
N ASP A 762 -62.57 21.60 37.73
CA ASP A 762 -63.02 21.54 39.13
C ASP A 762 -62.76 20.15 39.72
N GLN A 763 -62.89 19.11 38.89
CA GLN A 763 -62.65 17.72 39.31
C GLN A 763 -61.17 17.44 39.55
N GLY A 764 -60.33 17.79 38.57
CA GLY A 764 -58.88 17.60 38.66
C GLY A 764 -58.38 16.78 37.48
N THR A 765 -58.68 17.24 36.28
CA THR A 765 -58.57 16.40 35.10
C THR A 765 -58.04 17.15 33.89
N LEU A 766 -56.84 16.81 33.46
CA LEU A 766 -56.29 17.40 32.26
C LEU A 766 -57.01 16.83 31.02
N THR A 767 -57.82 17.68 30.39
CA THR A 767 -58.55 17.31 29.20
C THR A 767 -57.75 17.71 27.96
N PHE A 768 -57.42 16.74 27.10
CA PHE A 768 -56.69 17.01 25.86
C PHE A 768 -57.60 16.69 24.70
N SER A 769 -57.09 16.83 23.48
CA SER A 769 -57.86 16.50 22.26
C SER A 769 -56.96 16.61 21.04
N ASN A 770 -57.55 16.50 19.84
CA ASN A 770 -56.83 16.69 18.57
C ASN A 770 -56.54 18.16 18.21
N GLN A 771 -57.16 19.09 18.94
CA GLN A 771 -56.85 20.52 18.81
C GLN A 771 -55.78 20.91 19.86
N GLU A 772 -55.13 22.06 19.65
CA GLU A 772 -54.10 22.56 20.58
C GLU A 772 -54.73 23.04 21.88
N ILE A 773 -53.95 23.10 22.95
CA ILE A 773 -54.41 23.72 24.19
C ILE A 773 -54.05 25.19 24.19
N ASN A 774 -55.07 26.03 24.05
CA ASN A 774 -54.87 27.47 24.02
C ASN A 774 -53.86 27.87 22.94
N GLY A 775 -53.97 27.24 21.79
CA GLY A 775 -53.13 27.59 20.65
C GLY A 775 -51.66 27.31 20.83
N GLN A 776 -51.33 26.38 21.72
CA GLN A 776 -49.94 26.00 21.97
C GLN A 776 -49.56 24.81 21.09
N ASP A 777 -48.77 25.04 20.05
CA ASP A 777 -48.41 23.95 19.13
C ASP A 777 -47.63 22.84 19.83
N ASN A 778 -47.85 21.61 19.36
CA ASN A 778 -47.29 20.38 19.94
C ASN A 778 -47.88 19.92 21.29
N THR A 779 -48.98 20.54 21.72
CA THR A 779 -49.70 20.09 22.92
C THR A 779 -50.85 19.18 22.56
N GLN A 780 -51.22 19.14 21.28
CA GLN A 780 -52.36 18.31 20.84
C GLN A 780 -51.96 16.83 20.76
N ILE A 781 -52.95 15.95 20.89
CA ILE A 781 -52.73 14.53 20.82
C ILE A 781 -52.97 14.02 19.39
N ARG A 782 -51.95 13.36 18.83
CA ARG A 782 -52.06 12.76 17.51
C ARG A 782 -50.93 11.79 17.22
N GLY A 783 -51.13 10.97 16.19
CA GLY A 783 -50.14 10.00 15.79
C GLY A 783 -48.97 10.72 15.14
N VAL A 784 -47.77 10.16 15.34
CA VAL A 784 -46.55 10.73 14.79
C VAL A 784 -45.52 9.65 14.57
N ALA A 785 -44.79 9.75 13.47
CA ALA A 785 -43.72 8.81 13.19
C ALA A 785 -42.44 9.59 13.10
N ASN A 786 -41.54 9.40 14.06
CA ASN A 786 -40.25 10.09 14.05
C ASN A 786 -39.23 9.32 14.89
N PRO A 787 -37.95 9.64 14.75
CA PRO A 787 -36.95 8.81 15.37
C PRO A 787 -37.22 8.51 16.82
N GLN A 788 -37.61 9.53 17.58
CA GLN A 788 -37.73 9.39 19.02
C GLN A 788 -39.09 8.92 19.51
N VAL A 789 -40.05 8.76 18.61
CA VAL A 789 -41.33 8.18 18.98
C VAL A 789 -42.18 7.81 17.77
N SER A 790 -42.66 6.56 17.75
CA SER A 790 -43.61 6.08 16.75
C SER A 790 -44.96 5.79 17.40
N GLY A 791 -45.60 6.86 17.85
CA GLY A 791 -46.95 6.81 18.42
C GLY A 791 -47.35 8.15 19.03
N TYR A 792 -47.23 8.26 20.35
CA TYR A 792 -47.38 9.54 21.06
C TYR A 792 -46.77 9.43 22.45
N LEU A 793 -46.15 10.52 22.89
CA LEU A 793 -45.53 10.58 24.21
C LEU A 793 -45.64 12.01 24.73
N ALA A 794 -46.36 12.19 25.83
CA ALA A 794 -46.46 13.49 26.51
C ALA A 794 -46.41 13.32 28.04
N VAL A 795 -45.52 14.06 28.69
CA VAL A 795 -45.43 14.02 30.14
C VAL A 795 -45.72 15.42 30.65
N TRP A 796 -46.48 15.47 31.75
CA TRP A 796 -46.99 16.71 32.35
C TRP A 796 -46.78 16.71 33.83
N VAL A 797 -46.29 17.82 34.37
CA VAL A 797 -46.14 17.99 35.83
C VAL A 797 -46.81 19.29 36.24
N PRO A 798 -47.10 19.43 37.54
CA PRO A 798 -47.72 20.65 38.02
C PRO A 798 -46.74 21.82 38.01
N VAL A 799 -47.26 22.99 37.66
CA VAL A 799 -46.44 24.20 37.64
C VAL A 799 -46.15 24.66 39.08
N GLY A 800 -45.02 25.35 39.25
CA GLY A 800 -44.71 25.98 40.52
C GLY A 800 -43.84 25.16 41.44
N ALA A 801 -43.02 24.30 40.85
CA ALA A 801 -42.07 23.52 41.62
C ALA A 801 -41.01 24.45 42.23
N SER A 802 -40.46 24.07 43.38
CA SER A 802 -39.34 24.80 43.98
C SER A 802 -38.07 24.51 43.19
N ASP A 803 -37.07 25.38 43.36
CA ASP A 803 -35.75 25.17 42.73
C ASP A 803 -35.07 23.93 43.32
N ASN A 804 -35.34 23.65 44.59
CA ASN A 804 -34.72 22.50 45.27
C ASN A 804 -35.74 21.56 45.89
N GLN A 805 -36.78 21.25 45.13
CA GLN A 805 -37.79 20.29 45.58
C GLN A 805 -37.23 18.88 45.45
N ASP A 806 -37.71 17.98 46.30
CA ASP A 806 -37.37 16.54 46.20
C ASP A 806 -38.58 15.66 46.57
N ALA A 807 -39.00 14.84 45.61
CA ALA A 807 -40.16 13.93 45.75
C ALA A 807 -39.79 12.58 46.34
N ARG A 808 -38.53 12.44 46.73
CA ARG A 808 -38.01 11.20 47.26
C ARG A 808 -38.18 11.07 48.80
N THR A 809 -38.59 9.89 49.24
CA THR A 809 -38.82 9.58 50.65
C THR A 809 -37.56 8.98 51.26
N ALA A 810 -37.11 9.54 52.39
CA ALA A 810 -35.89 9.10 53.05
C ALA A 810 -36.14 7.83 53.87
N ALA A 811 -35.27 6.84 53.70
CA ALA A 811 -35.46 5.53 54.31
C ALA A 811 -35.33 5.59 55.83
N THR A 812 -36.29 4.99 56.53
CA THR A 812 -36.33 5.04 58.01
C THR A 812 -35.20 4.20 58.61
N THR A 813 -34.74 4.59 59.81
CA THR A 813 -33.81 3.75 60.59
C THR A 813 -34.58 2.65 61.38
N THR A 814 -35.92 2.79 61.40
CA THR A 814 -36.89 1.77 61.83
C THR A 814 -36.44 0.31 61.76
N GLU A 815 -36.56 -0.37 62.91
CA GLU A 815 -36.23 -1.79 63.04
C GLU A 815 -37.18 -2.68 62.22
N ASN A 816 -36.63 -3.74 61.60
CA ASN A 816 -37.41 -4.76 60.89
C ASN A 816 -37.32 -6.13 61.57
N HIS A 817 -38.48 -6.70 61.87
CA HIS A 817 -38.59 -8.02 62.50
C HIS A 817 -39.08 -9.11 61.57
N ASP A 818 -39.59 -8.73 60.39
CA ASP A 818 -40.16 -9.72 59.46
C ASP A 818 -39.13 -10.50 58.64
N GLY A 819 -37.83 -10.22 58.83
CA GLY A 819 -36.79 -11.05 58.21
C GLY A 819 -36.61 -10.85 56.71
N LYS A 820 -37.42 -9.97 56.13
CA LYS A 820 -37.15 -9.47 54.81
C LYS A 820 -36.04 -8.38 54.90
N VAL A 821 -35.25 -8.27 53.83
CA VAL A 821 -34.23 -7.23 53.70
C VAL A 821 -34.81 -6.02 52.95
N LEU A 822 -35.04 -6.20 51.65
CA LEU A 822 -35.58 -5.16 50.77
C LEU A 822 -37.10 -5.16 50.78
N HIS A 823 -37.71 -3.99 50.79
CA HIS A 823 -39.16 -3.84 50.77
C HIS A 823 -39.48 -2.86 49.71
N SER A 824 -40.64 -2.98 49.08
CA SER A 824 -41.01 -2.04 48.02
C SER A 824 -41.84 -0.90 48.61
N ASN A 825 -41.20 0.24 48.80
CA ASN A 825 -41.86 1.42 49.35
C ASN A 825 -41.34 2.72 48.73
N ALA A 826 -41.89 3.86 49.14
CA ALA A 826 -41.43 5.15 48.64
C ALA A 826 -39.91 5.24 48.69
N ALA A 827 -39.34 4.75 49.79
CA ALA A 827 -37.88 4.81 50.07
C ALA A 827 -37.02 4.09 49.04
N LEU A 828 -37.50 2.94 48.58
CA LEU A 828 -36.78 2.14 47.60
C LEU A 828 -37.01 2.70 46.19
N ASP A 829 -38.24 3.13 45.92
CA ASP A 829 -38.61 3.74 44.63
C ASP A 829 -37.90 5.07 44.42
N SER A 830 -37.43 5.66 45.50
CA SER A 830 -36.58 6.84 45.42
C SER A 830 -35.21 6.53 44.80
N ASN A 831 -34.79 5.26 44.84
CA ASN A 831 -33.48 4.88 44.28
C ASN A 831 -33.51 4.72 42.75
N LEU A 832 -32.36 4.90 42.15
CA LEU A 832 -32.23 4.87 40.71
C LEU A 832 -30.83 4.34 40.38
N ILE A 833 -30.80 3.17 39.75
CA ILE A 833 -29.55 2.49 39.41
C ILE A 833 -29.05 2.99 38.06
N TYR A 834 -27.75 2.82 37.81
CA TYR A 834 -27.16 3.23 36.56
C TYR A 834 -26.14 2.21 36.10
N GLU A 835 -26.42 1.57 34.97
CA GLU A 835 -25.55 0.56 34.36
C GLU A 835 -24.62 1.36 33.51
N GLY A 836 -23.46 1.68 34.05
CA GLY A 836 -22.53 2.61 33.41
C GLY A 836 -21.44 1.97 32.59
N PHE A 837 -21.83 1.17 31.61
CA PHE A 837 -20.89 0.65 30.65
C PHE A 837 -21.57 0.08 29.41
N SER A 838 -20.77 -0.28 28.42
CA SER A 838 -21.27 -1.05 27.31
C SER A 838 -20.31 -2.16 26.93
N ASN A 839 -20.80 -3.07 26.08
CA ASN A 839 -19.96 -4.12 25.54
C ASN A 839 -19.16 -3.56 24.37
N PHE A 840 -19.78 -2.69 23.59
CA PHE A 840 -19.17 -2.22 22.35
C PHE A 840 -18.50 -0.83 22.46
N GLN A 841 -17.94 -0.51 23.62
CA GLN A 841 -17.09 0.67 23.73
C GLN A 841 -15.82 0.38 22.91
N PRO A 842 -15.21 1.42 22.28
CA PRO A 842 -13.85 1.27 21.75
C PRO A 842 -12.80 1.41 22.86
N LYS A 843 -11.60 0.91 22.61
CA LYS A 843 -10.52 1.03 23.59
C LYS A 843 -9.98 2.46 23.55
N ALA A 844 -9.77 3.06 24.70
CA ALA A 844 -9.29 4.41 24.76
C ALA A 844 -7.94 4.54 24.07
N THR A 845 -7.66 5.73 23.56
CA THR A 845 -6.38 6.06 22.98
C THR A 845 -5.47 6.81 23.96
N THR A 846 -6.02 7.43 25.01
CA THR A 846 -5.22 8.11 26.02
C THR A 846 -5.75 7.82 27.41
N HIS A 847 -5.04 8.32 28.43
CA HIS A 847 -5.44 8.18 29.84
C HIS A 847 -6.73 8.88 30.16
N ASP A 848 -6.97 10.05 29.55
CA ASP A 848 -8.21 10.80 29.78
C ASP A 848 -9.46 10.17 29.16
N GLU A 849 -9.27 9.42 28.06
CA GLU A 849 -10.38 8.78 27.35
C GLU A 849 -10.87 7.48 28.01
N LEU A 850 -10.13 6.99 29.01
CA LEU A 850 -10.53 5.79 29.77
C LEU A 850 -11.77 5.99 30.64
N THR A 851 -12.61 4.95 30.70
CA THR A 851 -13.95 5.03 31.27
C THR A 851 -13.96 5.39 32.76
N ASN A 852 -13.07 4.81 33.54
CA ASN A 852 -13.05 5.08 34.99
C ASN A 852 -12.51 6.44 35.40
N VAL A 853 -11.74 7.08 34.53
CA VAL A 853 -11.29 8.46 34.77
C VAL A 853 -12.49 9.40 34.48
N VAL A 854 -13.15 9.18 33.34
CA VAL A 854 -14.29 10.00 32.90
C VAL A 854 -15.40 10.01 33.96
N ILE A 855 -15.67 8.84 34.52
CA ILE A 855 -16.71 8.67 35.52
C ILE A 855 -16.36 9.53 36.75
N ALA A 856 -15.09 9.47 37.15
CA ALA A 856 -14.55 10.25 38.27
C ALA A 856 -14.67 11.74 38.04
N LYS A 857 -14.34 12.18 36.84
CA LYS A 857 -14.57 13.56 36.46
C LYS A 857 -16.07 13.85 36.62
N ASN A 858 -16.92 13.09 35.92
CA ASN A 858 -18.37 13.37 35.90
C ASN A 858 -19.16 12.70 37.03
N ALA A 859 -18.67 12.81 38.26
CA ALA A 859 -19.38 12.26 39.42
C ALA A 859 -20.66 13.08 39.72
N ASP A 860 -20.55 14.40 39.65
CA ASP A 860 -21.72 15.27 39.90
C ASP A 860 -22.79 15.19 38.81
N VAL A 861 -22.42 14.73 37.62
CA VAL A 861 -23.36 14.67 36.49
C VAL A 861 -24.42 13.60 36.69
N PHE A 862 -24.03 12.55 37.44
CA PHE A 862 -24.95 11.48 37.80
C PHE A 862 -25.77 11.90 39.02
N ASN A 863 -25.13 12.46 40.03
CA ASN A 863 -25.81 12.89 41.24
C ASN A 863 -26.91 13.94 40.98
N ASN A 864 -26.70 14.75 39.95
CA ASN A 864 -27.68 15.73 39.51
C ASN A 864 -28.95 15.05 38.94
N TRP A 865 -28.76 13.92 38.26
CA TRP A 865 -29.87 13.14 37.70
C TRP A 865 -30.58 12.33 38.70
N GLY A 866 -30.01 12.25 39.90
CA GLY A 866 -30.64 11.57 41.04
C GLY A 866 -30.36 10.08 41.09
N ILE A 867 -29.23 9.66 40.53
CA ILE A 867 -28.76 8.26 40.61
C ILE A 867 -28.29 7.95 42.01
N THR A 868 -28.74 6.84 42.58
CA THR A 868 -28.32 6.44 43.91
C THR A 868 -27.33 5.28 43.83
N SER A 869 -27.66 4.26 43.04
CA SER A 869 -26.74 3.16 42.78
C SER A 869 -26.07 3.31 41.43
N PHE A 870 -24.76 3.09 41.43
CA PHE A 870 -23.95 3.14 40.20
C PHE A 870 -23.31 1.77 39.92
N GLU A 871 -23.92 1.02 38.99
CA GLU A 871 -23.46 -0.34 38.65
C GLU A 871 -22.35 -0.27 37.62
N MET A 872 -21.13 -0.36 38.12
CA MET A 872 -19.94 -0.38 37.27
C MET A 872 -19.87 -1.68 36.49
N ALA A 873 -18.96 -1.72 35.52
CA ALA A 873 -18.67 -2.92 34.78
C ALA A 873 -17.71 -3.80 35.58
N PRO A 874 -17.83 -5.12 35.46
CA PRO A 874 -16.85 -5.94 36.17
C PRO A 874 -15.47 -5.46 35.84
N GLN A 875 -14.75 -5.02 36.85
CA GLN A 875 -13.47 -4.38 36.63
C GLN A 875 -12.30 -5.37 36.53
N TYR A 876 -12.53 -6.56 35.96
CA TYR A 876 -11.52 -7.63 36.02
C TYR A 876 -10.79 -7.71 34.70
N ARG A 877 -9.50 -8.05 34.74
CA ARG A 877 -8.70 -8.10 33.53
C ARG A 877 -9.26 -9.14 32.59
N SER A 878 -9.51 -8.75 31.36
CA SER A 878 -10.04 -9.68 30.36
C SER A 878 -8.98 -10.66 29.88
N SER A 879 -9.40 -11.88 29.54
CA SER A 879 -8.46 -12.89 29.08
C SER A 879 -8.00 -12.58 27.69
N GLY A 880 -8.80 -11.84 26.93
CA GLY A 880 -8.43 -11.47 25.58
C GLY A 880 -7.98 -12.68 24.80
N ASP A 881 -8.78 -13.74 24.85
CA ASP A 881 -8.52 -14.96 24.08
C ASP A 881 -9.47 -15.11 22.89
N HIS A 882 -10.33 -14.11 22.68
CA HIS A 882 -11.26 -14.13 21.55
C HIS A 882 -11.95 -15.46 21.37
N THR A 883 -12.29 -16.08 22.50
CA THR A 883 -13.08 -17.28 22.46
C THR A 883 -14.58 -16.90 22.33
N PHE A 884 -15.00 -15.90 23.10
CA PHE A 884 -16.40 -15.43 23.12
C PHE A 884 -16.46 -13.88 23.07
N LEU A 885 -17.61 -13.32 22.69
CA LEU A 885 -17.77 -11.87 22.67
C LEU A 885 -17.11 -11.21 23.88
N ASP A 886 -17.49 -11.64 25.09
CA ASP A 886 -16.98 -11.07 26.35
C ASP A 886 -15.43 -10.91 26.43
N SER A 887 -14.71 -11.82 25.77
CA SER A 887 -13.25 -11.79 25.72
C SER A 887 -12.74 -11.20 24.40
N THR A 888 -13.62 -10.99 23.41
CA THR A 888 -13.22 -10.28 22.20
C THR A 888 -13.13 -8.81 22.55
N ILE A 889 -14.26 -8.20 22.91
CA ILE A 889 -14.28 -6.76 23.21
C ILE A 889 -13.86 -6.39 24.65
N ASP A 890 -13.50 -7.39 25.46
CA ASP A 890 -12.88 -7.22 26.78
C ASP A 890 -13.66 -6.41 27.81
N ASN A 891 -14.96 -6.70 27.90
CA ASN A 891 -15.84 -6.00 28.84
C ASN A 891 -15.58 -6.33 30.32
N GLY A 892 -14.91 -7.44 30.60
CA GLY A 892 -14.56 -7.80 31.98
C GLY A 892 -15.24 -9.03 32.57
N TYR A 893 -16.22 -9.59 31.86
CA TYR A 893 -16.86 -10.85 32.25
C TYR A 893 -15.97 -12.05 31.85
N ALA A 894 -15.11 -11.84 30.86
CA ALA A 894 -14.19 -12.85 30.37
C ALA A 894 -12.81 -12.71 30.99
N PHE A 895 -12.56 -13.41 32.12
CA PHE A 895 -11.33 -13.23 32.91
C PHE A 895 -10.64 -14.53 33.43
N THR A 896 -9.31 -14.49 33.59
CA THR A 896 -8.55 -15.59 34.21
C THR A 896 -8.23 -15.36 35.70
N ASP A 897 -7.53 -14.26 35.98
CA ASP A 897 -7.27 -13.84 37.34
C ASP A 897 -8.43 -12.98 37.74
N ARG A 898 -9.24 -13.45 38.66
CA ARG A 898 -10.40 -12.71 39.08
C ARG A 898 -10.09 -11.72 40.18
N TYR A 899 -8.83 -11.71 40.66
CA TYR A 899 -8.41 -10.72 41.68
C TYR A 899 -7.65 -9.53 41.08
N ASP A 900 -7.30 -9.62 39.80
CA ASP A 900 -6.64 -8.54 39.05
C ASP A 900 -7.64 -7.53 38.43
N LEU A 901 -7.75 -6.37 39.08
CA LEU A 901 -8.65 -5.30 38.64
C LEU A 901 -7.90 -4.13 37.99
N GLY A 902 -6.85 -4.44 37.21
CA GLY A 902 -6.09 -3.40 36.49
C GLY A 902 -4.75 -3.00 37.11
N PHE A 903 -4.09 -3.95 37.76
CA PHE A 903 -2.81 -3.65 38.38
C PHE A 903 -1.77 -3.55 37.26
N ASN A 904 -0.76 -2.71 37.45
CA ASN A 904 0.28 -2.50 36.45
C ASN A 904 -0.29 -2.01 35.14
N THR A 905 -0.69 -2.94 34.29
CA THR A 905 -1.29 -2.61 33.00
C THR A 905 -2.81 -2.41 33.19
N PRO A 906 -3.41 -1.49 32.43
CA PRO A 906 -4.81 -1.15 32.66
C PRO A 906 -5.76 -2.20 32.12
N THR A 907 -6.95 -2.28 32.71
CA THR A 907 -8.05 -3.03 32.09
C THR A 907 -8.70 -2.08 31.09
N LYS A 908 -9.71 -2.55 30.36
CA LYS A 908 -10.38 -1.71 29.37
C LYS A 908 -10.83 -0.40 30.03
N TYR A 909 -11.28 -0.51 31.28
CA TYR A 909 -11.90 0.61 31.99
C TYR A 909 -10.88 1.48 32.66
N GLY A 910 -9.91 0.86 33.33
CA GLY A 910 -8.83 1.61 33.95
C GLY A 910 -7.87 0.75 34.75
N THR A 911 -6.97 1.40 35.46
CA THR A 911 -6.07 0.71 36.38
C THR A 911 -6.68 0.68 37.80
N ASP A 912 -5.95 0.07 38.73
CA ASP A 912 -6.41 -0.06 40.11
C ASP A 912 -6.35 1.29 40.83
N GLY A 913 -5.47 2.17 40.35
CA GLY A 913 -5.43 3.54 40.84
C GLY A 913 -6.64 4.33 40.36
N ASP A 914 -7.03 4.12 39.10
CA ASP A 914 -8.16 4.83 38.46
C ASP A 914 -9.52 4.39 39.00
N LEU A 915 -9.59 3.13 39.42
CA LEU A 915 -10.80 2.56 39.99
C LEU A 915 -11.04 3.18 41.38
N ARG A 916 -10.02 3.19 42.23
CA ARG A 916 -10.13 3.81 43.55
C ARG A 916 -10.46 5.32 43.48
N ALA A 917 -9.91 5.98 42.47
CA ALA A 917 -10.26 7.39 42.16
C ALA A 917 -11.73 7.53 41.75
N THR A 918 -12.25 6.55 41.02
CA THR A 918 -13.65 6.56 40.60
C THR A 918 -14.52 6.30 41.83
N ILE A 919 -14.28 5.19 42.52
CA ILE A 919 -15.11 4.81 43.65
C ILE A 919 -15.28 5.97 44.65
N GLN A 920 -14.19 6.65 44.99
CA GLN A 920 -14.23 7.79 45.90
C GLN A 920 -15.01 8.97 45.32
N ALA A 921 -14.96 9.13 44.01
CA ALA A 921 -15.65 10.21 43.32
C ALA A 921 -17.16 10.04 43.40
N LEU A 922 -17.60 8.79 43.44
CA LEU A 922 -19.01 8.48 43.54
C LEU A 922 -19.47 8.66 45.00
N HIS A 923 -18.72 8.11 45.95
CA HIS A 923 -19.00 8.32 47.38
C HIS A 923 -19.08 9.78 47.75
N HIS A 924 -18.19 10.59 47.18
CA HIS A 924 -18.20 12.05 47.38
C HIS A 924 -19.35 12.70 46.69
N ALA A 925 -19.94 12.05 45.69
CA ALA A 925 -21.14 12.56 45.04
C ALA A 925 -22.37 11.79 45.51
N ASN A 926 -22.31 11.33 46.76
CA ASN A 926 -23.41 10.60 47.41
C ASN A 926 -24.09 9.53 46.54
N MET A 927 -23.33 8.53 46.15
CA MET A 927 -23.87 7.37 45.50
C MET A 927 -23.30 6.11 46.18
N GLN A 928 -23.94 4.97 45.95
CA GLN A 928 -23.33 3.68 46.27
C GLN A 928 -22.85 3.01 44.97
N VAL A 929 -21.81 2.19 45.11
CA VAL A 929 -21.15 1.58 43.96
C VAL A 929 -21.31 0.08 44.03
N MET A 930 -21.61 -0.53 42.88
CA MET A 930 -21.94 -1.96 42.81
C MET A 930 -20.78 -2.75 42.22
N ALA A 931 -20.42 -3.83 42.91
CA ALA A 931 -19.36 -4.74 42.46
C ALA A 931 -20.00 -5.94 41.76
N ASP A 932 -19.80 -6.03 40.45
CA ASP A 932 -20.43 -7.06 39.64
C ASP A 932 -19.70 -8.40 39.82
N VAL A 933 -20.33 -9.36 40.50
CA VAL A 933 -19.66 -10.61 40.90
C VAL A 933 -19.94 -11.80 39.98
N VAL A 934 -18.89 -12.32 39.36
CA VAL A 934 -19.02 -13.47 38.44
C VAL A 934 -18.43 -14.73 39.08
N ASP A 935 -19.27 -15.48 39.80
CA ASP A 935 -18.83 -16.72 40.43
C ASP A 935 -18.94 -17.93 39.50
N ASN A 936 -19.62 -17.79 38.36
CA ASN A 936 -19.95 -18.93 37.47
C ASN A 936 -18.71 -19.53 36.85
N GLN A 937 -18.05 -18.78 35.96
CA GLN A 937 -16.99 -19.37 35.14
C GLN A 937 -15.67 -18.62 35.24
N VAL A 938 -14.65 -19.20 34.62
CA VAL A 938 -13.32 -18.57 34.48
C VAL A 938 -12.69 -18.96 33.15
N TYR A 939 -12.13 -17.97 32.47
CA TYR A 939 -11.61 -18.14 31.11
C TYR A 939 -10.10 -18.39 31.10
N ASN A 940 -9.64 -18.96 29.98
CA ASN A 940 -8.22 -19.11 29.65
C ASN A 940 -7.28 -19.48 30.77
N LEU A 941 -7.34 -20.74 31.19
CA LEU A 941 -6.39 -21.29 32.17
C LEU A 941 -5.39 -22.18 31.43
N PRO A 942 -4.12 -21.75 31.37
CA PRO A 942 -3.14 -22.35 30.45
C PRO A 942 -2.78 -23.80 30.77
N GLY A 943 -2.69 -24.12 32.07
CA GLY A 943 -2.20 -25.41 32.55
C GLY A 943 -3.19 -26.54 32.35
N LYS A 944 -2.66 -27.73 32.06
CA LYS A 944 -3.48 -28.86 31.57
C LYS A 944 -3.59 -30.02 32.57
N GLU A 945 -4.75 -30.69 32.55
CA GLU A 945 -5.03 -31.80 33.45
C GLU A 945 -5.92 -32.78 32.73
N VAL A 946 -5.88 -34.05 33.16
CA VAL A 946 -6.75 -35.07 32.58
C VAL A 946 -7.90 -35.42 33.53
N VAL A 947 -9.12 -35.45 32.98
CA VAL A 947 -10.38 -35.71 33.73
C VAL A 947 -11.35 -36.43 32.83
N SER A 948 -12.25 -37.22 33.42
CA SER A 948 -13.34 -37.86 32.65
C SER A 948 -14.43 -36.85 32.28
N ALA A 949 -14.64 -36.63 30.98
CA ALA A 949 -15.63 -35.65 30.54
C ALA A 949 -16.71 -36.30 29.70
N THR A 950 -17.94 -35.83 29.86
CA THR A 950 -19.07 -36.29 29.05
C THR A 950 -19.85 -35.10 28.52
N ARG A 951 -20.39 -35.23 27.32
CA ARG A 951 -21.08 -34.12 26.68
C ARG A 951 -22.31 -33.72 27.50
N ALA A 952 -22.56 -32.41 27.58
CA ALA A 952 -23.67 -31.89 28.37
C ALA A 952 -24.26 -30.59 27.80
N GLY A 953 -25.40 -30.18 28.36
CA GLY A 953 -26.10 -28.98 27.92
C GLY A 953 -26.14 -27.99 29.05
N VAL A 954 -26.75 -26.83 28.84
CA VAL A 954 -26.73 -25.81 29.89
C VAL A 954 -27.26 -26.36 31.20
N TYR A 955 -28.30 -27.19 31.11
CA TYR A 955 -29.04 -27.69 32.28
C TYR A 955 -28.25 -28.75 33.04
N GLY A 956 -26.96 -28.89 32.77
CA GLY A 956 -26.15 -29.87 33.47
C GLY A 956 -26.63 -31.30 33.23
N ASN A 957 -26.93 -31.61 31.98
CA ASN A 957 -27.52 -32.89 31.64
C ASN A 957 -26.64 -33.61 30.65
N ASP A 958 -26.58 -34.93 30.76
CA ASP A 958 -25.75 -35.75 29.89
C ASP A 958 -26.38 -35.84 28.51
N ASP A 959 -25.58 -35.63 27.46
CA ASP A 959 -26.05 -35.68 26.08
C ASP A 959 -25.70 -37.01 25.42
N ALA A 960 -26.65 -37.55 24.67
CA ALA A 960 -26.49 -38.86 24.02
C ALA A 960 -25.61 -38.77 22.79
N THR A 961 -24.29 -38.73 23.00
CA THR A 961 -23.36 -38.56 21.88
C THR A 961 -22.31 -39.65 21.79
N GLY A 962 -21.83 -39.83 20.56
CA GLY A 962 -20.81 -40.83 20.23
C GLY A 962 -19.45 -40.55 20.80
N PHE A 963 -19.31 -39.37 21.40
CA PHE A 963 -18.17 -39.06 22.21
C PHE A 963 -18.17 -39.97 23.44
N GLY A 964 -19.37 -40.16 24.02
CA GLY A 964 -19.54 -41.02 25.19
C GLY A 964 -18.97 -40.38 26.44
N THR A 965 -18.26 -41.17 27.25
CA THR A 965 -17.50 -40.67 28.39
C THR A 965 -16.02 -41.02 28.22
N GLN A 966 -15.19 -39.98 28.06
CA GLN A 966 -13.76 -40.14 27.84
C GLN A 966 -12.89 -39.38 28.86
N LEU A 967 -11.61 -39.70 28.90
CA LEU A 967 -10.64 -38.92 29.66
C LEU A 967 -10.09 -37.89 28.68
N TYR A 968 -10.14 -36.63 29.09
CA TYR A 968 -9.93 -35.50 28.19
C TYR A 968 -8.89 -34.63 28.86
N VAL A 969 -7.96 -34.09 28.10
CA VAL A 969 -7.01 -33.08 28.61
C VAL A 969 -7.66 -31.68 28.62
N THR A 970 -8.11 -31.24 29.80
CA THR A 970 -8.78 -29.94 29.95
C THR A 970 -7.88 -28.83 30.46
N ASN A 971 -8.16 -27.62 29.97
CA ASN A 971 -7.36 -26.44 30.29
C ASN A 971 -7.78 -25.81 31.63
N SER A 972 -7.52 -26.55 32.71
CA SER A 972 -8.15 -26.28 34.03
C SER A 972 -7.23 -25.70 35.10
N VAL A 973 -5.92 -25.92 35.00
CA VAL A 973 -4.96 -25.40 35.97
C VAL A 973 -4.49 -24.01 35.59
N GLY A 974 -4.56 -23.09 36.54
CA GLY A 974 -4.13 -21.70 36.30
C GLY A 974 -4.64 -20.70 37.34
N GLY A 975 -4.50 -19.41 37.03
CA GLY A 975 -5.01 -18.35 37.90
C GLY A 975 -4.47 -16.99 37.50
N GLY A 976 -3.42 -16.57 38.21
CA GLY A 976 -2.75 -15.29 37.97
C GLY A 976 -1.93 -14.86 39.17
N GLN A 977 -1.17 -13.79 39.03
CA GLN A 977 -0.31 -13.33 40.12
C GLN A 977 -1.08 -12.90 41.37
N TYR A 978 -2.25 -12.29 41.15
CA TYR A 978 -2.98 -11.66 42.23
C TYR A 978 -3.96 -12.63 42.88
N GLN A 979 -4.24 -13.75 42.21
CA GLN A 979 -5.01 -14.78 42.88
C GLN A 979 -4.08 -15.47 43.87
N GLU A 980 -2.86 -15.78 43.45
CA GLU A 980 -1.87 -16.34 44.36
C GLU A 980 -1.83 -15.49 45.63
N LYS A 981 -1.66 -14.18 45.42
CA LYS A 981 -1.48 -13.23 46.52
C LYS A 981 -2.68 -13.22 47.46
N TYR A 982 -3.86 -12.91 46.91
CA TYR A 982 -5.04 -12.61 47.72
C TYR A 982 -5.95 -13.80 48.06
N ALA A 983 -6.18 -14.69 47.08
CA ALA A 983 -7.10 -15.82 47.28
C ALA A 983 -6.89 -16.48 48.62
N GLY A 984 -8.00 -16.72 49.31
CA GLY A 984 -8.00 -17.46 50.55
C GLY A 984 -7.46 -16.75 51.77
N GLN A 985 -6.82 -15.60 51.59
CA GLN A 985 -6.03 -15.04 52.68
C GLN A 985 -6.88 -14.53 53.86
N TYR A 986 -8.03 -13.93 53.54
CA TYR A 986 -8.91 -13.32 54.57
C TYR A 986 -9.95 -14.28 55.17
N LEU A 987 -9.73 -15.59 55.03
CA LEU A 987 -10.73 -16.56 55.48
C LEU A 987 -10.66 -16.77 56.98
N GLU A 988 -9.44 -16.93 57.51
CA GLU A 988 -9.26 -17.13 58.97
C GLU A 988 -9.71 -15.89 59.75
N ALA A 989 -9.41 -14.72 59.19
CA ALA A 989 -9.99 -13.48 59.66
C ALA A 989 -11.50 -13.66 59.76
N LEU A 990 -12.14 -13.87 58.61
CA LEU A 990 -13.60 -13.92 58.52
C LEU A 990 -14.24 -14.90 59.49
N LYS A 991 -13.65 -16.08 59.67
CA LYS A 991 -14.25 -17.12 60.52
C LYS A 991 -14.25 -16.67 62.00
N ALA A 992 -13.19 -15.95 62.39
CA ALA A 992 -13.13 -15.30 63.70
C ALA A 992 -14.35 -14.40 63.87
N LYS A 993 -14.40 -13.35 63.04
CA LYS A 993 -15.43 -12.33 63.14
C LYS A 993 -16.83 -12.93 63.02
N TYR A 994 -17.12 -13.60 61.91
CA TYR A 994 -18.46 -14.09 61.60
C TYR A 994 -18.48 -15.61 61.42
N PRO A 995 -18.33 -16.37 62.51
CA PRO A 995 -18.23 -17.83 62.46
C PRO A 995 -19.49 -18.56 61.92
N ASP A 996 -20.61 -17.85 61.87
CA ASP A 996 -21.86 -18.41 61.38
C ASP A 996 -21.85 -18.60 59.87
N LEU A 997 -21.00 -17.86 59.16
CA LEU A 997 -20.87 -18.03 57.70
C LEU A 997 -20.30 -19.40 57.34
N PHE A 998 -19.44 -19.92 58.22
CA PHE A 998 -18.65 -21.14 57.95
C PHE A 998 -19.28 -22.44 58.41
N GLU A 999 -20.29 -22.34 59.27
CA GLU A 999 -21.04 -23.50 59.75
C GLU A 999 -22.06 -23.92 58.71
N GLY A 1000 -22.64 -25.12 58.90
CA GLY A 1000 -23.76 -25.56 58.10
C GLY A 1000 -25.00 -24.76 58.46
N LYS A 1001 -26.01 -24.80 57.58
CA LYS A 1001 -27.26 -24.07 57.81
C LYS A 1001 -28.43 -24.56 56.93
N ALA A 1002 -29.60 -24.70 57.55
CA ALA A 1002 -30.85 -25.00 56.86
C ALA A 1002 -31.50 -23.73 56.31
N TYR A 1003 -32.06 -23.82 55.11
CA TYR A 1003 -32.74 -22.67 54.54
C TYR A 1003 -33.82 -23.03 53.54
N ASP A 1004 -34.72 -22.08 53.30
CA ASP A 1004 -35.79 -22.24 52.30
C ASP A 1004 -35.58 -21.32 51.10
N TYR A 1005 -36.12 -21.76 49.96
CA TYR A 1005 -36.06 -21.03 48.69
C TYR A 1005 -37.15 -21.49 47.72
N TRP A 1006 -37.63 -20.58 46.89
CA TRP A 1006 -38.68 -20.93 45.92
C TRP A 1006 -38.18 -21.74 44.76
N TYR A 1007 -39.08 -22.41 44.06
CA TYR A 1007 -38.69 -23.24 42.94
C TYR A 1007 -39.75 -23.15 41.84
N LYS A 1008 -39.35 -22.67 40.67
CA LYS A 1008 -40.29 -22.49 39.57
C LYS A 1008 -40.56 -23.86 38.94
N ASN A 1009 -41.84 -24.28 38.94
CA ASN A 1009 -42.28 -25.50 38.30
C ASN A 1009 -42.96 -25.13 37.01
N TYR A 1010 -42.56 -25.79 35.92
CA TYR A 1010 -43.18 -25.62 34.60
C TYR A 1010 -44.25 -26.66 34.40
N ALA A 1011 -45.50 -26.23 34.25
CA ALA A 1011 -46.63 -27.17 34.15
C ALA A 1011 -46.69 -27.81 32.76
N ASN A 1012 -46.78 -29.14 32.75
CA ASN A 1012 -46.73 -29.93 31.51
C ASN A 1012 -47.93 -29.69 30.59
N ASP A 1013 -49.08 -29.35 31.18
CA ASP A 1013 -50.34 -29.15 30.44
C ASP A 1013 -50.43 -27.81 29.69
N GLY A 1014 -49.30 -27.13 29.50
CA GLY A 1014 -49.25 -25.85 28.80
C GLY A 1014 -49.95 -24.72 29.52
N SER A 1015 -49.94 -24.76 30.85
CA SER A 1015 -50.54 -23.69 31.64
C SER A 1015 -49.40 -22.89 32.24
N ASN A 1016 -49.71 -22.00 33.18
CA ASN A 1016 -48.70 -21.18 33.80
C ASN A 1016 -47.86 -21.94 34.81
N PRO A 1017 -46.58 -21.55 34.94
CA PRO A 1017 -45.69 -22.08 35.97
C PRO A 1017 -46.16 -21.71 37.36
N TYR A 1018 -45.64 -22.40 38.36
CA TYR A 1018 -46.00 -22.12 39.73
C TYR A 1018 -44.83 -22.42 40.69
N TYR A 1019 -44.70 -21.60 41.72
CA TYR A 1019 -43.59 -21.66 42.66
C TYR A 1019 -43.97 -22.51 43.87
N THR A 1020 -43.01 -23.29 44.34
CA THR A 1020 -43.21 -24.11 45.52
C THR A 1020 -42.00 -23.99 46.45
N LEU A 1021 -42.28 -23.90 47.75
CA LEU A 1021 -41.22 -23.77 48.75
C LEU A 1021 -40.37 -25.05 48.79
N SER A 1022 -39.08 -24.90 48.47
CA SER A 1022 -38.10 -25.96 48.58
C SER A 1022 -37.22 -25.73 49.81
N HIS A 1023 -36.52 -26.78 50.24
CA HIS A 1023 -35.69 -26.72 51.46
C HIS A 1023 -34.26 -27.05 51.14
N GLY A 1024 -33.34 -26.37 51.81
CA GLY A 1024 -31.90 -26.55 51.53
C GLY A 1024 -31.04 -26.69 52.76
N ASP A 1025 -29.87 -27.28 52.60
CA ASP A 1025 -28.91 -27.40 53.68
C ASP A 1025 -27.51 -27.27 53.09
N ARG A 1026 -26.88 -26.14 53.38
CA ARG A 1026 -25.51 -25.90 52.97
C ARG A 1026 -24.57 -26.56 53.99
N GLU A 1027 -23.49 -27.17 53.53
CA GLU A 1027 -22.52 -27.79 54.44
C GLU A 1027 -21.75 -26.70 55.15
N SER A 1028 -20.84 -27.13 56.02
CA SER A 1028 -19.88 -26.18 56.59
C SER A 1028 -18.76 -26.04 55.59
N ILE A 1029 -17.93 -25.03 55.78
CA ILE A 1029 -16.86 -24.76 54.86
C ILE A 1029 -15.58 -24.57 55.64
N PRO A 1030 -14.43 -24.83 54.99
CA PRO A 1030 -13.15 -24.71 55.64
C PRO A 1030 -12.55 -23.33 55.47
N ALA A 1031 -11.71 -22.95 56.43
CA ALA A 1031 -10.95 -21.70 56.40
C ALA A 1031 -9.51 -21.94 55.89
N ASP A 1032 -8.91 -23.03 56.34
CA ASP A 1032 -7.48 -23.31 56.09
C ASP A 1032 -7.18 -23.52 54.62
N VAL A 1033 -8.05 -24.23 53.90
CA VAL A 1033 -7.78 -24.56 52.50
C VAL A 1033 -7.97 -23.36 51.60
N ALA A 1034 -6.99 -23.07 50.75
CA ALA A 1034 -7.04 -21.88 49.90
C ALA A 1034 -6.84 -22.17 48.41
N ILE A 1035 -7.74 -21.67 47.56
CA ILE A 1035 -7.55 -21.84 46.12
C ILE A 1035 -6.56 -20.79 45.61
N LYS A 1036 -5.28 -21.11 45.69
CA LYS A 1036 -4.24 -20.22 45.17
C LYS A 1036 -4.31 -20.15 43.66
N GLN A 1037 -4.56 -21.28 43.04
CA GLN A 1037 -4.84 -21.35 41.62
C GLN A 1037 -5.97 -22.35 41.40
N TRP A 1038 -6.56 -22.30 40.21
CA TRP A 1038 -7.63 -23.22 39.85
C TRP A 1038 -7.06 -24.52 39.37
N SER A 1039 -7.95 -25.51 39.26
CA SER A 1039 -7.65 -26.85 38.77
C SER A 1039 -8.95 -27.58 38.41
N ALA A 1040 -8.84 -28.82 37.94
CA ALA A 1040 -10.01 -29.59 37.50
C ALA A 1040 -10.96 -29.81 38.65
N LYS A 1041 -10.39 -30.17 39.80
CA LYS A 1041 -11.17 -30.60 40.97
C LYS A 1041 -12.01 -29.52 41.59
N TYR A 1042 -11.82 -28.28 41.18
CA TYR A 1042 -12.69 -27.23 41.65
C TYR A 1042 -13.65 -26.75 40.58
N MET A 1043 -13.67 -27.42 39.41
CA MET A 1043 -14.61 -27.09 38.31
C MET A 1043 -15.67 -28.16 38.04
N ASN A 1044 -16.86 -27.73 37.61
CA ASN A 1044 -17.94 -28.64 37.16
C ASN A 1044 -17.70 -29.17 35.73
N GLY A 1045 -16.98 -28.39 34.92
CA GLY A 1045 -16.68 -28.78 33.54
C GLY A 1045 -16.06 -27.69 32.69
N THR A 1046 -16.11 -27.87 31.37
CA THR A 1046 -15.46 -26.98 30.39
C THR A 1046 -16.10 -27.03 29.00
N ASN A 1047 -16.12 -25.90 28.31
CA ASN A 1047 -16.56 -25.90 26.92
C ASN A 1047 -15.74 -26.89 26.11
N VAL A 1048 -16.39 -27.45 25.09
CA VAL A 1048 -15.74 -28.36 24.16
C VAL A 1048 -14.50 -27.69 23.60
N LEU A 1049 -13.35 -28.29 23.84
CA LEU A 1049 -12.06 -27.72 23.42
C LEU A 1049 -11.65 -28.15 22.01
N GLY A 1050 -12.26 -29.22 21.50
CA GLY A 1050 -11.97 -29.71 20.15
C GLY A 1050 -10.72 -30.57 20.07
N ASN A 1051 -10.25 -31.09 21.19
CA ASN A 1051 -9.08 -31.97 21.20
C ASN A 1051 -9.35 -33.26 20.45
N GLY A 1052 -10.48 -33.86 20.78
CA GLY A 1052 -10.89 -35.12 20.18
C GLY A 1052 -11.23 -36.18 21.21
N MET A 1053 -12.09 -37.08 20.81
CA MET A 1053 -12.52 -38.24 21.61
C MET A 1053 -11.30 -39.04 22.10
N GLY A 1054 -10.34 -39.27 21.19
CA GLY A 1054 -9.21 -40.15 21.47
C GLY A 1054 -7.91 -39.46 21.81
N TYR A 1055 -8.03 -38.24 22.34
CA TYR A 1055 -6.85 -37.42 22.57
C TYR A 1055 -5.97 -38.04 23.65
N VAL A 1056 -6.57 -38.38 24.79
CA VAL A 1056 -5.87 -39.24 25.74
C VAL A 1056 -5.92 -40.64 25.14
N LEU A 1057 -4.75 -41.22 24.87
CA LEU A 1057 -4.69 -42.45 24.09
C LEU A 1057 -5.07 -43.63 24.94
N LYS A 1058 -5.67 -44.62 24.27
CA LYS A 1058 -6.13 -45.85 24.91
C LYS A 1058 -6.24 -47.05 23.94
N ASP A 1059 -6.17 -48.28 24.47
CA ASP A 1059 -6.33 -49.45 23.64
C ASP A 1059 -7.79 -49.63 23.34
N TRP A 1060 -8.19 -49.14 22.18
CA TRP A 1060 -9.61 -49.15 21.75
C TRP A 1060 -10.25 -50.51 21.55
N HIS A 1061 -9.45 -51.57 21.61
CA HIS A 1061 -9.99 -52.91 21.52
C HIS A 1061 -10.75 -53.21 22.75
N ASN A 1062 -10.16 -52.87 23.90
CA ASN A 1062 -10.76 -53.12 25.19
C ASN A 1062 -10.97 -51.87 26.03
N GLY A 1063 -10.57 -50.71 25.53
CA GLY A 1063 -10.79 -49.46 26.27
C GLY A 1063 -9.95 -49.26 27.53
N GLN A 1064 -8.75 -49.83 27.53
CA GLN A 1064 -7.79 -49.67 28.62
C GLN A 1064 -6.96 -48.42 28.36
N TYR A 1065 -6.99 -47.48 29.31
CA TYR A 1065 -6.22 -46.26 29.16
C TYR A 1065 -4.78 -46.54 29.50
N PHE A 1066 -3.86 -45.81 28.85
CA PHE A 1066 -2.43 -45.93 29.13
C PHE A 1066 -2.02 -45.02 30.30
N LYS A 1067 -1.19 -45.50 31.21
CA LYS A 1067 -0.83 -44.71 32.36
C LYS A 1067 0.61 -44.96 32.75
N LEU A 1068 1.32 -43.93 33.17
CA LEU A 1068 2.70 -44.06 33.61
C LEU A 1068 2.75 -44.16 35.13
N ASP A 1069 2.76 -45.38 35.66
CA ASP A 1069 3.16 -45.70 37.06
C ASP A 1069 4.27 -46.73 37.03
N GLY A 1070 4.83 -47.01 38.20
CA GLY A 1070 5.77 -48.13 38.34
C GLY A 1070 5.17 -49.33 37.65
N ASP A 1071 3.88 -49.54 37.89
CA ASP A 1071 3.10 -50.56 37.22
C ASP A 1071 2.17 -49.87 36.23
N LYS A 1072 2.85 -49.30 35.23
CA LYS A 1072 2.26 -48.54 34.13
C LYS A 1072 1.51 -49.42 33.17
N SER A 1073 0.72 -48.79 32.30
CA SER A 1073 0.03 -49.47 31.17
C SER A 1073 0.53 -48.87 29.87
N THR A 1074 1.68 -49.35 29.40
CA THR A 1074 2.41 -48.73 28.28
C THR A 1074 1.80 -49.19 26.94
N LEU A 1075 1.62 -48.23 26.03
CA LEU A 1075 1.20 -48.50 24.65
C LEU A 1075 2.27 -49.20 23.78
N PRO A 1076 3.57 -48.72 23.81
CA PRO A 1076 4.54 -49.38 22.93
C PRO A 1076 4.85 -50.84 23.34
N GLN A 1077 3.86 -51.76 23.28
CA GLN A 1077 4.01 -53.12 23.87
C GLN A 1077 3.34 -54.21 23.06
N GLY B 25 -52.43 32.46 55.31
CA GLY B 25 -52.58 33.84 55.91
C GLY B 25 -51.37 34.44 56.60
N LEU B 26 -51.61 35.33 57.58
CA LEU B 26 -50.58 35.92 58.45
C LEU B 26 -50.82 35.53 59.93
N ARG B 27 -50.34 34.37 60.34
CA ARG B 27 -50.57 33.86 61.71
C ARG B 27 -49.57 34.47 62.74
N GLN B 28 -50.02 34.77 63.95
CA GLN B 28 -49.10 35.15 65.03
C GLN B 28 -48.72 33.91 65.86
N ASP B 29 -47.53 33.94 66.48
CA ASP B 29 -46.98 32.81 67.25
C ASP B 29 -47.54 32.78 68.67
N SER B 30 -47.61 31.57 69.26
CA SER B 30 -48.28 31.33 70.56
C SER B 30 -47.83 32.30 71.67
N ASN B 31 -48.37 33.52 71.62
CA ASN B 31 -47.96 34.61 72.48
C ASN B 31 -46.51 35.08 72.20
N GLY B 32 -46.30 35.79 71.09
CA GLY B 32 -44.96 36.30 70.79
C GLY B 32 -44.80 37.16 69.54
N LYS B 33 -43.99 36.67 68.58
CA LYS B 33 -43.74 37.36 67.32
C LYS B 33 -44.67 36.84 66.24
N LEU B 34 -44.61 37.49 65.08
CA LEU B 34 -45.44 37.16 63.91
C LEU B 34 -44.68 36.27 62.89
N ARG B 35 -45.43 35.58 62.02
CA ARG B 35 -44.84 34.92 60.84
C ARG B 35 -45.87 34.86 59.71
N TYR B 36 -45.39 34.89 58.47
CA TYR B 36 -46.29 34.99 57.31
C TYR B 36 -46.33 33.70 56.54
N PHE B 37 -47.46 33.47 55.89
CA PHE B 37 -47.66 32.34 55.00
C PHE B 37 -48.35 32.80 53.73
N ASP B 38 -47.84 32.34 52.58
CA ASP B 38 -48.32 32.84 51.31
C ASP B 38 -49.76 32.47 51.11
N LEU B 39 -50.56 33.47 50.75
CA LEU B 39 -52.00 33.34 50.66
C LEU B 39 -52.41 32.37 49.55
N THR B 40 -51.72 32.42 48.41
CA THR B 40 -52.06 31.51 47.32
C THR B 40 -51.47 30.11 47.59
N THR B 41 -50.14 29.99 47.65
CA THR B 41 -49.45 28.70 47.65
C THR B 41 -49.40 28.03 49.02
N GLY B 42 -49.50 28.82 50.07
CA GLY B 42 -49.45 28.30 51.45
C GLY B 42 -48.08 28.35 52.10
N ILE B 43 -47.03 28.46 51.29
CA ILE B 43 -45.65 28.37 51.79
C ILE B 43 -45.35 29.46 52.81
N GLN B 44 -44.60 29.11 53.85
CA GLN B 44 -44.15 30.11 54.80
C GLN B 44 -43.19 31.00 54.08
N ALA B 45 -42.99 32.19 54.61
CA ALA B 45 -41.89 33.04 54.18
C ALA B 45 -40.72 32.83 55.13
N LYS B 46 -39.54 32.54 54.56
CA LYS B 46 -38.32 32.38 55.31
C LYS B 46 -37.16 32.91 54.45
N GLY B 47 -36.39 33.85 55.00
CA GLY B 47 -35.26 34.44 54.28
C GLY B 47 -35.74 35.21 53.07
N GLN B 48 -36.70 36.10 53.30
CA GLN B 48 -37.34 36.86 52.21
C GLN B 48 -38.28 37.92 52.77
N PHE B 49 -38.55 38.92 51.95
CA PHE B 49 -39.35 40.07 52.36
C PHE B 49 -40.78 39.93 51.89
N VAL B 50 -41.70 40.34 52.73
CA VAL B 50 -43.07 40.46 52.30
C VAL B 50 -43.60 41.79 52.74
N THR B 51 -44.49 42.36 51.91
CA THR B 51 -45.20 43.58 52.27
C THR B 51 -46.67 43.28 52.49
N ILE B 52 -47.16 43.62 53.69
CA ILE B 52 -48.55 43.40 54.11
C ILE B 52 -49.10 44.74 54.57
N GLY B 53 -50.05 45.25 53.80
CA GLY B 53 -50.80 46.45 54.18
C GLY B 53 -49.96 47.62 54.67
N GLN B 54 -49.22 48.22 53.75
CA GLN B 54 -48.47 49.47 53.99
C GLN B 54 -47.06 49.27 54.60
N GLU B 55 -46.94 48.53 55.70
CA GLU B 55 -45.62 48.29 56.31
C GLU B 55 -45.00 46.98 55.81
N THR B 56 -43.67 46.96 55.63
CA THR B 56 -42.94 45.82 55.04
C THR B 56 -41.96 45.12 55.99
N TYR B 57 -41.91 43.79 55.91
CA TYR B 57 -41.18 42.95 56.86
C TYR B 57 -40.15 42.05 56.19
N TYR B 58 -39.11 41.70 56.94
CA TYR B 58 -38.17 40.63 56.57
C TYR B 58 -38.43 39.43 57.46
N PHE B 59 -38.18 38.23 56.93
CA PHE B 59 -38.35 36.99 57.71
C PHE B 59 -37.10 36.12 57.75
N SER B 60 -36.72 35.66 58.94
CA SER B 60 -35.45 34.97 59.12
C SER B 60 -35.41 33.67 58.31
N LYS B 61 -34.22 33.31 57.83
CA LYS B 61 -34.03 32.10 57.02
C LYS B 61 -34.23 30.80 57.83
N ASP B 62 -34.08 30.89 59.14
CA ASP B 62 -34.24 29.72 59.99
C ASP B 62 -35.70 29.62 60.42
N HIS B 63 -36.08 30.42 61.42
CA HIS B 63 -37.38 30.29 62.09
C HIS B 63 -38.49 31.19 61.61
N GLY B 64 -38.20 32.08 60.65
CA GLY B 64 -39.22 32.94 60.03
C GLY B 64 -39.70 34.11 60.89
N ASP B 65 -38.80 34.64 61.70
CA ASP B 65 -39.14 35.73 62.61
C ASP B 65 -39.34 37.01 61.80
N ALA B 66 -40.40 37.74 62.11
CA ALA B 66 -40.67 39.03 61.50
C ALA B 66 -39.62 40.07 61.93
N GLN B 67 -39.31 41.00 61.04
CA GLN B 67 -38.44 42.16 61.35
C GLN B 67 -38.93 43.35 60.55
N LEU B 68 -39.62 44.26 61.23
CA LEU B 68 -40.36 45.35 60.57
C LEU B 68 -39.42 46.41 59.97
N LEU B 69 -39.53 46.58 58.65
CA LEU B 69 -38.76 47.62 57.95
C LEU B 69 -39.64 48.86 57.71
N PRO B 70 -39.35 49.98 58.44
CA PRO B 70 -40.27 51.12 58.41
C PRO B 70 -40.21 51.88 57.09
N MET B 71 -41.25 52.68 56.86
CA MET B 71 -41.33 53.53 55.68
C MET B 71 -40.41 54.72 55.85
N VAL B 72 -40.12 55.39 54.74
CA VAL B 72 -39.36 56.63 54.77
C VAL B 72 -40.08 57.65 53.88
N THR B 73 -41.06 58.34 54.46
CA THR B 73 -41.78 59.40 53.76
C THR B 73 -40.91 60.66 53.80
N GLU B 74 -40.88 61.38 52.68
CA GLU B 74 -40.08 62.59 52.54
C GLU B 74 -38.59 62.28 52.62
N GLY B 75 -37.83 62.73 51.60
CA GLY B 75 -36.39 62.51 51.59
C GLY B 75 -35.70 63.23 50.46
N HIS B 76 -34.37 63.28 50.49
CA HIS B 76 -33.63 64.19 49.62
C HIS B 76 -33.30 63.57 48.28
N TYR B 77 -32.54 62.48 48.28
CA TYR B 77 -31.92 61.95 47.06
C TYR B 77 -30.92 62.93 46.46
N GLY B 78 -29.71 62.92 47.01
CA GLY B 78 -28.61 63.79 46.56
C GLY B 78 -27.25 63.12 46.55
N THR B 79 -26.21 63.93 46.46
CA THR B 79 -24.85 63.45 46.28
C THR B 79 -23.87 64.08 47.30
N ILE B 80 -22.81 63.35 47.61
CA ILE B 80 -21.70 63.84 48.45
C ILE B 80 -20.41 63.22 47.96
N THR B 81 -19.27 63.75 48.38
CA THR B 81 -17.99 63.27 47.88
C THR B 81 -17.37 62.28 48.86
N LEU B 82 -16.74 61.24 48.34
CA LEU B 82 -16.07 60.25 49.18
C LEU B 82 -14.64 60.12 48.72
N LYS B 83 -13.71 60.05 49.69
CA LYS B 83 -12.33 59.67 49.42
C LYS B 83 -12.15 58.36 50.14
N GLN B 84 -12.24 57.24 49.41
CA GLN B 84 -12.16 55.89 49.99
C GLN B 84 -10.73 55.57 50.45
N GLY B 85 -9.81 55.51 49.48
CA GLY B 85 -8.37 55.40 49.74
C GLY B 85 -7.70 56.64 49.15
N GLN B 86 -6.96 56.45 48.07
CA GLN B 86 -6.36 57.56 47.29
C GLN B 86 -7.18 57.84 46.01
N ASP B 87 -8.48 57.50 46.08
CA ASP B 87 -9.38 57.67 44.95
C ASP B 87 -10.60 58.40 45.49
N THR B 88 -10.79 59.65 45.04
CA THR B 88 -11.98 60.42 45.39
C THR B 88 -13.05 60.28 44.27
N LYS B 89 -14.30 60.14 44.69
CA LYS B 89 -15.43 60.02 43.77
C LYS B 89 -16.67 60.61 44.43
N THR B 90 -17.65 61.01 43.62
CA THR B 90 -18.97 61.41 44.11
C THR B 90 -19.87 60.21 44.19
N ALA B 91 -20.65 60.08 45.26
CA ALA B 91 -21.52 58.93 45.46
C ALA B 91 -22.91 59.34 45.95
N TRP B 92 -23.94 58.70 45.42
CA TRP B 92 -25.32 59.03 45.78
C TRP B 92 -25.71 58.58 47.15
N VAL B 93 -26.43 59.42 47.89
CA VAL B 93 -27.09 58.97 49.12
C VAL B 93 -28.54 59.42 49.12
N TYR B 94 -29.38 58.74 49.91
CA TYR B 94 -30.77 59.17 50.06
C TYR B 94 -30.90 60.27 51.11
N ARG B 95 -30.55 59.96 52.36
CA ARG B 95 -30.60 60.92 53.50
C ARG B 95 -31.99 61.49 53.87
N ASP B 96 -32.30 61.45 55.17
CA ASP B 96 -33.66 61.69 55.69
C ASP B 96 -34.02 63.17 55.72
N GLN B 97 -35.32 63.47 55.81
CA GLN B 97 -35.80 64.86 55.86
C GLN B 97 -34.81 65.76 56.57
N ASN B 98 -34.44 65.37 57.79
CA ASN B 98 -33.57 66.14 58.69
C ASN B 98 -32.08 65.89 58.46
N ASN B 99 -31.67 65.98 57.20
CA ASN B 99 -30.25 65.90 56.82
C ASN B 99 -29.55 64.54 57.00
N THR B 100 -29.99 63.73 57.95
CA THR B 100 -29.29 62.49 58.30
C THR B 100 -29.07 61.54 57.13
N ILE B 101 -27.81 61.27 56.80
CA ILE B 101 -27.47 60.37 55.71
C ILE B 101 -27.88 58.98 56.13
N LEU B 102 -28.61 58.26 55.28
CA LEU B 102 -29.19 56.97 55.67
C LEU B 102 -28.27 55.77 55.38
N LYS B 103 -28.04 55.00 56.44
CA LYS B 103 -27.08 53.89 56.43
C LYS B 103 -27.80 52.56 56.62
N GLY B 104 -27.52 51.62 55.72
CA GLY B 104 -28.07 50.27 55.80
C GLY B 104 -29.22 50.09 54.85
N LEU B 105 -29.96 49.00 55.03
CA LEU B 105 -31.12 48.72 54.19
C LEU B 105 -32.33 49.50 54.66
N GLN B 106 -32.96 50.22 53.74
CA GLN B 106 -34.11 51.06 54.05
C GLN B 106 -35.25 50.79 53.08
N ASN B 107 -36.48 50.95 53.57
CA ASN B 107 -37.66 50.92 52.71
C ASN B 107 -38.08 52.34 52.35
N ILE B 108 -37.97 52.68 51.07
CA ILE B 108 -38.29 54.01 50.60
C ILE B 108 -39.52 53.97 49.70
N ASN B 109 -40.64 54.47 50.23
CA ASN B 109 -41.90 54.52 49.50
C ASN B 109 -42.27 53.15 48.92
N GLY B 110 -41.97 52.11 49.68
CA GLY B 110 -42.27 50.74 49.28
C GLY B 110 -41.03 50.03 48.78
N THR B 111 -40.25 50.70 47.93
CA THR B 111 -39.08 50.07 47.36
C THR B 111 -38.03 49.80 48.44
N LEU B 112 -37.21 48.76 48.23
CA LEU B 112 -36.09 48.43 49.12
C LEU B 112 -34.74 48.68 48.46
N GLN B 113 -34.08 49.72 48.92
CA GLN B 113 -32.80 50.13 48.36
C GLN B 113 -31.82 49.97 49.49
N PHE B 114 -30.61 49.55 49.15
CA PHE B 114 -29.57 49.33 50.14
C PHE B 114 -28.43 50.34 49.96
N PHE B 115 -27.93 50.83 51.10
CA PHE B 115 -26.82 51.76 51.15
C PHE B 115 -25.71 51.23 52.08
N ASP B 116 -24.48 51.69 51.86
CA ASP B 116 -23.33 51.19 52.64
C ASP B 116 -23.52 51.64 54.07
N PRO B 117 -23.40 50.69 55.03
CA PRO B 117 -23.65 51.01 56.44
C PRO B 117 -22.66 51.98 57.07
N TYR B 118 -21.61 52.35 56.33
CA TYR B 118 -20.67 53.37 56.79
C TYR B 118 -20.62 54.60 55.86
N THR B 119 -20.36 54.39 54.57
CA THR B 119 -20.15 55.50 53.66
C THR B 119 -21.47 56.11 53.19
N GLY B 120 -22.56 55.37 53.33
CA GLY B 120 -23.88 55.85 52.90
C GLY B 120 -24.21 55.82 51.40
N GLU B 121 -23.28 55.28 50.60
CA GLU B 121 -23.37 55.21 49.13
C GLU B 121 -24.40 54.19 48.68
N GLN B 122 -25.16 54.52 47.62
CA GLN B 122 -26.22 53.61 47.15
C GLN B 122 -25.62 52.49 46.31
N LEU B 123 -26.16 51.28 46.47
CA LEU B 123 -25.78 50.12 45.67
C LEU B 123 -26.76 49.94 44.49
N LYS B 124 -26.21 49.83 43.28
CA LYS B 124 -27.02 49.67 42.06
C LYS B 124 -26.37 48.62 41.13
N GLY B 125 -26.87 47.40 41.18
CA GLY B 125 -26.27 46.29 40.43
C GLY B 125 -25.18 45.62 41.24
N GLY B 126 -25.52 45.16 42.45
CA GLY B 126 -24.54 44.51 43.33
C GLY B 126 -25.14 43.44 44.25
N VAL B 127 -24.65 43.35 45.47
CA VAL B 127 -25.12 42.35 46.41
C VAL B 127 -24.85 42.80 47.85
N ALA B 128 -25.63 42.29 48.80
CA ALA B 128 -25.47 42.68 50.20
C ALA B 128 -25.91 41.59 51.17
N LYS B 129 -25.18 41.44 52.27
CA LYS B 129 -25.52 40.44 53.25
C LYS B 129 -26.52 41.05 54.23
N TYR B 130 -27.60 40.31 54.47
CA TYR B 130 -28.56 40.60 55.52
C TYR B 130 -28.87 39.22 56.07
N ASP B 131 -28.56 39.00 57.36
CA ASP B 131 -28.79 37.72 58.01
C ASP B 131 -28.08 36.54 57.29
N ASP B 132 -26.84 36.75 56.90
CA ASP B 132 -26.07 35.73 56.21
C ASP B 132 -26.46 35.63 54.74
N LYS B 133 -27.76 35.57 54.47
CA LYS B 133 -28.24 35.47 53.10
C LYS B 133 -27.75 36.67 52.29
N LEU B 134 -27.58 36.47 50.98
CA LEU B 134 -27.15 37.50 50.00
C LEU B 134 -28.28 37.95 49.06
N PHE B 135 -28.53 39.27 48.96
CA PHE B 135 -29.62 39.83 48.11
C PHE B 135 -29.15 40.78 47.00
N TYR B 136 -29.61 40.53 45.77
CA TYR B 136 -29.21 41.32 44.60
C TYR B 136 -30.07 42.58 44.43
N PHE B 137 -29.47 43.64 43.89
CA PHE B 137 -30.15 44.93 43.68
C PHE B 137 -29.99 45.40 42.24
N GLU B 138 -31.11 45.61 41.56
CA GLU B 138 -31.10 45.92 40.13
C GLU B 138 -30.43 47.27 39.85
N SER B 139 -29.91 47.43 38.64
CA SER B 139 -29.02 48.54 38.29
C SER B 139 -29.68 49.91 38.06
N GLY B 140 -30.95 49.93 37.62
CA GLY B 140 -31.64 51.17 37.29
C GLY B 140 -31.89 52.03 38.52
N LYS B 141 -32.99 51.75 39.21
CA LYS B 141 -33.37 52.48 40.41
C LYS B 141 -32.73 51.92 41.73
N GLY B 142 -31.88 50.90 41.63
CA GLY B 142 -31.25 50.34 42.82
C GLY B 142 -32.19 49.60 43.76
N ASN B 143 -33.24 49.02 43.19
CA ASN B 143 -34.26 48.29 43.95
C ASN B 143 -33.76 46.90 44.31
N LEU B 144 -34.34 46.32 45.36
CA LEU B 144 -34.08 44.93 45.73
C LEU B 144 -35.06 44.07 44.96
N VAL B 145 -34.54 43.14 44.15
CA VAL B 145 -35.37 42.31 43.27
C VAL B 145 -35.24 40.81 43.48
N SER B 146 -34.14 40.36 44.09
CA SER B 146 -33.95 38.94 44.30
C SER B 146 -32.82 38.58 45.29
N THR B 147 -32.72 37.28 45.55
CA THR B 147 -31.60 36.68 46.27
C THR B 147 -30.68 36.04 45.25
N VAL B 148 -29.38 36.25 45.44
CA VAL B 148 -28.35 35.61 44.64
C VAL B 148 -27.74 34.45 45.41
N ALA B 149 -27.18 33.49 44.67
CA ALA B 149 -26.63 32.26 45.25
C ALA B 149 -25.36 32.48 46.09
N GLY B 150 -24.46 33.31 45.60
CA GLY B 150 -23.18 33.49 46.26
C GLY B 150 -22.31 34.54 45.58
N ASP B 151 -21.42 35.14 46.36
CA ASP B 151 -20.61 36.25 45.90
C ASP B 151 -19.20 35.73 45.82
N TYR B 152 -18.64 35.69 44.60
CA TYR B 152 -17.29 35.16 44.38
C TYR B 152 -16.35 36.19 43.77
N GLN B 153 -15.26 36.48 44.48
CA GLN B 153 -14.14 37.31 43.95
C GLN B 153 -12.79 36.62 44.26
N ASP B 154 -12.83 35.30 44.40
CA ASP B 154 -11.67 34.50 44.80
C ASP B 154 -11.30 33.44 43.76
N GLY B 155 -12.30 32.94 43.03
CA GLY B 155 -12.11 31.80 42.12
C GLY B 155 -11.46 32.17 40.79
N HIS B 156 -11.71 31.34 39.77
CA HIS B 156 -11.08 31.55 38.48
C HIS B 156 -11.84 30.92 37.32
N TYR B 157 -11.79 31.59 36.16
CA TYR B 157 -12.41 31.09 34.94
C TYR B 157 -11.60 29.93 34.37
N ILE B 158 -12.27 29.10 33.58
CA ILE B 158 -11.63 27.98 32.90
C ILE B 158 -12.31 27.71 31.55
N SER B 159 -11.74 26.81 30.75
CA SER B 159 -12.26 26.50 29.42
C SER B 159 -12.49 25.00 29.19
N GLN B 160 -13.50 24.44 29.86
CA GLN B 160 -13.79 22.99 29.79
C GLN B 160 -14.70 22.64 28.61
N ASP B 161 -14.19 21.80 27.69
CA ASP B 161 -14.99 21.22 26.59
C ASP B 161 -15.58 22.31 25.68
N GLY B 162 -14.69 23.18 25.17
CA GLY B 162 -15.08 24.27 24.28
C GLY B 162 -16.15 25.20 24.87
N GLN B 163 -16.00 25.54 26.15
CA GLN B 163 -16.95 26.41 26.86
C GLN B 163 -16.22 27.27 27.88
N THR B 164 -16.86 28.35 28.33
CA THR B 164 -16.37 29.12 29.48
C THR B 164 -17.02 28.50 30.72
N ARG B 165 -16.25 28.30 31.78
CA ARG B 165 -16.85 27.94 33.06
C ARG B 165 -16.14 28.65 34.18
N TYR B 166 -16.62 28.50 35.41
CA TYR B 166 -16.02 29.18 36.56
C TYR B 166 -16.07 28.32 37.80
N ALA B 167 -14.98 28.36 38.57
CA ALA B 167 -14.80 27.47 39.72
C ALA B 167 -14.20 28.23 40.91
N ASP B 168 -14.74 27.95 42.10
CA ASP B 168 -14.38 28.65 43.34
C ASP B 168 -12.92 28.42 43.73
N LYS B 169 -12.53 29.02 44.86
CA LYS B 169 -11.18 28.84 45.43
C LYS B 169 -10.79 27.37 45.58
N GLN B 170 -11.71 26.50 45.96
CA GLN B 170 -11.40 25.09 46.17
C GLN B 170 -11.58 24.24 44.90
N ASN B 171 -11.02 24.70 43.77
CA ASN B 171 -11.23 24.14 42.39
C ASN B 171 -12.50 23.30 42.15
N GLN B 172 -13.65 23.82 42.59
CA GLN B 172 -14.96 23.16 42.43
C GLN B 172 -15.90 24.12 41.66
N LEU B 173 -16.61 23.58 40.66
CA LEU B 173 -17.35 24.42 39.70
C LEU B 173 -18.56 25.11 40.34
N VAL B 174 -18.65 26.43 40.18
CA VAL B 174 -19.75 27.24 40.74
C VAL B 174 -21.01 27.24 39.87
N LYS B 175 -22.09 26.63 40.39
CA LYS B 175 -23.36 26.52 39.68
C LYS B 175 -24.30 27.59 40.19
N GLY B 176 -25.20 28.03 39.33
CA GLY B 176 -26.30 28.91 39.71
C GLY B 176 -26.10 30.39 39.42
N LEU B 177 -27.05 31.19 39.87
CA LEU B 177 -27.00 32.63 39.72
C LEU B 177 -26.06 33.20 40.80
N VAL B 178 -24.89 33.68 40.37
CA VAL B 178 -23.86 34.13 41.30
C VAL B 178 -23.22 35.44 40.86
N THR B 179 -22.41 36.03 41.74
CA THR B 179 -21.67 37.24 41.44
C THR B 179 -20.19 36.95 41.36
N VAL B 180 -19.70 36.83 40.13
CA VAL B 180 -18.32 36.54 39.87
C VAL B 180 -17.66 37.86 39.53
N ASN B 181 -16.60 38.18 40.28
CA ASN B 181 -15.82 39.39 40.06
C ASN B 181 -16.67 40.65 40.05
N GLY B 182 -17.77 40.65 40.79
CA GLY B 182 -18.65 41.82 40.89
C GLY B 182 -19.89 41.83 40.01
N ALA B 183 -19.78 41.28 38.81
CA ALA B 183 -20.89 41.28 37.86
C ALA B 183 -21.81 40.08 38.08
N LEU B 184 -23.07 40.23 37.69
CA LEU B 184 -24.09 39.20 37.85
C LEU B 184 -24.07 38.19 36.72
N GLN B 185 -23.79 36.94 37.05
CA GLN B 185 -23.67 35.86 36.08
C GLN B 185 -24.43 34.64 36.55
N TYR B 186 -24.79 33.78 35.61
CA TYR B 186 -25.57 32.58 35.90
C TYR B 186 -24.98 31.41 35.13
N PHE B 187 -24.74 30.32 35.86
CA PHE B 187 -24.15 29.12 35.28
C PHE B 187 -25.12 27.95 35.31
N ASP B 188 -25.13 27.17 34.22
CA ASP B 188 -26.09 26.07 34.04
C ASP B 188 -25.97 25.03 35.14
N ASN B 189 -27.08 24.75 35.82
CA ASN B 189 -27.07 23.81 36.95
C ASN B 189 -26.51 22.44 36.57
N ALA B 190 -26.79 22.01 35.34
CA ALA B 190 -26.36 20.72 34.86
C ALA B 190 -24.85 20.63 34.70
N THR B 191 -24.31 21.53 33.89
CA THR B 191 -22.93 21.42 33.41
C THR B 191 -22.02 22.63 33.74
N GLY B 192 -22.58 23.66 34.36
CA GLY B 192 -21.76 24.79 34.83
C GLY B 192 -21.23 25.68 33.73
N ASN B 193 -21.90 25.67 32.59
CA ASN B 193 -21.52 26.51 31.47
C ASN B 193 -22.06 27.92 31.71
N GLN B 194 -21.23 28.91 31.45
CA GLN B 194 -21.64 30.32 31.54
C GLN B 194 -22.66 30.62 30.45
N ILE B 195 -23.77 31.22 30.82
CA ILE B 195 -24.78 31.59 29.84
C ILE B 195 -24.39 32.91 29.19
N LYS B 196 -24.56 32.96 27.88
CA LYS B 196 -24.24 34.14 27.10
C LYS B 196 -25.39 34.42 26.15
N ASN B 197 -25.66 35.70 25.92
CA ASN B 197 -26.65 36.13 24.95
C ASN B 197 -27.92 35.31 24.98
N GLN B 198 -28.55 35.27 26.15
CA GLN B 198 -29.89 34.68 26.31
C GLN B 198 -30.60 35.37 27.48
N GLN B 199 -31.93 35.42 27.41
CA GLN B 199 -32.77 35.87 28.53
C GLN B 199 -33.11 34.70 29.44
N VAL B 200 -32.44 34.58 30.57
CA VAL B 200 -32.66 33.44 31.46
C VAL B 200 -33.57 33.86 32.63
N ILE B 201 -34.46 32.97 33.07
CA ILE B 201 -35.33 33.19 34.26
C ILE B 201 -34.87 32.33 35.45
N VAL B 202 -34.64 32.97 36.59
CA VAL B 202 -34.11 32.28 37.78
C VAL B 202 -35.02 32.52 39.00
N ASP B 203 -35.86 31.52 39.26
CA ASP B 203 -36.81 31.49 40.37
C ASP B 203 -37.66 32.76 40.41
N GLY B 204 -38.45 32.94 39.37
CA GLY B 204 -39.44 34.02 39.29
C GLY B 204 -39.02 35.24 38.48
N LYS B 205 -37.73 35.46 38.31
CA LYS B 205 -37.26 36.74 37.77
C LYS B 205 -36.48 36.56 36.48
N THR B 206 -36.80 37.38 35.49
CA THR B 206 -36.12 37.32 34.19
C THR B 206 -34.93 38.28 34.14
N TYR B 207 -33.85 37.81 33.56
CA TYR B 207 -32.64 38.61 33.41
C TYR B 207 -32.14 38.39 31.97
N TYR B 208 -31.29 39.29 31.50
CA TYR B 208 -30.53 39.07 30.26
C TYR B 208 -29.03 39.04 30.54
N PHE B 209 -28.32 38.09 29.94
CA PHE B 209 -26.86 37.99 30.08
C PHE B 209 -26.17 38.15 28.74
N ASP B 210 -25.26 39.13 28.67
CA ASP B 210 -24.62 39.53 27.41
C ASP B 210 -23.58 38.54 26.86
N ASP B 211 -23.01 38.89 25.70
CA ASP B 211 -22.01 38.06 25.02
C ASP B 211 -20.81 37.71 25.89
N LYS B 212 -20.34 38.65 26.70
CA LYS B 212 -19.26 38.39 27.67
C LYS B 212 -19.78 37.52 28.80
N GLY B 213 -20.97 37.88 29.30
CA GLY B 213 -21.63 37.10 30.35
C GLY B 213 -22.25 37.91 31.47
N ASN B 214 -21.83 39.18 31.60
CA ASN B 214 -22.35 40.08 32.62
C ASN B 214 -23.83 40.39 32.41
N GLY B 215 -24.59 40.33 33.50
CA GLY B 215 -26.05 40.24 33.43
C GLY B 215 -26.78 41.39 34.07
N GLU B 216 -28.07 41.48 33.77
CA GLU B 216 -28.90 42.58 34.21
C GLU B 216 -30.32 42.14 34.45
N TYR B 217 -30.95 42.71 35.48
CA TYR B 217 -32.32 42.38 35.85
C TYR B 217 -33.32 43.06 34.91
N LEU B 218 -34.18 42.28 34.29
CA LEU B 218 -35.19 42.86 33.41
C LEU B 218 -36.45 43.15 34.21
N PHE B 219 -37.05 42.11 34.78
CA PHE B 219 -38.31 42.25 35.49
C PHE B 219 -38.70 40.98 36.25
N THR B 220 -39.47 41.15 37.33
CA THR B 220 -40.10 40.05 38.06
C THR B 220 -41.44 39.64 37.42
N ASN B 221 -41.64 38.34 37.21
CA ASN B 221 -42.89 37.80 36.66
C ASN B 221 -43.99 37.71 37.71
N THR B 222 -45.20 37.38 37.27
CA THR B 222 -46.34 37.16 38.17
C THR B 222 -46.38 35.74 38.69
N LEU B 223 -46.97 35.55 39.86
CA LEU B 223 -47.03 34.22 40.45
C LEU B 223 -47.97 33.33 39.61
N ASP B 224 -49.22 33.78 39.47
CA ASP B 224 -50.29 32.98 38.86
C ASP B 224 -50.81 31.91 39.85
N MET B 225 -50.95 30.65 39.41
CA MET B 225 -51.38 29.54 40.30
C MET B 225 -52.75 29.77 41.01
N SER B 226 -53.66 30.52 40.37
CA SER B 226 -55.02 30.76 40.91
C SER B 226 -55.96 31.28 39.81
N THR B 227 -57.28 31.25 40.04
CA THR B 227 -58.23 31.86 39.09
C THR B 227 -59.65 31.95 39.62
N ASN B 228 -59.89 32.91 40.52
CA ASN B 228 -61.12 32.97 41.31
C ASN B 228 -62.40 33.48 40.57
N ALA B 229 -63.48 33.60 41.34
CA ALA B 229 -64.83 33.95 40.85
C ALA B 229 -64.92 35.27 40.11
N PHE B 230 -64.09 36.23 40.49
CA PHE B 230 -64.05 37.50 39.77
C PHE B 230 -63.28 37.31 38.47
N SER B 231 -62.16 36.59 38.54
CA SER B 231 -61.31 36.34 37.38
C SER B 231 -62.03 35.62 36.23
N THR B 232 -63.08 34.85 36.52
CA THR B 232 -63.76 34.04 35.50
C THR B 232 -64.78 34.83 34.68
N LYS B 233 -65.17 36.00 35.17
CA LYS B 233 -66.14 36.86 34.47
C LYS B 233 -65.47 37.97 33.62
N ASN B 234 -64.14 38.07 33.73
CA ASN B 234 -63.36 39.04 32.96
C ASN B 234 -62.73 38.42 31.71
N VAL B 235 -63.11 37.20 31.39
CA VAL B 235 -62.52 36.48 30.28
C VAL B 235 -63.07 37.04 28.97
N ALA B 236 -62.29 36.94 27.91
CA ALA B 236 -62.68 37.47 26.62
C ALA B 236 -63.97 36.82 26.12
N PHE B 237 -64.95 37.65 25.75
CA PHE B 237 -66.27 37.20 25.31
C PHE B 237 -66.16 36.01 24.37
N ASN B 238 -65.27 36.10 23.39
CA ASN B 238 -64.91 34.97 22.57
C ASN B 238 -63.52 35.21 21.98
N HIS B 239 -63.04 34.30 21.14
CA HIS B 239 -61.74 34.45 20.50
C HIS B 239 -61.87 34.98 19.09
N ASP B 240 -62.89 35.79 18.85
CA ASP B 240 -63.08 36.39 17.53
C ASP B 240 -62.42 37.74 17.46
N SER B 241 -62.04 38.12 16.24
CA SER B 241 -61.43 39.41 15.99
C SER B 241 -62.32 40.52 16.52
N SER B 242 -63.63 40.37 16.34
CA SER B 242 -64.62 41.36 16.78
C SER B 242 -64.45 41.76 18.23
N SER B 243 -64.07 40.82 19.08
CA SER B 243 -63.99 41.07 20.51
C SER B 243 -62.82 41.96 20.93
N PHE B 244 -61.70 41.85 20.21
CA PHE B 244 -60.44 42.51 20.60
C PHE B 244 -60.08 43.74 19.76
N ASP B 245 -59.88 44.86 20.46
CA ASP B 245 -59.66 46.16 19.84
C ASP B 245 -58.19 46.57 19.97
N HIS B 246 -57.67 47.28 18.97
CA HIS B 246 -56.27 47.69 18.92
C HIS B 246 -55.32 46.51 18.81
N THR B 247 -55.50 45.76 17.71
CA THR B 247 -54.74 44.53 17.43
C THR B 247 -54.06 44.60 16.07
N VAL B 248 -52.95 43.89 15.91
CA VAL B 248 -52.15 43.89 14.67
C VAL B 248 -51.91 42.44 14.19
N ASP B 249 -52.42 42.10 13.00
CA ASP B 249 -52.24 40.75 12.44
C ASP B 249 -52.52 39.62 13.44
N GLY B 250 -53.59 39.77 14.20
CA GLY B 250 -53.97 38.75 15.17
C GLY B 250 -53.34 38.92 16.53
N PHE B 251 -52.18 39.57 16.60
CA PHE B 251 -51.46 39.73 17.87
C PHE B 251 -52.03 40.85 18.70
N LEU B 252 -51.84 40.76 20.00
CA LEU B 252 -52.36 41.75 20.93
C LEU B 252 -51.26 42.73 21.29
N THR B 253 -51.60 44.02 21.29
CA THR B 253 -50.66 45.08 21.67
C THR B 253 -50.93 45.50 23.10
N ALA B 254 -50.10 46.38 23.63
CA ALA B 254 -50.27 46.91 24.98
C ALA B 254 -51.43 47.89 25.00
N ASP B 255 -51.60 48.62 23.90
CA ASP B 255 -52.71 49.59 23.75
C ASP B 255 -54.07 48.89 23.50
N THR B 256 -54.11 47.55 23.61
CA THR B 256 -55.31 46.76 23.24
C THR B 256 -56.43 46.80 24.27
N TRP B 257 -57.65 46.89 23.75
CA TRP B 257 -58.89 46.81 24.53
C TRP B 257 -59.61 45.56 24.11
N TYR B 258 -60.59 45.17 24.91
CA TYR B 258 -61.29 43.91 24.67
C TYR B 258 -62.66 43.93 25.35
N ARG B 259 -63.53 43.04 24.85
CA ARG B 259 -64.87 42.83 25.39
C ARG B 259 -64.97 41.56 26.25
N PRO B 260 -65.21 41.71 27.57
CA PRO B 260 -65.25 40.54 28.44
C PRO B 260 -66.59 39.79 28.36
N LYS B 261 -66.71 38.64 29.03
CA LYS B 261 -67.97 37.91 29.07
C LYS B 261 -69.03 38.77 29.75
N SER B 262 -68.72 39.25 30.96
CA SER B 262 -69.65 40.01 31.77
C SER B 262 -69.03 41.32 32.22
N ILE B 263 -69.85 42.36 32.34
CA ILE B 263 -69.43 43.67 32.84
C ILE B 263 -70.09 43.91 34.17
N LEU B 264 -69.41 44.59 35.09
CA LEU B 264 -69.96 44.93 36.40
C LEU B 264 -70.65 46.28 36.32
N ALA B 265 -71.98 46.29 36.25
CA ALA B 265 -72.73 47.53 36.09
C ALA B 265 -72.54 48.46 37.31
N ASN B 266 -72.11 49.70 37.02
CA ASN B 266 -71.87 50.70 38.06
C ASN B 266 -71.01 50.17 39.23
N GLY B 267 -70.27 49.08 38.97
CA GLY B 267 -69.46 48.43 39.99
C GLY B 267 -70.24 47.64 41.01
N THR B 268 -71.50 47.30 40.70
CA THR B 268 -72.41 46.69 41.67
C THR B 268 -72.98 45.38 41.17
N THR B 269 -73.83 45.43 40.15
CA THR B 269 -74.50 44.23 39.64
C THR B 269 -73.85 43.70 38.36
N TRP B 270 -73.59 42.41 38.32
CA TRP B 270 -73.04 41.79 37.12
C TRP B 270 -74.03 41.79 36.01
N ARG B 271 -73.52 41.85 34.78
CA ARG B 271 -74.38 41.71 33.64
C ARG B 271 -73.61 41.25 32.41
N ASP B 272 -74.31 40.62 31.47
CA ASP B 272 -73.71 40.26 30.21
C ASP B 272 -73.16 41.51 29.56
N SER B 273 -72.16 41.32 28.70
CA SER B 273 -71.50 42.42 28.02
C SER B 273 -72.12 42.69 26.65
N THR B 274 -71.88 43.89 26.12
CA THR B 274 -72.30 44.24 24.78
C THR B 274 -71.10 44.64 23.93
N ASP B 275 -71.29 44.69 22.61
CA ASP B 275 -70.23 45.13 21.69
C ASP B 275 -69.71 46.51 22.10
N LYS B 276 -70.60 47.37 22.60
CA LYS B 276 -70.27 48.75 23.01
C LYS B 276 -69.41 48.81 24.29
N ASP B 277 -69.42 47.72 25.07
CA ASP B 277 -68.69 47.64 26.35
C ASP B 277 -67.25 47.17 26.18
N MET B 278 -66.34 48.04 25.76
CA MET B 278 -64.94 47.66 25.53
C MET B 278 -64.07 48.12 26.68
N ARG B 279 -63.31 47.21 27.28
CA ARG B 279 -62.43 47.59 28.38
C ARG B 279 -60.96 47.35 28.04
N PRO B 280 -60.06 48.05 28.75
CA PRO B 280 -58.65 47.88 28.53
C PRO B 280 -58.14 46.60 29.15
N LEU B 281 -57.22 45.96 28.46
CA LEU B 281 -56.71 44.66 28.84
C LEU B 281 -55.85 44.76 30.10
N ILE B 282 -55.10 45.86 30.22
CA ILE B 282 -54.22 46.08 31.38
C ILE B 282 -54.97 46.48 32.66
N THR B 283 -56.29 46.37 32.66
CA THR B 283 -57.09 46.43 33.88
C THR B 283 -57.35 45.02 34.49
N VAL B 284 -57.16 43.98 33.66
CA VAL B 284 -57.32 42.58 34.08
C VAL B 284 -56.05 41.72 33.93
N TRP B 285 -55.13 42.12 33.05
CA TRP B 285 -53.96 41.31 32.72
C TRP B 285 -52.71 42.14 32.68
N TRP B 286 -51.61 41.55 33.14
CA TRP B 286 -50.33 42.24 33.18
C TRP B 286 -49.22 41.36 32.72
N PRO B 287 -48.25 41.92 32.00
CA PRO B 287 -47.15 41.13 31.45
C PRO B 287 -46.11 40.76 32.50
N ASN B 288 -46.12 41.47 33.62
CA ASN B 288 -45.22 41.16 34.71
C ASN B 288 -45.67 41.86 35.98
N LYS B 289 -45.00 41.52 37.10
CA LYS B 289 -45.37 42.03 38.42
C LYS B 289 -44.99 43.48 38.56
N ASN B 290 -44.03 43.89 37.74
CA ASN B 290 -43.58 45.26 37.77
C ASN B 290 -44.69 46.20 37.28
N VAL B 291 -45.34 45.81 36.19
CA VAL B 291 -46.39 46.60 35.58
C VAL B 291 -47.64 46.62 36.46
N GLN B 292 -47.95 45.50 37.09
CA GLN B 292 -49.14 45.39 37.94
C GLN B 292 -49.00 46.26 39.19
N VAL B 293 -47.80 46.28 39.77
CA VAL B 293 -47.55 47.10 40.96
C VAL B 293 -47.63 48.60 40.59
N ASN B 294 -47.10 48.96 39.44
CA ASN B 294 -47.22 50.35 38.97
C ASN B 294 -48.66 50.73 38.63
N TYR B 295 -49.45 49.77 38.15
CA TYR B 295 -50.86 50.02 37.84
C TYR B 295 -51.60 50.43 39.10
N LEU B 296 -51.44 49.64 40.15
CA LEU B 296 -52.10 49.86 41.43
C LEU B 296 -51.65 51.16 42.09
N ASN B 297 -50.35 51.41 42.08
CA ASN B 297 -49.79 52.67 42.58
C ASN B 297 -50.19 53.86 41.72
N PHE B 298 -50.36 53.65 40.41
CA PHE B 298 -50.83 54.70 39.51
C PHE B 298 -52.28 55.07 39.78
N MET B 299 -53.15 54.06 39.76
CA MET B 299 -54.54 54.28 40.08
C MET B 299 -54.71 54.88 41.49
N LYS B 300 -53.85 54.48 42.43
CA LYS B 300 -53.84 55.08 43.76
C LYS B 300 -53.78 56.60 43.66
N ALA B 301 -52.83 57.08 42.87
CA ALA B 301 -52.58 58.52 42.75
C ALA B 301 -53.71 59.26 42.04
N ASN B 302 -54.47 58.56 41.20
CA ASN B 302 -55.60 59.17 40.52
C ASN B 302 -56.92 58.99 41.29
N GLY B 303 -56.83 58.44 42.50
CA GLY B 303 -57.99 58.37 43.39
C GLY B 303 -58.99 57.30 43.02
N LEU B 304 -58.61 56.41 42.10
CA LEU B 304 -59.44 55.27 41.76
C LEU B 304 -59.30 54.20 42.82
N LEU B 305 -58.12 54.10 43.41
CA LEU B 305 -57.90 53.17 44.52
C LEU B 305 -57.52 53.99 45.76
N THR B 306 -58.51 54.49 46.47
CA THR B 306 -58.26 55.33 47.64
C THR B 306 -58.13 54.44 48.89
N THR B 307 -56.93 53.91 49.12
CA THR B 307 -56.57 53.20 50.37
C THR B 307 -55.15 53.58 50.81
N ALA B 308 -54.83 53.32 52.07
CA ALA B 308 -53.52 53.63 52.66
C ALA B 308 -52.49 52.53 52.38
N ALA B 309 -52.97 51.37 51.94
CA ALA B 309 -52.10 50.24 51.60
C ALA B 309 -51.10 50.59 50.49
N GLN B 310 -49.86 50.09 50.63
CA GLN B 310 -48.79 50.24 49.61
C GLN B 310 -48.59 48.91 48.92
N TYR B 311 -48.15 48.98 47.66
CA TYR B 311 -48.04 47.79 46.83
C TYR B 311 -46.66 47.76 46.20
N THR B 312 -45.96 46.65 46.40
CA THR B 312 -44.58 46.50 45.96
C THR B 312 -44.35 45.18 45.23
N LEU B 313 -43.11 44.90 44.83
CA LEU B 313 -42.76 43.60 44.21
C LEU B 313 -42.77 42.45 45.23
N HIS B 314 -42.71 42.80 46.51
CA HIS B 314 -42.73 41.85 47.61
C HIS B 314 -44.10 41.63 48.18
N SER B 315 -45.08 42.42 47.74
CA SER B 315 -46.48 42.16 48.12
C SER B 315 -46.92 40.77 47.63
N ASP B 316 -47.99 40.26 48.23
CA ASP B 316 -48.54 38.95 47.89
C ASP B 316 -49.38 39.08 46.63
N GLN B 317 -49.20 38.19 45.67
CA GLN B 317 -49.94 38.27 44.42
C GLN B 317 -51.42 38.30 44.69
N TYR B 318 -51.87 37.52 45.65
CA TYR B 318 -53.30 37.54 45.99
C TYR B 318 -53.74 38.94 46.42
N ASP B 319 -52.90 39.65 47.19
CA ASP B 319 -53.17 41.05 47.57
C ASP B 319 -53.13 42.03 46.39
N LEU B 320 -52.30 41.74 45.40
CA LEU B 320 -52.24 42.55 44.21
C LEU B 320 -53.43 42.26 43.34
N ASN B 321 -53.83 41.00 43.25
CA ASN B 321 -55.00 40.61 42.44
C ASN B 321 -56.33 41.11 43.02
N GLN B 322 -56.33 41.34 44.33
CA GLN B 322 -57.47 41.87 45.07
C GLN B 322 -57.53 43.39 44.91
N ALA B 323 -56.38 44.04 44.94
CA ALA B 323 -56.32 45.48 44.72
C ALA B 323 -56.79 45.82 43.31
N ALA B 324 -56.44 44.95 42.35
CA ALA B 324 -56.71 45.18 40.93
C ALA B 324 -58.19 44.97 40.59
N GLN B 325 -58.87 44.21 41.45
CA GLN B 325 -60.31 44.06 41.39
C GLN B 325 -61.01 45.26 42.03
N ASP B 326 -60.52 45.73 43.18
CA ASP B 326 -61.09 46.90 43.86
C ASP B 326 -61.00 48.14 42.96
N VAL B 327 -60.01 48.14 42.07
CA VAL B 327 -59.89 49.18 41.06
C VAL B 327 -61.00 49.05 40.03
N GLN B 328 -61.19 47.86 39.47
CA GLN B 328 -62.29 47.61 38.52
C GLN B 328 -63.62 48.13 39.01
N VAL B 329 -63.89 47.88 40.29
CA VAL B 329 -65.12 48.32 40.94
C VAL B 329 -65.21 49.83 40.88
N ALA B 330 -64.18 50.49 41.41
CA ALA B 330 -64.12 51.93 41.38
C ALA B 330 -64.17 52.49 39.96
N ILE B 331 -63.71 51.72 38.98
CA ILE B 331 -63.71 52.15 37.57
C ILE B 331 -65.11 52.15 37.02
N GLU B 332 -65.86 51.08 37.26
CA GLU B 332 -67.14 50.97 36.61
C GLU B 332 -68.07 52.08 37.07
N ARG B 333 -67.89 52.51 38.32
CA ARG B 333 -68.62 53.66 38.85
C ARG B 333 -68.28 54.97 38.12
N ARG B 334 -66.99 55.16 37.81
CA ARG B 334 -66.53 56.31 37.05
C ARG B 334 -66.96 56.18 35.60
N ILE B 335 -67.17 54.95 35.12
CA ILE B 335 -67.66 54.78 33.76
C ILE B 335 -69.12 55.16 33.76
N ALA B 336 -69.93 54.38 34.48
CA ALA B 336 -71.37 54.60 34.50
C ALA B 336 -71.77 56.05 34.87
N SER B 337 -71.00 56.68 35.76
CA SER B 337 -71.19 58.11 36.09
C SER B 337 -70.96 58.99 34.86
N GLU B 338 -69.86 58.77 34.15
CA GLU B 338 -69.49 59.60 33.00
C GLU B 338 -69.96 59.04 31.65
N HIS B 339 -70.83 58.03 31.69
CA HIS B 339 -71.42 57.47 30.47
C HIS B 339 -70.39 57.29 29.39
N GLY B 340 -69.22 56.79 29.77
CA GLY B 340 -68.14 56.61 28.81
C GLY B 340 -66.81 56.13 29.39
N THR B 341 -65.93 55.70 28.49
CA THR B 341 -64.57 55.31 28.85
C THR B 341 -63.61 56.24 28.12
N ASP B 342 -64.08 57.48 27.90
CA ASP B 342 -63.35 58.48 27.14
C ASP B 342 -62.18 59.00 27.99
N TRP B 343 -62.39 59.01 29.30
CA TRP B 343 -61.39 59.41 30.30
C TRP B 343 -60.35 58.37 30.56
N LEU B 344 -60.75 57.10 30.40
CA LEU B 344 -59.88 55.96 30.60
C LEU B 344 -58.85 55.86 29.47
N GLN B 345 -59.28 56.22 28.27
CA GLN B 345 -58.38 56.33 27.14
C GLN B 345 -57.30 57.36 27.49
N LYS B 346 -57.72 58.53 27.97
CA LYS B 346 -56.77 59.61 28.28
C LYS B 346 -55.93 59.34 29.53
N LEU B 347 -56.47 58.56 30.47
CA LEU B 347 -55.79 58.26 31.72
C LEU B 347 -54.65 57.23 31.60
N LEU B 348 -54.91 56.10 30.93
CA LEU B 348 -53.90 55.05 30.83
C LEU B 348 -52.96 55.26 29.66
N PHE B 349 -53.52 55.59 28.50
CA PHE B 349 -52.77 55.56 27.24
C PHE B 349 -52.34 56.91 26.74
N GLU B 350 -52.54 57.97 27.53
CA GLU B 350 -52.09 59.30 27.11
C GLU B 350 -51.57 60.09 28.30
N SER B 351 -50.86 61.18 28.02
CA SER B 351 -50.18 61.95 29.06
C SER B 351 -51.12 62.57 30.07
N GLN B 352 -50.60 62.76 31.27
CA GLN B 352 -51.27 63.45 32.34
C GLN B 352 -50.21 64.26 33.06
N ASN B 353 -50.49 65.54 33.28
CA ASN B 353 -49.56 66.47 33.98
C ASN B 353 -48.22 66.66 33.24
N ASN B 354 -48.24 66.47 31.92
CA ASN B 354 -47.03 66.49 31.08
C ASN B 354 -46.04 65.32 31.31
N ASN B 355 -46.55 64.16 31.81
CA ASN B 355 -45.74 62.94 31.98
C ASN B 355 -46.08 61.88 30.91
N PRO B 356 -45.23 60.85 30.77
CA PRO B 356 -45.55 59.77 29.82
C PRO B 356 -46.81 58.98 30.20
N SER B 357 -47.50 58.41 29.21
CA SER B 357 -48.70 57.64 29.49
C SER B 357 -48.34 56.39 30.27
N PHE B 358 -49.28 55.90 31.09
CA PHE B 358 -49.00 54.77 31.96
C PHE B 358 -48.39 53.61 31.18
N VAL B 359 -48.97 53.27 30.04
CA VAL B 359 -48.39 52.26 29.16
C VAL B 359 -46.93 52.55 28.88
N LYS B 360 -46.63 53.79 28.50
CA LYS B 360 -45.26 54.20 28.11
C LYS B 360 -44.34 54.41 29.30
N GLN B 361 -44.90 54.43 30.51
CA GLN B 361 -44.08 54.50 31.71
C GLN B 361 -43.39 53.16 32.00
N GLN B 362 -44.02 52.07 31.56
CA GLN B 362 -43.55 50.74 31.89
C GLN B 362 -42.33 50.32 31.08
N PHE B 363 -41.51 49.47 31.69
CA PHE B 363 -40.20 49.13 31.15
C PHE B 363 -40.31 48.46 29.79
N ILE B 364 -41.10 47.40 29.74
CA ILE B 364 -41.15 46.54 28.56
C ILE B 364 -41.85 47.22 27.40
N TRP B 365 -42.49 48.37 27.66
CA TRP B 365 -43.32 49.06 26.65
C TRP B 365 -42.78 50.39 26.20
N ASN B 366 -41.47 50.57 26.34
CA ASN B 366 -40.83 51.83 25.96
C ASN B 366 -39.41 51.64 25.45
N LYS B 367 -38.72 52.73 25.18
CA LYS B 367 -37.40 52.64 24.58
C LYS B 367 -36.32 52.01 25.44
N ASP B 368 -36.46 52.03 26.76
CA ASP B 368 -35.38 51.52 27.63
C ASP B 368 -35.13 50.04 27.40
N SER B 369 -36.21 49.30 27.19
CA SER B 369 -36.16 47.87 26.95
C SER B 369 -35.77 47.52 25.51
N GLU B 370 -35.60 48.54 24.69
CA GLU B 370 -35.03 48.38 23.34
C GLU B 370 -33.53 48.62 23.31
N TYR B 371 -32.94 49.01 24.43
CA TYR B 371 -31.49 49.17 24.53
C TYR B 371 -30.89 49.89 23.34
N HIS B 372 -31.27 51.16 23.19
CA HIS B 372 -30.82 52.01 22.08
C HIS B 372 -29.35 52.34 22.22
N GLY B 373 -28.80 53.13 21.29
CA GLY B 373 -27.41 53.58 21.39
C GLY B 373 -26.40 52.50 21.07
N GLY B 374 -25.13 52.83 21.16
CA GLY B 374 -24.03 51.94 20.72
C GLY B 374 -23.14 52.53 19.62
N GLY B 375 -22.04 51.86 19.30
CA GLY B 375 -21.14 52.32 18.24
C GLY B 375 -21.59 51.98 16.82
N ASP B 376 -22.17 50.79 16.66
CA ASP B 376 -22.76 50.38 15.38
C ASP B 376 -24.10 51.11 15.10
N ALA B 377 -24.72 51.63 16.17
CA ALA B 377 -25.97 52.38 16.07
C ALA B 377 -25.71 53.82 15.60
N TRP B 378 -25.66 54.03 14.28
CA TRP B 378 -25.22 55.32 13.73
C TRP B 378 -26.24 56.38 13.78
N PHE B 379 -27.47 56.06 13.42
CA PHE B 379 -28.55 57.04 13.42
C PHE B 379 -29.82 56.52 14.07
N GLN B 380 -30.61 57.46 14.59
CA GLN B 380 -31.92 57.19 15.20
C GLN B 380 -31.90 56.15 16.31
N GLY B 381 -30.74 55.95 16.94
CA GLY B 381 -30.60 55.03 18.10
C GLY B 381 -30.41 53.53 17.82
N GLY B 382 -30.15 53.17 16.57
CA GLY B 382 -29.97 51.75 16.22
C GLY B 382 -31.06 51.21 15.30
N TYR B 383 -31.03 49.88 15.09
CA TYR B 383 -31.93 49.22 14.14
C TYR B 383 -32.49 47.90 14.64
N LEU B 384 -33.60 47.51 14.02
CA LEU B 384 -34.24 46.22 14.25
C LEU B 384 -34.25 45.42 12.95
N LYS B 385 -33.51 44.31 12.94
CA LYS B 385 -33.42 43.41 11.79
C LYS B 385 -34.59 42.39 11.78
N TYR B 386 -35.28 42.30 10.66
CA TYR B 386 -36.40 41.39 10.53
C TYR B 386 -35.97 39.95 10.27
N GLY B 387 -36.79 39.03 10.76
CA GLY B 387 -36.63 37.61 10.54
C GLY B 387 -37.98 36.90 10.39
N ASN B 388 -37.91 35.57 10.48
CA ASN B 388 -39.03 34.71 10.17
C ASN B 388 -39.58 34.07 11.42
N ASN B 389 -40.89 33.79 11.41
CA ASN B 389 -41.57 33.13 12.52
C ASN B 389 -42.81 32.39 12.02
N PRO B 390 -43.09 31.19 12.56
CA PRO B 390 -44.28 30.47 12.11
C PRO B 390 -45.58 31.28 12.26
N LEU B 391 -45.67 32.09 13.31
CA LEU B 391 -46.89 32.83 13.65
C LEU B 391 -47.16 34.05 12.74
N THR B 392 -46.10 34.49 12.04
CA THR B 392 -46.14 35.65 11.17
C THR B 392 -45.78 35.25 9.73
N PRO B 393 -46.70 34.59 9.03
CA PRO B 393 -46.40 34.08 7.70
C PRO B 393 -46.44 35.16 6.62
N THR B 394 -47.15 36.26 6.88
CA THR B 394 -47.28 37.35 5.90
C THR B 394 -46.05 38.27 5.85
N THR B 395 -45.26 38.29 6.92
CA THR B 395 -44.07 39.14 6.99
C THR B 395 -42.73 38.38 6.93
N ASN B 396 -42.80 37.08 6.65
CA ASN B 396 -41.60 36.24 6.48
C ASN B 396 -40.96 36.51 5.14
N SER B 397 -39.69 36.15 5.01
CA SER B 397 -38.96 36.38 3.77
C SER B 397 -37.77 35.44 3.69
N ASP B 398 -37.53 34.90 2.51
CA ASP B 398 -36.44 33.96 2.32
C ASP B 398 -35.13 34.67 2.02
N TYR B 399 -35.18 35.96 1.72
CA TYR B 399 -33.99 36.73 1.33
C TYR B 399 -33.40 37.54 2.48
N ARG B 400 -33.67 38.85 2.49
CA ARG B 400 -33.14 39.77 3.50
C ARG B 400 -31.60 39.75 3.65
N GLN B 401 -30.88 39.34 2.61
CA GLN B 401 -29.42 39.34 2.66
C GLN B 401 -28.88 40.74 2.28
N PRO B 402 -27.87 41.23 3.03
CA PRO B 402 -27.35 42.56 2.81
C PRO B 402 -26.53 42.65 1.52
N GLY B 403 -25.65 41.67 1.32
CA GLY B 403 -24.78 41.61 0.15
C GLY B 403 -23.96 42.85 -0.11
N ASN B 404 -23.44 43.45 0.96
CA ASN B 404 -22.50 44.57 0.84
C ASN B 404 -21.85 44.84 2.18
N ALA B 405 -21.01 45.88 2.22
CA ALA B 405 -20.31 46.29 3.44
C ALA B 405 -21.30 46.74 4.53
N PHE B 406 -22.33 47.48 4.13
CA PHE B 406 -23.35 47.97 5.06
C PHE B 406 -24.76 47.55 4.65
N ASP B 407 -25.71 47.64 5.60
CA ASP B 407 -27.08 47.19 5.36
C ASP B 407 -28.15 48.26 5.71
N PHE B 408 -28.22 48.57 7.00
CA PHE B 408 -29.18 49.51 7.56
C PHE B 408 -28.58 50.89 7.60
N LEU B 409 -29.43 51.92 7.61
CA LEU B 409 -28.94 53.29 7.78
C LEU B 409 -29.98 54.23 8.40
N LEU B 410 -31.13 54.35 7.74
CA LEU B 410 -32.20 55.17 8.23
C LEU B 410 -33.54 54.50 7.99
N ALA B 411 -34.55 54.94 8.74
CA ALA B 411 -35.97 54.56 8.58
C ALA B 411 -36.20 53.09 8.25
N ASN B 412 -37.11 52.79 7.32
CA ASN B 412 -37.40 51.42 6.85
C ASN B 412 -36.47 50.97 5.73
N ASP B 413 -35.48 50.11 6.01
CA ASP B 413 -34.48 49.68 5.02
C ASP B 413 -35.05 48.68 4.01
N VAL B 414 -35.09 49.05 2.73
CA VAL B 414 -35.68 48.22 1.66
C VAL B 414 -34.77 47.04 1.33
N ASP B 415 -35.36 45.86 1.19
CA ASP B 415 -34.60 44.66 0.85
C ASP B 415 -34.40 44.59 -0.65
N ASN B 416 -33.23 45.05 -1.09
CA ASN B 416 -32.91 45.05 -2.52
C ASN B 416 -32.43 43.71 -3.04
N SER B 417 -32.35 42.70 -2.17
CA SER B 417 -32.05 41.32 -2.58
C SER B 417 -33.29 40.66 -3.19
N ASN B 418 -34.47 41.08 -2.73
CA ASN B 418 -35.75 40.50 -3.16
C ASN B 418 -36.07 40.72 -4.65
N PRO B 419 -36.20 39.63 -5.44
CA PRO B 419 -36.45 39.73 -6.89
C PRO B 419 -37.60 40.66 -7.29
N VAL B 420 -38.64 40.72 -6.45
CA VAL B 420 -39.75 41.62 -6.67
C VAL B 420 -39.28 43.07 -6.58
N VAL B 421 -38.46 43.33 -5.57
CA VAL B 421 -38.01 44.68 -5.28
C VAL B 421 -36.90 45.09 -6.27
N GLN B 422 -36.15 44.11 -6.76
CA GLN B 422 -35.23 44.38 -7.86
C GLN B 422 -36.00 44.81 -9.10
N ALA B 423 -37.11 44.11 -9.38
CA ALA B 423 -38.03 44.48 -10.45
C ALA B 423 -38.56 45.88 -10.22
N GLU B 424 -38.95 46.16 -8.99
CA GLU B 424 -39.50 47.47 -8.63
C GLU B 424 -38.52 48.65 -8.79
N ASN B 425 -37.24 48.36 -8.53
CA ASN B 425 -36.20 49.37 -8.65
C ASN B 425 -35.88 49.72 -10.08
N LEU B 426 -36.06 48.78 -11.00
CA LEU B 426 -35.87 49.04 -12.43
C LEU B 426 -37.08 49.76 -12.97
N ASN B 427 -38.24 49.39 -12.49
CA ASN B 427 -39.44 50.10 -12.88
C ASN B 427 -39.32 51.57 -12.52
N TRP B 428 -39.02 51.84 -11.26
CA TRP B 428 -38.79 53.19 -10.79
C TRP B 428 -37.70 53.86 -11.57
N LEU B 429 -36.68 53.08 -11.93
CA LEU B 429 -35.58 53.59 -12.74
C LEU B 429 -36.06 53.97 -14.13
N HIS B 430 -36.98 53.21 -14.68
CA HIS B 430 -37.52 53.50 -16.01
C HIS B 430 -38.44 54.67 -15.98
N TYR B 431 -39.21 54.77 -14.89
CA TYR B 431 -40.10 55.89 -14.66
C TYR B 431 -39.30 57.15 -14.55
N LEU B 432 -38.29 57.16 -13.67
CA LEU B 432 -37.42 58.32 -13.54
C LEU B 432 -36.85 58.66 -14.92
N MET B 433 -36.16 57.69 -15.51
CA MET B 433 -35.48 57.90 -16.80
C MET B 433 -36.42 58.29 -17.91
N ASN B 434 -37.72 58.15 -17.72
CA ASN B 434 -38.66 58.65 -18.71
C ASN B 434 -39.77 59.52 -18.10
N PHE B 435 -39.43 60.24 -17.06
CA PHE B 435 -40.41 61.01 -16.29
C PHE B 435 -41.26 61.95 -17.12
N GLY B 436 -40.64 62.60 -18.09
CA GLY B 436 -41.38 63.53 -18.95
C GLY B 436 -42.29 62.81 -19.92
N THR B 437 -41.74 61.82 -20.63
CA THR B 437 -42.52 61.12 -21.63
C THR B 437 -43.71 60.45 -20.97
N ILE B 438 -43.49 59.91 -19.77
CA ILE B 438 -44.57 59.27 -19.02
C ILE B 438 -45.58 60.30 -18.49
N THR B 439 -45.11 61.36 -17.85
CA THR B 439 -46.03 62.26 -17.14
C THR B 439 -46.82 63.18 -18.08
N ALA B 440 -46.13 64.05 -18.81
CA ALA B 440 -46.78 65.00 -19.71
C ALA B 440 -46.41 64.79 -21.18
N GLY B 441 -45.90 63.60 -21.50
CA GLY B 441 -45.57 63.25 -22.87
C GLY B 441 -44.52 64.14 -23.47
N GLN B 442 -43.65 64.68 -22.62
CA GLN B 442 -42.61 65.66 -23.03
C GLN B 442 -41.22 65.00 -23.09
N ASP B 443 -40.81 64.53 -24.28
CA ASP B 443 -39.56 63.73 -24.39
C ASP B 443 -38.25 64.46 -24.08
N ASP B 444 -38.27 65.78 -24.01
CA ASP B 444 -37.06 66.50 -23.70
C ASP B 444 -36.92 66.68 -22.20
N ALA B 445 -37.99 66.44 -21.46
CA ALA B 445 -37.96 66.58 -20.00
C ALA B 445 -37.75 65.23 -19.31
N ASN B 446 -36.67 64.54 -19.67
CA ASN B 446 -36.32 63.24 -19.09
C ASN B 446 -34.92 63.23 -18.46
N PHE B 447 -34.76 62.46 -17.39
CA PHE B 447 -33.45 62.34 -16.77
C PHE B 447 -32.52 61.50 -17.64
N ASP B 448 -31.22 61.60 -17.37
CA ASP B 448 -30.18 60.99 -18.17
C ASP B 448 -29.28 60.13 -17.32
N SER B 449 -28.62 60.72 -16.34
CA SER B 449 -27.72 59.97 -15.47
C SER B 449 -28.38 59.78 -14.12
N ILE B 450 -27.75 58.94 -13.28
CA ILE B 450 -28.24 58.66 -11.92
C ILE B 450 -27.17 58.75 -10.83
N ARG B 451 -27.60 59.12 -9.63
CA ARG B 451 -26.77 59.03 -8.45
C ARG B 451 -27.29 57.88 -7.61
N ILE B 452 -26.41 56.97 -7.23
CA ILE B 452 -26.82 55.87 -6.38
C ILE B 452 -26.56 56.23 -4.91
N ASP B 453 -27.62 56.70 -4.26
CA ASP B 453 -27.54 57.14 -2.88
C ASP B 453 -27.31 55.92 -2.00
N ALA B 454 -26.23 55.96 -1.24
CA ALA B 454 -25.88 54.91 -0.29
C ALA B 454 -25.64 53.59 -1.02
N VAL B 455 -24.66 53.60 -1.91
CA VAL B 455 -24.35 52.43 -2.72
C VAL B 455 -23.84 51.23 -1.90
N ASP B 456 -23.17 51.52 -0.79
CA ASP B 456 -22.65 50.46 0.08
C ASP B 456 -23.70 49.99 1.10
N PHE B 457 -24.91 50.55 1.03
CA PHE B 457 -25.98 50.13 1.94
C PHE B 457 -27.08 49.31 1.27
N ILE B 458 -26.85 48.99 0.00
CA ILE B 458 -27.78 48.18 -0.80
C ILE B 458 -27.09 47.01 -1.48
N HIS B 459 -27.89 46.02 -1.85
CA HIS B 459 -27.36 44.76 -2.39
C HIS B 459 -26.74 44.90 -3.74
N ASN B 460 -25.61 44.25 -3.94
CA ASN B 460 -24.87 44.42 -5.17
C ASN B 460 -25.72 44.02 -6.37
N ASP B 461 -26.55 43.00 -6.20
CA ASP B 461 -27.38 42.55 -7.28
C ASP B 461 -28.14 43.73 -7.89
N THR B 462 -28.85 44.52 -7.11
CA THR B 462 -29.64 45.61 -7.71
C THR B 462 -28.73 46.64 -8.36
N ILE B 463 -27.50 46.78 -7.87
CA ILE B 463 -26.56 47.75 -8.44
C ILE B 463 -26.13 47.27 -9.80
N GLN B 464 -25.64 46.02 -9.86
CA GLN B 464 -25.31 45.37 -11.13
C GLN B 464 -26.43 45.50 -12.14
N ARG B 465 -27.65 45.21 -11.70
CA ARG B 465 -28.82 45.24 -12.58
C ARG B 465 -29.07 46.68 -13.06
N THR B 466 -28.92 47.66 -12.17
CA THR B 466 -29.17 49.04 -12.52
C THR B 466 -28.23 49.48 -13.62
N TYR B 467 -26.98 49.03 -13.58
CA TYR B 467 -26.01 49.41 -14.61
C TYR B 467 -26.31 48.74 -15.94
N ASP B 468 -26.80 47.51 -15.89
CA ASP B 468 -27.15 46.78 -17.11
C ASP B 468 -28.31 47.46 -17.83
N TYR B 469 -29.26 48.00 -17.07
CA TYR B 469 -30.37 48.75 -17.66
C TYR B 469 -29.81 49.89 -18.49
N LEU B 470 -28.92 50.67 -17.87
CA LEU B 470 -28.31 51.80 -18.55
C LEU B 470 -27.58 51.33 -19.81
N ARG B 471 -26.92 50.17 -19.73
CA ARG B 471 -26.17 49.64 -20.87
C ARG B 471 -27.14 49.26 -21.97
N ASP B 472 -28.23 48.61 -21.61
CA ASP B 472 -29.20 48.23 -22.61
C ASP B 472 -29.91 49.46 -23.13
N ALA B 473 -30.27 50.36 -22.22
CA ALA B 473 -31.15 51.49 -22.54
C ALA B 473 -30.43 52.63 -23.25
N TYR B 474 -29.17 52.85 -22.93
CA TYR B 474 -28.41 53.96 -23.52
C TYR B 474 -27.08 53.55 -24.16
N GLN B 475 -26.78 52.25 -24.18
CA GLN B 475 -25.54 51.69 -24.77
C GLN B 475 -24.26 52.34 -24.26
N VAL B 476 -24.18 52.65 -22.97
CA VAL B 476 -23.06 53.44 -22.46
C VAL B 476 -21.68 52.73 -22.63
N GLN B 477 -21.68 51.41 -22.68
CA GLN B 477 -20.43 50.67 -22.94
C GLN B 477 -19.92 50.77 -24.39
N GLN B 478 -20.79 51.19 -25.32
CA GLN B 478 -20.46 51.19 -26.76
C GLN B 478 -19.38 52.20 -27.18
N SER B 479 -19.54 53.46 -26.77
CA SER B 479 -18.57 54.52 -27.13
C SER B 479 -18.41 55.51 -25.99
N GLU B 480 -17.31 56.26 -26.00
CA GLU B 480 -17.15 57.30 -24.99
C GLU B 480 -18.09 58.47 -25.27
N ALA B 481 -18.58 58.57 -26.51
CA ALA B 481 -19.54 59.59 -26.88
C ALA B 481 -20.84 59.39 -26.15
N LYS B 482 -21.27 58.14 -26.04
CA LYS B 482 -22.52 57.81 -25.34
C LYS B 482 -22.32 57.83 -23.82
N ALA B 483 -21.26 57.18 -23.35
CA ALA B 483 -20.94 57.11 -21.92
C ALA B 483 -20.98 58.49 -21.30
N ASN B 484 -20.39 59.44 -22.02
CA ASN B 484 -20.29 60.80 -21.53
C ASN B 484 -21.58 61.58 -21.63
N GLN B 485 -22.55 61.08 -22.39
CA GLN B 485 -23.89 61.66 -22.37
C GLN B 485 -24.68 61.23 -21.16
N HIS B 486 -24.28 60.12 -20.53
CA HIS B 486 -24.94 59.62 -19.32
C HIS B 486 -23.90 59.28 -18.28
N ILE B 487 -23.32 60.32 -17.71
CA ILE B 487 -22.33 60.17 -16.64
C ILE B 487 -23.02 60.04 -15.29
N SER B 488 -23.05 58.81 -14.76
CA SER B 488 -23.67 58.48 -13.49
C SER B 488 -22.58 58.35 -12.43
N LEU B 489 -22.91 58.60 -11.15
CA LEU B 489 -21.91 58.49 -10.04
C LEU B 489 -22.47 57.74 -8.84
N VAL B 490 -21.64 57.51 -7.82
CA VAL B 490 -22.08 56.83 -6.59
C VAL B 490 -21.49 57.41 -5.31
N GLU B 491 -22.21 57.29 -4.21
CA GLU B 491 -21.76 57.85 -2.91
C GLU B 491 -20.78 56.92 -2.16
N ALA B 492 -19.58 56.79 -2.72
CA ALA B 492 -18.57 55.88 -2.23
C ALA B 492 -17.22 56.16 -2.88
N GLY B 493 -16.19 55.48 -2.38
CA GLY B 493 -14.87 55.52 -2.99
C GLY B 493 -14.59 54.22 -3.74
N LEU B 494 -13.36 53.75 -3.67
CA LEU B 494 -13.00 52.51 -4.32
C LEU B 494 -13.65 51.33 -3.63
N ASP B 495 -14.24 51.55 -2.45
CA ASP B 495 -14.94 50.47 -1.73
C ASP B 495 -16.19 49.97 -2.48
N ALA B 496 -16.73 50.79 -3.38
CA ALA B 496 -17.90 50.40 -4.18
C ALA B 496 -17.45 49.53 -5.32
N GLY B 497 -17.32 48.24 -5.05
CA GLY B 497 -16.73 47.30 -6.00
C GLY B 497 -17.53 47.03 -7.25
N THR B 498 -18.83 47.06 -7.10
CA THR B 498 -19.71 46.80 -8.20
C THR B 498 -19.62 47.91 -9.23
N SER B 499 -19.28 49.12 -8.80
CA SER B 499 -19.18 50.26 -9.69
C SER B 499 -17.83 50.34 -10.36
N THR B 500 -16.76 50.07 -9.59
CA THR B 500 -15.39 50.22 -10.08
C THR B 500 -14.96 49.11 -11.02
N ILE B 501 -15.66 47.98 -10.98
CA ILE B 501 -15.22 46.78 -11.67
C ILE B 501 -15.24 46.95 -13.17
N HIS B 502 -16.25 47.66 -13.66
CA HIS B 502 -16.36 47.93 -15.10
C HIS B 502 -16.49 49.40 -15.40
N ASN B 503 -16.18 50.21 -14.39
CA ASN B 503 -16.21 51.66 -14.50
C ASN B 503 -17.55 52.17 -15.07
N ASP B 504 -18.64 51.60 -14.58
CA ASP B 504 -19.99 51.95 -15.03
C ASP B 504 -20.37 53.37 -14.58
N ALA B 505 -19.90 53.73 -13.38
CA ALA B 505 -20.14 55.06 -12.84
C ALA B 505 -18.91 55.60 -12.12
N LEU B 506 -18.95 56.90 -11.85
CA LEU B 506 -17.89 57.57 -11.12
C LEU B 506 -18.01 57.34 -9.64
N ILE B 507 -16.87 57.42 -8.96
CA ILE B 507 -16.77 57.29 -7.49
C ILE B 507 -16.02 58.49 -6.92
N GLU B 508 -16.27 58.81 -5.65
CA GLU B 508 -15.65 59.99 -5.05
C GLU B 508 -14.17 59.73 -4.93
N SER B 509 -13.35 60.75 -5.13
CA SER B 509 -11.91 60.62 -4.92
C SER B 509 -11.55 61.02 -3.50
N ASN B 510 -10.30 60.76 -3.12
CA ASN B 510 -9.86 61.01 -1.76
C ASN B 510 -9.57 62.48 -1.49
N LEU B 511 -9.91 63.34 -2.45
CA LEU B 511 -9.51 64.74 -2.39
C LEU B 511 -10.13 65.45 -1.23
N ARG B 512 -11.28 65.00 -0.77
CA ARG B 512 -11.92 65.61 0.39
C ARG B 512 -11.22 65.25 1.68
N GLU B 513 -10.87 63.99 1.84
CA GLU B 513 -10.14 63.59 3.02
C GLU B 513 -8.83 64.36 3.00
N ALA B 514 -8.09 64.24 1.90
CA ALA B 514 -6.82 64.93 1.75
C ALA B 514 -6.92 66.42 2.15
N ALA B 515 -7.86 67.13 1.51
CA ALA B 515 -8.14 68.53 1.84
C ALA B 515 -8.38 68.74 3.32
N THR B 516 -9.19 67.86 3.91
CA THR B 516 -9.57 68.01 5.31
C THR B 516 -8.39 68.11 6.28
N LEU B 517 -7.32 67.36 6.02
CA LEU B 517 -6.14 67.39 6.90
C LEU B 517 -5.28 68.61 6.63
N SER B 518 -4.91 68.82 5.36
CA SER B 518 -3.90 69.83 5.02
C SER B 518 -4.42 71.29 4.91
N LEU B 519 -5.68 71.47 4.54
CA LEU B 519 -6.19 72.79 4.16
C LEU B 519 -7.33 73.31 5.04
N THR B 520 -8.31 72.47 5.34
CA THR B 520 -9.57 72.94 5.91
C THR B 520 -9.52 73.35 7.39
N ASN B 521 -8.39 73.15 8.06
CA ASN B 521 -8.32 73.46 9.48
C ASN B 521 -7.81 74.86 9.70
N GLU B 522 -7.85 75.31 10.97
CA GLU B 522 -7.33 76.62 11.37
C GLU B 522 -5.80 76.63 11.40
N PRO B 523 -5.16 77.81 11.37
CA PRO B 523 -3.71 77.83 11.30
C PRO B 523 -3.09 77.10 12.49
N GLY B 524 -2.05 76.30 12.20
CA GLY B 524 -1.39 75.51 13.23
C GLY B 524 -1.82 74.06 13.27
N LYS B 525 -3.08 73.78 12.99
CA LYS B 525 -3.60 72.39 12.96
C LYS B 525 -3.77 71.85 11.52
N ASN B 526 -2.78 72.11 10.67
CA ASN B 526 -2.80 71.63 9.28
C ASN B 526 -1.62 70.71 8.99
N LYS B 527 -1.84 69.80 8.06
CA LYS B 527 -0.79 68.87 7.60
C LYS B 527 -0.05 69.48 6.39
N PRO B 528 1.15 68.95 6.08
CA PRO B 528 1.88 69.43 4.89
C PRO B 528 1.18 69.07 3.57
N LEU B 529 1.17 70.00 2.62
CA LEU B 529 0.42 69.81 1.36
C LEU B 529 0.99 68.69 0.47
N THR B 530 1.81 67.83 1.06
CA THR B 530 2.43 66.75 0.33
C THR B 530 1.40 65.64 0.05
N ASN B 531 0.43 65.50 0.93
CA ASN B 531 -0.66 64.54 0.72
C ASN B 531 -1.55 64.85 -0.50
N MET B 532 -1.55 66.10 -0.96
CA MET B 532 -2.31 66.48 -2.15
C MET B 532 -1.65 66.07 -3.47
N LEU B 533 -0.39 65.66 -3.42
CA LEU B 533 0.37 65.31 -4.63
C LEU B 533 -0.22 64.07 -5.32
N GLN B 534 -0.69 63.12 -4.53
CA GLN B 534 -1.26 61.88 -5.04
C GLN B 534 -2.66 61.73 -4.49
N ASP B 535 -3.50 61.01 -5.22
CA ASP B 535 -4.89 60.78 -4.84
C ASP B 535 -5.08 59.31 -4.53
N VAL B 536 -4.97 58.95 -3.25
CA VAL B 536 -4.95 57.56 -2.81
C VAL B 536 -6.09 57.28 -1.81
N ASP B 537 -6.97 56.34 -2.16
CA ASP B 537 -8.06 55.90 -1.29
C ASP B 537 -7.53 54.75 -0.41
N GLY B 538 -6.92 55.12 0.70
CA GLY B 538 -6.46 54.17 1.70
C GLY B 538 -5.63 53.09 1.04
N GLY B 539 -4.43 53.48 0.63
CA GLY B 539 -3.49 52.54 0.03
C GLY B 539 -3.57 52.47 -1.48
N THR B 540 -4.79 52.31 -2.00
CA THR B 540 -4.99 52.10 -3.43
C THR B 540 -5.04 53.41 -4.21
N LEU B 541 -4.03 53.66 -5.03
CA LEU B 541 -3.92 54.91 -5.80
C LEU B 541 -5.01 55.01 -6.88
N ILE B 542 -5.67 56.15 -6.92
CA ILE B 542 -6.65 56.44 -7.97
C ILE B 542 -6.00 57.19 -9.11
N THR B 543 -5.10 58.12 -8.76
CA THR B 543 -4.30 58.90 -9.72
C THR B 543 -3.16 59.66 -9.03
N ASP B 544 -2.05 59.81 -9.74
CA ASP B 544 -0.88 60.50 -9.21
C ASP B 544 -0.72 61.78 -10.00
N HIS B 545 -0.56 62.90 -9.30
CA HIS B 545 -0.46 64.20 -9.99
C HIS B 545 0.95 64.67 -10.23
N THR B 546 1.95 63.97 -9.68
CA THR B 546 3.32 64.49 -9.73
C THR B 546 3.83 64.70 -11.16
N GLN B 547 3.66 63.69 -12.01
CA GLN B 547 4.05 63.77 -13.41
C GLN B 547 3.02 63.00 -14.23
N ASN B 548 1.79 63.50 -14.28
CA ASN B 548 0.70 62.82 -14.99
C ASN B 548 0.73 63.09 -16.51
N SER B 549 1.26 62.15 -17.31
CA SER B 549 1.35 62.33 -18.78
C SER B 549 0.41 61.42 -19.60
N THR B 550 0.10 60.23 -19.07
CA THR B 550 -0.80 59.30 -19.76
C THR B 550 -2.26 59.54 -19.40
N GLU B 551 -3.14 58.87 -20.16
CA GLU B 551 -4.59 58.92 -19.96
C GLU B 551 -5.18 57.52 -20.04
N ASN B 552 -6.45 57.38 -19.67
CA ASN B 552 -7.12 56.07 -19.56
C ASN B 552 -6.44 55.13 -18.57
N GLN B 553 -5.77 55.66 -17.55
CA GLN B 553 -5.09 54.85 -16.55
C GLN B 553 -5.86 54.96 -15.27
N ALA B 554 -6.20 56.19 -14.88
CA ALA B 554 -6.84 56.42 -13.60
C ALA B 554 -8.26 55.83 -13.51
N THR B 555 -8.73 55.65 -12.27
CA THR B 555 -10.12 55.29 -12.01
C THR B 555 -11.05 56.51 -12.18
N PRO B 556 -12.01 56.42 -13.11
CA PRO B 556 -13.01 57.48 -13.18
C PRO B 556 -13.54 57.91 -11.80
N ASN B 557 -13.45 59.20 -11.52
CA ASN B 557 -13.79 59.72 -10.20
C ASN B 557 -14.23 61.19 -10.21
N TYR B 558 -14.93 61.60 -9.15
CA TYR B 558 -15.30 63.00 -8.95
C TYR B 558 -14.78 63.55 -7.61
N SER B 559 -14.28 64.77 -7.63
CA SER B 559 -13.71 65.37 -6.43
C SER B 559 -14.67 66.37 -5.83
N ILE B 560 -14.73 66.39 -4.51
CA ILE B 560 -15.52 67.41 -3.82
C ILE B 560 -14.84 67.83 -2.53
N ILE B 561 -15.26 68.97 -2.04
CA ILE B 561 -14.81 69.47 -0.73
C ILE B 561 -15.99 69.62 0.22
N HIS B 562 -17.17 69.90 -0.34
CA HIS B 562 -18.45 69.84 0.40
C HIS B 562 -19.53 69.30 -0.48
N ALA B 563 -20.63 68.89 0.15
CA ALA B 563 -21.88 68.52 -0.52
C ALA B 563 -23.02 68.69 0.47
N HIS B 564 -24.23 68.28 0.10
CA HIS B 564 -25.40 68.53 0.96
C HIS B 564 -25.21 68.02 2.37
N ASP B 565 -24.53 66.89 2.47
CA ASP B 565 -24.30 66.18 3.74
C ASP B 565 -22.84 66.14 4.18
N LYS B 566 -21.91 66.18 3.23
CA LYS B 566 -20.48 65.96 3.51
C LYS B 566 -19.81 67.24 3.97
N GLY B 567 -19.43 67.29 5.25
CA GLY B 567 -18.70 68.45 5.80
C GLY B 567 -19.53 69.71 5.88
N VAL B 568 -20.79 69.55 6.24
CA VAL B 568 -21.77 70.61 6.13
C VAL B 568 -22.75 70.53 7.29
N GLN B 569 -23.54 69.46 7.30
CA GLN B 569 -24.61 69.27 8.27
C GLN B 569 -24.09 69.21 9.71
N GLU B 570 -23.00 68.47 9.92
CA GLU B 570 -22.37 68.45 11.23
C GLU B 570 -21.88 69.85 11.67
N LYS B 571 -21.29 70.60 10.73
CA LYS B 571 -20.77 71.93 10.98
C LYS B 571 -21.92 72.92 11.20
N VAL B 572 -22.90 72.90 10.29
CA VAL B 572 -24.07 73.79 10.38
C VAL B 572 -24.87 73.52 11.63
N GLY B 573 -25.16 72.24 11.87
CA GLY B 573 -25.83 71.81 13.11
C GLY B 573 -25.12 72.33 14.34
N ALA B 574 -23.80 72.14 14.37
CA ALA B 574 -22.93 72.67 15.41
C ALA B 574 -23.21 74.15 15.64
N ALA B 575 -23.42 74.87 14.53
CA ALA B 575 -23.78 76.28 14.60
C ALA B 575 -25.22 76.43 15.12
N ILE B 576 -26.13 75.54 14.73
CA ILE B 576 -27.52 75.66 15.18
C ILE B 576 -27.67 75.46 16.70
N THR B 577 -27.06 74.40 17.24
CA THR B 577 -27.22 74.07 18.67
C THR B 577 -26.77 75.18 19.62
N ASP B 578 -25.63 75.80 19.31
CA ASP B 578 -25.17 76.97 20.05
C ASP B 578 -26.16 78.06 19.74
N ALA B 579 -26.43 78.91 20.72
CA ALA B 579 -27.41 80.00 20.56
C ALA B 579 -28.78 79.51 20.04
N THR B 580 -29.16 78.28 20.42
CA THR B 580 -30.52 77.76 20.15
C THR B 580 -30.85 76.55 21.04
N GLY B 581 -29.91 75.62 21.17
CA GLY B 581 -30.08 74.46 22.06
C GLY B 581 -30.68 73.23 21.42
N ALA B 582 -31.43 73.42 20.33
CA ALA B 582 -32.06 72.32 19.59
C ALA B 582 -31.01 71.50 18.87
N ASP B 583 -31.18 70.18 18.86
CA ASP B 583 -30.21 69.29 18.22
C ASP B 583 -30.41 69.29 16.70
N TRP B 584 -29.40 68.81 16.01
CA TRP B 584 -29.31 68.99 14.57
C TRP B 584 -30.26 68.16 13.75
N THR B 585 -30.91 67.17 14.35
CA THR B 585 -31.88 66.34 13.60
C THR B 585 -33.27 66.97 13.54
N ASN B 586 -33.61 67.83 14.50
CA ASN B 586 -34.96 68.40 14.57
C ASN B 586 -34.98 69.80 15.16
N PHE B 587 -35.65 70.72 14.45
CA PHE B 587 -35.75 72.12 14.85
C PHE B 587 -36.82 72.88 14.04
N THR B 588 -37.18 74.04 14.56
CA THR B 588 -38.15 74.93 13.94
C THR B 588 -37.43 75.91 13.03
N ASP B 589 -38.15 76.54 12.12
CA ASP B 589 -37.55 77.50 11.18
C ASP B 589 -36.86 78.67 11.90
N GLU B 590 -37.47 79.13 13.00
CA GLU B 590 -36.92 80.22 13.82
C GLU B 590 -35.53 79.86 14.35
N GLN B 591 -35.37 78.62 14.79
CA GLN B 591 -34.08 78.12 15.23
C GLN B 591 -33.13 78.01 14.03
N LEU B 592 -33.65 77.61 12.87
CA LEU B 592 -32.82 77.42 11.67
C LEU B 592 -32.21 78.73 11.24
N LYS B 593 -33.05 79.68 10.88
CA LYS B 593 -32.58 81.01 10.43
C LYS B 593 -31.60 81.60 11.45
N ALA B 594 -31.80 81.30 12.72
CA ALA B 594 -30.92 81.76 13.81
C ALA B 594 -29.55 81.11 13.73
N GLY B 595 -29.53 79.83 13.36
CA GLY B 595 -28.27 79.10 13.22
C GLY B 595 -27.44 79.63 12.07
N LEU B 596 -28.09 79.82 10.94
CA LEU B 596 -27.41 80.28 9.73
C LEU B 596 -26.85 81.70 9.91
N GLU B 597 -27.60 82.58 10.57
CA GLU B 597 -27.11 83.93 10.85
C GLU B 597 -25.78 83.87 11.57
N LEU B 598 -25.65 82.96 12.54
CA LEU B 598 -24.37 82.77 13.24
C LEU B 598 -23.36 82.08 12.33
N PHE B 599 -23.80 81.02 11.66
CA PHE B 599 -22.96 80.28 10.72
C PHE B 599 -22.31 81.14 9.63
N TYR B 600 -23.14 81.87 8.87
CA TYR B 600 -22.65 82.71 7.76
C TYR B 600 -21.92 83.99 8.23
N LYS B 601 -22.27 84.52 9.41
CA LYS B 601 -21.46 85.58 10.04
C LYS B 601 -20.04 85.08 10.35
N ASP B 602 -19.96 83.79 10.69
CA ASP B 602 -18.70 83.10 10.99
C ASP B 602 -17.90 82.85 9.71
N GLN B 603 -18.60 82.41 8.67
CA GLN B 603 -18.01 82.10 7.37
C GLN B 603 -17.28 83.26 6.71
N ARG B 604 -17.79 84.49 6.90
CA ARG B 604 -17.17 85.70 6.36
C ARG B 604 -16.03 86.25 7.21
N ALA B 605 -15.82 85.65 8.39
CA ALA B 605 -14.73 86.03 9.30
C ALA B 605 -13.41 85.37 8.90
N THR B 606 -12.29 85.98 9.30
CA THR B 606 -10.96 85.39 9.05
C THR B 606 -10.65 84.25 10.00
N ASN B 607 -11.02 84.44 11.26
CA ASN B 607 -10.91 83.37 12.24
C ASN B 607 -12.28 82.66 12.30
N LYS B 608 -12.30 81.40 11.86
CA LYS B 608 -13.55 80.66 11.68
C LYS B 608 -13.65 79.57 12.73
N LYS B 609 -14.77 79.49 13.44
CA LYS B 609 -14.97 78.45 14.43
C LYS B 609 -15.60 77.22 13.78
N TYR B 610 -16.70 77.44 13.08
CA TYR B 610 -17.48 76.33 12.49
C TYR B 610 -17.01 75.95 11.07
N ASN B 611 -16.89 76.96 10.20
CA ASN B 611 -16.54 76.73 8.78
C ASN B 611 -15.09 76.30 8.53
N SER B 612 -14.83 75.94 7.28
CA SER B 612 -13.53 75.47 6.84
C SER B 612 -12.70 76.61 6.28
N TYR B 613 -11.38 76.43 6.29
CA TYR B 613 -10.45 77.41 5.74
C TYR B 613 -10.00 77.02 4.34
N ASN B 614 -9.60 78.01 3.55
CA ASN B 614 -9.06 77.79 2.22
C ASN B 614 -10.01 77.05 1.25
N ILE B 615 -11.24 77.54 1.12
CA ILE B 615 -12.20 76.91 0.19
C ILE B 615 -11.87 77.18 -1.28
N PRO B 616 -11.51 78.43 -1.61
CA PRO B 616 -11.14 78.66 -2.98
C PRO B 616 -9.95 77.82 -3.40
N SER B 617 -8.90 77.78 -2.56
CA SER B 617 -7.71 76.97 -2.84
C SER B 617 -8.09 75.51 -3.18
N ILE B 618 -8.97 74.92 -2.37
CA ILE B 618 -9.40 73.56 -2.59
C ILE B 618 -10.09 73.47 -3.94
N TYR B 619 -11.00 74.40 -4.23
CA TYR B 619 -11.69 74.38 -5.54
C TYR B 619 -10.72 74.63 -6.69
N ALA B 620 -9.68 75.39 -6.41
CA ALA B 620 -8.58 75.60 -7.34
C ALA B 620 -7.92 74.29 -7.71
N LEU B 621 -7.74 73.40 -6.75
CA LEU B 621 -7.18 72.08 -7.03
C LEU B 621 -8.15 71.20 -7.81
N MET B 622 -9.42 71.21 -7.39
CA MET B 622 -10.46 70.39 -8.05
C MET B 622 -10.61 70.71 -9.52
N LEU B 623 -10.50 71.99 -9.81
CA LEU B 623 -10.80 72.49 -11.11
C LEU B 623 -9.53 72.61 -11.96
N THR B 624 -8.37 72.30 -11.41
CA THR B 624 -7.16 72.23 -12.23
C THR B 624 -6.58 70.82 -12.35
N ASN B 625 -6.97 69.94 -11.42
CA ASN B 625 -6.41 68.58 -11.39
C ASN B 625 -6.86 67.77 -12.61
N LYS B 626 -5.96 66.89 -13.05
CA LYS B 626 -6.20 66.02 -14.20
C LYS B 626 -6.76 64.71 -13.68
N ASP B 627 -7.47 64.01 -14.55
CA ASP B 627 -8.14 62.76 -14.19
C ASP B 627 -9.13 62.99 -13.05
N THR B 628 -10.19 63.72 -13.36
CA THR B 628 -11.28 63.93 -12.41
C THR B 628 -12.35 64.75 -13.07
N VAL B 629 -13.56 64.55 -12.56
CA VAL B 629 -14.68 65.43 -12.84
C VAL B 629 -15.11 66.11 -11.54
N PRO B 630 -14.81 67.40 -11.41
CA PRO B 630 -15.17 68.04 -10.15
C PRO B 630 -16.64 68.29 -10.09
N ARG B 631 -17.22 68.23 -8.90
CA ARG B 631 -18.61 68.56 -8.75
C ARG B 631 -18.73 69.73 -7.82
N MET B 632 -19.37 70.80 -8.29
CA MET B 632 -19.48 72.02 -7.52
C MET B 632 -20.63 71.87 -6.56
N TYR B 633 -20.42 72.30 -5.32
CA TYR B 633 -21.49 72.36 -4.34
C TYR B 633 -22.08 73.74 -4.40
N TYR B 634 -23.40 73.82 -4.28
CA TYR B 634 -24.11 75.09 -4.31
C TYR B 634 -23.77 75.95 -3.06
N GLY B 635 -23.78 75.34 -1.87
CA GLY B 635 -23.77 76.09 -0.60
C GLY B 635 -22.49 76.85 -0.35
N ASP B 636 -21.47 76.51 -1.13
CA ASP B 636 -20.22 77.24 -1.08
C ASP B 636 -20.35 78.52 -1.87
N MET B 637 -21.02 78.45 -3.04
CA MET B 637 -21.25 79.62 -3.93
C MET B 637 -22.43 80.52 -3.53
N TYR B 638 -23.47 79.94 -2.96
CA TYR B 638 -24.63 80.72 -2.51
C TYR B 638 -24.90 80.47 -1.03
N GLN B 639 -25.37 81.49 -0.33
CA GLN B 639 -25.71 81.35 1.08
C GLN B 639 -27.16 80.91 1.23
N ASP B 640 -27.40 80.14 2.28
CA ASP B 640 -28.70 79.57 2.56
C ASP B 640 -29.50 80.50 3.47
N ASP B 641 -28.93 81.64 3.85
CA ASP B 641 -29.69 82.62 4.62
C ASP B 641 -30.76 83.28 3.74
N GLY B 642 -30.46 83.45 2.46
CA GLY B 642 -31.47 83.90 1.49
C GLY B 642 -32.06 82.73 0.72
N GLN B 643 -33.02 83.04 -0.15
CA GLN B 643 -33.63 82.01 -1.00
C GLN B 643 -32.61 81.51 -2.01
N TYR B 644 -33.07 80.62 -2.88
CA TYR B 644 -32.20 79.98 -3.85
C TYR B 644 -31.65 80.98 -4.85
N MET B 645 -30.32 81.01 -4.96
CA MET B 645 -29.58 81.91 -5.83
C MET B 645 -29.98 83.35 -5.56
N ALA B 646 -29.93 83.72 -4.28
CA ALA B 646 -30.35 85.06 -3.83
C ALA B 646 -29.19 85.77 -3.18
N ASN B 647 -28.62 85.12 -2.16
CA ASN B 647 -27.46 85.67 -1.49
C ASN B 647 -26.21 84.94 -1.90
N LYS B 648 -25.33 85.63 -2.62
CA LYS B 648 -24.04 85.06 -3.03
C LYS B 648 -23.11 85.00 -1.82
N SER B 649 -22.24 84.01 -1.80
CA SER B 649 -21.33 83.82 -0.67
C SER B 649 -20.01 84.54 -0.89
N ILE B 650 -19.18 84.50 0.13
CA ILE B 650 -17.88 85.17 0.08
C ILE B 650 -16.99 84.60 -1.04
N TYR B 651 -17.09 83.29 -1.26
CA TYR B 651 -16.23 82.55 -2.20
C TYR B 651 -16.71 82.65 -3.66
N TYR B 652 -17.89 83.24 -3.84
CA TYR B 652 -18.58 83.16 -5.10
C TYR B 652 -17.72 83.60 -6.28
N ASP B 653 -17.23 84.84 -6.24
CA ASP B 653 -16.45 85.38 -7.35
C ASP B 653 -15.27 84.47 -7.70
N ALA B 654 -14.52 84.10 -6.67
CA ALA B 654 -13.29 83.30 -6.84
C ALA B 654 -13.58 81.99 -7.52
N LEU B 655 -14.67 81.36 -7.12
CA LEU B 655 -15.09 80.09 -7.71
C LEU B 655 -15.53 80.32 -9.17
N VAL B 656 -16.31 81.37 -9.43
CA VAL B 656 -16.77 81.66 -10.79
C VAL B 656 -15.62 81.95 -11.75
N SER B 657 -14.56 82.53 -11.21
CA SER B 657 -13.40 82.85 -12.01
C SER B 657 -12.62 81.59 -12.32
N LEU B 658 -12.49 80.70 -11.34
CA LEU B 658 -11.77 79.45 -11.54
C LEU B 658 -12.42 78.60 -12.60
N MET B 659 -13.75 78.56 -12.59
CA MET B 659 -14.54 77.73 -13.52
C MET B 659 -14.43 78.23 -14.95
N THR B 660 -14.28 79.55 -15.07
CA THR B 660 -14.11 80.20 -16.35
C THR B 660 -12.73 79.89 -16.86
N ALA B 661 -11.77 79.83 -15.93
CA ALA B 661 -10.40 79.48 -16.26
C ALA B 661 -10.30 78.02 -16.77
N ARG B 662 -10.98 77.09 -16.10
CA ARG B 662 -11.02 75.69 -16.52
C ARG B 662 -11.57 75.57 -17.96
N LYS B 663 -12.64 76.31 -18.26
CA LYS B 663 -13.32 76.20 -19.55
C LYS B 663 -12.37 76.59 -20.67
N SER B 664 -11.64 77.67 -20.44
CA SER B 664 -10.79 78.27 -21.45
C SER B 664 -9.41 77.60 -21.53
N TYR B 665 -8.76 77.46 -20.38
CA TYR B 665 -7.35 77.08 -20.36
C TYR B 665 -7.09 75.60 -20.04
N VAL B 666 -7.50 75.16 -18.85
CA VAL B 666 -7.05 73.87 -18.29
C VAL B 666 -7.22 72.66 -19.21
N SER B 667 -6.10 72.13 -19.68
CA SER B 667 -6.09 70.96 -20.54
CA SER B 667 -6.09 70.95 -20.54
C SER B 667 -4.64 70.47 -20.70
N GLY B 668 -4.49 69.29 -21.27
CA GLY B 668 -3.18 68.65 -21.38
C GLY B 668 -2.75 68.04 -20.06
N GLY B 669 -1.48 67.61 -19.99
CA GLY B 669 -0.94 66.91 -18.82
C GLY B 669 -0.74 67.79 -17.61
N GLN B 670 -0.34 67.18 -16.50
CA GLN B 670 -0.21 67.86 -15.20
C GLN B 670 1.10 67.53 -14.54
N THR B 671 1.68 68.50 -13.83
CA THR B 671 2.88 68.26 -13.06
C THR B 671 2.83 69.03 -11.73
N MET B 672 2.83 68.27 -10.64
CA MET B 672 2.70 68.83 -9.31
C MET B 672 3.90 68.47 -8.48
N SER B 673 4.31 69.40 -7.61
CA SER B 673 5.32 69.14 -6.59
C SER B 673 5.08 70.08 -5.42
N VAL B 674 5.87 69.94 -4.35
CA VAL B 674 5.90 70.90 -3.25
C VAL B 674 7.36 71.28 -3.00
N ASP B 675 7.64 72.57 -2.88
CA ASP B 675 9.02 73.07 -2.74
C ASP B 675 9.46 73.10 -1.26
N ASN B 676 10.72 73.47 -1.03
CA ASN B 676 11.32 73.46 0.31
C ASN B 676 10.67 74.51 1.21
N HIS B 677 10.07 75.54 0.62
CA HIS B 677 9.39 76.58 1.37
C HIS B 677 8.00 76.16 1.82
N GLY B 678 7.43 75.16 1.14
CA GLY B 678 6.12 74.60 1.52
C GLY B 678 4.96 75.13 0.70
N LEU B 679 5.07 75.04 -0.61
CA LEU B 679 4.04 75.53 -1.50
C LEU B 679 3.76 74.52 -2.61
N LEU B 680 2.47 74.27 -2.84
CA LEU B 680 2.06 73.36 -3.90
C LEU B 680 2.15 74.00 -5.28
N LYS B 681 2.86 73.34 -6.18
CA LYS B 681 3.13 73.89 -7.49
C LYS B 681 2.48 73.06 -8.62
N SER B 682 1.17 73.24 -8.78
CA SER B 682 0.43 72.48 -9.80
C SER B 682 0.44 73.23 -11.13
N VAL B 683 0.53 72.50 -12.24
CA VAL B 683 0.70 73.10 -13.56
C VAL B 683 0.12 72.25 -14.69
N ARG B 684 -0.71 72.85 -15.53
CA ARG B 684 -1.14 72.19 -16.77
C ARG B 684 -0.49 72.79 -18.01
N PHE B 685 -0.17 71.92 -18.94
CA PHE B 685 0.57 72.30 -20.14
C PHE B 685 -0.32 72.79 -21.27
N GLY B 686 -1.55 72.27 -21.35
CA GLY B 686 -2.49 72.67 -22.41
C GLY B 686 -2.67 71.54 -23.41
N LYS B 687 -3.80 71.60 -24.13
CA LYS B 687 -4.14 70.58 -25.13
C LYS B 687 -2.90 70.09 -25.89
N ASP B 688 -2.80 68.77 -26.05
CA ASP B 688 -1.68 68.17 -26.76
C ASP B 688 -0.51 67.90 -25.81
N ALA B 689 0.20 68.96 -25.43
CA ALA B 689 1.34 68.83 -24.54
C ALA B 689 1.01 68.02 -23.29
N MET B 690 1.66 66.87 -23.14
CA MET B 690 1.43 66.01 -21.98
C MET B 690 2.53 66.12 -20.92
N THR B 691 3.77 66.37 -21.33
CA THR B 691 4.90 66.57 -20.40
C THR B 691 5.67 67.86 -20.68
N ALA B 692 6.58 68.21 -19.78
CA ALA B 692 7.35 69.46 -19.87
C ALA B 692 8.04 69.68 -21.20
N ASN B 693 8.55 68.61 -21.80
CA ASN B 693 9.31 68.72 -23.04
C ASN B 693 8.45 68.78 -24.32
N ASP B 694 7.18 68.36 -24.24
CA ASP B 694 6.28 68.45 -25.38
C ASP B 694 6.01 69.90 -25.83
N LEU B 695 6.03 70.11 -27.14
CA LEU B 695 5.70 71.39 -27.77
C LEU B 695 4.21 71.42 -28.17
N GLY B 696 3.76 70.37 -28.85
CA GLY B 696 2.34 70.20 -29.18
C GLY B 696 1.85 71.14 -30.26
N THR B 697 0.52 71.30 -30.35
CA THR B 697 -0.11 72.06 -31.43
C THR B 697 -0.18 73.54 -31.12
N SER B 698 -0.64 74.31 -32.10
CA SER B 698 -0.78 75.75 -31.94
C SER B 698 -1.77 76.02 -30.83
N ALA B 699 -2.79 75.18 -30.73
CA ALA B 699 -3.76 75.32 -29.65
C ALA B 699 -3.07 75.49 -28.30
N THR B 700 -1.93 74.82 -28.13
CA THR B 700 -1.26 74.70 -26.82
C THR B 700 -0.65 75.98 -26.26
N ARG B 701 -0.38 76.95 -27.12
CA ARG B 701 0.33 78.17 -26.69
C ARG B 701 -0.44 78.99 -25.63
N THR B 702 -1.69 79.31 -25.94
CA THR B 702 -2.57 80.06 -25.04
C THR B 702 -3.46 79.13 -24.20
N GLU B 703 -2.92 77.98 -23.81
CA GLU B 703 -3.67 77.03 -23.00
C GLU B 703 -2.79 76.48 -21.88
N GLY B 704 -3.45 76.10 -20.78
CA GLY B 704 -2.77 75.43 -19.67
C GLY B 704 -2.31 76.45 -18.66
N LEU B 705 -2.68 76.24 -17.40
CA LEU B 705 -2.45 77.21 -16.35
C LEU B 705 -1.52 76.69 -15.26
N GLY B 706 -1.21 77.57 -14.31
CA GLY B 706 -0.30 77.22 -13.22
C GLY B 706 -0.79 77.78 -11.91
N VAL B 707 -0.84 76.91 -10.90
CA VAL B 707 -1.43 77.22 -9.62
C VAL B 707 -0.36 77.13 -8.55
N ILE B 708 -0.40 78.05 -7.60
CA ILE B 708 0.46 78.02 -6.43
C ILE B 708 -0.36 78.20 -5.17
N ILE B 709 -0.21 77.25 -4.22
CA ILE B 709 -1.06 77.16 -3.00
C ILE B 709 -0.27 76.84 -1.73
N GLY B 710 -0.40 77.70 -0.72
CA GLY B 710 0.28 77.48 0.57
C GLY B 710 -0.70 77.52 1.73
N ASN B 711 -0.44 76.73 2.76
CA ASN B 711 -1.34 76.71 3.93
C ASN B 711 -0.69 77.32 5.15
N ASP B 712 0.32 78.16 4.95
CA ASP B 712 1.00 78.80 6.07
C ASP B 712 0.77 80.31 6.04
N PRO B 713 -0.15 80.80 6.87
CA PRO B 713 -0.47 82.21 6.87
C PRO B 713 0.61 83.08 7.54
N LYS B 714 1.62 82.45 8.16
CA LYS B 714 2.78 83.16 8.71
C LYS B 714 4.07 82.92 7.89
N LEU B 715 3.93 82.68 6.59
CA LEU B 715 5.07 82.51 5.69
C LEU B 715 5.72 83.87 5.45
N GLN B 716 7.06 83.90 5.48
CA GLN B 716 7.83 85.08 5.08
C GLN B 716 9.10 84.64 4.35
N LEU B 717 8.98 84.42 3.04
CA LEU B 717 10.14 84.10 2.21
C LEU B 717 11.13 85.26 2.25
N ASN B 718 12.42 84.95 2.36
CA ASN B 718 13.46 86.01 2.40
C ASN B 718 14.01 86.35 1.01
N ASP B 719 14.59 87.54 0.89
CA ASP B 719 14.85 88.14 -0.41
C ASP B 719 15.54 87.16 -1.35
N SER B 720 16.47 86.37 -0.82
CA SER B 720 17.23 85.40 -1.63
C SER B 720 16.41 84.17 -2.10
N ASP B 721 15.22 83.99 -1.51
CA ASP B 721 14.34 82.87 -1.86
C ASP B 721 13.59 83.19 -3.14
N LYS B 722 13.28 82.15 -3.91
CA LYS B 722 12.57 82.29 -5.17
C LYS B 722 11.73 81.05 -5.42
N VAL B 723 10.42 81.27 -5.62
CA VAL B 723 9.46 80.23 -6.05
C VAL B 723 9.28 80.24 -7.57
N THR B 724 9.15 79.06 -8.19
CA THR B 724 8.97 78.96 -9.65
C THR B 724 7.86 77.98 -10.07
N LEU B 725 7.48 78.03 -11.35
CA LEU B 725 6.44 77.15 -11.93
C LEU B 725 6.83 76.78 -13.35
N ASP B 726 7.38 75.59 -13.57
CA ASP B 726 7.84 75.24 -14.90
C ASP B 726 6.67 75.05 -15.87
N MET B 727 6.35 76.09 -16.63
CA MET B 727 5.15 76.05 -17.46
C MET B 727 5.30 75.16 -18.71
N GLY B 728 6.52 74.75 -19.03
CA GLY B 728 6.73 73.76 -20.07
C GLY B 728 7.39 74.34 -21.29
N ALA B 729 7.84 73.45 -22.17
CA ALA B 729 8.56 73.81 -23.38
C ALA B 729 7.71 74.66 -24.33
N ALA B 730 6.40 74.48 -24.31
CA ALA B 730 5.51 75.21 -25.22
C ALA B 730 5.31 76.69 -24.83
N HIS B 731 5.76 77.04 -23.63
CA HIS B 731 5.54 78.38 -23.08
C HIS B 731 6.86 79.02 -22.73
N LYS B 732 7.78 78.94 -23.68
CA LYS B 732 9.06 79.61 -23.56
C LYS B 732 8.76 81.07 -23.88
N ASN B 733 9.31 81.98 -23.08
CA ASN B 733 9.18 83.43 -23.33
C ASN B 733 7.75 83.84 -23.64
N GLN B 734 6.87 83.66 -22.68
CA GLN B 734 5.48 83.99 -22.86
C GLN B 734 5.01 84.92 -21.74
N LYS B 735 4.15 85.87 -22.10
CA LYS B 735 3.52 86.68 -21.09
C LYS B 735 2.48 85.79 -20.43
N TYR B 736 2.27 85.98 -19.14
CA TYR B 736 1.19 85.29 -18.47
C TYR B 736 0.43 86.33 -17.65
N ARG B 737 -0.88 86.16 -17.52
CA ARG B 737 -1.67 87.04 -16.67
C ARG B 737 -2.39 86.23 -15.60
N ALA B 738 -2.79 86.91 -14.53
CA ALA B 738 -3.35 86.24 -13.34
C ALA B 738 -4.88 86.08 -13.42
N VAL B 739 -5.37 85.01 -12.80
CA VAL B 739 -6.80 84.75 -12.67
C VAL B 739 -7.21 85.09 -11.25
N ILE B 740 -6.55 84.43 -10.30
CA ILE B 740 -6.79 84.66 -8.89
C ILE B 740 -5.47 85.05 -8.30
N LEU B 741 -5.51 85.98 -7.36
CA LEU B 741 -4.33 86.43 -6.60
C LEU B 741 -4.76 86.64 -5.16
N THR B 742 -3.84 86.43 -4.23
CA THR B 742 -4.12 86.68 -2.83
C THR B 742 -3.91 88.14 -2.53
N THR B 743 -4.85 88.71 -1.78
CA THR B 743 -4.74 90.07 -1.26
C THR B 743 -4.91 90.07 0.25
N ARG B 744 -4.69 91.23 0.86
CA ARG B 744 -4.85 91.38 2.29
C ARG B 744 -6.29 91.10 2.69
N ASP B 745 -7.23 91.65 1.91
CA ASP B 745 -8.66 91.52 2.22
C ASP B 745 -9.21 90.17 1.79
N GLY B 746 -8.91 89.75 0.57
CA GLY B 746 -9.50 88.51 0.03
C GLY B 746 -8.74 87.97 -1.15
N LEU B 747 -9.40 87.86 -2.30
CA LEU B 747 -8.80 87.29 -3.50
C LEU B 747 -9.16 88.10 -4.72
N ALA B 748 -8.13 88.64 -5.34
CA ALA B 748 -8.29 89.43 -6.53
C ALA B 748 -8.62 88.48 -7.65
N THR B 749 -9.77 88.71 -8.27
CA THR B 749 -10.24 87.85 -9.34
C THR B 749 -10.21 88.56 -10.69
N PHE B 750 -9.98 87.78 -11.74
CA PHE B 750 -9.80 88.31 -13.09
C PHE B 750 -10.26 87.28 -14.13
N ASN B 751 -11.26 87.64 -14.95
CA ASN B 751 -11.79 86.76 -16.01
C ASN B 751 -11.41 87.21 -17.44
N SER B 752 -10.27 87.88 -17.55
CA SER B 752 -9.86 88.50 -18.81
C SER B 752 -8.38 88.85 -18.75
N ASP B 753 -7.77 89.07 -19.92
CA ASP B 753 -6.35 89.44 -19.96
C ASP B 753 -6.07 90.72 -19.17
N GLN B 754 -7.11 91.53 -18.93
CA GLN B 754 -6.97 92.76 -18.19
C GLN B 754 -6.70 92.46 -16.72
N ALA B 755 -5.43 92.24 -16.42
CA ALA B 755 -4.99 91.91 -15.07
C ALA B 755 -3.47 91.99 -15.00
N PRO B 756 -2.90 91.94 -13.79
CA PRO B 756 -1.44 91.93 -13.60
C PRO B 756 -0.73 90.80 -14.38
N THR B 757 0.42 91.13 -14.97
CA THR B 757 1.11 90.24 -15.91
C THR B 757 2.54 89.92 -15.43
N ALA B 758 2.99 88.69 -15.70
CA ALA B 758 4.40 88.27 -15.53
C ALA B 758 4.87 87.42 -16.71
N TRP B 759 6.18 87.41 -16.98
CA TRP B 759 6.77 86.76 -18.16
C TRP B 759 7.57 85.52 -17.83
N THR B 760 7.60 84.55 -18.74
CA THR B 760 8.43 83.36 -18.55
C THR B 760 9.78 83.48 -19.23
N ASN B 761 10.80 82.90 -18.62
CA ASN B 761 12.17 82.95 -19.13
C ASN B 761 12.38 82.07 -20.36
N ASP B 762 13.64 82.01 -20.81
CA ASP B 762 14.04 81.27 -22.01
C ASP B 762 13.71 79.78 -21.89
N GLN B 763 13.70 79.25 -20.67
CA GLN B 763 13.33 77.84 -20.39
C GLN B 763 11.82 77.63 -20.26
N GLY B 764 11.08 78.66 -19.86
CA GLY B 764 9.62 78.59 -19.75
C GLY B 764 9.19 78.47 -18.30
N THR B 765 9.53 79.48 -17.52
CA THR B 765 9.32 79.43 -16.10
C THR B 765 8.85 80.78 -15.60
N LEU B 766 7.96 80.75 -14.62
CA LEU B 766 7.51 81.95 -13.94
C LEU B 766 8.21 82.00 -12.56
N THR B 767 9.16 82.91 -12.43
CA THR B 767 9.94 83.02 -11.21
C THR B 767 9.30 84.05 -10.29
N PHE B 768 8.70 83.60 -9.19
CA PHE B 768 8.05 84.49 -8.23
C PHE B 768 8.98 84.78 -7.11
N SER B 769 8.59 85.68 -6.21
CA SER B 769 9.41 86.02 -5.04
C SER B 769 8.58 86.73 -4.00
N ASN B 770 9.19 87.11 -2.90
CA ASN B 770 8.51 87.98 -1.96
C ASN B 770 8.29 89.43 -2.47
N GLN B 771 9.06 89.90 -3.43
CA GLN B 771 8.81 91.24 -4.00
C GLN B 771 7.68 91.19 -5.03
N GLU B 772 7.19 92.35 -5.43
CA GLU B 772 6.15 92.45 -6.46
C GLU B 772 6.77 92.22 -7.83
N ILE B 773 6.01 91.65 -8.77
CA ILE B 773 6.49 91.49 -10.16
C ILE B 773 6.28 92.80 -10.92
N ASN B 774 7.40 93.46 -11.22
CA ASN B 774 7.43 94.74 -11.93
C ASN B 774 6.61 95.78 -11.20
N GLY B 775 6.62 95.69 -9.86
CA GLY B 775 5.91 96.65 -9.01
C GLY B 775 4.40 96.45 -8.93
N GLN B 776 3.89 95.35 -9.46
CA GLN B 776 2.46 95.13 -9.51
C GLN B 776 2.01 94.61 -8.16
N ASP B 777 1.19 95.38 -7.46
CA ASP B 777 0.78 95.02 -6.09
C ASP B 777 -0.08 93.76 -6.02
N ASN B 778 -0.05 93.11 -4.86
CA ASN B 778 -0.70 91.79 -4.63
C ASN B 778 -0.11 90.58 -5.39
N THR B 779 0.92 90.82 -6.20
CA THR B 779 1.54 89.80 -6.99
C THR B 779 2.74 89.16 -6.31
N GLN B 780 3.06 89.59 -5.10
CA GLN B 780 4.16 88.99 -4.36
C GLN B 780 3.67 87.78 -3.57
N ILE B 781 4.53 86.77 -3.43
CA ILE B 781 4.20 85.58 -2.65
C ILE B 781 4.55 85.76 -1.17
N ARG B 782 3.56 85.58 -0.32
CA ARG B 782 3.73 85.71 1.13
C ARG B 782 2.52 85.16 1.88
N GLY B 783 2.71 84.82 3.15
CA GLY B 783 1.65 84.27 3.96
C GLY B 783 0.62 85.33 4.28
N VAL B 784 -0.66 85.01 4.09
CA VAL B 784 -1.77 85.90 4.41
C VAL B 784 -2.85 85.09 5.14
N ALA B 785 -3.63 85.76 5.97
CA ALA B 785 -4.73 85.12 6.69
C ALA B 785 -5.91 86.04 6.60
N ASN B 786 -6.84 85.68 5.74
CA ASN B 786 -8.05 86.46 5.54
C ASN B 786 -9.22 85.52 5.35
N PRO B 787 -10.44 86.05 5.27
CA PRO B 787 -11.62 85.21 5.17
C PRO B 787 -11.59 84.15 4.08
N GLN B 788 -11.02 84.49 2.92
CA GLN B 788 -11.06 83.62 1.76
C GLN B 788 -9.85 82.72 1.67
N VAL B 789 -8.79 83.03 2.40
CA VAL B 789 -7.56 82.25 2.29
C VAL B 789 -6.70 82.43 3.52
N SER B 790 -6.14 81.32 3.97
CA SER B 790 -5.33 81.27 5.16
C SER B 790 -3.98 80.66 4.75
N GLY B 791 -3.26 81.37 3.88
CA GLY B 791 -1.97 80.92 3.35
C GLY B 791 -1.66 81.69 2.07
N TYR B 792 -1.63 81.00 0.94
CA TYR B 792 -1.41 81.68 -0.36
C TYR B 792 -2.16 80.97 -1.48
N LEU B 793 -2.72 81.75 -2.40
CA LEU B 793 -3.38 81.21 -3.58
C LEU B 793 -3.19 82.10 -4.82
N ALA B 794 -2.50 81.56 -5.81
CA ALA B 794 -2.25 82.26 -7.04
C ALA B 794 -2.56 81.33 -8.20
N VAL B 795 -3.34 81.82 -9.18
CA VAL B 795 -3.53 81.10 -10.45
C VAL B 795 -3.00 81.99 -11.56
N TRP B 796 -2.38 81.42 -12.59
CA TRP B 796 -1.83 82.22 -13.69
C TRP B 796 -2.11 81.54 -15.00
N VAL B 797 -2.65 82.29 -15.96
CA VAL B 797 -2.95 81.73 -17.29
C VAL B 797 -2.22 82.51 -18.38
N PRO B 798 -1.86 81.86 -19.49
CA PRO B 798 -1.17 82.58 -20.55
C PRO B 798 -2.00 83.73 -21.11
N VAL B 799 -1.34 84.77 -21.60
CA VAL B 799 -2.04 85.90 -22.21
C VAL B 799 -2.29 85.68 -23.69
N GLY B 800 -3.41 86.19 -24.18
CA GLY B 800 -3.72 86.14 -25.60
C GLY B 800 -4.81 85.15 -25.91
N ALA B 801 -5.65 84.88 -24.92
CA ALA B 801 -6.72 83.91 -25.11
C ALA B 801 -7.70 84.48 -26.09
N SER B 802 -8.26 83.62 -26.94
CA SER B 802 -9.33 84.04 -27.80
C SER B 802 -10.58 84.27 -26.94
N ASP B 803 -11.55 85.02 -27.48
CA ASP B 803 -12.77 85.29 -26.73
C ASP B 803 -13.65 84.04 -26.62
N ASN B 804 -13.56 83.17 -27.63
CA ASN B 804 -14.35 81.93 -27.68
C ASN B 804 -13.50 80.66 -27.47
N GLN B 805 -12.35 80.78 -26.78
CA GLN B 805 -11.40 79.67 -26.64
C GLN B 805 -11.94 78.55 -25.76
N ASP B 806 -11.77 77.31 -26.21
CA ASP B 806 -12.28 76.13 -25.50
C ASP B 806 -11.25 75.00 -25.41
N ALA B 807 -10.78 74.71 -24.19
CA ALA B 807 -9.72 73.72 -23.95
C ALA B 807 -10.23 72.30 -23.74
N ARG B 808 -11.54 72.10 -23.91
CA ARG B 808 -12.19 70.82 -23.67
C ARG B 808 -12.17 69.93 -24.92
N THR B 809 -11.79 68.66 -24.74
CA THR B 809 -11.77 67.68 -25.82
C THR B 809 -13.16 67.03 -25.99
N ALA B 810 -13.69 67.05 -27.22
CA ALA B 810 -14.97 66.39 -27.51
C ALA B 810 -14.82 64.87 -27.44
N ALA B 811 -15.91 64.17 -27.12
CA ALA B 811 -15.85 62.73 -26.89
C ALA B 811 -16.00 62.05 -28.20
N THR B 812 -15.21 61.02 -28.45
CA THR B 812 -15.24 60.34 -29.74
C THR B 812 -16.39 59.35 -29.85
N THR B 813 -16.86 59.15 -31.08
CA THR B 813 -17.87 58.14 -31.41
C THR B 813 -17.23 56.80 -31.82
N THR B 814 -15.95 56.62 -31.50
CA THR B 814 -15.27 55.34 -31.68
C THR B 814 -15.92 54.23 -30.85
N GLU B 815 -16.05 53.05 -31.43
CA GLU B 815 -16.61 51.89 -30.74
C GLU B 815 -15.55 51.33 -29.79
N ASN B 816 -15.92 51.12 -28.51
CA ASN B 816 -15.02 50.49 -27.52
C ASN B 816 -15.20 48.98 -27.49
N HIS B 817 -14.19 48.27 -26.98
CA HIS B 817 -14.18 46.79 -26.90
C HIS B 817 -13.82 46.24 -25.55
N ASP B 818 -12.94 46.93 -24.82
CA ASP B 818 -12.47 46.49 -23.50
C ASP B 818 -13.55 46.29 -22.42
N GLY B 819 -14.76 46.83 -22.62
CA GLY B 819 -15.89 46.56 -21.71
C GLY B 819 -16.05 47.57 -20.57
N LYS B 820 -15.04 48.41 -20.38
CA LYS B 820 -15.15 49.53 -19.45
C LYS B 820 -16.10 50.59 -20.06
N VAL B 821 -16.97 51.19 -19.24
CA VAL B 821 -17.88 52.25 -19.74
C VAL B 821 -17.20 53.63 -19.72
N LEU B 822 -16.77 54.04 -18.54
CA LEU B 822 -16.09 55.32 -18.38
C LEU B 822 -14.57 55.14 -18.45
N HIS B 823 -13.91 56.11 -19.07
CA HIS B 823 -12.45 56.16 -19.08
C HIS B 823 -12.07 57.55 -18.62
N SER B 824 -11.04 57.63 -17.78
CA SER B 824 -10.46 58.91 -17.38
C SER B 824 -9.58 59.39 -18.53
N ASN B 825 -10.08 60.38 -19.28
CA ASN B 825 -9.33 61.01 -20.38
C ASN B 825 -9.74 62.48 -20.52
N ALA B 826 -9.15 63.20 -21.46
CA ALA B 826 -9.45 64.63 -21.61
C ALA B 826 -10.95 64.82 -21.72
N ALA B 827 -11.57 63.99 -22.55
CA ALA B 827 -12.98 64.07 -22.80
C ALA B 827 -13.72 64.13 -21.48
N LEU B 828 -13.51 63.15 -20.61
CA LEU B 828 -14.25 63.09 -19.35
C LEU B 828 -13.89 64.26 -18.42
N ASP B 829 -12.63 64.67 -18.44
CA ASP B 829 -12.17 65.77 -17.61
C ASP B 829 -12.82 67.10 -18.04
N SER B 830 -13.20 67.18 -19.31
CA SER B 830 -13.95 68.33 -19.82
C SER B 830 -15.29 68.50 -19.13
N ASN B 831 -15.87 67.41 -18.64
CA ASN B 831 -17.16 67.51 -17.95
C ASN B 831 -17.05 68.19 -16.57
N LEU B 832 -18.13 68.81 -16.14
CA LEU B 832 -18.19 69.41 -14.82
C LEU B 832 -19.62 69.24 -14.29
N ILE B 833 -19.71 68.64 -13.10
CA ILE B 833 -20.97 68.35 -12.47
C ILE B 833 -21.28 69.51 -11.54
N TYR B 834 -22.56 69.70 -11.24
CA TYR B 834 -22.99 70.75 -10.34
C TYR B 834 -24.06 70.16 -9.43
N GLU B 835 -23.83 70.20 -8.11
CA GLU B 835 -24.80 69.74 -7.11
C GLU B 835 -25.62 70.97 -6.77
N GLY B 836 -26.79 71.06 -7.38
CA GLY B 836 -27.61 72.27 -7.31
C GLY B 836 -28.66 72.25 -6.23
N PHE B 837 -28.24 72.00 -4.99
CA PHE B 837 -29.11 72.20 -3.85
C PHE B 837 -28.34 72.22 -2.53
N SER B 838 -29.08 72.42 -1.45
CA SER B 838 -28.54 72.38 -0.13
C SER B 838 -29.64 71.95 0.81
N ASN B 839 -29.26 71.30 1.91
CA ASN B 839 -30.24 70.87 2.90
C ASN B 839 -30.90 72.05 3.54
N PHE B 840 -30.13 73.08 3.81
CA PHE B 840 -30.59 74.13 4.71
C PHE B 840 -31.18 75.34 3.97
N GLN B 841 -31.72 75.11 2.78
CA GLN B 841 -32.43 76.14 2.06
C GLN B 841 -33.70 76.47 2.81
N PRO B 842 -34.17 77.72 2.72
CA PRO B 842 -35.47 78.09 3.23
C PRO B 842 -36.58 77.67 2.26
N LYS B 843 -37.82 77.67 2.76
CA LYS B 843 -38.98 77.22 2.01
C LYS B 843 -39.56 78.41 1.28
N ALA B 844 -39.80 78.21 -0.02
CA ALA B 844 -40.20 79.30 -0.90
C ALA B 844 -41.47 80.03 -0.40
N THR B 845 -41.46 81.36 -0.46
CA THR B 845 -42.61 82.18 -0.06
C THR B 845 -43.47 82.64 -1.23
N THR B 846 -43.05 82.32 -2.46
CA THR B 846 -43.86 82.57 -3.66
C THR B 846 -43.37 81.64 -4.75
N HIS B 847 -44.00 81.64 -5.90
CA HIS B 847 -43.67 80.70 -6.98
C HIS B 847 -42.33 80.93 -7.62
N ASP B 848 -41.92 82.19 -7.71
CA ASP B 848 -40.63 82.57 -8.33
C ASP B 848 -39.45 82.20 -7.44
N GLU B 849 -39.66 82.23 -6.13
CA GLU B 849 -38.62 81.82 -5.17
C GLU B 849 -38.27 80.30 -5.14
N LEU B 850 -39.13 79.48 -5.76
CA LEU B 850 -38.93 78.03 -5.83
C LEU B 850 -37.68 77.65 -6.57
N THR B 851 -36.97 76.66 -6.04
CA THR B 851 -35.71 76.20 -6.61
C THR B 851 -35.81 75.90 -8.10
N ASN B 852 -36.64 74.91 -8.43
CA ASN B 852 -36.73 74.42 -9.78
C ASN B 852 -37.17 75.50 -10.76
N VAL B 853 -37.88 76.51 -10.28
CA VAL B 853 -38.22 77.64 -11.16
C VAL B 853 -36.98 78.52 -11.39
N VAL B 854 -36.22 78.77 -10.31
CA VAL B 854 -35.06 79.68 -10.39
C VAL B 854 -33.98 79.11 -11.31
N ILE B 855 -33.78 77.80 -11.26
CA ILE B 855 -32.78 77.14 -12.11
C ILE B 855 -33.15 77.27 -13.59
N ALA B 856 -34.42 77.03 -13.89
CA ALA B 856 -34.94 77.15 -15.25
C ALA B 856 -34.58 78.48 -15.86
N LYS B 857 -34.82 79.56 -15.10
CA LYS B 857 -34.52 80.92 -15.60
C LYS B 857 -33.01 81.11 -15.83
N ASN B 858 -32.18 80.53 -14.97
CA ASN B 858 -30.72 80.70 -15.06
C ASN B 858 -30.02 79.49 -15.67
N ALA B 859 -30.67 78.87 -16.63
CA ALA B 859 -30.09 77.71 -17.30
C ALA B 859 -28.79 78.04 -18.06
N ASP B 860 -28.69 79.26 -18.58
CA ASP B 860 -27.51 79.69 -19.32
C ASP B 860 -26.34 79.99 -18.38
N VAL B 861 -26.61 80.50 -17.18
CA VAL B 861 -25.55 80.84 -16.20
C VAL B 861 -24.69 79.64 -15.86
N PHE B 862 -25.34 78.48 -15.71
CA PHE B 862 -24.66 77.21 -15.49
C PHE B 862 -23.88 76.79 -16.72
N ASN B 863 -24.47 76.97 -17.90
CA ASN B 863 -23.76 76.68 -19.14
C ASN B 863 -22.56 77.61 -19.33
N ASN B 864 -22.78 78.88 -19.03
CA ASN B 864 -21.70 79.88 -19.03
C ASN B 864 -20.47 79.36 -18.31
N TRP B 865 -20.65 78.88 -17.07
CA TRP B 865 -19.57 78.32 -16.24
C TRP B 865 -19.00 77.02 -16.69
N GLY B 866 -19.59 76.46 -17.76
CA GLY B 866 -19.10 75.22 -18.36
C GLY B 866 -19.57 73.96 -17.65
N ILE B 867 -20.80 73.97 -17.13
CA ILE B 867 -21.39 72.80 -16.49
C ILE B 867 -21.91 71.85 -17.59
N THR B 868 -21.65 70.54 -17.44
CA THR B 868 -22.05 69.49 -18.39
C THR B 868 -23.13 68.55 -17.82
N SER B 869 -22.99 68.18 -16.54
CA SER B 869 -23.98 67.37 -15.83
C SER B 869 -24.52 68.20 -14.64
N PHE B 870 -25.83 68.26 -14.50
CA PHE B 870 -26.48 69.07 -13.46
C PHE B 870 -27.19 68.18 -12.44
N GLU B 871 -26.56 68.00 -11.28
CA GLU B 871 -27.12 67.10 -10.27
C GLU B 871 -28.19 67.84 -9.51
N MET B 872 -29.44 67.57 -9.88
CA MET B 872 -30.61 68.04 -9.15
C MET B 872 -30.75 67.27 -7.84
N ALA B 873 -31.39 67.89 -6.85
CA ALA B 873 -31.71 67.18 -5.63
C ALA B 873 -32.62 66.00 -5.96
N PRO B 874 -32.83 65.12 -4.98
CA PRO B 874 -33.92 64.17 -5.12
C PRO B 874 -35.27 64.88 -5.09
N GLN B 875 -36.03 64.74 -6.18
CA GLN B 875 -37.25 65.53 -6.39
C GLN B 875 -38.56 64.90 -5.84
N TYR B 876 -38.44 63.97 -4.90
CA TYR B 876 -39.60 63.25 -4.35
C TYR B 876 -40.18 64.02 -3.17
N ARG B 877 -41.47 63.87 -2.91
CA ARG B 877 -42.13 64.50 -1.77
C ARG B 877 -41.59 64.00 -0.42
N SER B 878 -41.24 64.93 0.47
CA SER B 878 -40.77 64.56 1.79
C SER B 878 -41.90 64.06 2.67
N SER B 879 -41.55 63.17 3.60
CA SER B 879 -42.48 62.75 4.64
C SER B 879 -42.78 63.89 5.61
N GLY B 880 -41.77 64.68 5.94
CA GLY B 880 -41.99 65.78 6.87
C GLY B 880 -42.27 65.36 8.30
N ASP B 881 -41.77 64.20 8.69
CA ASP B 881 -42.02 63.63 10.00
C ASP B 881 -40.99 64.07 11.02
N HIS B 882 -40.00 64.85 10.60
CA HIS B 882 -38.94 65.34 11.49
C HIS B 882 -38.21 64.26 12.23
N THR B 883 -38.31 63.03 11.73
CA THR B 883 -37.62 61.91 12.33
C THR B 883 -36.09 61.98 12.16
N PHE B 884 -35.68 62.68 11.11
CA PHE B 884 -34.28 62.89 10.78
C PHE B 884 -34.11 64.19 9.98
N LEU B 885 -32.94 64.82 10.08
CA LEU B 885 -32.67 66.05 9.33
C LEU B 885 -33.29 66.12 7.95
N ASP B 886 -33.16 65.04 7.19
CA ASP B 886 -33.72 64.96 5.82
C ASP B 886 -35.23 65.18 5.77
N SER B 887 -35.92 64.78 6.83
CA SER B 887 -37.35 65.00 6.93
C SER B 887 -37.66 66.25 7.75
N THR B 888 -36.64 66.83 8.35
CA THR B 888 -36.81 68.06 9.11
C THR B 888 -36.84 69.28 8.19
N ILE B 889 -35.96 69.28 7.20
CA ILE B 889 -35.87 70.36 6.22
C ILE B 889 -36.34 69.94 4.82
N ASP B 890 -36.90 68.73 4.71
CA ASP B 890 -37.61 68.27 3.49
C ASP B 890 -36.73 68.28 2.23
N ASN B 891 -35.51 67.78 2.36
CA ASN B 891 -34.55 67.81 1.23
C ASN B 891 -34.88 66.82 0.10
N GLY B 892 -35.69 65.81 0.38
CA GLY B 892 -36.13 64.87 -0.67
C GLY B 892 -35.60 63.43 -0.53
N TYR B 893 -34.73 63.21 0.44
CA TYR B 893 -34.23 61.86 0.68
C TYR B 893 -35.18 61.11 1.63
N ALA B 894 -36.02 61.86 2.35
CA ALA B 894 -36.91 61.27 3.35
C ALA B 894 -38.36 61.24 2.88
N PHE B 895 -38.71 60.18 2.16
CA PHE B 895 -39.98 60.13 1.47
C PHE B 895 -40.80 58.87 1.80
N THR B 896 -42.09 58.95 1.53
CA THR B 896 -42.98 57.80 1.60
C THR B 896 -43.36 57.37 0.17
N ASP B 897 -43.88 58.29 -0.63
CA ASP B 897 -44.27 57.94 -1.98
C ASP B 897 -43.18 58.34 -2.96
N ARG B 898 -42.34 57.38 -3.32
CA ARG B 898 -41.16 57.65 -4.14
C ARG B 898 -41.50 57.86 -5.61
N TYR B 899 -42.76 57.71 -5.99
CA TYR B 899 -43.15 58.04 -7.35
C TYR B 899 -43.73 59.46 -7.44
N ASP B 900 -43.96 60.08 -6.27
CA ASP B 900 -44.61 61.40 -6.20
C ASP B 900 -43.59 62.50 -6.23
N LEU B 901 -43.41 63.11 -7.39
CA LEU B 901 -42.37 64.14 -7.57
C LEU B 901 -42.93 65.56 -7.63
N GLY B 902 -43.96 65.82 -6.83
CA GLY B 902 -44.53 67.16 -6.72
C GLY B 902 -45.79 67.33 -7.56
N PHE B 903 -46.67 66.33 -7.49
CA PHE B 903 -47.97 66.36 -8.15
C PHE B 903 -49.02 67.07 -7.31
N ASN B 904 -49.74 68.02 -7.91
CA ASN B 904 -50.75 68.77 -7.19
C ASN B 904 -50.09 69.83 -6.32
N THR B 905 -49.68 69.44 -5.12
CA THR B 905 -48.93 70.33 -4.25
C THR B 905 -47.43 70.15 -4.54
N PRO B 906 -46.65 71.24 -4.43
CA PRO B 906 -45.24 71.20 -4.81
C PRO B 906 -44.39 70.50 -3.75
N THR B 907 -43.20 70.03 -4.13
CA THR B 907 -42.21 69.57 -3.14
C THR B 907 -41.57 70.82 -2.58
N LYS B 908 -40.42 70.71 -1.94
CA LYS B 908 -39.67 71.90 -1.50
C LYS B 908 -39.24 72.65 -2.74
N TYR B 909 -38.81 71.87 -3.72
CA TYR B 909 -38.11 72.39 -4.86
C TYR B 909 -39.07 72.88 -5.94
N GLY B 910 -40.02 72.06 -6.34
CA GLY B 910 -41.01 72.49 -7.32
C GLY B 910 -42.13 71.49 -7.45
N THR B 911 -43.14 71.82 -8.26
CA THR B 911 -44.17 70.84 -8.64
C THR B 911 -43.63 70.01 -9.80
N ASP B 912 -44.42 69.05 -10.25
CA ASP B 912 -44.09 68.23 -11.43
C ASP B 912 -44.01 69.07 -12.70
N GLY B 913 -44.96 69.99 -12.86
CA GLY B 913 -44.93 70.91 -13.97
C GLY B 913 -43.63 71.69 -13.97
N ASP B 914 -43.25 72.13 -12.78
CA ASP B 914 -42.05 72.95 -12.58
C ASP B 914 -40.79 72.10 -12.83
N LEU B 915 -40.82 70.86 -12.38
CA LEU B 915 -39.66 69.98 -12.56
C LEU B 915 -39.36 69.81 -14.05
N ARG B 916 -40.41 69.54 -14.83
CA ARG B 916 -40.25 69.31 -16.26
C ARG B 916 -39.75 70.54 -17.00
N ALA B 917 -40.24 71.71 -16.62
CA ALA B 917 -39.71 72.95 -17.17
C ALA B 917 -38.20 72.92 -17.02
N THR B 918 -37.76 72.79 -15.77
CA THR B 918 -36.35 72.91 -15.43
C THR B 918 -35.53 71.94 -16.24
N ILE B 919 -35.93 70.68 -16.32
CA ILE B 919 -35.14 69.72 -17.08
C ILE B 919 -34.98 70.22 -18.50
N GLN B 920 -36.06 70.71 -19.10
CA GLN B 920 -36.01 71.14 -20.50
C GLN B 920 -35.03 72.28 -20.67
N ALA B 921 -35.08 73.23 -19.74
CA ALA B 921 -34.18 74.38 -19.74
C ALA B 921 -32.70 73.99 -19.74
N LEU B 922 -32.40 72.89 -19.04
CA LEU B 922 -31.03 72.41 -18.90
C LEU B 922 -30.62 71.74 -20.19
N HIS B 923 -31.55 71.00 -20.79
CA HIS B 923 -31.29 70.38 -22.08
C HIS B 923 -31.03 71.41 -23.14
N HIS B 924 -31.89 72.45 -23.20
CA HIS B 924 -31.70 73.51 -24.19
C HIS B 924 -30.48 74.32 -23.90
N ALA B 925 -30.04 74.36 -22.65
CA ALA B 925 -28.75 74.96 -22.28
C ALA B 925 -27.60 73.92 -22.33
N ASN B 926 -27.78 72.88 -23.14
CA ASN B 926 -26.80 71.80 -23.32
C ASN B 926 -26.17 71.29 -22.02
N MET B 927 -27.00 70.70 -21.17
CA MET B 927 -26.57 70.04 -19.96
C MET B 927 -27.37 68.76 -19.79
N GLN B 928 -26.79 67.76 -19.15
CA GLN B 928 -27.55 66.57 -18.78
C GLN B 928 -28.01 66.70 -17.33
N VAL B 929 -29.13 66.04 -17.00
CA VAL B 929 -29.67 66.12 -15.65
C VAL B 929 -29.53 64.77 -14.94
N MET B 930 -29.25 64.80 -13.63
CA MET B 930 -28.94 63.58 -12.87
C MET B 930 -30.05 63.25 -11.89
N ALA B 931 -30.57 62.02 -11.99
CA ALA B 931 -31.67 61.60 -11.12
C ALA B 931 -31.10 61.02 -9.84
N ASP B 932 -31.43 61.64 -8.71
CA ASP B 932 -30.91 61.15 -7.46
C ASP B 932 -31.75 59.95 -7.04
N VAL B 933 -31.17 58.76 -7.17
CA VAL B 933 -31.85 57.49 -6.85
C VAL B 933 -31.60 57.01 -5.42
N VAL B 934 -32.66 56.80 -4.65
CA VAL B 934 -32.53 56.36 -3.27
C VAL B 934 -33.19 55.01 -3.08
N ASP B 935 -32.44 53.95 -3.36
CA ASP B 935 -32.99 52.61 -3.33
C ASP B 935 -32.92 52.00 -1.96
N ASN B 936 -32.28 52.69 -1.00
CA ASN B 936 -31.98 52.09 0.32
C ASN B 936 -33.20 52.03 1.22
N GLN B 937 -33.91 53.14 1.37
CA GLN B 937 -34.95 53.25 2.41
C GLN B 937 -36.17 54.13 2.11
N VAL B 938 -37.22 53.89 2.89
CA VAL B 938 -38.45 54.67 2.89
C VAL B 938 -38.87 55.13 4.30
N TYR B 939 -39.39 56.36 4.38
CA TYR B 939 -39.81 56.96 5.64
C TYR B 939 -41.32 56.93 5.81
N ASN B 940 -41.72 56.98 7.06
CA ASN B 940 -43.10 57.17 7.46
C ASN B 940 -44.10 56.40 6.62
N LEU B 941 -44.23 55.11 6.92
CA LEU B 941 -45.26 54.27 6.33
C LEU B 941 -46.32 53.96 7.40
N PRO B 942 -47.59 54.40 7.20
CA PRO B 942 -48.60 54.41 8.26
C PRO B 942 -49.10 53.04 8.71
N GLY B 943 -49.31 52.13 7.77
CA GLY B 943 -49.86 50.82 8.07
C GLY B 943 -48.97 49.95 8.92
N LYS B 944 -49.59 49.16 9.80
CA LYS B 944 -48.84 48.38 10.82
C LYS B 944 -48.89 46.88 10.54
N GLU B 945 -47.85 46.20 11.01
CA GLU B 945 -47.66 44.79 10.81
C GLU B 945 -46.82 44.32 11.97
N VAL B 946 -46.87 43.02 12.28
CA VAL B 946 -45.98 42.43 13.27
C VAL B 946 -44.98 41.54 12.54
N VAL B 947 -43.71 41.70 12.92
CA VAL B 947 -42.58 40.91 12.40
C VAL B 947 -41.58 40.59 13.52
N SER B 948 -40.97 39.41 13.49
CA SER B 948 -39.99 39.02 14.52
C SER B 948 -38.70 39.80 14.32
N ALA B 949 -38.39 40.69 15.26
CA ALA B 949 -37.29 41.63 15.08
C ALA B 949 -36.18 41.42 16.07
N THR B 950 -34.98 41.85 15.69
CA THR B 950 -33.81 41.78 16.54
C THR B 950 -32.93 43.01 16.38
N ARG B 951 -32.30 43.43 17.47
CA ARG B 951 -31.48 44.65 17.48
C ARG B 951 -30.22 44.48 16.66
N ALA B 952 -29.95 45.46 15.81
CA ALA B 952 -28.85 45.40 14.87
C ALA B 952 -28.10 46.72 14.72
N GLY B 953 -26.92 46.61 14.12
CA GLY B 953 -26.12 47.75 13.73
C GLY B 953 -26.16 47.98 12.24
N VAL B 954 -25.45 49.00 11.79
CA VAL B 954 -25.46 49.39 10.40
C VAL B 954 -25.02 48.26 9.50
N TYR B 955 -24.10 47.43 9.99
CA TYR B 955 -23.49 46.40 9.17
C TYR B 955 -24.45 45.25 8.80
N GLY B 956 -25.60 45.20 9.46
CA GLY B 956 -26.54 44.08 9.34
C GLY B 956 -26.20 42.99 10.34
N ASN B 957 -25.69 43.42 11.50
CA ASN B 957 -25.08 42.53 12.47
C ASN B 957 -25.94 42.43 13.72
N ASP B 958 -26.26 41.22 14.14
CA ASP B 958 -27.14 41.01 15.28
C ASP B 958 -26.43 41.49 16.55
N ASP B 959 -27.12 42.30 17.37
CA ASP B 959 -26.54 42.81 18.61
C ASP B 959 -26.95 42.00 19.83
N ALA B 960 -26.09 42.01 20.83
CA ALA B 960 -26.35 41.38 22.11
C ALA B 960 -26.99 42.39 23.04
N THR B 961 -28.28 42.26 23.26
CA THR B 961 -29.00 43.16 24.13
C THR B 961 -30.16 42.42 24.76
N GLY B 962 -30.73 43.03 25.81
CA GLY B 962 -31.82 42.41 26.55
C GLY B 962 -33.08 42.25 25.74
N PHE B 963 -33.21 43.03 24.67
CA PHE B 963 -34.35 42.93 23.76
C PHE B 963 -34.42 41.52 23.20
N GLY B 964 -33.29 41.03 22.71
CA GLY B 964 -33.20 39.70 22.10
C GLY B 964 -33.89 39.59 20.75
N THR B 965 -34.84 38.67 20.65
CA THR B 965 -35.62 38.49 19.44
C THR B 965 -37.08 38.43 19.87
N GLN B 966 -37.81 39.52 19.64
CA GLN B 966 -39.21 39.62 19.96
C GLN B 966 -40.04 39.89 18.70
N LEU B 967 -41.32 39.54 18.75
CA LEU B 967 -42.24 39.98 17.72
C LEU B 967 -42.51 41.46 18.01
N TYR B 968 -42.46 42.28 16.97
CA TYR B 968 -42.45 43.73 17.11
C TYR B 968 -43.45 44.30 16.13
N VAL B 969 -44.25 45.26 16.60
CA VAL B 969 -45.21 45.92 15.72
C VAL B 969 -44.49 47.05 15.00
N THR B 970 -44.28 46.88 13.68
CA THR B 970 -43.53 47.84 12.86
C THR B 970 -44.45 48.68 11.99
N ASN B 971 -43.94 49.82 11.54
CA ASN B 971 -44.69 50.75 10.71
C ASN B 971 -44.32 50.52 9.26
N SER B 972 -44.63 49.34 8.74
CA SER B 972 -44.06 48.88 7.45
C SER B 972 -44.93 49.09 6.26
N VAL B 973 -46.25 48.93 6.41
CA VAL B 973 -47.17 48.98 5.29
C VAL B 973 -47.46 50.42 4.93
N GLY B 974 -47.58 50.71 3.64
CA GLY B 974 -47.86 52.07 3.19
C GLY B 974 -47.32 52.34 1.81
N GLY B 975 -47.49 53.56 1.34
CA GLY B 975 -46.97 53.94 0.04
C GLY B 975 -47.43 55.31 -0.37
N GLY B 976 -48.53 55.35 -1.11
CA GLY B 976 -49.07 56.60 -1.62
C GLY B 976 -49.84 56.42 -2.91
N GLN B 977 -50.41 57.52 -3.36
CA GLN B 977 -51.27 57.53 -4.52
C GLN B 977 -50.52 57.15 -5.79
N TYR B 978 -49.31 57.68 -5.92
CA TYR B 978 -48.57 57.60 -7.18
C TYR B 978 -47.71 56.36 -7.26
N GLN B 979 -47.45 55.73 -6.13
CA GLN B 979 -46.84 54.42 -6.15
C GLN B 979 -47.86 53.44 -6.69
N GLU B 980 -49.09 53.52 -6.20
CA GLU B 980 -50.19 52.69 -6.69
C GLU B 980 -50.29 52.79 -8.20
N LYS B 981 -50.32 54.01 -8.71
CA LYS B 981 -50.47 54.22 -10.14
C LYS B 981 -49.31 53.59 -10.92
N TYR B 982 -48.08 53.99 -10.59
CA TYR B 982 -46.92 53.66 -11.43
C TYR B 982 -46.12 52.42 -11.06
N ALA B 983 -46.24 51.92 -9.84
CA ALA B 983 -45.42 50.77 -9.44
C ALA B 983 -45.70 49.50 -10.23
N GLY B 984 -44.68 48.98 -10.90
CA GLY B 984 -44.76 47.70 -11.60
C GLY B 984 -45.36 47.77 -13.00
N GLN B 985 -45.78 48.96 -13.42
CA GLN B 985 -46.59 49.07 -14.63
C GLN B 985 -45.74 48.96 -15.90
N TYR B 986 -44.44 49.19 -15.79
CA TYR B 986 -43.56 49.10 -16.95
C TYR B 986 -42.65 47.88 -16.87
N LEU B 987 -43.02 46.88 -16.08
CA LEU B 987 -42.18 45.68 -15.96
C LEU B 987 -42.31 44.73 -17.15
N GLU B 988 -43.53 44.51 -17.64
CA GLU B 988 -43.76 43.68 -18.83
C GLU B 988 -43.20 44.31 -20.10
N ALA B 989 -43.40 45.62 -20.24
CA ALA B 989 -42.80 46.37 -21.34
C ALA B 989 -41.28 46.17 -21.38
N LEU B 990 -40.63 46.28 -20.22
CA LEU B 990 -39.17 46.13 -20.14
C LEU B 990 -38.69 44.71 -20.38
N LYS B 991 -39.48 43.73 -19.97
CA LYS B 991 -39.11 42.32 -20.18
C LYS B 991 -39.19 41.99 -21.65
N ALA B 992 -40.16 42.57 -22.35
CA ALA B 992 -40.22 42.44 -23.78
C ALA B 992 -38.95 43.05 -24.36
N LYS B 993 -38.70 44.32 -24.07
CA LYS B 993 -37.65 45.05 -24.76
C LYS B 993 -36.26 44.55 -24.37
N TYR B 994 -36.00 44.46 -23.07
CA TYR B 994 -34.69 44.06 -22.55
C TYR B 994 -34.84 42.82 -21.68
N PRO B 995 -35.00 41.65 -22.30
CA PRO B 995 -35.25 40.41 -21.55
C PRO B 995 -34.05 39.90 -20.77
N ASP B 996 -32.86 40.28 -21.19
CA ASP B 996 -31.68 39.94 -20.43
C ASP B 996 -31.72 40.52 -19.01
N LEU B 997 -32.30 41.70 -18.86
CA LEU B 997 -32.44 42.34 -17.55
C LEU B 997 -33.08 41.42 -16.53
N PHE B 998 -34.06 40.63 -16.96
CA PHE B 998 -34.91 39.86 -16.05
C PHE B 998 -34.40 38.46 -15.70
N GLU B 999 -33.36 38.02 -16.40
CA GLU B 999 -32.77 36.71 -16.16
C GLU B 999 -31.69 36.81 -15.09
N GLY B 1000 -31.37 35.68 -14.49
CA GLY B 1000 -30.24 35.61 -13.57
C GLY B 1000 -28.97 35.81 -14.36
N LYS B 1001 -27.89 36.21 -13.70
CA LYS B 1001 -26.65 36.50 -14.39
C LYS B 1001 -25.47 36.40 -13.45
N ALA B 1002 -24.33 36.02 -14.04
CA ALA B 1002 -23.08 35.91 -13.33
C ALA B 1002 -22.32 37.22 -13.48
N TYR B 1003 -21.58 37.60 -12.45
CA TYR B 1003 -20.72 38.76 -12.54
C TYR B 1003 -19.59 38.80 -11.53
N ASP B 1004 -18.63 39.69 -11.76
CA ASP B 1004 -17.54 39.98 -10.81
C ASP B 1004 -17.60 41.39 -10.23
N TYR B 1005 -17.02 41.56 -9.05
CA TYR B 1005 -16.90 42.88 -8.42
C TYR B 1005 -15.71 42.84 -7.46
N TRP B 1006 -15.26 44.01 -7.02
CA TRP B 1006 -14.16 44.05 -6.05
C TRP B 1006 -14.66 44.05 -4.63
N TYR B 1007 -13.77 43.69 -3.71
CA TYR B 1007 -14.10 43.58 -2.29
C TYR B 1007 -12.93 44.05 -1.40
N LYS B 1008 -13.19 45.09 -0.61
CA LYS B 1008 -12.19 45.68 0.29
C LYS B 1008 -11.95 44.80 1.50
N ASN B 1009 -10.71 44.35 1.65
CA ASN B 1009 -10.34 43.52 2.77
C ASN B 1009 -9.48 44.28 3.76
N TYR B 1010 -10.07 44.56 4.93
CA TYR B 1010 -9.41 45.30 5.99
C TYR B 1010 -8.43 44.39 6.75
N ALA B 1011 -7.16 44.78 6.78
CA ALA B 1011 -6.11 43.92 7.35
C ALA B 1011 -6.12 43.93 8.89
N ASN B 1012 -5.93 42.74 9.45
CA ASN B 1012 -5.99 42.53 10.91
C ASN B 1012 -4.65 42.84 11.59
N ASP B 1013 -3.59 43.03 10.78
CA ASP B 1013 -2.27 43.42 11.30
C ASP B 1013 -2.04 44.94 11.27
N GLY B 1014 -3.14 45.71 11.12
CA GLY B 1014 -3.11 47.17 11.15
C GLY B 1014 -2.47 47.82 9.93
N SER B 1015 -2.33 47.07 8.84
CA SER B 1015 -1.73 47.58 7.59
C SER B 1015 -2.82 47.98 6.61
N ASN B 1016 -2.42 48.49 5.45
CA ASN B 1016 -3.37 48.96 4.43
C ASN B 1016 -4.36 47.88 3.95
N PRO B 1017 -5.57 48.31 3.55
CA PRO B 1017 -6.51 47.36 2.96
C PRO B 1017 -6.07 46.85 1.60
N TYR B 1018 -6.84 45.92 1.03
CA TYR B 1018 -6.55 45.38 -0.28
C TYR B 1018 -7.80 44.82 -0.90
N TYR B 1019 -7.86 44.88 -2.22
CA TYR B 1019 -9.06 44.48 -3.00
C TYR B 1019 -8.86 43.13 -3.68
N THR B 1020 -9.93 42.34 -3.73
CA THR B 1020 -9.88 41.01 -4.31
C THR B 1020 -11.14 40.75 -5.12
N LEU B 1021 -10.97 40.04 -6.24
CA LEU B 1021 -12.06 39.80 -7.23
C LEU B 1021 -13.12 38.77 -6.80
N SER B 1022 -14.18 39.26 -6.19
CA SER B 1022 -15.31 38.44 -5.76
C SER B 1022 -16.23 38.18 -6.94
N HIS B 1023 -17.04 37.12 -6.81
CA HIS B 1023 -18.01 36.73 -7.86
C HIS B 1023 -19.38 36.72 -7.29
N GLY B 1024 -20.37 37.03 -8.11
CA GLY B 1024 -21.74 37.04 -7.65
C GLY B 1024 -22.71 36.44 -8.65
N ASP B 1025 -23.90 36.13 -8.16
CA ASP B 1025 -24.97 35.61 -8.99
C ASP B 1025 -26.29 36.24 -8.59
N ARG B 1026 -26.73 37.19 -9.39
CA ARG B 1026 -28.07 37.72 -9.26
C ARG B 1026 -29.05 36.66 -9.79
N GLU B 1027 -30.24 36.62 -9.18
CA GLU B 1027 -31.30 35.70 -9.55
C GLU B 1027 -32.19 36.35 -10.62
N SER B 1028 -33.00 35.55 -11.32
CA SER B 1028 -33.97 36.09 -12.27
C SER B 1028 -35.14 36.70 -11.49
N ILE B 1029 -35.71 37.76 -12.05
CA ILE B 1029 -36.80 38.51 -11.41
C ILE B 1029 -38.07 38.41 -12.23
N PRO B 1030 -39.23 38.70 -11.62
CA PRO B 1030 -40.52 38.58 -12.28
C PRO B 1030 -41.12 39.90 -12.72
N ALA B 1031 -41.88 39.85 -13.82
CA ALA B 1031 -42.56 41.03 -14.36
C ALA B 1031 -44.00 41.20 -13.83
N ASP B 1032 -44.69 40.10 -13.55
CA ASP B 1032 -46.10 40.17 -13.15
C ASP B 1032 -46.30 40.72 -11.73
N VAL B 1033 -45.42 40.38 -10.80
CA VAL B 1033 -45.53 40.88 -9.43
C VAL B 1033 -45.14 42.35 -9.32
N ALA B 1034 -46.05 43.16 -8.77
CA ALA B 1034 -45.84 44.59 -8.65
C ALA B 1034 -45.96 44.99 -7.20
N ILE B 1035 -45.06 45.85 -6.73
CA ILE B 1035 -45.18 46.42 -5.38
C ILE B 1035 -46.06 47.67 -5.46
N LYS B 1036 -47.35 47.52 -5.21
CA LYS B 1036 -48.28 48.65 -5.27
C LYS B 1036 -48.14 49.47 -3.99
N GLN B 1037 -47.88 48.78 -2.90
CA GLN B 1037 -47.57 49.43 -1.66
C GLN B 1037 -46.55 48.56 -0.95
N TRP B 1038 -45.86 49.16 0.02
CA TRP B 1038 -44.81 48.47 0.74
C TRP B 1038 -45.38 47.66 1.85
N SER B 1039 -44.55 46.79 2.40
CA SER B 1039 -44.91 45.94 3.51
C SER B 1039 -43.64 45.36 4.11
N ALA B 1040 -43.74 44.65 5.22
CA ALA B 1040 -42.56 44.21 5.97
C ALA B 1040 -41.76 43.10 5.28
N LYS B 1041 -42.41 42.38 4.36
CA LYS B 1041 -41.71 41.33 3.62
C LYS B 1041 -40.65 41.89 2.68
N TYR B 1042 -40.89 43.09 2.18
CA TYR B 1042 -39.99 43.70 1.20
C TYR B 1042 -38.95 44.61 1.86
N MET B 1043 -38.87 44.56 3.20
CA MET B 1043 -37.91 45.36 3.99
C MET B 1043 -36.95 44.48 4.78
N ASN B 1044 -35.72 44.94 4.95
CA ASN B 1044 -34.75 44.24 5.78
C ASN B 1044 -35.02 44.48 7.26
N GLY B 1045 -35.27 45.73 7.61
CA GLY B 1045 -35.55 46.10 8.99
C GLY B 1045 -35.97 47.56 9.15
N THR B 1046 -35.94 48.04 10.39
CA THR B 1046 -36.39 49.38 10.71
C THR B 1046 -35.56 50.01 11.82
N ASN B 1047 -35.57 51.34 11.84
CA ASN B 1047 -35.08 52.07 12.98
C ASN B 1047 -35.95 51.77 14.18
N VAL B 1048 -35.34 51.80 15.36
CA VAL B 1048 -36.03 51.46 16.60
C VAL B 1048 -37.13 52.49 16.85
N LEU B 1049 -38.37 52.00 16.93
CA LEU B 1049 -39.55 52.87 16.99
C LEU B 1049 -39.96 53.20 18.44
N GLY B 1050 -39.42 52.49 19.42
CA GLY B 1050 -39.68 52.79 20.84
C GLY B 1050 -40.95 52.18 21.44
N ASN B 1051 -41.54 51.21 20.74
CA ASN B 1051 -42.77 50.54 21.22
C ASN B 1051 -42.47 49.61 22.39
N GLY B 1052 -41.27 49.04 22.41
CA GLY B 1052 -40.80 48.23 23.55
C GLY B 1052 -40.53 46.77 23.25
N MET B 1053 -39.98 46.06 24.24
CA MET B 1053 -39.67 44.64 24.13
C MET B 1053 -40.95 43.79 24.00
N GLY B 1054 -41.86 43.97 24.96
CA GLY B 1054 -43.09 43.16 25.05
C GLY B 1054 -44.35 43.89 24.64
N TYR B 1055 -44.25 44.84 23.73
CA TYR B 1055 -45.41 45.55 23.19
C TYR B 1055 -46.41 44.58 22.58
N VAL B 1056 -45.90 43.70 21.73
CA VAL B 1056 -46.66 42.54 21.27
C VAL B 1056 -46.76 41.60 22.47
N LEU B 1057 -47.98 41.46 23.01
CA LEU B 1057 -48.19 40.74 24.28
C LEU B 1057 -47.83 39.27 24.17
N LYS B 1058 -47.29 38.71 25.26
CA LYS B 1058 -47.03 37.28 25.34
C LYS B 1058 -46.91 36.77 26.77
N ASP B 1059 -47.23 35.49 26.97
CA ASP B 1059 -47.11 34.89 28.28
C ASP B 1059 -45.63 34.77 28.51
N TRP B 1060 -45.16 35.52 29.49
CA TRP B 1060 -43.73 35.65 29.75
C TRP B 1060 -43.15 34.53 30.57
N HIS B 1061 -44.00 33.62 31.01
CA HIS B 1061 -43.53 32.44 31.72
C HIS B 1061 -42.91 31.47 30.75
N ASN B 1062 -43.55 31.25 29.61
CA ASN B 1062 -43.07 30.29 28.62
C ASN B 1062 -42.78 30.88 27.24
N GLY B 1063 -43.05 32.17 27.07
CA GLY B 1063 -42.79 32.83 25.79
C GLY B 1063 -43.75 32.46 24.68
N GLN B 1064 -44.99 32.14 25.03
CA GLN B 1064 -46.06 31.86 24.05
C GLN B 1064 -46.77 33.16 23.71
N TYR B 1065 -46.80 33.48 22.43
CA TYR B 1065 -47.52 34.67 21.99
C TYR B 1065 -49.02 34.43 21.89
N PHE B 1066 -49.78 35.50 21.75
CA PHE B 1066 -51.21 35.39 21.67
C PHE B 1066 -51.63 35.63 20.24
N LYS B 1067 -52.65 34.92 19.79
CA LYS B 1067 -53.00 34.88 18.37
C LYS B 1067 -54.51 34.59 18.29
N LEU B 1068 -55.17 35.14 17.28
CA LEU B 1068 -56.61 34.99 17.11
C LEU B 1068 -56.91 34.16 15.85
N ASP B 1069 -56.78 32.84 15.96
CA ASP B 1069 -57.20 31.87 14.91
C ASP B 1069 -58.40 31.04 15.40
N GLY B 1070 -58.79 30.02 14.65
CA GLY B 1070 -59.80 29.03 15.08
C GLY B 1070 -59.34 28.28 16.33
N ASP B 1071 -58.08 27.84 16.29
CA ASP B 1071 -57.35 27.40 17.47
C ASP B 1071 -56.54 28.61 17.99
N LYS B 1072 -57.25 29.62 18.47
CA LYS B 1072 -56.61 30.86 18.90
C LYS B 1072 -55.62 30.62 20.01
N SER B 1073 -55.16 31.72 20.59
CA SER B 1073 -54.36 31.69 21.80
C SER B 1073 -54.55 33.04 22.47
N THR B 1074 -55.18 33.08 23.64
CA THR B 1074 -55.54 34.35 24.26
C THR B 1074 -55.00 34.48 25.66
N LEU B 1075 -54.82 35.75 26.04
CA LEU B 1075 -54.45 36.13 27.39
C LEU B 1075 -55.55 35.73 28.36
N PRO B 1076 -56.77 36.37 28.27
CA PRO B 1076 -57.65 36.11 29.42
C PRO B 1076 -57.95 34.58 29.52
N GLN B 1077 -57.45 33.83 30.53
CA GLN B 1077 -57.70 32.35 30.56
C GLN B 1077 -57.38 31.63 31.87
N LYS C 24 29.29 -17.48 37.84
CA LYS C 24 29.00 -17.06 36.44
C LYS C 24 27.99 -18.02 35.79
N GLY C 25 27.42 -17.61 34.65
CA GLY C 25 26.51 -18.45 33.85
C GLY C 25 25.03 -18.23 34.11
N LEU C 26 24.18 -18.93 33.36
CA LEU C 26 22.74 -19.04 33.70
C LEU C 26 22.56 -20.14 34.73
N ARG C 27 22.00 -19.78 35.87
CA ARG C 27 21.86 -20.69 36.99
C ARG C 27 20.46 -20.57 37.56
N GLN C 28 20.26 -21.18 38.73
CA GLN C 28 19.07 -20.94 39.56
C GLN C 28 19.39 -21.07 41.06
N ASP C 29 18.68 -20.29 41.89
CA ASP C 29 18.84 -20.35 43.34
C ASP C 29 18.53 -21.75 43.89
N SER C 30 18.88 -22.01 45.15
CA SER C 30 18.62 -23.31 45.78
C SER C 30 17.12 -23.55 46.06
N ASN C 31 16.24 -22.91 45.29
CA ASN C 31 14.79 -23.03 45.43
C ASN C 31 14.16 -23.54 44.13
N GLY C 32 14.10 -22.68 43.12
CA GLY C 32 13.42 -23.00 41.87
C GLY C 32 13.64 -21.98 40.75
N LYS C 33 12.95 -20.83 40.82
CA LYS C 33 12.99 -19.83 39.74
C LYS C 33 14.42 -19.41 39.36
N LEU C 34 14.55 -18.88 38.14
CA LEU C 34 15.86 -18.67 37.50
C LEU C 34 16.57 -17.39 37.95
N ARG C 35 17.85 -17.30 37.66
CA ARG C 35 18.61 -16.08 37.93
C ARG C 35 19.85 -16.06 37.05
N TYR C 36 19.94 -15.07 36.14
CA TYR C 36 21.04 -14.98 35.19
C TYR C 36 22.14 -14.03 35.66
N PHE C 37 23.38 -14.33 35.25
CA PHE C 37 24.53 -13.49 35.56
C PHE C 37 25.34 -13.28 34.30
N ASP C 38 26.10 -12.19 34.23
CA ASP C 38 26.92 -11.90 33.06
C ASP C 38 28.06 -12.90 33.02
N LEU C 39 28.23 -13.57 31.89
CA LEU C 39 29.31 -14.51 31.71
C LEU C 39 30.70 -13.84 31.90
N THR C 40 30.91 -12.71 31.23
CA THR C 40 32.24 -12.07 31.24
C THR C 40 32.61 -11.58 32.65
N THR C 41 31.83 -10.64 33.19
CA THR C 41 32.12 -10.06 34.51
C THR C 41 31.63 -10.97 35.61
N GLY C 42 30.32 -11.16 35.66
CA GLY C 42 29.71 -11.95 36.73
C GLY C 42 28.48 -11.30 37.33
N ILE C 43 28.41 -9.97 37.27
CA ILE C 43 27.35 -9.24 37.96
C ILE C 43 25.97 -9.76 37.55
N GLN C 44 25.00 -9.70 38.46
CA GLN C 44 23.65 -10.22 38.20
C GLN C 44 22.82 -9.29 37.31
N ALA C 45 22.01 -9.91 36.46
CA ALA C 45 21.06 -9.21 35.59
C ALA C 45 19.82 -8.73 36.36
N LYS C 46 19.82 -7.43 36.71
CA LYS C 46 18.66 -6.78 37.32
C LYS C 46 18.16 -5.63 36.46
N GLY C 47 16.95 -5.80 35.94
CA GLY C 47 16.32 -4.81 35.09
C GLY C 47 16.97 -4.76 33.72
N GLN C 48 17.16 -5.93 33.12
CA GLN C 48 17.75 -5.99 31.78
C GLN C 48 17.37 -7.24 31.05
N PHE C 49 17.44 -7.18 29.74
CA PHE C 49 17.07 -8.31 28.89
C PHE C 49 18.30 -9.05 28.40
N VAL C 50 18.24 -10.38 28.34
CA VAL C 50 19.30 -11.14 27.73
C VAL C 50 18.70 -12.17 26.79
N THR C 51 19.45 -12.51 25.74
CA THR C 51 19.10 -13.60 24.83
C THR C 51 19.98 -14.79 25.20
N ILE C 52 19.40 -15.79 25.86
CA ILE C 52 20.14 -17.03 26.16
C ILE C 52 19.66 -18.11 25.20
N GLY C 53 20.60 -18.68 24.45
CA GLY C 53 20.29 -19.72 23.48
C GLY C 53 19.34 -19.24 22.40
N GLN C 54 18.17 -19.88 22.34
CA GLN C 54 17.12 -19.57 21.37
C GLN C 54 16.13 -18.55 21.90
N GLU C 55 15.91 -18.59 23.20
CA GLU C 55 14.95 -17.72 23.87
C GLU C 55 15.53 -16.35 24.25
N THR C 56 14.64 -15.46 24.69
CA THR C 56 15.02 -14.13 25.23
C THR C 56 14.18 -13.77 26.47
N TYR C 57 14.85 -13.41 27.56
CA TYR C 57 14.20 -13.22 28.86
C TYR C 57 14.35 -11.80 29.40
N TYR C 58 13.51 -11.44 30.37
CA TYR C 58 13.66 -10.22 31.16
C TYR C 58 13.82 -10.54 32.65
N PHE C 59 14.61 -9.71 33.36
CA PHE C 59 14.94 -9.93 34.76
C PHE C 59 14.66 -8.67 35.60
N SER C 60 13.80 -8.80 36.61
CA SER C 60 13.29 -7.66 37.41
C SER C 60 14.35 -6.99 38.27
N LYS C 61 14.23 -5.67 38.41
CA LYS C 61 15.23 -4.90 39.14
C LYS C 61 15.37 -5.35 40.61
N ASP C 62 14.24 -5.66 41.24
CA ASP C 62 14.19 -5.86 42.71
C ASP C 62 14.65 -7.24 43.14
N HIS C 63 13.75 -8.23 43.07
CA HIS C 63 14.07 -9.59 43.51
C HIS C 63 14.97 -10.29 42.51
N GLY C 64 14.75 -10.05 41.20
CA GLY C 64 15.59 -10.60 40.14
C GLY C 64 14.96 -11.77 39.41
N ASP C 65 13.67 -11.64 39.10
CA ASP C 65 12.88 -12.77 38.57
C ASP C 65 13.26 -13.09 37.11
N ALA C 66 12.61 -14.09 36.51
CA ALA C 66 12.87 -14.50 35.12
C ALA C 66 11.57 -14.74 34.37
N GLN C 67 11.31 -13.94 33.33
CA GLN C 67 10.09 -14.08 32.51
C GLN C 67 10.45 -14.29 31.02
N LEU C 68 9.99 -15.40 30.44
CA LEU C 68 10.22 -15.71 29.02
C LEU C 68 9.32 -14.87 28.09
N LEU C 69 9.92 -14.35 27.02
CA LEU C 69 9.19 -13.59 26.01
C LEU C 69 9.14 -14.37 24.70
N PRO C 70 7.98 -14.94 24.35
CA PRO C 70 7.91 -15.73 23.14
C PRO C 70 7.97 -14.87 21.87
N MET C 71 8.58 -15.43 20.83
CA MET C 71 8.64 -14.78 19.51
C MET C 71 7.33 -14.92 18.77
N VAL C 72 7.11 -14.03 17.81
CA VAL C 72 5.95 -14.13 16.95
C VAL C 72 6.38 -14.21 15.49
N THR C 73 6.57 -15.43 14.99
CA THR C 73 6.95 -15.64 13.60
C THR C 73 5.73 -16.05 12.76
N GLU C 74 4.59 -15.40 12.98
CA GLU C 74 3.33 -15.78 12.30
C GLU C 74 2.34 -14.62 12.21
N GLY C 75 2.85 -13.45 11.79
CA GLY C 75 2.09 -12.20 11.89
C GLY C 75 1.97 -11.42 10.60
N HIS C 76 1.42 -10.21 10.74
CA HIS C 76 1.10 -9.38 9.60
C HIS C 76 2.09 -8.26 9.48
N TYR C 77 1.95 -7.24 10.33
CA TYR C 77 2.77 -6.02 10.28
C TYR C 77 2.23 -5.05 9.23
N GLY C 78 1.64 -3.94 9.66
CA GLY C 78 1.00 -3.02 8.72
C GLY C 78 0.68 -1.65 9.27
N THR C 79 -0.27 -0.98 8.61
CA THR C 79 -0.64 0.41 8.90
C THR C 79 -2.16 0.57 9.11
N ILE C 80 -2.54 1.54 9.96
CA ILE C 80 -3.94 1.82 10.33
C ILE C 80 -4.09 3.31 10.69
N THR C 81 -5.31 3.84 10.67
CA THR C 81 -5.60 5.23 11.09
C THR C 81 -5.77 5.35 12.59
N LEU C 82 -5.35 6.48 13.16
CA LEU C 82 -5.48 6.73 14.61
C LEU C 82 -5.80 8.20 14.94
N LYS C 83 -7.06 8.48 15.26
CA LYS C 83 -7.44 9.81 15.78
C LYS C 83 -7.22 9.88 17.30
N GLN C 84 -6.18 10.62 17.72
CA GLN C 84 -5.78 10.73 19.15
C GLN C 84 -6.77 11.51 20.04
N GLY C 85 -7.51 12.45 19.44
CA GLY C 85 -8.51 13.27 20.15
C GLY C 85 -8.95 14.55 19.42
N GLN C 86 -7.97 15.26 18.85
CA GLN C 86 -8.24 16.46 18.02
C GLN C 86 -8.17 16.11 16.52
N ASP C 87 -7.17 15.30 16.14
CA ASP C 87 -6.94 14.91 14.73
C ASP C 87 -6.61 13.39 14.56
N THR C 88 -6.30 12.97 13.33
CA THR C 88 -5.89 11.58 13.03
C THR C 88 -4.56 11.51 12.24
N LYS C 89 -3.84 10.39 12.42
CA LYS C 89 -2.52 10.12 11.82
C LYS C 89 -2.56 8.83 10.96
N THR C 90 -1.45 8.50 10.30
CA THR C 90 -1.31 7.20 9.60
C THR C 90 -0.18 6.35 10.23
N ALA C 91 -0.47 5.76 11.40
CA ALA C 91 0.55 5.08 12.23
C ALA C 91 0.75 3.58 11.89
N TRP C 92 1.80 2.98 12.46
CA TRP C 92 2.11 1.54 12.28
C TRP C 92 1.79 0.71 13.50
N VAL C 93 1.42 -0.54 13.25
CA VAL C 93 1.24 -1.53 14.31
C VAL C 93 1.63 -2.89 13.73
N TYR C 94 1.74 -3.91 14.59
CA TYR C 94 2.09 -5.25 14.12
C TYR C 94 0.89 -6.14 13.79
N ARG C 95 0.15 -6.54 14.83
CA ARG C 95 -0.99 -7.49 14.72
C ARG C 95 -0.64 -8.92 14.24
N ASP C 96 -1.29 -9.91 14.86
CA ASP C 96 -1.01 -11.34 14.62
C ASP C 96 -1.65 -11.88 13.31
N GLN C 97 -1.56 -13.20 13.07
CA GLN C 97 -2.23 -13.87 11.93
C GLN C 97 -3.76 -13.87 12.11
N ASN C 98 -4.22 -14.23 13.32
CA ASN C 98 -5.56 -13.86 13.78
C ASN C 98 -5.46 -12.38 14.18
N ASN C 99 -6.28 -11.54 13.57
CA ASN C 99 -6.04 -10.09 13.50
C ASN C 99 -5.73 -9.31 14.77
N THR C 100 -5.96 -9.92 15.94
CA THR C 100 -5.50 -9.44 17.26
C THR C 100 -4.31 -8.45 17.19
N ILE C 101 -4.60 -7.14 17.26
CA ILE C 101 -3.55 -6.08 17.16
C ILE C 101 -2.72 -5.97 18.43
N LEU C 102 -1.43 -6.26 18.30
CA LEU C 102 -0.56 -6.40 19.46
C LEU C 102 -0.08 -5.07 19.99
N LYS C 103 -0.13 -4.99 21.32
CA LYS C 103 0.15 -3.79 22.08
C LYS C 103 1.04 -4.12 23.27
N GLY C 104 1.79 -3.11 23.73
CA GLY C 104 2.82 -3.29 24.77
C GLY C 104 4.15 -3.81 24.21
N LEU C 105 5.04 -4.24 25.11
CA LEU C 105 6.33 -4.83 24.71
C LEU C 105 6.09 -6.15 23.96
N GLN C 106 6.74 -6.31 22.81
CA GLN C 106 6.60 -7.51 21.95
C GLN C 106 7.95 -7.92 21.34
N ASN C 107 7.93 -9.06 20.65
CA ASN C 107 9.16 -9.69 20.18
C ASN C 107 9.01 -10.21 18.75
N ILE C 108 9.14 -9.28 17.80
CA ILE C 108 8.99 -9.61 16.40
C ILE C 108 10.25 -10.32 15.89
N ASN C 109 10.39 -11.60 16.24
CA ASN C 109 11.52 -12.42 15.78
C ASN C 109 12.89 -11.82 16.12
N GLY C 110 13.32 -12.02 17.36
CA GLY C 110 14.63 -11.55 17.82
C GLY C 110 14.61 -10.14 18.39
N THR C 111 14.26 -9.16 17.56
CA THR C 111 14.18 -7.78 18.02
C THR C 111 12.96 -7.57 18.94
N LEU C 112 13.25 -7.10 20.15
CA LEU C 112 12.21 -6.72 21.10
C LEU C 112 11.74 -5.32 20.73
N GLN C 113 10.49 -5.22 20.24
CA GLN C 113 9.89 -3.92 19.94
C GLN C 113 8.79 -3.55 20.91
N PHE C 114 8.36 -2.30 20.85
CA PHE C 114 7.31 -1.79 21.73
C PHE C 114 6.21 -1.16 20.92
N PHE C 115 5.00 -1.20 21.49
CA PHE C 115 3.79 -0.62 20.91
C PHE C 115 3.04 0.15 21.99
N ASP C 116 2.40 1.26 21.62
CA ASP C 116 1.73 2.12 22.62
C ASP C 116 0.64 1.32 23.36
N PRO C 117 0.67 1.29 24.71
CA PRO C 117 -0.32 0.45 25.42
C PRO C 117 -1.81 0.78 25.15
N TYR C 118 -2.13 2.04 24.87
CA TYR C 118 -3.51 2.44 24.58
C TYR C 118 -3.84 2.17 23.12
N THR C 119 -3.07 2.79 22.22
CA THR C 119 -3.39 2.77 20.80
C THR C 119 -2.65 1.72 20.00
N GLY C 120 -1.44 1.38 20.41
CA GLY C 120 -0.62 0.36 19.72
C GLY C 120 0.39 0.88 18.71
N GLU C 121 0.68 2.17 18.76
CA GLU C 121 1.63 2.75 17.83
C GLU C 121 3.02 2.27 18.22
N GLN C 122 3.76 1.77 17.24
CA GLN C 122 5.13 1.29 17.42
C GLN C 122 6.07 2.42 17.79
N LEU C 123 6.70 2.29 18.94
CA LEU C 123 7.54 3.33 19.46
C LEU C 123 8.89 3.31 18.76
N LYS C 124 9.08 4.20 17.79
CA LYS C 124 10.36 4.35 17.11
C LYS C 124 10.94 5.69 17.48
N GLY C 125 11.97 5.70 18.33
CA GLY C 125 12.57 6.94 18.81
C GLY C 125 11.72 7.52 19.92
N GLY C 126 11.92 7.02 21.13
CA GLY C 126 11.13 7.43 22.30
C GLY C 126 11.29 6.44 23.43
N VAL C 127 10.47 6.58 24.48
CA VAL C 127 10.66 5.82 25.72
C VAL C 127 9.41 5.01 26.13
N ALA C 128 9.55 4.23 27.20
CA ALA C 128 8.42 3.52 27.85
C ALA C 128 8.80 2.95 29.24
N LYS C 129 7.97 3.21 30.25
CA LYS C 129 8.12 2.58 31.58
C LYS C 129 7.80 1.09 31.45
N TYR C 130 8.37 0.29 32.34
CA TYR C 130 8.21 -1.17 32.28
C TYR C 130 8.89 -1.74 33.49
N ASP C 131 8.13 -2.33 34.41
CA ASP C 131 8.65 -2.75 35.72
C ASP C 131 9.39 -1.57 36.40
N ASP C 132 8.72 -0.41 36.44
CA ASP C 132 9.24 0.85 37.00
C ASP C 132 10.69 1.14 36.56
N LYS C 133 11.00 0.84 35.31
CA LYS C 133 12.30 1.17 34.71
C LYS C 133 12.08 1.63 33.26
N LEU C 134 12.53 2.84 32.95
CA LEU C 134 12.37 3.42 31.62
C LEU C 134 13.42 2.93 30.64
N PHE C 135 12.97 2.31 29.54
CA PHE C 135 13.84 1.78 28.48
C PHE C 135 13.77 2.64 27.24
N TYR C 136 14.78 2.55 26.38
CA TYR C 136 14.84 3.33 25.13
C TYR C 136 14.67 2.48 23.87
N PHE C 137 14.07 3.09 22.85
CA PHE C 137 13.79 2.42 21.59
C PHE C 137 14.21 3.31 20.43
N GLU C 138 15.22 2.86 19.69
CA GLU C 138 15.82 3.65 18.61
C GLU C 138 14.88 3.90 17.43
N SER C 139 15.19 4.93 16.66
CA SER C 139 14.28 5.46 15.66
C SER C 139 14.30 4.69 14.35
N GLY C 140 15.38 3.99 14.06
CA GLY C 140 15.46 3.24 12.80
C GLY C 140 14.48 2.08 12.71
N LYS C 141 14.73 1.04 13.51
CA LYS C 141 13.88 -0.13 13.56
C LYS C 141 13.08 -0.21 14.87
N GLY C 142 13.38 0.65 15.84
CA GLY C 142 12.62 0.70 17.10
C GLY C 142 12.99 -0.34 18.13
N ASN C 143 14.28 -0.70 18.20
CA ASN C 143 14.77 -1.76 19.09
C ASN C 143 15.08 -1.24 20.47
N LEU C 144 14.86 -2.10 21.47
CA LEU C 144 15.25 -1.80 22.85
C LEU C 144 16.76 -1.93 22.93
N VAL C 145 17.42 -0.80 23.15
CA VAL C 145 18.87 -0.78 23.09
C VAL C 145 19.55 -0.27 24.36
N SER C 146 18.81 0.43 25.21
CA SER C 146 19.40 0.98 26.41
C SER C 146 18.34 1.35 27.41
N THR C 147 18.80 1.73 28.62
CA THR C 147 17.94 2.22 29.69
C THR C 147 18.12 3.71 29.81
N VAL C 148 17.03 4.40 30.12
CA VAL C 148 16.99 5.85 30.35
C VAL C 148 16.63 6.18 31.80
N ALA C 149 17.28 7.20 32.36
CA ALA C 149 17.06 7.57 33.76
C ALA C 149 15.62 8.04 34.05
N GLY C 150 15.19 9.15 33.45
CA GLY C 150 13.84 9.66 33.69
C GLY C 150 13.18 10.30 32.47
N ASP C 151 11.85 10.27 32.44
CA ASP C 151 11.09 11.02 31.45
C ASP C 151 10.66 12.35 32.10
N TYR C 152 10.73 13.44 31.33
CA TYR C 152 10.34 14.76 31.83
C TYR C 152 9.44 15.53 30.82
N GLN C 153 8.17 15.71 31.19
CA GLN C 153 7.25 16.63 30.50
C GLN C 153 6.71 17.69 31.49
N ASP C 154 7.45 17.87 32.61
CA ASP C 154 6.99 18.67 33.77
C ASP C 154 7.96 19.81 34.19
N GLY C 155 9.27 19.56 34.15
CA GLY C 155 10.26 20.53 34.64
C GLY C 155 10.39 21.82 33.85
N HIS C 156 11.61 22.37 33.83
CA HIS C 156 11.88 23.64 33.15
C HIS C 156 13.35 23.81 32.90
N TYR C 157 13.71 24.41 31.76
CA TYR C 157 15.12 24.64 31.44
C TYR C 157 15.69 25.78 32.28
N ILE C 158 17.02 25.95 32.26
CA ILE C 158 17.69 27.10 32.87
C ILE C 158 19.00 27.37 32.10
N SER C 159 19.37 28.65 31.95
CA SER C 159 20.58 29.05 31.22
C SER C 159 21.65 29.60 32.18
N GLN C 160 22.46 28.70 32.75
CA GLN C 160 23.35 29.06 33.86
C GLN C 160 24.82 28.70 33.57
N ASP C 161 25.75 29.56 34.00
CA ASP C 161 27.21 29.39 33.80
C ASP C 161 27.63 29.29 32.32
N GLY C 162 27.00 30.11 31.48
CA GLY C 162 27.34 30.20 30.06
C GLY C 162 26.83 29.06 29.21
N GLN C 163 26.07 28.13 29.80
CA GLN C 163 25.55 26.95 29.12
C GLN C 163 24.07 26.81 29.47
N THR C 164 23.51 25.62 29.24
CA THR C 164 22.14 25.35 29.66
C THR C 164 22.05 24.06 30.50
N ARG C 165 21.22 24.13 31.54
CA ARG C 165 20.93 23.02 32.42
C ARG C 165 19.44 22.84 32.56
N TYR C 166 19.02 21.79 33.23
CA TYR C 166 17.61 21.46 33.35
C TYR C 166 17.24 21.09 34.79
N ALA C 167 16.11 21.65 35.24
CA ALA C 167 15.55 21.37 36.55
C ALA C 167 14.17 20.77 36.37
N ASP C 168 13.68 20.13 37.42
CA ASP C 168 12.41 19.40 37.38
C ASP C 168 11.29 20.16 38.08
N LYS C 169 10.09 19.57 38.12
CA LYS C 169 8.97 20.13 38.87
C LYS C 169 9.35 20.36 40.35
N GLN C 170 10.17 19.47 40.89
CA GLN C 170 10.70 19.61 42.25
C GLN C 170 11.92 20.56 42.30
N ASN C 171 12.21 21.29 41.23
CA ASN C 171 13.32 22.26 41.19
C ASN C 171 14.66 21.68 41.71
N GLN C 172 15.15 20.64 41.04
CA GLN C 172 16.45 20.04 41.34
C GLN C 172 17.13 19.64 40.00
N LEU C 173 18.45 19.81 39.91
CA LEU C 173 19.19 19.69 38.62
C LEU C 173 19.21 18.27 38.00
N VAL C 174 18.60 18.10 36.83
CA VAL C 174 18.62 16.80 36.15
C VAL C 174 20.00 16.45 35.57
N LYS C 175 20.51 15.28 35.95
CA LYS C 175 21.80 14.75 35.49
C LYS C 175 21.59 13.48 34.67
N GLY C 176 22.60 13.12 33.88
CA GLY C 176 22.60 11.88 33.07
C GLY C 176 21.63 11.87 31.89
N LEU C 177 21.55 10.72 31.22
CA LEU C 177 20.66 10.57 30.07
C LEU C 177 19.21 10.61 30.53
N VAL C 178 18.36 11.36 29.83
CA VAL C 178 16.91 11.40 30.10
C VAL C 178 16.13 11.87 28.87
N THR C 179 14.82 11.65 28.84
CA THR C 179 13.96 12.25 27.80
C THR C 179 13.26 13.51 28.33
N VAL C 180 13.87 14.67 28.07
CA VAL C 180 13.26 15.93 28.46
C VAL C 180 12.26 16.32 27.38
N ASN C 181 11.01 16.47 27.80
CA ASN C 181 9.92 16.99 26.96
C ASN C 181 9.79 16.33 25.59
N GLY C 182 9.84 15.01 25.55
CA GLY C 182 9.67 14.27 24.31
C GLY C 182 10.95 13.70 23.74
N ALA C 183 11.97 14.55 23.58
CA ALA C 183 13.23 14.14 22.96
C ALA C 183 14.31 13.85 24.00
N LEU C 184 15.27 13.00 23.60
CA LEU C 184 16.36 12.50 24.46
C LEU C 184 17.49 13.51 24.55
N GLN C 185 17.90 13.81 25.78
CA GLN C 185 18.94 14.79 26.00
C GLN C 185 19.85 14.30 27.11
N TYR C 186 21.16 14.48 26.95
CA TYR C 186 22.10 14.05 27.98
C TYR C 186 22.76 15.26 28.60
N PHE C 187 22.99 15.18 29.93
CA PHE C 187 23.66 16.22 30.73
C PHE C 187 24.83 15.67 31.55
N ASP C 188 25.88 16.47 31.75
CA ASP C 188 27.05 16.07 32.57
C ASP C 188 26.62 15.64 33.99
N ASN C 189 27.25 14.59 34.52
CA ASN C 189 26.92 14.10 35.86
C ASN C 189 27.14 15.20 36.92
N ALA C 190 28.41 15.59 37.12
CA ALA C 190 28.74 16.65 38.07
C ALA C 190 28.00 17.94 37.73
N THR C 191 28.41 18.61 36.65
CA THR C 191 27.94 19.97 36.34
C THR C 191 26.43 20.05 36.06
N GLY C 192 25.89 19.11 35.28
CA GLY C 192 24.49 19.15 34.82
C GLY C 192 24.27 19.90 33.52
N ASN C 193 25.38 20.24 32.84
CA ASN C 193 25.34 20.97 31.58
C ASN C 193 24.86 20.12 30.42
N GLN C 194 24.05 20.73 29.57
CA GLN C 194 23.54 20.08 28.37
C GLN C 194 24.69 19.89 27.36
N ILE C 195 24.95 18.63 26.97
CA ILE C 195 25.90 18.33 25.91
C ILE C 195 25.30 18.73 24.56
N LYS C 196 26.08 19.47 23.77
CA LYS C 196 25.66 19.94 22.46
C LYS C 196 26.77 19.64 21.47
N ASN C 197 26.43 18.87 20.42
CA ASN C 197 27.38 18.47 19.37
C ASN C 197 28.58 17.66 19.86
N GLN C 198 28.31 16.49 20.43
CA GLN C 198 29.38 15.53 20.73
C GLN C 198 28.84 14.12 20.57
N GLN C 199 29.76 13.16 20.50
CA GLN C 199 29.44 11.75 20.65
C GLN C 199 29.78 11.32 22.09
N VAL C 200 28.75 11.15 22.91
CA VAL C 200 28.90 10.67 24.29
C VAL C 200 28.53 9.19 24.38
N ILE C 201 29.33 8.42 25.11
CA ILE C 201 29.03 7.01 25.35
C ILE C 201 28.36 6.91 26.70
N VAL C 202 27.26 6.17 26.77
CA VAL C 202 26.59 5.85 28.04
C VAL C 202 26.32 4.34 28.11
N ASP C 203 26.86 3.72 29.16
CA ASP C 203 26.69 2.29 29.42
C ASP C 203 26.86 1.44 28.17
N GLY C 204 27.84 1.80 27.35
CA GLY C 204 28.21 1.01 26.18
C GLY C 204 27.32 1.22 24.99
N LYS C 205 26.68 2.38 24.91
CA LYS C 205 25.93 2.75 23.73
C LYS C 205 26.40 4.14 23.35
N THR C 206 26.91 4.29 22.13
CA THR C 206 27.40 5.58 21.68
C THR C 206 26.22 6.35 21.05
N TYR C 207 25.96 7.55 21.57
CA TYR C 207 24.92 8.44 21.03
C TYR C 207 25.57 9.67 20.42
N TYR C 208 24.78 10.43 19.66
CA TYR C 208 25.14 11.80 19.25
C TYR C 208 24.14 12.77 19.86
N PHE C 209 24.56 14.01 20.11
CA PHE C 209 23.63 15.06 20.54
C PHE C 209 23.87 16.34 19.75
N ASP C 210 22.81 16.88 19.15
CA ASP C 210 22.94 17.99 18.19
C ASP C 210 23.11 19.37 18.83
N ASP C 211 23.12 20.39 17.99
CA ASP C 211 23.15 21.77 18.44
C ASP C 211 22.05 22.03 19.49
N LYS C 212 20.80 21.66 19.18
CA LYS C 212 19.65 21.95 20.06
C LYS C 212 19.63 21.09 21.35
N GLY C 213 20.44 20.02 21.38
CA GLY C 213 20.55 19.16 22.55
C GLY C 213 19.87 17.82 22.38
N ASN C 214 19.18 17.65 21.26
CA ASN C 214 18.43 16.42 20.97
C ASN C 214 19.30 15.35 20.31
N GLY C 215 19.25 14.12 20.85
CA GLY C 215 20.16 13.05 20.44
C GLY C 215 19.52 11.84 19.80
N GLU C 216 20.36 11.03 19.15
CA GLU C 216 19.93 9.83 18.42
C GLU C 216 20.90 8.67 18.65
N TYR C 217 20.39 7.45 18.79
CA TYR C 217 21.24 6.27 18.98
C TYR C 217 21.97 5.89 17.69
N LEU C 218 23.24 5.50 17.84
CA LEU C 218 24.11 5.11 16.72
C LEU C 218 24.47 3.63 16.77
N PHE C 219 25.06 3.20 17.87
CA PHE C 219 25.52 1.81 17.99
C PHE C 219 25.81 1.40 19.44
N THR C 220 25.82 0.09 19.68
CA THR C 220 26.10 -0.49 20.99
C THR C 220 27.49 -1.09 20.96
N ASN C 221 28.32 -0.72 21.93
CA ASN C 221 29.73 -1.12 21.98
C ASN C 221 29.90 -2.57 22.37
N THR C 222 31.03 -3.15 21.97
CA THR C 222 31.43 -4.48 22.42
C THR C 222 31.84 -4.38 23.88
N LEU C 223 31.90 -5.50 24.59
CA LEU C 223 32.28 -5.46 26.01
C LEU C 223 33.79 -5.36 26.20
N ASP C 224 34.51 -6.42 25.86
CA ASP C 224 35.95 -6.46 26.04
C ASP C 224 36.51 -7.62 25.23
N MET C 225 37.83 -7.79 25.27
CA MET C 225 38.49 -8.92 24.59
C MET C 225 38.70 -10.15 25.50
N SER C 226 37.66 -10.99 25.62
CA SER C 226 37.73 -12.33 26.27
C SER C 226 38.98 -13.19 25.86
N THR C 227 40.14 -12.94 26.51
CA THR C 227 41.48 -13.56 26.20
C THR C 227 41.51 -15.10 26.23
N ASN C 228 41.02 -15.72 25.17
CA ASN C 228 41.00 -17.19 25.01
C ASN C 228 42.06 -17.71 23.99
N ALA C 229 42.45 -18.98 24.12
CA ALA C 229 43.47 -19.60 23.25
C ALA C 229 43.08 -19.56 21.76
N PHE C 230 41.85 -19.10 21.46
CA PHE C 230 41.35 -18.89 20.10
C PHE C 230 41.50 -17.46 19.63
N SER C 231 41.36 -16.50 20.53
CA SER C 231 41.54 -15.11 20.18
C SER C 231 43.02 -14.70 20.18
N THR C 232 43.84 -15.42 20.95
CA THR C 232 45.29 -15.12 21.01
C THR C 232 46.06 -15.62 19.79
N LYS C 233 45.54 -16.64 19.11
CA LYS C 233 46.17 -17.15 17.89
C LYS C 233 45.88 -16.24 16.71
N ASN C 234 44.77 -15.49 16.80
CA ASN C 234 44.29 -14.63 15.70
C ASN C 234 44.84 -13.21 15.68
N VAL C 235 45.70 -12.86 16.63
CA VAL C 235 46.31 -11.53 16.66
C VAL C 235 47.21 -11.33 15.45
N ALA C 236 47.35 -10.08 15.03
CA ALA C 236 48.19 -9.74 13.93
C ALA C 236 49.59 -10.32 14.11
N PHE C 237 50.17 -10.80 13.01
CA PHE C 237 51.56 -11.27 12.98
C PHE C 237 52.52 -10.17 13.47
N ASN C 238 52.48 -9.02 12.79
CA ASN C 238 53.29 -7.88 13.17
C ASN C 238 52.69 -6.56 12.67
N HIS C 239 53.28 -5.46 13.09
CA HIS C 239 52.83 -4.13 12.67
C HIS C 239 53.59 -3.68 11.45
N ASP C 240 53.39 -4.39 10.33
CA ASP C 240 54.08 -4.10 9.07
C ASP C 240 53.08 -3.72 8.01
N SER C 241 53.57 -3.13 6.93
CA SER C 241 52.75 -2.85 5.74
C SER C 241 52.30 -4.12 5.02
N SER C 242 53.24 -5.07 4.89
CA SER C 242 53.02 -6.29 4.10
C SER C 242 52.05 -7.27 4.74
N SER C 243 51.80 -7.11 6.05
CA SER C 243 50.84 -7.96 6.78
C SER C 243 49.41 -7.72 6.30
N PHE C 244 49.03 -6.46 6.13
CA PHE C 244 47.65 -6.05 5.83
C PHE C 244 47.51 -5.54 4.42
N ASP C 245 46.41 -5.89 3.75
CA ASP C 245 46.09 -5.36 2.41
C ASP C 245 44.72 -4.67 2.47
N HIS C 246 44.34 -4.01 1.36
CA HIS C 246 43.20 -3.07 1.33
C HIS C 246 43.30 -2.03 2.41
N THR C 247 44.50 -1.48 2.64
CA THR C 247 44.69 -0.38 3.58
C THR C 247 44.97 0.91 2.79
N VAL C 248 44.98 2.05 3.48
CA VAL C 248 45.17 3.34 2.85
C VAL C 248 45.91 4.25 3.84
N ASP C 249 47.18 4.59 3.54
CA ASP C 249 47.98 5.57 4.31
C ASP C 249 48.36 5.17 5.74
N GLY C 250 48.34 3.88 6.05
CA GLY C 250 48.67 3.40 7.41
C GLY C 250 47.47 3.01 8.26
N PHE C 251 46.28 3.49 7.87
CA PHE C 251 45.02 3.20 8.55
C PHE C 251 44.36 1.96 7.99
N LEU C 252 43.60 1.29 8.84
CA LEU C 252 42.92 0.07 8.42
C LEU C 252 41.48 0.38 8.04
N THR C 253 40.97 -0.33 7.03
CA THR C 253 39.58 -0.17 6.61
C THR C 253 38.74 -1.40 6.87
N ALA C 254 37.43 -1.19 6.82
CA ALA C 254 36.49 -2.28 6.90
C ALA C 254 36.90 -3.38 5.95
N ASP C 255 37.46 -3.01 4.79
CA ASP C 255 37.80 -3.99 3.74
C ASP C 255 39.16 -4.58 3.90
N THR C 256 39.80 -4.38 5.04
CA THR C 256 41.16 -4.85 5.24
C THR C 256 41.23 -6.31 5.67
N TRP C 257 42.22 -7.01 5.13
CA TRP C 257 42.58 -8.36 5.53
C TRP C 257 43.93 -8.30 6.18
N TYR C 258 44.33 -9.39 6.82
CA TYR C 258 45.59 -9.43 7.54
C TYR C 258 46.15 -10.83 7.70
N ARG C 259 47.44 -10.86 8.03
CA ARG C 259 48.16 -12.10 8.36
C ARG C 259 48.23 -12.23 9.88
N PRO C 260 47.58 -13.25 10.44
CA PRO C 260 47.65 -13.49 11.88
C PRO C 260 48.95 -14.18 12.30
N LYS C 261 49.15 -14.31 13.60
CA LYS C 261 50.26 -15.13 14.10
C LYS C 261 50.04 -16.54 13.59
N SER C 262 48.84 -17.06 13.88
CA SER C 262 48.48 -18.45 13.61
C SER C 262 47.19 -18.64 12.78
N ILE C 263 47.21 -19.65 11.91
CA ILE C 263 46.06 -19.99 11.10
C ILE C 263 45.54 -21.37 11.45
N LEU C 264 44.22 -21.48 11.56
CA LEU C 264 43.57 -22.76 11.82
C LEU C 264 43.62 -23.59 10.55
N ALA C 265 44.60 -24.49 10.48
CA ALA C 265 44.77 -25.36 9.33
C ALA C 265 43.57 -26.28 9.14
N ASN C 266 42.73 -25.96 8.16
CA ASN C 266 41.62 -26.84 7.77
C ASN C 266 40.55 -27.02 8.87
N GLY C 267 40.49 -26.06 9.80
CA GLY C 267 39.49 -26.11 10.87
C GLY C 267 39.79 -27.19 11.89
N THR C 268 40.96 -27.81 11.77
CA THR C 268 41.36 -28.94 12.59
C THR C 268 42.56 -28.54 13.46
N THR C 269 43.70 -28.41 12.81
CA THR C 269 44.98 -28.25 13.46
C THR C 269 45.49 -26.84 13.28
N TRP C 270 46.01 -26.25 14.35
CA TRP C 270 46.58 -24.92 14.25
C TRP C 270 48.00 -24.97 13.76
N ARG C 271 48.48 -23.82 13.24
CA ARG C 271 49.86 -23.68 12.79
C ARG C 271 50.39 -22.24 12.86
N ASP C 272 51.69 -22.08 12.65
CA ASP C 272 52.26 -20.77 12.34
C ASP C 272 51.93 -20.44 10.87
N SER C 273 51.43 -19.23 10.66
CA SER C 273 51.01 -18.77 9.34
C SER C 273 52.19 -18.30 8.53
N THR C 274 51.96 -18.19 7.23
CA THR C 274 52.97 -17.76 6.28
C THR C 274 52.56 -16.43 5.69
N ASP C 275 53.42 -15.87 4.85
CA ASP C 275 53.14 -14.60 4.19
C ASP C 275 51.98 -14.73 3.19
N LYS C 276 51.85 -15.92 2.59
CA LYS C 276 50.77 -16.19 1.64
C LYS C 276 49.37 -16.32 2.30
N ASP C 277 49.31 -16.46 3.63
CA ASP C 277 48.05 -16.46 4.40
C ASP C 277 47.48 -15.04 4.65
N MET C 278 46.22 -14.82 4.27
CA MET C 278 45.51 -13.57 4.51
C MET C 278 44.03 -13.81 4.86
N ARG C 279 43.60 -13.26 5.99
CA ARG C 279 42.20 -13.39 6.42
C ARG C 279 41.57 -12.01 6.67
N PRO C 280 40.24 -11.90 6.55
CA PRO C 280 39.53 -10.64 6.78
C PRO C 280 39.44 -10.26 8.25
N LEU C 281 39.69 -8.99 8.54
CA LEU C 281 39.67 -8.49 9.90
C LEU C 281 38.26 -8.58 10.50
N ILE C 282 37.24 -8.37 9.68
CA ILE C 282 35.86 -8.42 10.16
C ILE C 282 35.47 -9.81 10.72
N THR C 283 36.19 -10.86 10.30
CA THR C 283 35.90 -12.23 10.77
C THR C 283 36.41 -12.48 12.16
N VAL C 284 37.30 -11.61 12.63
CA VAL C 284 37.95 -11.79 13.93
C VAL C 284 37.73 -10.61 14.90
N TRP C 285 37.28 -9.47 14.38
CA TRP C 285 37.12 -8.28 15.18
C TRP C 285 36.07 -7.38 14.58
N TRP C 286 35.39 -6.65 15.45
CA TRP C 286 34.33 -5.78 15.00
C TRP C 286 34.42 -4.45 15.69
N PRO C 287 33.90 -3.40 15.04
CA PRO C 287 33.93 -2.05 15.59
C PRO C 287 32.93 -1.84 16.70
N ASN C 288 31.84 -2.60 16.69
CA ASN C 288 30.87 -2.53 17.78
C ASN C 288 29.96 -3.77 17.89
N LYS C 289 29.08 -3.78 18.90
CA LYS C 289 28.31 -4.97 19.24
C LYS C 289 27.25 -5.27 18.20
N ASN C 290 26.88 -4.27 17.42
CA ASN C 290 25.86 -4.43 16.37
C ASN C 290 26.37 -5.05 15.08
N VAL C 291 27.62 -4.75 14.71
CA VAL C 291 28.21 -5.38 13.52
C VAL C 291 28.44 -6.87 13.76
N GLN C 292 28.95 -7.20 14.95
CA GLN C 292 29.24 -8.59 15.34
C GLN C 292 27.97 -9.40 15.49
N VAL C 293 26.89 -8.76 15.90
CA VAL C 293 25.63 -9.47 16.07
C VAL C 293 25.06 -9.77 14.69
N ASN C 294 25.14 -8.79 13.79
CA ASN C 294 24.76 -9.01 12.40
C ASN C 294 25.67 -9.97 11.67
N TYR C 295 26.95 -9.98 12.04
CA TYR C 295 27.92 -10.85 11.40
C TYR C 295 27.43 -12.26 11.55
N LEU C 296 27.19 -12.64 12.80
CA LEU C 296 26.76 -13.98 13.10
C LEU C 296 25.49 -14.31 12.30
N ASN C 297 24.50 -13.42 12.37
CA ASN C 297 23.20 -13.63 11.73
C ASN C 297 23.30 -13.82 10.20
N PHE C 298 24.13 -12.99 9.58
CA PHE C 298 24.38 -13.10 8.15
C PHE C 298 24.84 -14.52 7.80
N MET C 299 25.74 -15.05 8.63
CA MET C 299 26.34 -16.34 8.36
C MET C 299 25.31 -17.45 8.60
N LYS C 300 24.41 -17.29 9.58
CA LYS C 300 23.37 -18.28 9.77
C LYS C 300 22.65 -18.50 8.45
N ALA C 301 22.44 -17.41 7.70
CA ALA C 301 21.71 -17.43 6.43
C ALA C 301 22.46 -18.02 5.21
N ASN C 302 23.80 -18.04 5.27
CA ASN C 302 24.62 -18.53 4.15
C ASN C 302 25.39 -19.84 4.42
N GLY C 303 24.83 -20.69 5.27
CA GLY C 303 25.35 -22.07 5.45
C GLY C 303 26.53 -22.28 6.39
N LEU C 304 27.20 -21.21 6.81
CA LEU C 304 28.44 -21.28 7.62
C LEU C 304 28.21 -21.20 9.16
N LEU C 305 26.95 -21.20 9.56
CA LEU C 305 26.61 -21.34 10.97
C LEU C 305 25.14 -21.75 11.08
N THR C 306 24.83 -22.91 10.51
CA THR C 306 23.49 -23.48 10.62
C THR C 306 23.20 -23.78 12.10
N THR C 307 22.17 -23.13 12.66
CA THR C 307 21.84 -23.26 14.09
C THR C 307 20.55 -22.52 14.46
N ALA C 308 20.06 -22.74 15.67
CA ALA C 308 18.81 -22.13 16.13
C ALA C 308 18.99 -21.13 17.30
N ALA C 309 20.23 -20.91 17.73
CA ALA C 309 20.52 -19.95 18.77
C ALA C 309 20.39 -18.53 18.21
N GLN C 310 19.63 -17.68 18.88
CA GLN C 310 19.44 -16.27 18.45
C GLN C 310 20.60 -15.36 18.88
N TYR C 311 21.03 -14.52 17.96
CA TYR C 311 22.08 -13.55 18.21
C TYR C 311 21.50 -12.16 17.96
N THR C 312 21.42 -11.39 19.03
CA THR C 312 20.80 -10.08 19.00
C THR C 312 21.57 -9.22 19.95
N LEU C 313 21.22 -7.95 19.98
CA LEU C 313 21.97 -6.97 20.74
C LEU C 313 21.99 -7.34 22.24
N HIS C 314 21.05 -8.17 22.69
CA HIS C 314 20.95 -8.52 24.12
C HIS C 314 21.71 -9.75 24.52
N SER C 315 22.12 -10.56 23.55
CA SER C 315 22.91 -11.77 23.82
C SER C 315 24.26 -11.44 24.47
N ASP C 316 24.81 -12.39 25.22
CA ASP C 316 26.03 -12.15 26.00
C ASP C 316 27.26 -12.16 25.08
N GLN C 317 28.23 -11.30 25.42
CA GLN C 317 29.42 -11.12 24.60
C GLN C 317 30.14 -12.45 24.47
N TYR C 318 30.34 -13.13 25.59
CA TYR C 318 31.02 -14.41 25.58
C TYR C 318 30.42 -15.32 24.52
N ASP C 319 29.09 -15.28 24.40
CA ASP C 319 28.38 -16.12 23.45
C ASP C 319 28.57 -15.63 22.03
N LEU C 320 28.50 -14.31 21.84
CA LEU C 320 28.75 -13.72 20.52
C LEU C 320 30.17 -14.08 20.02
N ASN C 321 31.16 -13.89 20.89
CA ASN C 321 32.56 -14.33 20.64
C ASN C 321 32.62 -15.81 20.22
N GLN C 322 32.24 -16.70 21.14
CA GLN C 322 32.20 -18.13 20.89
C GLN C 322 31.50 -18.44 19.57
N ALA C 323 30.44 -17.72 19.28
CA ALA C 323 29.70 -17.90 18.05
C ALA C 323 30.63 -17.63 16.90
N ALA C 324 31.32 -16.49 16.96
CA ALA C 324 32.24 -16.09 15.92
C ALA C 324 33.31 -17.15 15.72
N GLN C 325 33.80 -17.71 16.83
CA GLN C 325 34.88 -18.68 16.78
C GLN C 325 34.39 -19.94 16.07
N ASP C 326 33.13 -20.29 16.27
CA ASP C 326 32.55 -21.41 15.56
C ASP C 326 32.58 -21.18 14.05
N VAL C 327 32.27 -19.95 13.65
CA VAL C 327 32.21 -19.60 12.25
C VAL C 327 33.60 -19.74 11.63
N GLN C 328 34.64 -19.40 12.39
CA GLN C 328 36.00 -19.54 11.91
C GLN C 328 36.27 -20.98 11.53
N VAL C 329 35.80 -21.92 12.35
CA VAL C 329 35.97 -23.34 12.05
C VAL C 329 35.33 -23.60 10.69
N ALA C 330 34.08 -23.15 10.55
CA ALA C 330 33.31 -23.30 9.31
C ALA C 330 34.10 -22.76 8.13
N ILE C 331 34.52 -21.50 8.25
CA ILE C 331 35.26 -20.80 7.20
C ILE C 331 36.52 -21.54 6.78
N GLU C 332 37.28 -21.95 7.78
CA GLU C 332 38.54 -22.62 7.53
C GLU C 332 38.26 -23.99 6.89
N ARG C 333 37.25 -24.68 7.40
CA ARG C 333 36.80 -25.93 6.79
C ARG C 333 36.49 -25.69 5.31
N ARG C 334 35.84 -24.58 5.00
CA ARG C 334 35.49 -24.23 3.62
C ARG C 334 36.69 -23.74 2.80
N ILE C 335 37.66 -23.09 3.44
CA ILE C 335 38.80 -22.59 2.66
C ILE C 335 39.57 -23.74 2.03
N ALA C 336 39.96 -24.72 2.83
CA ALA C 336 40.63 -25.92 2.29
C ALA C 336 39.73 -26.57 1.25
N SER C 337 38.42 -26.62 1.54
CA SER C 337 37.44 -27.22 0.65
C SER C 337 37.49 -26.64 -0.76
N GLU C 338 37.65 -25.32 -0.88
CA GLU C 338 37.77 -24.68 -2.21
C GLU C 338 39.17 -24.13 -2.51
N HIS C 339 40.16 -24.53 -1.69
CA HIS C 339 41.57 -24.11 -1.84
C HIS C 339 41.72 -22.68 -2.28
N GLY C 340 41.08 -21.78 -1.54
CA GLY C 340 41.14 -20.35 -1.85
C GLY C 340 40.29 -19.52 -0.91
N THR C 341 40.41 -18.20 -1.04
CA THR C 341 39.60 -17.29 -0.25
C THR C 341 38.77 -16.40 -1.15
N ASP C 342 38.64 -16.80 -2.42
CA ASP C 342 37.93 -15.99 -3.41
C ASP C 342 36.44 -15.93 -3.07
N TRP C 343 35.83 -17.09 -2.81
CA TRP C 343 34.42 -17.16 -2.38
C TRP C 343 34.10 -16.24 -1.23
N LEU C 344 35.05 -16.09 -0.31
CA LEU C 344 34.87 -15.25 0.87
C LEU C 344 34.79 -13.76 0.50
N GLN C 345 35.39 -13.42 -0.64
CA GLN C 345 35.20 -12.12 -1.26
C GLN C 345 33.73 -11.96 -1.64
N LYS C 346 33.23 -12.91 -2.43
CA LYS C 346 31.84 -12.90 -2.88
C LYS C 346 30.85 -12.72 -1.72
N LEU C 347 31.11 -13.46 -0.65
CA LEU C 347 30.23 -13.53 0.51
C LEU C 347 30.11 -12.22 1.27
N LEU C 348 31.24 -11.60 1.59
CA LEU C 348 31.26 -10.49 2.54
C LEU C 348 31.35 -9.09 1.93
N PHE C 349 32.04 -8.95 0.79
CA PHE C 349 32.29 -7.63 0.21
C PHE C 349 31.66 -7.44 -1.18
N GLU C 350 30.60 -8.20 -1.47
CA GLU C 350 29.93 -8.13 -2.77
C GLU C 350 28.44 -8.37 -2.64
N SER C 351 27.70 -8.02 -3.68
CA SER C 351 26.24 -8.12 -3.69
C SER C 351 25.78 -9.57 -3.75
N GLN C 352 24.72 -9.90 -3.00
CA GLN C 352 24.15 -11.25 -3.03
C GLN C 352 22.64 -11.18 -2.93
N ASN C 353 21.96 -11.96 -3.78
CA ASN C 353 20.50 -11.96 -3.87
C ASN C 353 19.92 -10.57 -4.23
N ASN C 354 20.70 -9.79 -4.99
CA ASN C 354 20.32 -8.44 -5.36
C ASN C 354 20.27 -7.50 -4.15
N ASN C 355 21.09 -7.79 -3.14
CA ASN C 355 21.19 -6.96 -1.92
C ASN C 355 22.58 -6.36 -1.76
N PRO C 356 22.72 -5.38 -0.85
CA PRO C 356 24.05 -4.86 -0.53
C PRO C 356 24.94 -5.88 0.15
N SER C 357 26.25 -5.75 -0.03
CA SER C 357 27.22 -6.56 0.69
C SER C 357 27.07 -6.37 2.17
N PHE C 358 27.54 -7.35 2.92
CA PHE C 358 27.44 -7.33 4.38
C PHE C 358 28.01 -6.06 5.00
N VAL C 359 29.12 -5.58 4.44
CA VAL C 359 29.77 -4.38 4.95
C VAL C 359 28.85 -3.22 4.68
N LYS C 360 28.27 -3.19 3.48
CA LYS C 360 27.40 -2.07 3.10
C LYS C 360 26.04 -2.07 3.84
N GLN C 361 25.62 -3.24 4.34
CA GLN C 361 24.41 -3.32 5.19
C GLN C 361 24.59 -2.70 6.59
N GLN C 362 25.83 -2.42 6.99
CA GLN C 362 26.14 -1.82 8.30
C GLN C 362 26.11 -0.29 8.32
N PHE C 363 25.46 0.27 9.36
CA PHE C 363 25.18 1.70 9.48
C PHE C 363 26.46 2.52 9.43
N ILE C 364 27.47 2.06 10.16
CA ILE C 364 28.71 2.81 10.21
C ILE C 364 29.51 2.68 8.93
N TRP C 365 29.16 1.74 8.05
CA TRP C 365 29.88 1.63 6.79
C TRP C 365 29.00 1.93 5.61
N ASN C 366 28.04 2.83 5.78
CA ASN C 366 27.18 3.22 4.68
C ASN C 366 26.66 4.64 4.78
N LYS C 367 25.86 5.05 3.80
CA LYS C 367 25.40 6.44 3.67
C LYS C 367 24.55 6.95 4.83
N ASP C 368 23.91 6.05 5.60
CA ASP C 368 23.03 6.47 6.71
C ASP C 368 23.78 7.19 7.81
N SER C 369 24.96 6.69 8.13
CA SER C 369 25.77 7.30 9.17
C SER C 369 26.46 8.59 8.74
N GLU C 370 26.38 8.93 7.45
CA GLU C 370 26.90 10.20 6.94
C GLU C 370 25.84 11.31 6.94
N TYR C 371 24.57 10.94 7.02
CA TYR C 371 23.49 11.91 7.20
C TYR C 371 23.46 12.90 6.04
N HIS C 372 23.11 12.37 4.87
CA HIS C 372 23.04 13.17 3.65
C HIS C 372 21.89 14.16 3.70
N GLY C 373 21.78 14.97 2.64
CA GLY C 373 20.68 15.91 2.49
C GLY C 373 20.89 17.23 3.21
N GLY C 374 19.79 17.94 3.45
CA GLY C 374 19.79 19.23 4.15
C GLY C 374 19.61 20.38 3.19
N GLY C 375 19.09 21.50 3.69
CA GLY C 375 18.83 22.66 2.87
C GLY C 375 20.08 23.31 2.34
N ASP C 376 21.22 23.06 2.99
CA ASP C 376 22.52 23.59 2.53
C ASP C 376 23.25 22.64 1.60
N ALA C 377 22.96 21.35 1.72
CA ALA C 377 23.53 20.35 0.83
C ALA C 377 22.82 20.43 -0.51
N TRP C 378 23.41 21.13 -1.47
CA TRP C 378 22.73 21.38 -2.76
C TRP C 378 22.82 20.21 -3.68
N PHE C 379 24.04 19.80 -3.97
CA PHE C 379 24.24 18.73 -4.92
C PHE C 379 24.85 17.54 -4.21
N GLN C 380 24.62 16.35 -4.78
CA GLN C 380 25.26 15.12 -4.34
C GLN C 380 25.13 14.84 -2.83
N GLY C 381 24.03 15.27 -2.25
CA GLY C 381 23.68 14.90 -0.89
C GLY C 381 24.51 15.56 0.17
N GLY C 382 25.26 16.58 -0.17
CA GLY C 382 26.11 17.26 0.78
C GLY C 382 27.58 16.99 0.56
N TYR C 383 28.40 17.52 1.47
CA TYR C 383 29.83 17.56 1.27
C TYR C 383 30.57 17.27 2.58
N LEU C 384 31.86 16.96 2.45
CA LEU C 384 32.71 16.67 3.60
C LEU C 384 33.88 17.63 3.59
N LYS C 385 33.93 18.50 4.62
CA LYS C 385 34.99 19.48 4.77
C LYS C 385 36.20 18.82 5.38
N TYR C 386 37.36 18.95 4.74
CA TYR C 386 38.60 18.42 5.31
C TYR C 386 39.14 19.34 6.40
N GLY C 387 39.96 18.76 7.28
CA GLY C 387 40.74 19.49 8.28
C GLY C 387 42.07 18.79 8.55
N ASN C 388 42.63 19.01 9.73
CA ASN C 388 43.94 18.45 10.09
C ASN C 388 43.85 17.41 11.17
N ASN C 389 44.90 16.60 11.27
CA ASN C 389 44.99 15.55 12.30
C ASN C 389 46.46 15.12 12.46
N PRO C 390 46.91 14.92 13.71
CA PRO C 390 48.27 14.44 13.94
C PRO C 390 48.61 13.18 13.14
N LEU C 391 47.74 12.18 13.19
CA LEU C 391 48.00 10.87 12.56
C LEU C 391 48.07 10.95 11.03
N THR C 392 47.58 12.06 10.47
CA THR C 392 47.49 12.25 9.03
C THR C 392 48.29 13.49 8.62
N PRO C 393 49.62 13.34 8.55
CA PRO C 393 50.49 14.45 8.19
C PRO C 393 50.42 14.80 6.70
N THR C 394 50.32 13.78 5.85
CA THR C 394 50.31 13.95 4.39
C THR C 394 49.12 14.75 3.88
N THR C 395 47.99 14.64 4.58
CA THR C 395 46.75 15.27 4.12
C THR C 395 46.39 16.57 4.84
N ASN C 396 47.17 16.97 5.83
CA ASN C 396 46.91 18.24 6.52
C ASN C 396 47.14 19.44 5.62
N SER C 397 46.59 20.59 6.00
CA SER C 397 46.84 21.83 5.28
C SER C 397 46.56 23.04 6.14
N ASP C 398 47.33 24.11 5.97
CA ASP C 398 47.18 25.33 6.79
C ASP C 398 46.19 26.33 6.21
N TYR C 399 45.80 26.15 4.95
CA TYR C 399 44.90 27.06 4.26
C TYR C 399 43.42 26.59 4.30
N ARG C 400 42.91 26.05 3.18
CA ARG C 400 41.53 25.54 3.05
C ARG C 400 40.40 26.54 3.27
N GLN C 401 40.74 27.83 3.23
CA GLN C 401 39.80 28.92 3.47
C GLN C 401 39.00 29.25 2.19
N PRO C 402 37.68 29.40 2.32
CA PRO C 402 36.89 29.70 1.12
C PRO C 402 37.21 31.08 0.51
N GLY C 403 37.32 32.11 1.36
CA GLY C 403 37.54 33.50 0.90
C GLY C 403 36.57 33.93 -0.17
N ASN C 404 35.29 33.68 0.10
CA ASN C 404 34.19 33.96 -0.84
C ASN C 404 32.85 33.54 -0.22
N ALA C 405 31.75 33.80 -0.95
CA ALA C 405 30.40 33.65 -0.43
C ALA C 405 30.05 32.17 -0.23
N PHE C 406 30.59 31.35 -1.12
CA PHE C 406 30.31 29.92 -1.15
C PHE C 406 31.62 29.17 -1.32
N ASP C 407 31.59 27.87 -1.05
CA ASP C 407 32.80 27.04 -1.06
C ASP C 407 32.61 25.79 -1.93
N PHE C 408 31.69 24.93 -1.48
CA PHE C 408 31.45 23.62 -2.08
C PHE C 408 30.28 23.64 -3.06
N LEU C 409 30.32 22.72 -4.03
CA LEU C 409 29.29 22.67 -5.06
C LEU C 409 29.18 21.31 -5.71
N LEU C 410 30.29 20.82 -6.25
CA LEU C 410 30.34 19.49 -6.86
C LEU C 410 31.67 18.78 -6.69
N ALA C 411 31.59 17.44 -6.61
CA ALA C 411 32.77 16.58 -6.57
C ALA C 411 33.84 17.12 -5.59
N ASN C 412 35.11 17.01 -5.99
CA ASN C 412 36.25 17.40 -5.16
C ASN C 412 36.63 18.87 -5.34
N ASP C 413 36.22 19.73 -4.38
CA ASP C 413 36.47 21.20 -4.42
C ASP C 413 37.95 21.51 -4.22
N VAL C 414 38.55 22.10 -5.25
CA VAL C 414 39.98 22.37 -5.29
C VAL C 414 40.27 23.55 -4.42
N ASP C 415 41.32 23.48 -3.59
CA ASP C 415 41.66 24.60 -2.68
C ASP C 415 42.41 25.68 -3.44
N ASN C 416 41.69 26.74 -3.79
CA ASN C 416 42.25 27.80 -4.61
C ASN C 416 42.90 28.85 -3.74
N SER C 417 42.88 28.64 -2.42
CA SER C 417 43.61 29.51 -1.50
C SER C 417 45.06 29.04 -1.35
N ASN C 418 45.33 27.77 -1.66
CA ASN C 418 46.70 27.25 -1.57
C ASN C 418 47.67 27.82 -2.62
N PRO C 419 48.74 28.48 -2.16
CA PRO C 419 49.71 29.06 -3.08
C PRO C 419 50.12 28.15 -4.24
N VAL C 420 50.37 26.87 -4.00
CA VAL C 420 50.81 25.99 -5.10
C VAL C 420 49.71 25.83 -6.15
N VAL C 421 48.47 25.71 -5.65
CA VAL C 421 47.25 25.63 -6.49
C VAL C 421 47.10 26.88 -7.38
N GLN C 422 47.26 28.05 -6.76
CA GLN C 422 47.16 29.30 -7.49
C GLN C 422 48.19 29.33 -8.63
N ALA C 423 49.38 28.82 -8.35
CA ALA C 423 50.43 28.69 -9.34
C ALA C 423 49.93 27.80 -10.45
N GLU C 424 49.36 26.68 -10.03
CA GLU C 424 48.82 25.74 -10.98
C GLU C 424 47.73 26.38 -11.80
N ASN C 425 46.87 27.17 -11.17
CA ASN C 425 45.79 27.81 -11.90
C ASN C 425 46.34 28.70 -13.01
N LEU C 426 47.41 29.45 -12.70
CA LEU C 426 48.06 30.35 -13.66
C LEU C 426 48.71 29.56 -14.78
N ASN C 427 49.36 28.45 -14.41
CA ASN C 427 49.97 27.58 -15.40
C ASN C 427 48.90 27.10 -16.37
N TRP C 428 47.84 26.52 -15.81
CA TRP C 428 46.73 26.04 -16.61
C TRP C 428 46.21 27.13 -17.50
N LEU C 429 45.93 28.28 -16.91
CA LEU C 429 45.40 29.40 -17.67
C LEU C 429 46.35 29.71 -18.83
N HIS C 430 47.66 29.68 -18.59
CA HIS C 430 48.64 29.94 -19.66
C HIS C 430 48.54 28.90 -20.73
N TYR C 431 48.38 27.64 -20.32
CA TYR C 431 48.29 26.52 -21.26
C TYR C 431 47.13 26.73 -22.22
N LEU C 432 45.95 27.04 -21.67
CA LEU C 432 44.75 27.23 -22.49
C LEU C 432 44.86 28.49 -23.37
N MET C 433 45.43 29.54 -22.82
CA MET C 433 45.56 30.80 -23.54
C MET C 433 46.59 30.71 -24.67
N ASN C 434 47.48 29.71 -24.60
CA ASN C 434 48.48 29.44 -25.65
C ASN C 434 48.46 27.96 -26.02
N PHE C 435 47.26 27.46 -26.28
CA PHE C 435 47.04 26.03 -26.51
C PHE C 435 47.55 25.56 -27.86
N GLY C 436 47.30 26.35 -28.89
CA GLY C 436 47.78 26.05 -30.23
C GLY C 436 49.27 26.20 -30.41
N THR C 437 49.88 27.19 -29.74
CA THR C 437 51.31 27.35 -29.88
C THR C 437 51.99 26.20 -29.17
N ILE C 438 51.53 25.86 -27.97
CA ILE C 438 52.19 24.79 -27.22
C ILE C 438 52.06 23.43 -27.90
N THR C 439 50.84 23.04 -28.29
CA THR C 439 50.60 21.70 -28.77
C THR C 439 51.09 21.53 -30.19
N ALA C 440 50.52 22.30 -31.11
CA ALA C 440 50.77 22.14 -32.55
C ALA C 440 51.63 23.27 -33.11
N GLY C 441 52.03 24.21 -32.26
CA GLY C 441 52.83 25.34 -32.71
C GLY C 441 52.10 26.29 -33.63
N GLN C 442 50.79 26.30 -33.54
CA GLN C 442 49.98 27.18 -34.37
C GLN C 442 49.51 28.36 -33.54
N ASP C 443 50.16 29.51 -33.72
CA ASP C 443 49.93 30.69 -32.86
C ASP C 443 48.54 31.28 -33.06
N ASP C 444 47.91 30.96 -34.19
CA ASP C 444 46.56 31.45 -34.53
C ASP C 444 45.44 30.56 -33.99
N ALA C 445 45.79 29.42 -33.39
CA ALA C 445 44.81 28.51 -32.79
C ALA C 445 44.86 28.59 -31.26
N ASN C 446 44.77 29.80 -30.74
CA ASN C 446 44.80 30.03 -29.31
C ASN C 446 43.49 30.64 -28.83
N PHE C 447 43.24 30.47 -27.53
CA PHE C 447 42.11 31.14 -26.87
C PHE C 447 42.47 32.59 -26.51
N ASP C 448 41.42 33.39 -26.33
CA ASP C 448 41.54 34.82 -26.13
C ASP C 448 41.02 35.27 -24.78
N SER C 449 39.74 34.98 -24.51
CA SER C 449 39.09 35.34 -23.24
C SER C 449 38.87 34.11 -22.35
N ILE C 450 38.38 34.34 -21.14
CA ILE C 450 38.03 33.24 -20.25
C ILE C 450 36.63 33.42 -19.68
N ARG C 451 36.08 32.32 -19.17
CA ARG C 451 34.86 32.37 -18.39
C ARG C 451 35.17 31.71 -17.07
N ILE C 452 35.00 32.43 -15.96
CA ILE C 452 35.23 31.83 -14.65
C ILE C 452 33.97 31.11 -14.17
N ASP C 453 34.00 29.78 -14.29
CA ASP C 453 32.90 28.91 -13.92
C ASP C 453 32.90 28.78 -12.41
N ALA C 454 31.79 29.21 -11.80
CA ALA C 454 31.61 29.14 -10.34
C ALA C 454 32.43 30.19 -9.58
N VAL C 455 32.39 31.42 -10.08
CA VAL C 455 33.24 32.51 -9.60
C VAL C 455 33.09 32.77 -8.08
N ASP C 456 31.89 32.58 -7.54
CA ASP C 456 31.69 32.79 -6.12
C ASP C 456 31.89 31.51 -5.33
N PHE C 457 32.42 30.47 -5.97
CA PHE C 457 32.72 29.22 -5.27
C PHE C 457 34.22 28.94 -5.18
N ILE C 458 35.01 29.99 -5.43
CA ILE C 458 36.46 29.91 -5.37
C ILE C 458 37.02 31.11 -4.58
N HIS C 459 38.27 31.00 -4.14
CA HIS C 459 38.94 32.07 -3.38
C HIS C 459 39.19 33.30 -4.22
N ASN C 460 38.94 34.47 -3.66
CA ASN C 460 39.15 35.71 -4.41
C ASN C 460 40.59 35.92 -4.86
N ASP C 461 41.57 35.34 -4.19
CA ASP C 461 42.97 35.61 -4.52
C ASP C 461 43.34 35.02 -5.88
N THR C 462 42.79 33.85 -6.19
CA THR C 462 43.00 33.25 -7.51
C THR C 462 42.21 33.96 -8.62
N ILE C 463 41.09 34.57 -8.25
CA ILE C 463 40.36 35.48 -9.15
C ILE C 463 41.23 36.72 -9.46
N GLN C 464 41.60 37.42 -8.40
CA GLN C 464 42.47 38.59 -8.46
C GLN C 464 43.72 38.30 -9.30
N ARG C 465 44.38 37.18 -8.98
CA ARG C 465 45.60 36.79 -9.67
C ARG C 465 45.35 36.46 -11.15
N THR C 466 44.15 35.93 -11.43
CA THR C 466 43.79 35.63 -12.81
C THR C 466 43.66 36.92 -13.63
N TYR C 467 42.99 37.94 -13.09
CA TYR C 467 42.85 39.15 -13.85
C TYR C 467 44.18 39.87 -14.04
N ASP C 468 45.09 39.70 -13.08
CA ASP C 468 46.43 40.30 -13.18
C ASP C 468 47.26 39.69 -14.28
N TYR C 469 47.04 38.41 -14.53
CA TYR C 469 47.71 37.75 -15.64
C TYR C 469 47.25 38.35 -16.97
N LEU C 470 45.93 38.47 -17.13
CA LEU C 470 45.37 39.04 -18.35
C LEU C 470 45.92 40.45 -18.59
N ARG C 471 45.96 41.26 -17.53
CA ARG C 471 46.53 42.60 -17.63
C ARG C 471 47.97 42.54 -18.12
N ASP C 472 48.74 41.61 -17.58
CA ASP C 472 50.17 41.56 -17.89
C ASP C 472 50.37 41.06 -19.29
N ALA C 473 49.62 40.03 -19.67
CA ALA C 473 49.85 39.39 -20.95
C ALA C 473 49.29 40.18 -22.11
N TYR C 474 48.01 40.52 -22.01
CA TYR C 474 47.28 41.13 -23.11
C TYR C 474 47.12 42.66 -23.02
N GLN C 475 47.47 43.24 -21.85
CA GLN C 475 47.38 44.68 -21.62
C GLN C 475 45.98 45.21 -21.90
N VAL C 476 45.00 44.56 -21.26
CA VAL C 476 43.57 44.94 -21.40
C VAL C 476 43.22 46.23 -20.62
N GLN C 477 43.99 46.58 -19.58
CA GLN C 477 43.77 47.84 -18.82
C GLN C 477 44.29 49.08 -19.54
N GLN C 478 45.27 48.87 -20.41
CA GLN C 478 45.89 49.95 -21.16
C GLN C 478 44.81 50.73 -21.89
N SER C 479 44.05 50.05 -22.73
CA SER C 479 43.07 50.72 -23.59
C SER C 479 41.81 49.89 -23.80
N GLU C 480 40.75 50.53 -24.28
CA GLU C 480 39.52 49.80 -24.56
C GLU C 480 39.65 48.95 -25.84
N ALA C 481 40.62 49.27 -26.70
CA ALA C 481 40.83 48.52 -27.95
C ALA C 481 41.45 47.15 -27.71
N LYS C 482 42.36 47.08 -26.74
CA LYS C 482 42.91 45.80 -26.28
C LYS C 482 41.96 45.11 -25.29
N ALA C 483 41.22 45.91 -24.51
CA ALA C 483 40.22 45.38 -23.59
C ALA C 483 39.15 44.56 -24.30
N ASN C 484 38.62 45.12 -25.39
CA ASN C 484 37.55 44.50 -26.16
C ASN C 484 37.99 43.29 -27.01
N GLN C 485 39.30 43.13 -27.23
CA GLN C 485 39.84 41.90 -27.88
C GLN C 485 39.96 40.68 -26.95
N HIS C 486 39.76 40.91 -25.64
CA HIS C 486 39.80 39.85 -24.61
C HIS C 486 38.75 40.11 -23.57
N ILE C 487 37.50 40.07 -24.03
CA ILE C 487 36.34 40.34 -23.20
C ILE C 487 36.04 39.07 -22.44
N SER C 488 36.42 39.04 -21.17
CA SER C 488 36.15 37.85 -20.34
C SER C 488 34.83 38.05 -19.58
N LEU C 489 34.30 36.98 -18.95
CA LEU C 489 33.02 37.04 -18.19
C LEU C 489 32.93 36.05 -17.02
N VAL C 490 31.89 36.16 -16.19
CA VAL C 490 31.76 35.30 -15.03
C VAL C 490 30.32 34.93 -14.69
N GLU C 491 30.15 33.77 -14.05
CA GLU C 491 28.83 33.22 -13.72
C GLU C 491 28.31 33.80 -12.41
N ALA C 492 27.99 35.08 -12.45
CA ALA C 492 27.46 35.75 -11.26
C ALA C 492 27.00 37.14 -11.64
N GLY C 493 26.47 37.86 -10.65
CA GLY C 493 26.03 39.24 -10.86
C GLY C 493 26.96 40.26 -10.23
N LEU C 494 26.38 41.24 -9.53
CA LEU C 494 27.14 42.24 -8.79
C LEU C 494 27.72 41.65 -7.53
N ASP C 495 27.26 40.47 -7.13
CA ASP C 495 27.83 39.74 -5.99
C ASP C 495 29.31 39.33 -6.21
N ALA C 496 29.70 39.18 -7.47
CA ALA C 496 31.08 38.84 -7.82
C ALA C 496 31.97 40.06 -7.61
N GLY C 497 32.35 40.30 -6.36
CA GLY C 497 33.07 41.52 -6.00
C GLY C 497 34.45 41.76 -6.59
N THR C 498 35.21 40.70 -6.85
CA THR C 498 36.58 40.86 -7.34
C THR C 498 36.57 41.11 -8.84
N SER C 499 35.39 40.96 -9.45
CA SER C 499 35.21 41.15 -10.90
C SER C 499 34.71 42.55 -11.32
N THR C 500 33.75 43.11 -10.56
CA THR C 500 33.22 44.49 -10.82
C THR C 500 34.04 45.65 -10.22
N ILE C 501 34.88 45.37 -9.23
CA ILE C 501 35.66 46.41 -8.55
C ILE C 501 36.56 47.19 -9.52
N HIS C 502 37.17 46.49 -10.46
CA HIS C 502 37.95 47.13 -11.52
C HIS C 502 37.38 46.82 -12.88
N ASN C 503 36.15 46.28 -12.89
CA ASN C 503 35.46 45.93 -14.12
C ASN C 503 36.38 45.13 -15.04
N ASP C 504 36.90 43.99 -14.57
CA ASP C 504 37.89 43.18 -15.36
C ASP C 504 37.23 42.18 -16.32
N ALA C 505 36.05 41.71 -15.92
CA ALA C 505 35.25 40.82 -16.76
C ALA C 505 33.78 41.15 -16.55
N LEU C 506 32.99 40.85 -17.57
CA LEU C 506 31.57 41.13 -17.55
C LEU C 506 30.86 40.31 -16.49
N ILE C 507 29.71 40.82 -16.04
CA ILE C 507 28.87 40.10 -15.08
C ILE C 507 27.46 39.99 -15.64
N GLU C 508 26.67 39.04 -15.12
CA GLU C 508 25.32 38.82 -15.66
C GLU C 508 24.40 39.92 -15.17
N SER C 509 23.56 40.41 -16.06
CA SER C 509 22.58 41.40 -15.69
C SER C 509 21.37 40.73 -15.04
N ASN C 510 20.45 41.55 -14.56
CA ASN C 510 19.20 41.03 -14.00
C ASN C 510 18.09 40.91 -15.06
N LEU C 511 18.45 40.82 -16.35
CA LEU C 511 17.45 40.71 -17.41
C LEU C 511 16.78 39.38 -17.33
N ARG C 512 17.57 38.34 -17.13
CA ARG C 512 17.03 37.00 -17.05
C ARG C 512 15.93 36.94 -16.00
N GLU C 513 16.28 37.31 -14.78
CA GLU C 513 15.32 37.29 -13.67
C GLU C 513 14.10 38.12 -14.02
N ALA C 514 14.34 39.32 -14.55
CA ALA C 514 13.29 40.22 -14.98
C ALA C 514 12.35 39.54 -15.95
N ALA C 515 12.93 39.02 -17.03
CA ALA C 515 12.14 38.30 -18.02
C ALA C 515 11.31 37.21 -17.34
N THR C 516 11.98 36.37 -16.55
CA THR C 516 11.33 35.27 -15.82
C THR C 516 9.97 35.68 -15.27
N LEU C 517 9.90 36.86 -14.66
CA LEU C 517 8.71 37.31 -13.95
C LEU C 517 7.65 37.95 -14.86
N SER C 518 8.07 38.62 -15.91
CA SER C 518 7.14 39.44 -16.66
C SER C 518 6.83 38.95 -18.08
N LEU C 519 7.51 37.89 -18.53
CA LEU C 519 7.41 37.42 -19.95
C LEU C 519 7.41 35.90 -20.16
N THR C 520 8.20 35.17 -19.39
CA THR C 520 8.40 33.75 -19.65
C THR C 520 7.29 32.89 -19.09
N ASN C 521 6.39 33.46 -18.29
CA ASN C 521 5.35 32.65 -17.68
C ASN C 521 4.12 32.54 -18.56
N GLU C 522 3.23 31.61 -18.20
CA GLU C 522 2.05 31.38 -19.01
C GLU C 522 1.10 32.56 -18.83
N PRO C 523 0.18 32.78 -19.80
CA PRO C 523 -0.81 33.84 -19.67
C PRO C 523 -1.51 33.78 -18.33
N GLY C 524 -1.81 34.94 -17.74
CA GLY C 524 -2.44 35.01 -16.43
C GLY C 524 -1.43 35.11 -15.30
N LYS C 525 -0.28 34.45 -15.45
CA LYS C 525 0.74 34.39 -14.40
C LYS C 525 1.98 35.27 -14.65
N ASN C 526 1.83 36.45 -15.26
CA ASN C 526 2.96 37.34 -15.57
C ASN C 526 2.85 38.66 -14.84
N LYS C 527 3.98 39.22 -14.42
CA LYS C 527 3.98 40.59 -13.88
C LYS C 527 4.08 41.60 -15.04
N PRO C 528 3.61 42.86 -14.85
CA PRO C 528 3.69 43.89 -15.90
C PRO C 528 5.09 44.09 -16.43
N LEU C 529 5.22 44.80 -17.54
CA LEU C 529 6.53 44.93 -18.17
C LEU C 529 7.37 46.10 -17.60
N THR C 530 6.83 46.77 -16.57
CA THR C 530 7.50 47.91 -15.96
C THR C 530 8.75 47.52 -15.21
N ASN C 531 8.93 46.23 -14.92
CA ASN C 531 10.20 45.77 -14.34
C ASN C 531 11.35 45.74 -15.36
N MET C 532 11.02 45.75 -16.66
CA MET C 532 12.02 45.67 -17.74
C MET C 532 12.60 47.03 -18.11
N LEU C 533 12.06 48.11 -17.54
CA LEU C 533 12.55 49.48 -17.79
C LEU C 533 13.93 49.72 -17.18
N GLN C 534 14.18 49.09 -16.05
CA GLN C 534 15.43 49.27 -15.35
C GLN C 534 16.08 47.94 -15.10
N ASP C 535 17.41 47.94 -15.12
CA ASP C 535 18.18 46.76 -14.82
C ASP C 535 18.73 46.91 -13.42
N VAL C 536 18.13 46.22 -12.48
CA VAL C 536 18.54 46.32 -11.11
C VAL C 536 18.90 44.94 -10.61
N ASP C 537 20.01 44.83 -9.88
CA ASP C 537 20.41 43.60 -9.22
C ASP C 537 20.19 43.76 -7.70
N GLY C 538 18.93 43.61 -7.28
CA GLY C 538 18.55 43.58 -5.87
C GLY C 538 18.86 44.90 -5.16
N GLY C 539 18.19 45.95 -5.60
CA GLY C 539 18.44 47.29 -5.09
C GLY C 539 19.39 48.06 -6.00
N THR C 540 20.60 47.53 -6.20
CA THR C 540 21.66 48.27 -6.90
C THR C 540 21.48 48.32 -8.42
N LEU C 541 21.22 49.52 -8.94
CA LEU C 541 20.98 49.71 -10.37
C LEU C 541 22.19 49.30 -11.21
N ILE C 542 21.93 48.65 -12.32
CA ILE C 542 22.98 48.27 -13.28
C ILE C 542 22.93 49.17 -14.51
N THR C 543 21.73 49.48 -14.97
CA THR C 543 21.56 50.35 -16.13
C THR C 543 20.08 50.66 -16.24
N ASP C 544 19.77 51.93 -16.48
CA ASP C 544 18.39 52.38 -16.59
C ASP C 544 18.08 52.74 -18.04
N HIS C 545 17.09 52.06 -18.62
CA HIS C 545 16.80 52.20 -20.04
C HIS C 545 15.86 53.34 -20.31
N THR C 546 15.23 53.88 -19.26
CA THR C 546 14.21 54.93 -19.39
C THR C 546 14.69 55.98 -20.39
N GLN C 547 15.80 56.61 -20.05
CA GLN C 547 16.41 57.60 -20.89
C GLN C 547 17.93 57.44 -20.83
N ASN C 548 18.45 56.47 -21.58
CA ASN C 548 19.88 56.22 -21.62
C ASN C 548 20.51 57.08 -22.71
N SER C 549 21.00 58.26 -22.32
CA SER C 549 21.66 59.16 -23.23
C SER C 549 23.17 59.24 -22.98
N THR C 550 23.61 58.86 -21.78
CA THR C 550 25.03 58.85 -21.44
C THR C 550 25.68 57.49 -21.74
N GLU C 551 27.01 57.48 -21.74
CA GLU C 551 27.79 56.24 -21.87
C GLU C 551 28.87 56.19 -20.79
N ASN C 552 29.63 55.08 -20.75
CA ASN C 552 30.62 54.85 -19.67
C ASN C 552 30.05 55.12 -18.29
N GLN C 553 28.85 54.60 -18.03
CA GLN C 553 28.20 54.83 -16.74
C GLN C 553 27.75 53.52 -16.12
N ALA C 554 27.01 52.74 -16.88
CA ALA C 554 26.50 51.46 -16.41
C ALA C 554 27.64 50.48 -16.15
N THR C 555 27.37 49.47 -15.32
CA THR C 555 28.33 48.41 -15.07
C THR C 555 28.38 47.44 -16.23
N PRO C 556 29.56 47.22 -16.83
CA PRO C 556 29.65 46.27 -17.93
C PRO C 556 29.06 44.89 -17.60
N ASN C 557 28.15 44.43 -18.44
CA ASN C 557 27.33 43.26 -18.17
C ASN C 557 26.96 42.50 -19.43
N TYR C 558 26.50 41.27 -19.25
CA TYR C 558 25.95 40.50 -20.36
C TYR C 558 24.58 39.99 -20.02
N SER C 559 23.67 40.17 -20.97
CA SER C 559 22.27 39.77 -20.83
C SER C 559 22.02 38.43 -21.51
N ILE C 560 21.18 37.62 -20.86
CA ILE C 560 20.78 36.31 -21.36
C ILE C 560 19.36 35.99 -20.89
N ILE C 561 18.74 35.03 -21.54
CA ILE C 561 17.51 34.41 -21.05
C ILE C 561 17.80 32.96 -20.61
N HIS C 562 18.59 32.26 -21.42
CA HIS C 562 18.94 30.87 -21.17
C HIS C 562 20.44 30.67 -21.32
N ALA C 563 20.89 29.52 -20.82
CA ALA C 563 22.28 29.09 -20.95
C ALA C 563 22.31 27.58 -20.88
N HIS C 564 23.48 26.98 -21.04
CA HIS C 564 23.55 25.53 -20.95
C HIS C 564 22.76 25.08 -19.75
N ASP C 565 23.00 25.75 -18.61
CA ASP C 565 22.46 25.35 -17.30
C ASP C 565 21.28 26.21 -16.83
N LYS C 566 21.32 27.50 -17.15
CA LYS C 566 20.32 28.41 -16.65
C LYS C 566 18.97 28.27 -17.35
N GLY C 567 17.94 27.96 -16.59
CA GLY C 567 16.59 27.83 -17.14
C GLY C 567 16.50 26.85 -18.29
N VAL C 568 17.24 25.74 -18.19
CA VAL C 568 17.19 24.68 -19.22
C VAL C 568 17.25 23.28 -18.60
N GLN C 569 18.30 23.00 -17.84
CA GLN C 569 18.50 21.65 -17.32
C GLN C 569 17.44 21.22 -16.28
N GLU C 570 16.81 22.17 -15.61
CA GLU C 570 15.70 21.82 -14.74
C GLU C 570 14.45 21.53 -15.58
N LYS C 571 14.10 22.47 -16.44
CA LYS C 571 12.86 22.37 -17.21
C LYS C 571 12.87 21.19 -18.19
N VAL C 572 14.04 20.85 -18.75
CA VAL C 572 14.17 19.67 -19.63
C VAL C 572 14.11 18.41 -18.78
N GLY C 573 14.79 18.43 -17.63
CA GLY C 573 14.75 17.31 -16.69
C GLY C 573 13.36 16.97 -16.15
N ALA C 574 12.44 17.92 -16.22
CA ALA C 574 11.05 17.65 -15.88
C ALA C 574 10.40 16.85 -17.01
N ALA C 575 10.68 17.24 -18.26
CA ALA C 575 10.13 16.51 -19.41
C ALA C 575 10.76 15.12 -19.49
N ILE C 576 12.00 15.00 -19.02
CA ILE C 576 12.72 13.71 -18.99
C ILE C 576 12.12 12.79 -17.95
N THR C 577 11.82 13.29 -16.75
CA THR C 577 11.23 12.42 -15.72
C THR C 577 9.84 11.94 -16.14
N ASP C 578 9.04 12.78 -16.80
CA ASP C 578 7.75 12.36 -17.35
C ASP C 578 7.98 11.52 -18.59
N ALA C 579 7.25 10.41 -18.72
CA ALA C 579 7.46 9.44 -19.80
C ALA C 579 8.92 8.89 -19.83
N THR C 580 9.52 8.70 -18.65
CA THR C 580 10.80 7.99 -18.54
C THR C 580 11.08 7.60 -17.09
N GLY C 581 10.90 8.55 -16.18
CA GLY C 581 10.95 8.27 -14.75
C GLY C 581 12.31 8.44 -14.14
N ALA C 582 13.34 8.49 -14.96
CA ALA C 582 14.71 8.67 -14.45
C ALA C 582 14.86 10.03 -13.80
N ASP C 583 15.77 10.09 -12.82
CA ASP C 583 16.16 11.35 -12.18
C ASP C 583 17.12 12.14 -13.09
N TRP C 584 17.02 13.47 -13.05
CA TRP C 584 17.76 14.36 -13.99
C TRP C 584 19.29 14.40 -13.87
N THR C 585 19.90 13.69 -12.91
CA THR C 585 21.38 13.62 -12.80
C THR C 585 22.02 12.31 -13.34
N ASN C 586 21.21 11.29 -13.64
CA ASN C 586 21.72 10.01 -14.21
C ASN C 586 20.63 9.25 -14.98
N PHE C 587 20.83 9.07 -16.28
CA PHE C 587 19.85 8.41 -17.15
C PHE C 587 20.52 7.82 -18.40
N THR C 588 19.82 6.92 -19.09
CA THR C 588 20.36 6.34 -20.31
C THR C 588 20.04 7.24 -21.49
N ASP C 589 20.80 7.08 -22.57
CA ASP C 589 20.58 7.81 -23.83
C ASP C 589 19.21 7.51 -24.43
N GLU C 590 18.69 6.32 -24.13
CA GLU C 590 17.35 5.90 -24.55
C GLU C 590 16.29 6.81 -23.95
N GLN C 591 16.44 7.13 -22.67
CA GLN C 591 15.52 8.03 -21.99
C GLN C 591 15.68 9.48 -22.45
N LEU C 592 16.92 9.88 -22.75
CA LEU C 592 17.20 11.24 -23.20
C LEU C 592 16.41 11.58 -24.46
N LYS C 593 16.63 10.78 -25.51
CA LYS C 593 15.91 10.92 -26.78
C LYS C 593 14.41 10.98 -26.52
N ALA C 594 13.97 10.13 -25.59
CA ALA C 594 12.58 10.08 -25.19
C ALA C 594 12.16 11.42 -24.65
N GLY C 595 12.93 11.92 -23.68
CA GLY C 595 12.59 13.17 -22.99
C GLY C 595 12.47 14.37 -23.92
N LEU C 596 13.49 14.51 -24.75
CA LEU C 596 13.58 15.61 -25.71
C LEU C 596 12.53 15.53 -26.82
N GLU C 597 12.02 14.33 -27.12
CA GLU C 597 10.92 14.18 -28.08
C GLU C 597 9.67 14.91 -27.55
N LEU C 598 9.36 14.72 -26.27
CA LEU C 598 8.23 15.38 -25.60
C LEU C 598 8.45 16.89 -25.38
N PHE C 599 9.72 17.28 -25.22
CA PHE C 599 10.11 18.67 -24.95
C PHE C 599 9.89 19.55 -26.19
N TYR C 600 10.56 19.20 -27.29
CA TYR C 600 10.47 20.00 -28.53
C TYR C 600 9.09 19.88 -29.22
N LYS C 601 8.31 18.86 -28.85
CA LYS C 601 6.87 18.83 -29.20
C LYS C 601 6.18 19.97 -28.45
N ASP C 602 6.47 20.09 -27.16
CA ASP C 602 5.85 21.08 -26.29
C ASP C 602 6.29 22.49 -26.66
N GLN C 603 7.56 22.61 -27.05
CA GLN C 603 8.13 23.91 -27.38
C GLN C 603 7.37 24.51 -28.54
N ARG C 604 7.08 23.70 -29.55
CA ARG C 604 6.40 24.18 -30.76
C ARG C 604 4.90 24.45 -30.58
N ALA C 605 4.34 24.10 -29.41
CA ALA C 605 2.91 24.33 -29.13
C ALA C 605 2.67 25.70 -28.51
N THR C 606 1.47 26.24 -28.72
CA THR C 606 1.10 27.55 -28.16
C THR C 606 1.10 27.54 -26.64
N ASN C 607 0.44 26.54 -26.08
CA ASN C 607 0.39 26.36 -24.65
C ASN C 607 1.60 25.52 -24.29
N LYS C 608 2.41 26.01 -23.35
CA LYS C 608 3.70 25.40 -22.99
C LYS C 608 3.75 25.00 -21.51
N LYS C 609 3.88 23.69 -21.26
CA LYS C 609 3.94 23.17 -19.90
C LYS C 609 5.33 23.30 -19.34
N TYR C 610 6.30 22.80 -20.10
CA TYR C 610 7.71 22.78 -19.67
C TYR C 610 8.47 24.01 -20.14
N ASN C 611 8.26 24.41 -21.39
CA ASN C 611 9.03 25.50 -22.01
C ASN C 611 8.59 26.92 -21.57
N SER C 612 9.35 27.92 -21.97
CA SER C 612 9.08 29.33 -21.63
C SER C 612 8.42 30.03 -22.79
N TYR C 613 7.59 31.02 -22.46
CA TYR C 613 6.89 31.82 -23.45
C TYR C 613 7.69 33.05 -23.84
N ASN C 614 7.28 33.70 -24.93
CA ASN C 614 7.84 35.00 -25.35
C ASN C 614 9.36 35.01 -25.46
N ILE C 615 9.91 34.00 -26.13
CA ILE C 615 11.35 33.90 -26.22
C ILE C 615 11.87 34.95 -27.21
N PRO C 616 11.28 35.03 -28.40
CA PRO C 616 11.79 36.02 -29.33
C PRO C 616 11.65 37.45 -28.81
N SER C 617 10.63 37.70 -28.00
CA SER C 617 10.38 39.03 -27.39
C SER C 617 11.46 39.38 -26.34
N ILE C 618 11.93 38.36 -25.63
CA ILE C 618 13.01 38.51 -24.67
C ILE C 618 14.32 38.81 -25.37
N TYR C 619 14.61 38.05 -26.43
CA TYR C 619 15.81 38.31 -27.23
C TYR C 619 15.72 39.68 -27.90
N ALA C 620 14.52 40.04 -28.35
CA ALA C 620 14.36 41.34 -28.99
C ALA C 620 14.77 42.45 -28.05
N LEU C 621 14.53 42.28 -26.75
CA LEU C 621 15.08 43.22 -25.75
C LEU C 621 16.61 43.10 -25.62
N MET C 622 17.08 41.90 -25.28
CA MET C 622 18.50 41.65 -25.14
C MET C 622 19.30 42.32 -26.23
N LEU C 623 18.89 42.10 -27.49
CA LEU C 623 19.61 42.60 -28.67
C LEU C 623 19.45 44.10 -28.95
N THR C 624 18.37 44.71 -28.47
CA THR C 624 18.13 46.15 -28.71
C THR C 624 18.48 47.07 -27.53
N ASN C 625 18.72 46.50 -26.34
CA ASN C 625 19.01 47.32 -25.14
C ASN C 625 20.43 47.85 -25.12
N LYS C 626 20.59 49.04 -24.54
CA LYS C 626 21.87 49.71 -24.46
C LYS C 626 22.57 49.38 -23.15
N ASP C 627 23.90 49.46 -23.19
CA ASP C 627 24.77 49.12 -22.07
C ASP C 627 24.57 47.68 -21.61
N THR C 628 24.83 46.77 -22.56
CA THR C 628 24.88 45.33 -22.31
C THR C 628 25.42 44.63 -23.57
N VAL C 629 26.11 43.50 -23.37
CA VAL C 629 26.60 42.65 -24.47
C VAL C 629 25.80 41.37 -24.43
N PRO C 630 24.76 41.26 -25.27
CA PRO C 630 23.94 40.06 -25.19
C PRO C 630 24.70 38.80 -25.55
N ARG C 631 24.36 37.68 -24.90
CA ARG C 631 24.90 36.36 -25.27
C ARG C 631 23.76 35.49 -25.78
N MET C 632 23.88 35.01 -27.02
CA MET C 632 22.88 34.12 -27.59
C MET C 632 23.19 32.70 -27.15
N TYR C 633 22.15 31.93 -26.82
CA TYR C 633 22.31 30.52 -26.48
C TYR C 633 22.08 29.61 -27.69
N TYR C 634 22.96 28.65 -27.92
CA TYR C 634 22.81 27.70 -29.01
C TYR C 634 21.39 27.12 -29.00
N GLY C 635 20.99 26.54 -27.87
CA GLY C 635 19.75 25.76 -27.80
C GLY C 635 18.47 26.50 -28.10
N ASP C 636 18.50 27.82 -28.09
CA ASP C 636 17.31 28.58 -28.44
C ASP C 636 17.15 28.65 -29.94
N MET C 637 18.25 28.43 -30.67
CA MET C 637 18.25 28.46 -32.14
C MET C 637 18.19 27.08 -32.78
N TYR C 638 18.77 26.09 -32.11
CA TYR C 638 18.81 24.74 -32.65
C TYR C 638 18.26 23.73 -31.65
N GLN C 639 17.68 22.65 -32.17
CA GLN C 639 17.09 21.62 -31.33
C GLN C 639 18.08 20.47 -31.07
N ASP C 640 18.15 20.02 -29.80
CA ASP C 640 19.08 18.97 -29.35
C ASP C 640 18.60 17.55 -29.66
N ASP C 641 17.43 17.43 -30.30
CA ASP C 641 16.95 16.16 -30.84
C ASP C 641 17.59 15.81 -32.18
N GLY C 642 18.33 16.76 -32.74
CA GLY C 642 19.19 16.51 -33.88
C GLY C 642 20.61 16.86 -33.51
N GLN C 643 21.55 16.54 -34.40
CA GLN C 643 22.95 16.82 -34.17
C GLN C 643 23.20 18.32 -34.18
N TYR C 644 24.43 18.71 -33.83
CA TYR C 644 24.79 20.11 -33.66
C TYR C 644 24.52 20.92 -34.92
N MET C 645 23.69 21.94 -34.79
CA MET C 645 23.30 22.79 -35.91
C MET C 645 22.62 22.04 -37.06
N ALA C 646 21.85 21.00 -36.73
CA ALA C 646 21.19 20.17 -37.74
C ALA C 646 19.70 20.54 -37.89
N ASN C 647 18.98 20.49 -36.77
CA ASN C 647 17.57 20.88 -36.71
C ASN C 647 17.39 22.26 -36.07
N LYS C 648 16.93 23.22 -36.87
CA LYS C 648 16.69 24.59 -36.40
C LYS C 648 15.52 24.57 -35.40
N SER C 649 15.43 25.58 -34.54
CA SER C 649 14.30 25.67 -33.60
C SER C 649 13.16 26.48 -34.18
N ILE C 650 12.01 26.40 -33.51
CA ILE C 650 10.87 27.16 -33.96
C ILE C 650 11.17 28.66 -33.92
N TYR C 651 12.12 29.07 -33.07
CA TYR C 651 12.49 30.49 -32.92
C TYR C 651 13.68 30.93 -33.80
N TYR C 652 14.26 30.02 -34.59
CA TYR C 652 15.48 30.33 -35.35
C TYR C 652 15.39 31.53 -36.29
N ASP C 653 14.33 31.60 -37.07
CA ASP C 653 14.20 32.69 -38.04
C ASP C 653 14.27 34.04 -37.35
N ALA C 654 13.45 34.19 -36.31
CA ALA C 654 13.27 35.46 -35.61
C ALA C 654 14.56 35.95 -34.97
N LEU C 655 15.31 35.05 -34.36
CA LEU C 655 16.57 35.45 -33.75
C LEU C 655 17.60 35.86 -34.81
N VAL C 656 17.66 35.12 -35.93
CA VAL C 656 18.59 35.45 -37.01
C VAL C 656 18.24 36.81 -37.60
N SER C 657 16.95 37.14 -37.62
CA SER C 657 16.50 38.44 -38.11
C SER C 657 16.77 39.57 -37.09
N LEU C 658 16.53 39.29 -35.82
CA LEU C 658 16.84 40.26 -34.79
C LEU C 658 18.34 40.57 -34.76
N MET C 659 19.18 39.54 -34.89
CA MET C 659 20.62 39.73 -34.81
C MET C 659 21.12 40.58 -35.97
N THR C 660 20.59 40.30 -37.16
CA THR C 660 20.97 41.05 -38.35
C THR C 660 20.60 42.51 -38.18
N ALA C 661 19.45 42.75 -37.54
CA ALA C 661 18.95 44.08 -37.30
C ALA C 661 19.89 44.84 -36.37
N ARG C 662 20.34 44.17 -35.32
CA ARG C 662 21.30 44.74 -34.38
C ARG C 662 22.56 45.26 -35.09
N LYS C 663 23.20 44.37 -35.85
CA LYS C 663 24.39 44.69 -36.63
C LYS C 663 24.21 45.95 -37.48
N SER C 664 23.08 46.03 -38.19
CA SER C 664 22.83 47.10 -39.18
C SER C 664 22.39 48.42 -38.56
N TYR C 665 21.42 48.33 -37.65
CA TYR C 665 20.73 49.51 -37.12
C TYR C 665 21.13 49.87 -35.69
N VAL C 666 21.10 48.91 -34.79
CA VAL C 666 21.03 49.25 -33.36
C VAL C 666 22.24 49.99 -32.83
N SER C 667 22.05 51.27 -32.49
CA SER C 667 23.14 52.09 -31.95
CA SER C 667 23.13 52.12 -32.00
C SER C 667 22.60 53.40 -31.36
N GLY C 668 23.50 54.17 -30.77
CA GLY C 668 23.13 55.43 -30.15
C GLY C 668 22.51 55.22 -28.78
N GLY C 669 21.68 56.17 -28.36
CA GLY C 669 21.02 56.11 -27.05
C GLY C 669 19.71 55.34 -27.05
N GLN C 670 19.10 55.25 -25.87
CA GLN C 670 17.88 54.48 -25.68
C GLN C 670 16.87 55.27 -24.92
N THR C 671 15.61 54.98 -25.20
CA THR C 671 14.48 55.48 -24.43
C THR C 671 13.41 54.43 -24.38
N MET C 672 13.05 54.05 -23.15
CA MET C 672 12.08 53.00 -22.92
C MET C 672 10.98 53.54 -22.00
N SER C 673 9.75 53.07 -22.25
CA SER C 673 8.60 53.42 -21.43
C SER C 673 7.53 52.36 -21.60
N VAL C 674 6.65 52.20 -20.61
CA VAL C 674 5.48 51.36 -20.77
C VAL C 674 4.28 52.26 -20.86
N ASP C 675 3.49 52.12 -21.90
CA ASP C 675 2.37 53.04 -22.13
C ASP C 675 1.14 52.62 -21.32
N ASN C 676 0.02 53.31 -21.53
CA ASN C 676 -1.24 53.07 -20.79
C ASN C 676 -2.01 51.78 -21.09
N HIS C 677 -1.66 51.12 -22.19
CA HIS C 677 -2.28 49.85 -22.57
C HIS C 677 -1.44 48.69 -22.18
N GLY C 678 -0.30 48.98 -21.57
CA GLY C 678 0.61 47.95 -21.07
C GLY C 678 1.48 47.38 -22.18
N LEU C 679 2.10 48.25 -22.95
CA LEU C 679 3.05 47.84 -23.99
C LEU C 679 4.41 48.48 -23.74
N LEU C 680 5.48 47.69 -23.85
CA LEU C 680 6.82 48.21 -23.71
C LEU C 680 7.17 48.92 -25.01
N LYS C 681 7.61 50.16 -24.89
CA LYS C 681 8.12 50.95 -25.99
C LYS C 681 9.62 51.26 -25.75
N SER C 682 10.50 50.44 -26.31
CA SER C 682 11.95 50.71 -26.30
C SER C 682 12.33 51.21 -27.70
N VAL C 683 13.20 52.21 -27.75
CA VAL C 683 13.63 52.79 -29.02
C VAL C 683 15.08 53.26 -28.96
N ARG C 684 15.83 52.94 -30.01
CA ARG C 684 17.20 53.40 -30.19
C ARG C 684 17.23 54.42 -31.34
N PHE C 685 18.07 55.45 -31.21
CA PHE C 685 18.01 56.58 -32.13
C PHE C 685 18.97 56.47 -33.33
N GLY C 686 20.12 55.85 -33.13
CA GLY C 686 21.16 55.76 -34.17
C GLY C 686 22.48 56.39 -33.77
N LYS C 687 23.54 56.06 -34.51
CA LYS C 687 24.90 56.45 -34.12
C LYS C 687 25.08 57.96 -34.00
N ASP C 688 25.51 58.42 -32.83
CA ASP C 688 25.69 59.84 -32.56
C ASP C 688 24.51 60.40 -31.77
N ALA C 689 23.31 60.08 -32.22
CA ALA C 689 22.07 60.50 -31.58
C ALA C 689 21.92 59.89 -30.17
N MET C 690 21.94 60.74 -29.13
CA MET C 690 21.89 60.28 -27.73
C MET C 690 20.56 60.55 -27.00
N THR C 691 19.83 61.61 -27.39
CA THR C 691 18.45 61.82 -26.93
C THR C 691 17.50 62.12 -28.09
N ALA C 692 16.21 62.17 -27.79
CA ALA C 692 15.18 62.41 -28.81
C ALA C 692 15.47 63.67 -29.62
N ASN C 693 15.82 64.74 -28.90
CA ASN C 693 16.04 66.06 -29.49
C ASN C 693 17.23 66.09 -30.44
N ASP C 694 18.27 65.32 -30.13
CA ASP C 694 19.47 65.30 -30.97
C ASP C 694 19.20 64.91 -32.43
N LEU C 695 19.93 65.59 -33.30
CA LEU C 695 19.79 65.48 -34.75
C LEU C 695 20.81 64.48 -35.29
N GLY C 696 21.98 64.39 -34.64
CA GLY C 696 23.02 63.44 -35.04
C GLY C 696 23.67 63.80 -36.36
N THR C 697 24.33 62.81 -36.97
CA THR C 697 25.06 62.99 -38.23
C THR C 697 24.28 62.41 -39.39
N SER C 698 24.87 62.42 -40.58
CA SER C 698 24.22 61.89 -41.79
C SER C 698 24.07 60.36 -41.76
N ALA C 699 24.89 59.71 -40.94
CA ALA C 699 24.76 58.28 -40.65
C ALA C 699 23.46 57.96 -39.87
N THR C 700 23.12 58.80 -38.89
CA THR C 700 22.06 58.46 -37.94
C THR C 700 20.66 58.31 -38.57
N ARG C 701 20.49 58.83 -39.79
CA ARG C 701 19.18 58.87 -40.45
C ARG C 701 18.61 57.48 -40.71
N THR C 702 19.46 56.58 -41.21
CA THR C 702 19.01 55.23 -41.52
C THR C 702 19.44 54.21 -40.44
N GLU C 703 19.54 54.69 -39.19
CA GLU C 703 19.96 53.86 -38.04
C GLU C 703 19.00 53.99 -36.87
N GLY C 704 19.11 53.06 -35.91
CA GLY C 704 18.28 53.07 -34.70
C GLY C 704 16.88 52.54 -34.97
N LEU C 705 16.47 51.55 -34.19
CA LEU C 705 15.21 50.89 -34.40
C LEU C 705 14.26 51.09 -33.21
N GLY C 706 13.02 50.64 -33.39
CA GLY C 706 12.00 50.68 -32.35
C GLY C 706 11.45 49.29 -32.12
N VAL C 707 10.95 49.03 -30.91
CA VAL C 707 10.34 47.74 -30.54
C VAL C 707 9.06 47.94 -29.70
N ILE C 708 8.04 47.15 -30.01
CA ILE C 708 6.83 47.09 -29.20
C ILE C 708 6.65 45.68 -28.62
N ILE C 709 6.60 45.57 -27.28
CA ILE C 709 6.47 44.28 -26.60
C ILE C 709 5.31 44.33 -25.61
N GLY C 710 4.40 43.36 -25.72
CA GLY C 710 3.27 43.19 -24.78
C GLY C 710 3.07 41.74 -24.34
N ASN C 711 2.69 41.57 -23.08
CA ASN C 711 2.54 40.23 -22.49
C ASN C 711 1.10 39.94 -22.13
N ASP C 712 0.18 40.52 -22.90
CA ASP C 712 -1.25 40.24 -22.77
C ASP C 712 -1.77 39.68 -24.10
N PRO C 713 -2.03 38.37 -24.14
CA PRO C 713 -2.43 37.74 -25.39
C PRO C 713 -3.90 37.91 -25.68
N LYS C 714 -4.66 38.44 -24.71
CA LYS C 714 -6.07 38.71 -24.90
C LYS C 714 -6.31 40.22 -24.84
N LEU C 715 -5.31 40.98 -25.30
CA LEU C 715 -5.41 42.44 -25.37
C LEU C 715 -6.23 42.85 -26.58
N GLN C 716 -7.12 43.81 -26.35
CA GLN C 716 -7.92 44.40 -27.42
C GLN C 716 -7.89 45.91 -27.18
N LEU C 717 -7.18 46.62 -28.05
CA LEU C 717 -7.24 48.07 -28.07
C LEU C 717 -8.48 48.46 -28.85
N ASN C 718 -9.23 49.42 -28.32
CA ASN C 718 -10.41 49.93 -29.03
C ASN C 718 -9.98 50.92 -30.12
N ASP C 719 -10.91 51.37 -30.94
CA ASP C 719 -10.58 52.11 -32.16
C ASP C 719 -9.99 53.53 -31.93
N SER C 720 -10.29 54.14 -30.78
CA SER C 720 -9.77 55.46 -30.46
C SER C 720 -8.35 55.41 -29.88
N ASP C 721 -7.96 54.25 -29.36
CA ASP C 721 -6.61 54.06 -28.80
C ASP C 721 -5.58 54.07 -29.92
N LYS C 722 -4.41 54.62 -29.62
CA LYS C 722 -3.32 54.68 -30.56
C LYS C 722 -2.01 54.40 -29.85
N VAL C 723 -1.24 53.39 -30.30
CA VAL C 723 0.09 53.13 -29.73
C VAL C 723 1.18 53.79 -30.55
N THR C 724 2.09 54.49 -29.88
CA THR C 724 3.05 55.36 -30.57
C THR C 724 4.51 55.14 -30.19
N LEU C 725 5.42 55.43 -31.14
CA LEU C 725 6.87 55.27 -30.96
C LEU C 725 7.63 56.52 -31.37
N ASP C 726 8.24 57.20 -30.40
CA ASP C 726 8.97 58.45 -30.66
C ASP C 726 10.39 58.14 -31.11
N MET C 727 10.54 58.05 -32.44
CA MET C 727 11.78 57.58 -33.05
C MET C 727 12.94 58.57 -32.93
N GLY C 728 12.66 59.81 -32.57
CA GLY C 728 13.71 60.84 -32.39
C GLY C 728 13.69 61.96 -33.42
N ALA C 729 14.33 63.06 -33.04
CA ALA C 729 14.38 64.28 -33.86
C ALA C 729 15.05 64.04 -35.21
N ALA C 730 15.90 63.02 -35.26
CA ALA C 730 16.60 62.68 -36.47
C ALA C 730 15.74 61.90 -37.47
N HIS C 731 14.49 61.60 -37.13
CA HIS C 731 13.65 60.76 -37.99
C HIS C 731 12.32 61.40 -38.28
N LYS C 732 12.36 62.68 -38.65
CA LYS C 732 11.17 63.41 -39.02
C LYS C 732 10.73 62.91 -40.41
N ASN C 733 9.42 62.72 -40.58
CA ASN C 733 8.82 62.39 -41.86
C ASN C 733 9.65 61.34 -42.60
N GLN C 734 9.71 60.13 -42.05
CA GLN C 734 10.58 59.07 -42.61
C GLN C 734 9.83 57.75 -42.72
N LYS C 735 9.97 57.08 -43.86
CA LYS C 735 9.37 55.78 -44.07
C LYS C 735 10.12 54.77 -43.21
N TYR C 736 9.39 53.91 -42.51
CA TYR C 736 10.00 52.85 -41.69
C TYR C 736 9.48 51.53 -42.19
N ARG C 737 10.26 50.48 -41.97
CA ARG C 737 9.87 49.14 -42.44
C ARG C 737 10.06 48.09 -41.34
N ALA C 738 9.25 47.05 -41.39
CA ALA C 738 9.19 46.06 -40.33
C ALA C 738 10.35 45.08 -40.37
N VAL C 739 10.90 44.75 -39.21
CA VAL C 739 11.87 43.65 -39.06
C VAL C 739 11.20 42.40 -38.49
N ILE C 740 10.31 42.56 -37.50
CA ILE C 740 9.50 41.44 -36.97
C ILE C 740 8.06 41.84 -36.76
N LEU C 741 7.14 40.97 -37.17
CA LEU C 741 5.70 41.24 -37.02
C LEU C 741 5.01 40.07 -36.36
N THR C 742 3.97 40.38 -35.59
CA THR C 742 3.15 39.35 -34.97
C THR C 742 2.10 38.93 -35.98
N THR C 743 2.09 37.64 -36.31
CA THR C 743 0.98 37.05 -37.04
C THR C 743 0.32 36.03 -36.12
N ARG C 744 -0.83 35.53 -36.55
CA ARG C 744 -1.61 34.56 -35.77
C ARG C 744 -0.78 33.28 -35.48
N ASP C 745 0.06 32.88 -36.44
CA ASP C 745 0.95 31.70 -36.32
C ASP C 745 2.21 31.91 -35.51
N GLY C 746 2.87 33.04 -35.75
CA GLY C 746 4.15 33.30 -35.13
C GLY C 746 4.65 34.67 -35.51
N LEU C 747 5.86 34.72 -36.06
CA LEU C 747 6.47 35.99 -36.41
C LEU C 747 6.88 36.03 -37.87
N ALA C 748 6.38 37.05 -38.57
CA ALA C 748 6.76 37.34 -39.93
C ALA C 748 8.09 38.06 -39.93
N THR C 749 9.17 37.33 -40.14
CA THR C 749 10.51 37.91 -40.19
C THR C 749 10.81 38.61 -41.51
N PHE C 750 11.76 39.53 -41.49
CA PHE C 750 12.11 40.33 -42.65
C PHE C 750 13.54 40.82 -42.52
N ASN C 751 14.38 40.49 -43.50
CA ASN C 751 15.79 40.87 -43.45
C ASN C 751 16.18 41.83 -44.57
N SER C 752 15.20 42.51 -45.13
CA SER C 752 15.44 43.45 -46.23
C SER C 752 14.33 44.49 -46.21
N ASP C 753 14.56 45.62 -46.85
CA ASP C 753 13.54 46.67 -46.91
C ASP C 753 12.18 46.15 -47.45
N GLN C 754 12.24 45.21 -48.42
CA GLN C 754 11.03 44.64 -49.07
C GLN C 754 10.07 43.98 -48.05
N ALA C 755 9.23 44.81 -47.43
CA ALA C 755 8.37 44.38 -46.35
C ALA C 755 7.42 45.50 -45.99
N PRO C 756 6.37 45.20 -45.20
CA PRO C 756 5.41 46.26 -44.94
C PRO C 756 6.08 47.49 -44.34
N THR C 757 5.53 48.66 -44.63
CA THR C 757 6.11 49.92 -44.18
C THR C 757 5.05 50.84 -43.58
N ALA C 758 5.52 51.95 -43.04
CA ALA C 758 4.67 52.96 -42.41
C ALA C 758 5.51 54.23 -42.19
N TRP C 759 4.88 55.40 -42.24
CA TRP C 759 5.60 56.67 -42.12
C TRP C 759 5.52 57.28 -40.76
N THR C 760 6.46 58.16 -40.45
CA THR C 760 6.41 58.96 -39.21
C THR C 760 5.91 60.38 -39.51
N ASN C 761 5.32 61.02 -38.51
CA ASN C 761 4.77 62.37 -38.69
C ASN C 761 5.86 63.44 -38.66
N ASP C 762 5.45 64.69 -38.89
CA ASP C 762 6.36 65.82 -38.81
C ASP C 762 7.11 65.89 -37.45
N GLN C 763 6.56 65.23 -36.41
CA GLN C 763 7.26 65.14 -35.13
C GLN C 763 8.28 63.99 -35.13
N GLY C 764 7.98 62.90 -35.86
CA GLY C 764 8.87 61.72 -35.94
C GLY C 764 8.40 60.52 -35.14
N THR C 765 7.08 60.29 -35.17
CA THR C 765 6.43 59.35 -34.26
C THR C 765 5.63 58.31 -35.01
N LEU C 766 5.97 57.03 -34.79
CA LEU C 766 5.25 55.96 -35.45
C LEU C 766 3.93 55.68 -34.74
N THR C 767 2.82 56.11 -35.34
CA THR C 767 1.46 55.83 -34.85
C THR C 767 0.92 54.47 -35.30
N PHE C 768 0.38 53.71 -34.34
CA PHE C 768 -0.20 52.38 -34.60
C PHE C 768 -1.56 52.27 -33.93
N SER C 769 -2.37 51.31 -34.39
CA SER C 769 -3.71 51.09 -33.83
C SER C 769 -4.18 49.65 -34.03
N ASN C 770 -5.43 49.37 -33.63
CA ASN C 770 -6.06 48.08 -33.93
C ASN C 770 -6.38 47.86 -35.42
N GLN C 771 -6.37 48.94 -36.20
CA GLN C 771 -6.57 48.89 -37.65
C GLN C 771 -5.25 48.73 -38.37
N GLU C 772 -5.29 48.15 -39.56
CA GLU C 772 -4.09 47.91 -40.36
C GLU C 772 -3.50 49.21 -40.91
N ILE C 773 -2.20 49.21 -41.16
CA ILE C 773 -1.52 50.39 -41.68
C ILE C 773 -1.54 50.35 -43.20
N ASN C 774 -2.43 51.14 -43.79
CA ASN C 774 -2.59 51.20 -45.25
C ASN C 774 -2.97 49.85 -45.83
N GLY C 775 -3.88 49.15 -45.16
CA GLY C 775 -4.39 47.86 -45.63
C GLY C 775 -3.33 46.76 -45.71
N GLN C 776 -2.26 46.90 -44.92
CA GLN C 776 -1.24 45.86 -44.83
C GLN C 776 -1.60 45.00 -43.65
N ASP C 777 -1.81 43.71 -43.89
CA ASP C 777 -2.20 42.78 -42.82
C ASP C 777 -1.04 42.46 -41.87
N ASN C 778 -1.41 42.01 -40.68
CA ASN C 778 -0.47 41.67 -39.62
C ASN C 778 0.42 42.83 -39.17
N THR C 779 -0.01 44.05 -39.49
CA THR C 779 0.70 45.24 -39.04
C THR C 779 -0.01 45.88 -37.83
N GLN C 780 -1.26 45.48 -37.60
CA GLN C 780 -2.06 46.01 -36.50
C GLN C 780 -1.63 45.42 -35.18
N ILE C 781 -1.85 46.20 -34.12
CA ILE C 781 -1.51 45.77 -32.79
C ILE C 781 -2.74 45.19 -32.11
N ARG C 782 -2.57 43.96 -31.64
CA ARG C 782 -3.61 43.19 -30.95
C ARG C 782 -2.99 41.98 -30.27
N GLY C 783 -3.50 41.61 -29.10
CA GLY C 783 -2.93 40.52 -28.34
C GLY C 783 -3.10 39.21 -29.05
N VAL C 784 -2.02 38.45 -29.19
CA VAL C 784 -2.07 37.13 -29.82
C VAL C 784 -1.51 36.10 -28.87
N ALA C 785 -1.86 34.83 -29.08
CA ALA C 785 -1.32 33.74 -28.27
C ALA C 785 -0.94 32.61 -29.19
N ASN C 786 0.33 32.56 -29.56
CA ASN C 786 0.87 31.51 -30.43
C ASN C 786 2.23 31.02 -29.93
N PRO C 787 2.76 29.95 -30.52
CA PRO C 787 4.01 29.35 -30.01
C PRO C 787 5.19 30.33 -29.84
N GLN C 788 5.28 31.29 -30.76
CA GLN C 788 6.38 32.24 -30.78
C GLN C 788 6.11 33.52 -29.99
N VAL C 789 4.85 33.81 -29.68
CA VAL C 789 4.54 35.02 -28.91
C VAL C 789 3.25 34.86 -28.12
N SER C 790 3.33 35.22 -26.84
CA SER C 790 2.16 35.28 -25.98
C SER C 790 1.95 36.73 -25.57
N GLY C 791 1.51 37.53 -26.54
CA GLY C 791 1.17 38.93 -26.32
C GLY C 791 1.26 39.67 -27.65
N TYR C 792 2.31 40.49 -27.79
CA TYR C 792 2.62 41.18 -29.05
C TYR C 792 4.12 41.41 -29.19
N LEU C 793 4.62 41.45 -30.42
CA LEU C 793 6.04 41.72 -30.67
C LEU C 793 6.29 42.23 -32.10
N ALA C 794 6.82 43.45 -32.20
CA ALA C 794 7.03 44.12 -33.49
C ALA C 794 8.30 44.93 -33.47
N VAL C 795 9.21 44.64 -34.39
CA VAL C 795 10.40 45.45 -34.56
C VAL C 795 10.29 46.26 -35.86
N TRP C 796 10.62 47.55 -35.78
CA TRP C 796 10.63 48.41 -36.95
C TRP C 796 11.96 49.12 -37.10
N VAL C 797 12.41 49.22 -38.35
CA VAL C 797 13.66 49.89 -38.71
C VAL C 797 13.39 50.91 -39.81
N PRO C 798 14.28 51.92 -39.94
CA PRO C 798 14.12 52.91 -41.00
C PRO C 798 14.44 52.32 -42.38
N VAL C 799 13.68 52.75 -43.38
CA VAL C 799 13.82 52.25 -44.75
C VAL C 799 15.02 52.93 -45.39
N GLY C 800 15.64 52.25 -46.35
CA GLY C 800 16.78 52.79 -47.08
C GLY C 800 18.04 52.68 -46.28
N ALA C 801 18.38 51.47 -45.88
CA ALA C 801 19.66 51.20 -45.27
C ALA C 801 20.59 50.64 -46.33
N SER C 802 21.87 50.96 -46.18
CA SER C 802 22.91 50.45 -47.07
C SER C 802 23.04 48.93 -46.96
N ASP C 803 23.38 48.30 -48.07
CA ASP C 803 23.62 46.86 -48.13
C ASP C 803 24.72 46.43 -47.15
N ASN C 804 25.80 47.20 -47.11
CA ASN C 804 26.89 46.99 -46.15
C ASN C 804 26.85 48.08 -45.08
N GLN C 805 25.70 48.29 -44.46
CA GLN C 805 25.61 49.24 -43.36
C GLN C 805 26.04 48.61 -42.04
N ASP C 806 26.66 49.40 -41.18
CA ASP C 806 27.08 48.94 -39.86
C ASP C 806 26.85 50.01 -38.82
N ALA C 807 26.13 49.64 -37.76
CA ALA C 807 25.81 50.54 -36.65
C ALA C 807 26.85 50.49 -35.53
N ARG C 808 27.76 49.53 -35.61
CA ARG C 808 28.78 49.31 -34.60
C ARG C 808 29.91 50.36 -34.59
N THR C 809 30.21 50.89 -33.40
CA THR C 809 31.31 51.83 -33.20
C THR C 809 32.58 51.07 -32.85
N ALA C 810 33.66 51.39 -33.55
CA ALA C 810 34.94 50.73 -33.34
C ALA C 810 35.52 51.12 -31.99
N ALA C 811 36.38 50.28 -31.45
CA ALA C 811 36.98 50.50 -30.14
C ALA C 811 38.21 51.36 -30.28
N THR C 812 38.24 52.49 -29.58
CA THR C 812 39.34 53.44 -29.72
C THR C 812 40.65 52.97 -29.05
N THR C 813 41.78 53.38 -29.63
CA THR C 813 43.12 52.98 -29.16
C THR C 813 43.69 53.97 -28.13
N THR C 814 42.87 54.94 -27.72
CA THR C 814 43.25 55.90 -26.69
C THR C 814 43.63 55.23 -25.37
N GLU C 815 44.52 55.86 -24.61
CA GLU C 815 44.97 55.31 -23.34
C GLU C 815 43.98 55.54 -22.18
N ASN C 816 43.81 54.50 -21.34
CA ASN C 816 42.95 54.57 -20.16
C ASN C 816 43.80 54.48 -18.91
N HIS C 817 43.86 55.61 -18.19
CA HIS C 817 44.62 55.75 -16.94
C HIS C 817 43.83 55.30 -15.71
N ASP C 818 42.50 55.28 -15.83
CA ASP C 818 41.60 55.18 -14.66
C ASP C 818 41.62 53.87 -13.86
N GLY C 819 42.33 52.86 -14.34
CA GLY C 819 42.41 51.59 -13.63
C GLY C 819 41.34 50.54 -13.95
N LYS C 820 40.19 50.97 -14.45
CA LYS C 820 39.16 50.05 -14.97
C LYS C 820 39.58 49.49 -16.34
N VAL C 821 39.15 48.26 -16.64
CA VAL C 821 39.49 47.60 -17.91
C VAL C 821 38.39 47.75 -18.96
N LEU C 822 37.20 47.25 -18.61
CA LEU C 822 36.05 47.27 -19.49
C LEU C 822 35.19 48.48 -19.19
N HIS C 823 34.64 49.10 -20.23
CA HIS C 823 33.78 50.28 -20.05
C HIS C 823 32.49 50.15 -20.82
N SER C 824 31.36 50.48 -20.22
CA SER C 824 30.07 50.32 -20.89
C SER C 824 29.82 51.48 -21.85
N ASN C 825 30.01 51.24 -23.16
CA ASN C 825 29.93 52.28 -24.19
C ASN C 825 29.50 51.73 -25.53
N ALA C 826 29.55 52.55 -26.57
CA ALA C 826 29.21 52.10 -27.90
C ALA C 826 30.08 50.92 -28.25
N ALA C 827 31.40 51.12 -28.14
CA ALA C 827 32.37 50.11 -28.53
C ALA C 827 31.99 48.70 -28.05
N LEU C 828 31.75 48.59 -26.76
CA LEU C 828 31.45 47.30 -26.11
C LEU C 828 30.11 46.72 -26.60
N ASP C 829 29.08 47.57 -26.73
CA ASP C 829 27.75 47.13 -27.19
C ASP C 829 27.81 46.53 -28.58
N SER C 830 28.80 46.95 -29.35
CA SER C 830 28.97 46.45 -30.70
C SER C 830 29.36 44.97 -30.75
N ASN C 831 29.84 44.44 -29.62
CA ASN C 831 30.16 43.01 -29.53
C ASN C 831 28.94 42.15 -29.22
N LEU C 832 29.11 40.84 -29.41
CA LEU C 832 28.02 39.90 -29.31
C LEU C 832 28.59 38.54 -28.98
N ILE C 833 28.21 38.02 -27.82
CA ILE C 833 28.72 36.72 -27.39
C ILE C 833 27.82 35.65 -28.02
N TYR C 834 28.35 34.44 -28.19
CA TYR C 834 27.54 33.29 -28.58
C TYR C 834 27.94 32.11 -27.73
N GLU C 835 27.01 31.60 -26.92
CA GLU C 835 27.25 30.37 -26.20
C GLU C 835 26.93 29.22 -27.16
N GLY C 836 27.96 28.57 -27.66
CA GLY C 836 27.82 27.61 -28.74
C GLY C 836 27.85 26.16 -28.32
N PHE C 837 26.89 25.76 -27.46
CA PHE C 837 26.72 24.37 -27.04
C PHE C 837 25.51 24.18 -26.13
N SER C 838 25.24 22.93 -25.76
CA SER C 838 24.16 22.58 -24.82
C SER C 838 24.50 21.28 -24.07
N ASN C 839 23.99 21.15 -22.85
CA ASN C 839 24.24 19.92 -22.10
C ASN C 839 23.73 18.70 -22.88
N PHE C 840 22.50 18.80 -23.36
CA PHE C 840 21.74 17.66 -23.87
C PHE C 840 21.94 17.38 -25.37
N GLN C 841 23.16 17.62 -25.85
CA GLN C 841 23.53 17.30 -27.22
C GLN C 841 23.83 15.83 -27.38
N PRO C 842 23.44 15.25 -28.51
CA PRO C 842 23.69 13.84 -28.72
C PRO C 842 25.16 13.56 -29.01
N LYS C 843 25.61 12.33 -28.74
CA LYS C 843 26.96 11.91 -29.07
C LYS C 843 27.05 11.61 -30.58
N ALA C 844 28.08 12.15 -31.23
CA ALA C 844 28.16 12.15 -32.69
C ALA C 844 28.43 10.77 -33.21
N THR C 845 27.79 10.46 -34.32
CA THR C 845 27.92 9.16 -34.93
C THR C 845 29.10 9.19 -35.88
N THR C 846 29.36 10.34 -36.48
CA THR C 846 30.44 10.46 -37.43
C THR C 846 31.32 11.70 -37.18
N HIS C 847 32.46 11.79 -37.84
CA HIS C 847 33.37 12.91 -37.66
C HIS C 847 32.73 14.20 -38.07
N ASP C 848 31.92 14.15 -39.13
CA ASP C 848 31.31 15.36 -39.68
C ASP C 848 30.16 15.88 -38.81
N GLU C 849 29.64 15.02 -37.94
CA GLU C 849 28.58 15.43 -37.02
C GLU C 849 29.17 16.04 -35.75
N LEU C 850 30.50 16.03 -35.62
CA LEU C 850 31.13 16.56 -34.40
C LEU C 850 30.91 18.04 -34.31
N THR C 851 30.72 18.54 -33.10
CA THR C 851 30.41 19.95 -32.91
C THR C 851 31.52 20.87 -33.45
N ASN C 852 32.75 20.62 -33.01
CA ASN C 852 33.90 21.41 -33.43
C ASN C 852 34.16 21.45 -34.93
N VAL C 853 33.88 20.35 -35.65
CA VAL C 853 34.00 20.38 -37.13
C VAL C 853 32.89 21.22 -37.76
N VAL C 854 31.70 21.22 -37.16
CA VAL C 854 30.56 21.99 -37.72
C VAL C 854 30.73 23.49 -37.42
N ILE C 855 31.35 23.82 -36.28
CA ILE C 855 31.69 25.21 -35.95
C ILE C 855 32.69 25.69 -37.00
N ALA C 856 33.74 24.91 -37.22
CA ALA C 856 34.78 25.21 -38.23
C ALA C 856 34.21 25.33 -39.65
N LYS C 857 33.30 24.42 -40.03
CA LYS C 857 32.64 24.51 -41.32
C LYS C 857 31.86 25.83 -41.43
N ASN C 858 31.06 26.13 -40.40
CA ASN C 858 30.17 27.31 -40.43
C ASN C 858 30.71 28.53 -39.65
N ALA C 859 32.00 28.81 -39.82
CA ALA C 859 32.62 29.96 -39.18
C ALA C 859 32.00 31.29 -39.64
N ASP C 860 31.68 31.37 -40.93
CA ASP C 860 31.24 32.61 -41.55
C ASP C 860 29.80 32.95 -41.16
N VAL C 861 28.98 31.93 -40.96
CA VAL C 861 27.59 32.17 -40.65
C VAL C 861 27.46 32.90 -39.33
N PHE C 862 28.36 32.61 -38.39
CA PHE C 862 28.41 33.29 -37.10
C PHE C 862 28.89 34.73 -37.29
N ASN C 863 29.99 34.91 -38.01
CA ASN C 863 30.43 36.24 -38.39
C ASN C 863 29.38 37.04 -39.18
N ASN C 864 28.52 36.34 -39.94
CA ASN C 864 27.43 37.00 -40.67
C ASN C 864 26.38 37.60 -39.73
N TRP C 865 26.13 36.96 -38.59
CA TRP C 865 25.18 37.50 -37.63
C TRP C 865 25.79 38.59 -36.79
N GLY C 866 27.10 38.74 -36.86
CA GLY C 866 27.79 39.80 -36.11
C GLY C 866 28.29 39.35 -34.75
N ILE C 867 28.42 38.04 -34.60
CA ILE C 867 29.06 37.48 -33.42
C ILE C 867 30.51 37.91 -33.37
N THR C 868 30.91 38.46 -32.22
CA THR C 868 32.29 38.88 -32.02
C THR C 868 33.00 37.92 -31.06
N SER C 869 32.34 37.58 -29.95
CA SER C 869 32.85 36.57 -29.03
C SER C 869 32.10 35.24 -29.22
N PHE C 870 32.87 34.15 -29.31
CA PHE C 870 32.34 32.80 -29.40
C PHE C 870 32.69 32.05 -28.13
N GLU C 871 31.70 31.80 -27.29
CA GLU C 871 31.94 31.08 -26.03
C GLU C 871 31.79 29.59 -26.26
N MET C 872 32.91 28.92 -26.45
CA MET C 872 32.93 27.47 -26.58
C MET C 872 32.66 26.81 -25.22
N ALA C 873 32.14 25.60 -25.26
CA ALA C 873 31.99 24.79 -24.06
C ALA C 873 33.37 24.45 -23.58
N PRO C 874 33.50 24.10 -22.29
CA PRO C 874 34.79 23.60 -21.84
C PRO C 874 35.18 22.45 -22.75
N GLN C 875 36.44 22.42 -23.18
CA GLN C 875 36.85 21.43 -24.15
C GLN C 875 37.52 20.19 -23.51
N TYR C 876 37.31 20.01 -22.21
CA TYR C 876 38.03 19.00 -21.43
C TYR C 876 37.33 17.66 -21.54
N ARG C 877 38.07 16.59 -21.23
CA ARG C 877 37.55 15.22 -21.31
C ARG C 877 36.69 14.95 -20.09
N SER C 878 35.51 14.39 -20.32
CA SER C 878 34.56 14.14 -19.27
C SER C 878 34.87 12.83 -18.57
N SER C 879 34.64 12.79 -17.28
CA SER C 879 34.94 11.60 -16.49
C SER C 879 33.99 10.45 -16.81
N GLY C 880 32.80 10.79 -17.31
CA GLY C 880 31.81 9.80 -17.76
C GLY C 880 31.34 8.83 -16.67
N ASP C 881 31.30 9.29 -15.42
CA ASP C 881 31.01 8.44 -14.26
C ASP C 881 29.58 8.61 -13.75
N HIS C 882 28.80 9.46 -14.42
CA HIS C 882 27.36 9.63 -14.15
C HIS C 882 27.03 10.09 -12.75
N THR C 883 28.04 10.59 -12.05
CA THR C 883 27.87 11.10 -10.71
C THR C 883 27.00 12.35 -10.69
N PHE C 884 27.08 13.14 -11.75
CA PHE C 884 26.30 14.36 -11.88
C PHE C 884 26.01 14.65 -13.33
N LEU C 885 24.93 15.38 -13.58
CA LEU C 885 24.47 15.66 -14.92
C LEU C 885 25.63 15.91 -15.89
N ASP C 886 26.53 16.80 -15.47
CA ASP C 886 27.69 17.20 -16.29
C ASP C 886 28.46 15.98 -16.80
N SER C 887 28.68 14.99 -15.95
CA SER C 887 29.38 13.75 -16.32
C SER C 887 28.48 12.67 -16.92
N THR C 888 27.17 12.89 -16.93
CA THR C 888 26.23 11.94 -17.50
C THR C 888 26.09 12.10 -19.00
N ILE C 889 26.03 13.34 -19.48
CA ILE C 889 26.00 13.65 -20.92
C ILE C 889 27.34 14.21 -21.44
N ASP C 890 28.33 14.30 -20.55
CA ASP C 890 29.71 14.68 -20.88
C ASP C 890 29.84 16.08 -21.51
N ASN C 891 29.33 17.08 -20.78
CA ASN C 891 29.34 18.49 -21.23
C ASN C 891 30.70 19.17 -21.06
N GLY C 892 31.64 18.51 -20.38
CA GLY C 892 32.98 19.07 -20.27
C GLY C 892 33.31 19.70 -18.93
N TYR C 893 32.30 20.02 -18.14
CA TYR C 893 32.51 20.57 -16.80
C TYR C 893 32.94 19.50 -15.78
N ALA C 894 32.51 18.24 -16.00
CA ALA C 894 32.89 17.16 -15.11
C ALA C 894 34.08 16.47 -15.73
N PHE C 895 35.28 16.67 -15.16
CA PHE C 895 36.54 16.16 -15.73
C PHE C 895 37.54 15.72 -14.66
N THR C 896 38.52 14.93 -15.07
CA THR C 896 39.60 14.50 -14.18
C THR C 896 40.92 15.16 -14.62
N ASP C 897 41.26 14.98 -15.89
CA ASP C 897 42.51 15.49 -16.45
C ASP C 897 42.21 16.77 -17.21
N ARG C 898 42.50 17.90 -16.58
CA ARG C 898 42.06 19.18 -17.11
C ARG C 898 43.02 19.78 -18.10
N TYR C 899 44.12 19.11 -18.37
CA TYR C 899 44.96 19.48 -19.51
C TYR C 899 44.64 18.62 -20.75
N ASP C 900 43.76 17.63 -20.59
CA ASP C 900 43.37 16.73 -21.67
C ASP C 900 42.19 17.32 -22.40
N LEU C 901 42.42 17.79 -23.63
CA LEU C 901 41.37 18.44 -24.39
C LEU C 901 41.15 17.73 -25.73
N GLY C 902 40.98 16.41 -25.65
CA GLY C 902 40.68 15.58 -26.81
C GLY C 902 41.91 15.08 -27.52
N PHE C 903 42.83 14.51 -26.76
CA PHE C 903 44.00 13.90 -27.35
C PHE C 903 43.67 12.44 -27.58
N ASN C 904 44.20 11.89 -28.68
CA ASN C 904 44.01 10.49 -29.03
C ASN C 904 42.53 10.20 -29.33
N THR C 905 41.77 9.97 -28.26
CA THR C 905 40.36 9.73 -28.39
C THR C 905 39.70 11.10 -28.26
N PRO C 906 38.59 11.35 -28.98
CA PRO C 906 37.96 12.67 -28.96
C PRO C 906 37.24 12.97 -27.66
N THR C 907 36.88 14.23 -27.44
CA THR C 907 35.90 14.59 -26.40
C THR C 907 34.56 14.59 -27.09
N LYS C 908 33.50 14.95 -26.36
CA LYS C 908 32.14 15.03 -26.95
C LYS C 908 32.13 15.91 -28.19
N TYR C 909 32.92 16.99 -28.16
CA TYR C 909 32.93 18.01 -29.18
C TYR C 909 33.98 17.74 -30.25
N GLY C 910 35.07 17.08 -29.89
CA GLY C 910 36.11 16.73 -30.85
C GLY C 910 37.48 16.55 -30.23
N THR C 911 38.42 16.13 -31.07
CA THR C 911 39.83 15.97 -30.68
C THR C 911 40.58 17.31 -30.69
N ASP C 912 41.84 17.31 -30.23
CA ASP C 912 42.63 18.55 -30.15
C ASP C 912 42.90 19.18 -31.52
N GLY C 913 43.00 18.34 -32.54
CA GLY C 913 43.19 18.80 -33.92
C GLY C 913 41.96 19.45 -34.52
N ASP C 914 40.79 18.93 -34.14
CA ASP C 914 39.49 19.52 -34.51
C ASP C 914 39.33 20.89 -33.82
N LEU C 915 39.67 20.94 -32.52
CA LEU C 915 39.66 22.18 -31.73
C LEU C 915 40.52 23.27 -32.39
N ARG C 916 41.80 22.99 -32.61
CA ARG C 916 42.71 23.96 -33.27
C ARG C 916 42.21 24.37 -34.67
N ALA C 917 41.58 23.44 -35.38
CA ALA C 917 40.95 23.74 -36.65
C ALA C 917 39.87 24.80 -36.44
N THR C 918 39.01 24.56 -35.44
CA THR C 918 37.87 25.44 -35.11
C THR C 918 38.37 26.80 -34.67
N ILE C 919 39.26 26.81 -33.69
CA ILE C 919 39.78 28.07 -33.17
C ILE C 919 40.41 28.93 -34.27
N GLN C 920 40.98 28.29 -35.29
CA GLN C 920 41.54 29.02 -36.45
C GLN C 920 40.43 29.56 -37.36
N ALA C 921 39.40 28.76 -37.59
CA ALA C 921 38.29 29.20 -38.41
C ALA C 921 37.76 30.50 -37.87
N LEU C 922 37.42 30.47 -36.59
CA LEU C 922 36.79 31.59 -35.92
C LEU C 922 37.69 32.85 -36.04
N HIS C 923 38.98 32.67 -35.78
CA HIS C 923 39.93 33.75 -35.95
C HIS C 923 39.91 34.31 -37.35
N HIS C 924 39.88 33.43 -38.35
CA HIS C 924 39.79 33.88 -39.76
C HIS C 924 38.43 34.45 -40.08
N ALA C 925 37.40 34.03 -39.33
CA ALA C 925 36.05 34.64 -39.42
C ALA C 925 35.89 35.87 -38.52
N ASN C 926 37.03 36.42 -38.08
CA ASN C 926 37.08 37.61 -37.23
C ASN C 926 36.27 37.45 -35.94
N MET C 927 36.70 36.54 -35.11
CA MET C 927 36.02 36.24 -33.86
C MET C 927 37.06 35.82 -32.84
N GLN C 928 36.97 36.38 -31.64
CA GLN C 928 37.75 35.89 -30.51
C GLN C 928 37.04 34.67 -29.91
N VAL C 929 37.79 33.81 -29.25
CA VAL C 929 37.24 32.57 -28.68
C VAL C 929 37.50 32.50 -27.17
N MET C 930 36.49 32.03 -26.43
CA MET C 930 36.53 32.06 -24.97
C MET C 930 36.80 30.68 -24.36
N ALA C 931 37.78 30.65 -23.45
CA ALA C 931 38.20 29.41 -22.84
C ALA C 931 37.47 29.30 -21.54
N ASP C 932 36.63 28.28 -21.41
CA ASP C 932 35.83 28.11 -20.21
C ASP C 932 36.73 27.59 -19.10
N VAL C 933 37.01 28.42 -18.11
CA VAL C 933 37.92 28.04 -17.04
C VAL C 933 37.15 27.46 -15.85
N VAL C 934 37.56 26.28 -15.41
CA VAL C 934 36.91 25.61 -14.30
C VAL C 934 37.89 25.38 -13.19
N ASP C 935 38.07 26.40 -12.35
CA ASP C 935 39.02 26.31 -11.24
C ASP C 935 38.47 25.58 -10.00
N ASN C 936 37.15 25.49 -9.86
CA ASN C 936 36.55 25.08 -8.57
C ASN C 936 36.75 23.61 -8.17
N GLN C 937 36.60 22.66 -9.10
CA GLN C 937 36.58 21.25 -8.74
C GLN C 937 37.20 20.30 -9.74
N VAL C 938 37.30 19.03 -9.33
CA VAL C 938 37.76 17.94 -10.19
C VAL C 938 36.98 16.66 -9.87
N TYR C 939 36.62 15.90 -10.91
CA TYR C 939 35.78 14.67 -10.78
C TYR C 939 36.62 13.41 -10.88
N ASN C 940 36.22 12.39 -10.12
CA ASN C 940 36.67 11.02 -10.36
C ASN C 940 38.19 10.81 -10.33
N LEU C 941 38.74 10.89 -9.13
CA LEU C 941 40.15 10.62 -8.90
C LEU C 941 40.27 9.22 -8.26
N PRO C 942 40.99 8.32 -8.92
CA PRO C 942 41.04 6.92 -8.50
C PRO C 942 41.85 6.62 -7.24
N GLY C 943 42.96 7.31 -7.03
CA GLY C 943 43.79 7.06 -5.86
C GLY C 943 43.13 7.49 -4.57
N LYS C 944 43.34 6.72 -3.50
CA LYS C 944 42.68 7.00 -2.22
C LYS C 944 43.64 7.49 -1.13
N GLU C 945 43.15 8.35 -0.23
CA GLU C 945 43.93 8.85 0.90
C GLU C 945 43.05 8.88 2.15
N VAL C 946 43.65 9.11 3.33
CA VAL C 946 42.90 9.23 4.58
C VAL C 946 43.03 10.63 5.21
N VAL C 947 41.88 11.29 5.41
CA VAL C 947 41.80 12.69 5.86
C VAL C 947 40.70 12.88 6.89
N SER C 948 40.91 13.83 7.80
CA SER C 948 39.96 14.17 8.86
C SER C 948 38.87 15.09 8.34
N ALA C 949 37.63 14.60 8.32
CA ALA C 949 36.56 15.31 7.63
C ALA C 949 35.30 15.50 8.46
N THR C 950 34.54 16.53 8.07
CA THR C 950 33.28 16.89 8.71
C THR C 950 32.21 17.23 7.67
N ARG C 951 30.96 16.95 8.00
CA ARG C 951 29.87 17.31 7.11
C ARG C 951 29.78 18.81 7.01
N ALA C 952 29.66 19.33 5.78
CA ALA C 952 29.37 20.76 5.56
C ALA C 952 28.40 21.02 4.40
N GLY C 953 28.05 22.28 4.19
CA GLY C 953 27.15 22.71 3.12
C GLY C 953 27.82 23.72 2.22
N VAL C 954 27.10 24.17 1.20
CA VAL C 954 27.71 25.00 0.17
C VAL C 954 28.62 26.08 0.77
N TYR C 955 28.13 26.76 1.81
CA TYR C 955 28.78 27.96 2.36
C TYR C 955 30.09 27.62 3.02
N GLY C 956 30.47 26.34 3.01
CA GLY C 956 31.67 25.90 3.69
C GLY C 956 31.50 25.93 5.20
N ASN C 957 30.27 25.63 5.64
CA ASN C 957 29.90 25.66 7.06
C ASN C 957 29.86 24.25 7.67
N ASP C 958 30.29 24.13 8.92
CA ASP C 958 30.23 22.85 9.63
C ASP C 958 28.77 22.54 9.93
N ASP C 959 28.33 21.35 9.55
CA ASP C 959 26.96 20.89 9.84
C ASP C 959 26.97 20.02 11.08
N ALA C 960 25.99 20.23 11.95
CA ALA C 960 25.88 19.39 13.14
C ALA C 960 25.19 18.10 12.75
N THR C 961 25.96 17.03 12.56
CA THR C 961 25.40 15.69 12.36
C THR C 961 26.07 14.68 13.27
N GLY C 962 25.47 13.50 13.34
CA GLY C 962 26.06 12.36 14.03
C GLY C 962 27.40 11.93 13.48
N PHE C 963 27.61 12.11 12.18
CA PHE C 963 28.92 11.84 11.58
C PHE C 963 30.07 12.47 12.38
N GLY C 964 29.90 13.73 12.78
CA GLY C 964 30.87 14.39 13.65
C GLY C 964 32.16 14.68 12.91
N THR C 965 33.30 14.43 13.54
CA THR C 965 34.56 14.52 12.83
C THR C 965 35.29 13.20 12.91
N GLN C 966 35.42 12.60 11.74
CA GLN C 966 36.03 11.30 11.58
C GLN C 966 37.09 11.41 10.51
N LEU C 967 37.99 10.44 10.47
CA LEU C 967 38.87 10.26 9.33
C LEU C 967 38.12 9.48 8.24
N TYR C 968 38.32 9.88 7.00
CA TYR C 968 37.53 9.38 5.88
C TYR C 968 38.44 9.06 4.72
N VAL C 969 38.14 7.96 4.02
CA VAL C 969 38.92 7.54 2.85
C VAL C 969 38.41 8.27 1.60
N THR C 970 39.00 9.43 1.26
CA THR C 970 38.49 10.28 0.15
C THR C 970 39.16 9.98 -1.17
N ASN C 971 38.39 10.04 -2.26
CA ASN C 971 38.87 9.70 -3.60
C ASN C 971 39.56 10.89 -4.23
N SER C 972 40.80 11.14 -3.79
CA SER C 972 41.50 12.42 -3.94
C SER C 972 42.73 12.41 -4.83
N VAL C 973 43.52 11.33 -4.80
CA VAL C 973 44.76 11.30 -5.59
C VAL C 973 44.48 10.89 -7.02
N GLY C 974 44.94 11.71 -7.96
CA GLY C 974 44.70 11.42 -9.35
C GLY C 974 45.00 12.62 -10.22
N GLY C 975 45.04 12.39 -11.52
CA GLY C 975 45.34 13.45 -12.47
C GLY C 975 45.05 12.92 -13.85
N GLY C 976 46.09 12.43 -14.50
CA GLY C 976 45.98 12.00 -15.88
C GLY C 976 47.29 12.12 -16.59
N GLN C 977 47.33 11.67 -17.83
CA GLN C 977 48.58 11.65 -18.56
C GLN C 977 49.08 13.07 -18.83
N TYR C 978 48.15 13.96 -19.19
CA TYR C 978 48.52 15.28 -19.67
C TYR C 978 48.65 16.30 -18.56
N GLN C 979 48.18 15.97 -17.36
CA GLN C 979 48.48 16.79 -16.18
C GLN C 979 49.86 16.41 -15.62
N GLU C 980 50.30 15.17 -15.82
CA GLU C 980 51.68 14.81 -15.54
C GLU C 980 52.60 15.63 -16.43
N LYS C 981 52.22 15.76 -17.69
CA LYS C 981 53.08 16.33 -18.70
C LYS C 981 53.18 17.84 -18.53
N TYR C 982 52.03 18.51 -18.59
CA TYR C 982 51.95 19.98 -18.71
C TYR C 982 51.91 20.77 -17.40
N ALA C 983 51.64 20.09 -16.28
CA ALA C 983 51.42 20.76 -15.00
C ALA C 983 52.69 21.35 -14.41
N GLY C 984 52.61 22.63 -14.05
CA GLY C 984 53.71 23.34 -13.44
C GLY C 984 54.95 23.28 -14.28
N GLN C 985 54.79 23.52 -15.58
CA GLN C 985 55.90 23.47 -16.52
C GLN C 985 56.27 24.87 -17.02
N TYR C 986 55.24 25.68 -17.25
CA TYR C 986 55.43 27.04 -17.72
C TYR C 986 55.50 28.04 -16.57
N LEU C 987 55.64 27.55 -15.33
CA LEU C 987 55.72 28.43 -14.16
C LEU C 987 57.05 29.20 -14.07
N GLU C 988 58.19 28.54 -14.29
CA GLU C 988 59.48 29.25 -14.23
C GLU C 988 59.51 30.31 -15.32
N ALA C 989 58.97 29.96 -16.49
CA ALA C 989 58.91 30.87 -17.63
C ALA C 989 58.00 32.10 -17.40
N LEU C 990 56.94 31.91 -16.61
CA LEU C 990 56.07 33.03 -16.26
C LEU C 990 56.71 33.91 -15.20
N LYS C 991 57.17 33.32 -14.10
CA LYS C 991 57.82 34.10 -13.04
C LYS C 991 58.87 35.05 -13.61
N ALA C 992 59.72 34.52 -14.49
CA ALA C 992 60.76 35.31 -15.11
C ALA C 992 60.16 36.48 -15.89
N LYS C 993 59.16 36.19 -16.73
CA LYS C 993 58.59 37.21 -17.60
C LYS C 993 57.72 38.16 -16.78
N TYR C 994 56.83 37.62 -15.95
CA TYR C 994 55.84 38.42 -15.22
C TYR C 994 55.94 38.17 -13.72
N PRO C 995 57.04 38.66 -13.10
CA PRO C 995 57.35 38.33 -11.69
C PRO C 995 56.35 38.87 -10.67
N ASP C 996 55.64 39.93 -11.05
CA ASP C 996 54.63 40.52 -10.18
C ASP C 996 53.51 39.52 -9.87
N LEU C 997 53.17 38.67 -10.85
CA LEU C 997 52.09 37.68 -10.69
C LEU C 997 52.36 36.70 -9.55
N PHE C 998 53.62 36.38 -9.29
CA PHE C 998 53.97 35.39 -8.26
C PHE C 998 54.08 35.99 -6.85
N GLU C 999 54.49 37.26 -6.77
CA GLU C 999 54.53 38.00 -5.51
C GLU C 999 53.15 38.17 -4.88
N GLY C 1000 53.09 38.23 -3.54
CA GLY C 1000 51.89 38.71 -2.82
C GLY C 1000 51.51 40.14 -3.18
N LYS C 1001 50.28 40.53 -2.84
CA LYS C 1001 49.68 41.81 -3.27
C LYS C 1001 48.43 42.16 -2.44
N ALA C 1002 48.28 43.42 -2.04
CA ALA C 1002 47.04 43.87 -1.40
C ALA C 1002 46.09 44.38 -2.49
N TYR C 1003 44.79 44.20 -2.27
CA TYR C 1003 43.76 44.64 -3.24
C TYR C 1003 42.41 44.95 -2.59
N ASP C 1004 41.54 45.60 -3.36
CA ASP C 1004 40.19 45.93 -2.91
C ASP C 1004 39.16 45.18 -3.73
N TYR C 1005 37.98 44.97 -3.14
CA TYR C 1005 36.89 44.27 -3.82
C TYR C 1005 35.57 44.50 -3.06
N TRP C 1006 34.44 44.38 -3.75
CA TRP C 1006 33.12 44.63 -3.12
C TRP C 1006 32.56 43.45 -2.37
N TYR C 1007 31.69 43.74 -1.39
CA TYR C 1007 31.13 42.70 -0.50
C TYR C 1007 29.63 42.84 -0.22
N LYS C 1008 28.83 41.95 -0.82
CA LYS C 1008 27.38 42.03 -0.76
C LYS C 1008 26.84 41.64 0.61
N ASN C 1009 26.43 42.64 1.39
CA ASN C 1009 25.88 42.43 2.72
C ASN C 1009 24.38 42.22 2.70
N TYR C 1010 23.94 41.08 3.19
CA TYR C 1010 22.52 40.84 3.35
C TYR C 1010 22.02 41.50 4.65
N ALA C 1011 21.01 42.34 4.53
CA ALA C 1011 20.39 43.02 5.68
C ALA C 1011 19.41 42.10 6.42
N ASN C 1012 19.60 41.97 7.74
CA ASN C 1012 18.73 41.14 8.59
C ASN C 1012 17.35 41.79 8.83
N ASP C 1013 17.25 43.10 8.52
CA ASP C 1013 16.00 43.84 8.57
C ASP C 1013 15.06 43.53 7.40
N GLY C 1014 15.43 42.56 6.56
CA GLY C 1014 14.65 42.23 5.37
C GLY C 1014 14.50 43.36 4.38
N SER C 1015 15.49 44.26 4.30
CA SER C 1015 15.52 45.31 3.28
C SER C 1015 16.52 44.92 2.17
N ASN C 1016 16.81 45.84 1.24
CA ASN C 1016 17.71 45.53 0.13
C ASN C 1016 19.13 45.21 0.60
N PRO C 1017 19.94 44.50 -0.21
CA PRO C 1017 21.36 44.30 0.14
C PRO C 1017 22.27 45.43 -0.33
N TYR C 1018 23.41 45.60 0.37
CA TYR C 1018 24.32 46.71 0.11
C TYR C 1018 25.79 46.28 0.08
N TYR C 1019 26.55 46.90 -0.81
CA TYR C 1019 27.93 46.54 -1.03
C TYR C 1019 28.88 47.39 -0.21
N THR C 1020 29.87 46.74 0.43
CA THR C 1020 30.95 47.45 1.12
C THR C 1020 32.29 46.99 0.54
N LEU C 1021 33.16 47.96 0.25
CA LEU C 1021 34.51 47.68 -0.27
C LEU C 1021 35.34 46.93 0.79
N SER C 1022 35.69 45.67 0.48
CA SER C 1022 36.52 44.86 1.36
C SER C 1022 37.96 44.76 0.84
N HIS C 1023 38.91 44.58 1.76
CA HIS C 1023 40.35 44.54 1.43
C HIS C 1023 40.88 43.14 1.55
N GLY C 1024 41.62 42.70 0.53
CA GLY C 1024 42.12 41.33 0.47
C GLY C 1024 43.60 41.29 0.22
N ASP C 1025 44.29 40.33 0.86
CA ASP C 1025 45.75 40.18 0.75
C ASP C 1025 46.11 38.79 0.25
N ARG C 1026 46.66 38.71 -0.96
CA ARG C 1026 47.02 37.43 -1.55
C ARG C 1026 48.47 37.13 -1.19
N GLU C 1027 48.76 35.86 -0.89
CA GLU C 1027 50.13 35.44 -0.60
C GLU C 1027 51.00 35.25 -1.82
N SER C 1028 52.30 35.22 -1.59
CA SER C 1028 53.26 34.91 -2.64
C SER C 1028 53.11 33.44 -3.01
N ILE C 1029 53.55 33.09 -4.21
CA ILE C 1029 53.36 31.75 -4.75
C ILE C 1029 54.61 31.24 -5.50
N PRO C 1030 55.01 29.97 -5.24
CA PRO C 1030 56.25 29.42 -5.78
C PRO C 1030 56.09 28.84 -7.19
N ALA C 1031 57.20 28.76 -7.92
CA ALA C 1031 57.19 28.24 -9.29
C ALA C 1031 57.73 26.82 -9.39
N ASP C 1032 58.59 26.44 -8.45
CA ASP C 1032 59.22 25.11 -8.46
C ASP C 1032 58.24 23.95 -8.21
N VAL C 1033 57.33 24.13 -7.25
CA VAL C 1033 56.34 23.10 -6.85
C VAL C 1033 55.21 22.98 -7.87
N ALA C 1034 55.06 21.78 -8.43
CA ALA C 1034 54.21 21.57 -9.61
C ALA C 1034 53.27 20.41 -9.40
N ILE C 1035 51.97 20.68 -9.38
CA ILE C 1035 50.95 19.64 -9.19
C ILE C 1035 50.85 18.76 -10.45
N LYS C 1036 51.61 17.67 -10.45
CA LYS C 1036 51.56 16.67 -11.53
C LYS C 1036 50.28 15.86 -11.38
N GLN C 1037 49.94 15.51 -10.14
CA GLN C 1037 48.66 14.91 -9.86
C GLN C 1037 48.13 15.42 -8.53
N TRP C 1038 46.81 15.51 -8.43
CA TRP C 1038 46.12 16.05 -7.25
C TRP C 1038 46.23 15.17 -6.03
N SER C 1039 45.86 15.75 -4.89
CA SER C 1039 45.93 15.05 -3.62
C SER C 1039 45.14 15.79 -2.55
N ALA C 1040 44.79 15.08 -1.48
CA ALA C 1040 43.92 15.61 -0.43
C ALA C 1040 44.37 16.97 0.07
N LYS C 1041 45.69 17.15 0.18
CA LYS C 1041 46.21 18.38 0.72
C LYS C 1041 45.76 19.59 -0.10
N TYR C 1042 45.66 19.44 -1.42
CA TYR C 1042 45.31 20.57 -2.30
C TYR C 1042 43.78 20.79 -2.48
N MET C 1043 42.96 19.99 -1.81
CA MET C 1043 41.50 20.15 -1.87
C MET C 1043 40.95 20.61 -0.52
N ASN C 1044 39.84 21.35 -0.58
CA ASN C 1044 39.07 21.73 0.61
C ASN C 1044 38.29 20.53 1.15
N GLY C 1045 37.76 19.71 0.24
CA GLY C 1045 36.92 18.58 0.63
C GLY C 1045 36.26 17.94 -0.58
N THR C 1046 35.29 17.08 -0.32
CA THR C 1046 34.62 16.30 -1.36
C THR C 1046 33.14 16.08 -1.06
N ASN C 1047 32.36 15.81 -2.11
CA ASN C 1047 31.00 15.33 -1.93
C ASN C 1047 31.00 14.03 -1.10
N VAL C 1048 29.95 13.83 -0.31
CA VAL C 1048 29.81 12.61 0.48
C VAL C 1048 29.88 11.35 -0.40
N LEU C 1049 30.87 10.49 -0.14
CA LEU C 1049 31.10 9.26 -0.93
C LEU C 1049 30.33 8.02 -0.43
N GLY C 1050 29.68 8.12 0.72
CA GLY C 1050 28.88 7.02 1.25
C GLY C 1050 29.68 5.86 1.82
N ASN C 1051 30.93 6.12 2.19
CA ASN C 1051 31.85 5.08 2.69
C ASN C 1051 31.49 4.67 4.09
N GLY C 1052 31.05 5.64 4.88
CA GLY C 1052 30.49 5.40 6.20
C GLY C 1052 31.25 6.14 7.26
N MET C 1053 30.62 6.35 8.41
CA MET C 1053 31.20 7.03 9.56
C MET C 1053 32.50 6.37 10.04
N GLY C 1054 32.43 5.11 10.43
CA GLY C 1054 33.59 4.40 10.97
C GLY C 1054 34.29 3.50 9.99
N TYR C 1055 34.41 3.93 8.73
CA TYR C 1055 35.07 3.12 7.70
C TYR C 1055 36.56 3.01 8.01
N VAL C 1056 37.18 4.14 8.33
CA VAL C 1056 38.53 4.09 8.89
C VAL C 1056 38.35 3.50 10.28
N LEU C 1057 38.96 2.34 10.49
CA LEU C 1057 38.74 1.57 11.70
C LEU C 1057 39.41 2.20 12.92
N LYS C 1058 38.68 2.22 14.04
CA LYS C 1058 39.18 2.80 15.27
C LYS C 1058 38.42 2.21 16.46
N ASP C 1059 39.13 2.05 17.58
CA ASP C 1059 38.57 1.54 18.82
C ASP C 1059 37.57 2.57 19.35
N TRP C 1060 36.29 2.27 19.25
CA TRP C 1060 35.25 3.24 19.59
C TRP C 1060 35.02 3.39 21.07
N HIS C 1061 35.80 2.71 21.91
CA HIS C 1061 35.65 2.86 23.36
C HIS C 1061 36.34 4.11 23.82
N ASN C 1062 37.45 4.44 23.18
CA ASN C 1062 38.23 5.62 23.51
C ASN C 1062 38.58 6.49 22.29
N GLY C 1063 38.15 6.05 21.10
CA GLY C 1063 38.32 6.82 19.88
C GLY C 1063 39.74 6.89 19.34
N GLN C 1064 40.49 5.80 19.46
CA GLN C 1064 41.87 5.77 18.99
C GLN C 1064 41.95 5.03 17.65
N TYR C 1065 42.48 5.70 16.65
CA TYR C 1065 42.58 5.12 15.31
C TYR C 1065 43.69 4.10 15.23
N PHE C 1066 43.52 3.08 14.40
CA PHE C 1066 44.53 2.06 14.19
C PHE C 1066 45.44 2.54 13.08
N LYS C 1067 46.75 2.51 13.34
CA LYS C 1067 47.75 3.03 12.42
C LYS C 1067 48.93 2.08 12.38
N LEU C 1068 49.51 1.90 11.18
CA LEU C 1068 50.66 1.02 10.99
C LEU C 1068 51.99 1.76 10.96
N ASP C 1069 52.57 2.04 12.13
CA ASP C 1069 53.90 2.67 12.27
C ASP C 1069 54.92 1.68 12.86
N GLY C 1070 56.14 2.16 13.17
CA GLY C 1070 57.11 1.42 14.00
C GLY C 1070 56.55 1.15 15.38
N ASP C 1071 55.89 2.17 15.94
CA ASP C 1071 55.07 2.03 17.17
C ASP C 1071 53.57 2.13 16.81
N LYS C 1072 53.08 1.10 16.13
CA LYS C 1072 51.73 1.10 15.57
C LYS C 1072 50.67 0.88 16.63
N SER C 1073 49.41 0.89 16.19
CA SER C 1073 48.27 0.53 17.03
C SER C 1073 47.33 -0.34 16.17
N THR C 1074 46.98 -1.54 16.64
CA THR C 1074 46.06 -2.43 15.89
C THR C 1074 45.07 -3.24 16.77
N LEU C 1075 44.15 -3.95 16.12
CA LEU C 1075 43.15 -4.74 16.79
C LEU C 1075 43.72 -6.09 17.20
N LEU D 22 15.81 -113.12 -51.81
CA LEU D 22 16.48 -114.20 -52.61
C LEU D 22 17.97 -114.12 -52.38
N ALA D 23 18.44 -114.76 -51.31
CA ALA D 23 19.85 -114.68 -50.88
C ALA D 23 20.17 -113.33 -50.20
N LYS D 24 19.77 -113.19 -48.94
CA LYS D 24 20.12 -112.03 -48.09
C LYS D 24 21.11 -112.43 -46.98
N GLY D 25 21.77 -111.44 -46.37
CA GLY D 25 22.70 -111.67 -45.25
C GLY D 25 24.14 -112.00 -45.65
N LEU D 26 24.95 -112.48 -44.70
CA LEU D 26 26.35 -112.87 -44.96
C LEU D 26 26.45 -114.33 -45.42
N ARG D 27 26.32 -114.55 -46.72
CA ARG D 27 26.37 -115.89 -47.31
C ARG D 27 27.72 -116.04 -48.01
N GLN D 28 28.44 -117.15 -47.79
CA GLN D 28 29.72 -117.39 -48.53
C GLN D 28 29.51 -118.21 -49.81
N ASP D 29 30.03 -117.68 -50.92
CA ASP D 29 29.68 -118.18 -52.27
C ASP D 29 30.25 -119.56 -52.58
N SER D 30 29.69 -120.15 -53.64
CA SER D 30 30.04 -121.49 -54.15
C SER D 30 31.52 -121.87 -53.86
N ASN D 31 32.45 -121.00 -54.28
CA ASN D 31 33.89 -121.25 -54.15
C ASN D 31 34.39 -121.34 -52.68
N GLY D 32 33.65 -120.74 -51.74
CA GLY D 32 34.02 -120.72 -50.32
C GLY D 32 34.36 -119.32 -49.80
N LYS D 33 34.76 -118.43 -50.71
CA LYS D 33 35.14 -117.05 -50.40
C LYS D 33 34.00 -116.29 -49.74
N LEU D 34 34.33 -115.37 -48.83
CA LEU D 34 33.33 -114.62 -48.04
C LEU D 34 32.69 -113.41 -48.80
N ARG D 35 31.43 -113.59 -49.20
CA ARG D 35 30.61 -112.55 -49.84
C ARG D 35 29.45 -112.13 -48.91
N TYR D 36 28.72 -111.09 -49.31
CA TYR D 36 27.65 -110.49 -48.47
C TYR D 36 26.53 -109.86 -49.32
N PHE D 37 25.36 -109.75 -48.69
CA PHE D 37 24.17 -109.14 -49.27
C PHE D 37 23.35 -108.46 -48.17
N ASP D 38 22.77 -107.30 -48.48
CA ASP D 38 21.97 -106.56 -47.51
C ASP D 38 20.83 -107.45 -47.00
N LEU D 39 20.43 -107.26 -45.75
CA LEU D 39 19.39 -108.07 -45.13
C LEU D 39 17.99 -107.55 -45.45
N THR D 40 17.84 -106.22 -45.56
CA THR D 40 16.57 -105.60 -45.92
C THR D 40 16.41 -105.56 -47.44
N THR D 41 17.24 -104.79 -48.13
CA THR D 41 17.11 -104.60 -49.60
C THR D 41 17.63 -105.77 -50.42
N GLY D 42 18.40 -106.66 -49.80
CA GLY D 42 18.98 -107.78 -50.51
C GLY D 42 19.86 -107.37 -51.68
N ILE D 43 20.66 -106.31 -51.50
CA ILE D 43 21.63 -105.94 -52.51
C ILE D 43 22.97 -106.54 -52.13
N GLN D 44 23.71 -106.97 -53.14
CA GLN D 44 25.07 -107.47 -52.95
C GLN D 44 25.98 -106.31 -52.54
N ALA D 45 26.93 -106.58 -51.63
CA ALA D 45 27.94 -105.60 -51.24
C ALA D 45 29.13 -105.68 -52.21
N LYS D 46 29.14 -104.75 -53.17
CA LYS D 46 30.20 -104.64 -54.17
C LYS D 46 30.79 -103.21 -54.15
N GLY D 47 32.05 -103.10 -53.74
CA GLY D 47 32.80 -101.84 -53.82
C GLY D 47 32.48 -100.88 -52.71
N GLN D 48 32.37 -101.37 -51.48
CA GLN D 48 32.16 -100.51 -50.31
C GLN D 48 32.33 -101.31 -49.04
N PHE D 49 32.15 -100.66 -47.91
CA PHE D 49 32.34 -101.30 -46.62
C PHE D 49 31.01 -101.75 -46.03
N VAL D 50 31.08 -102.77 -45.18
CA VAL D 50 30.00 -103.12 -44.29
C VAL D 50 30.64 -103.67 -43.03
N THR D 51 29.90 -103.62 -41.93
CA THR D 51 30.33 -104.19 -40.66
C THR D 51 29.46 -105.39 -40.39
N ILE D 52 30.04 -106.46 -39.84
CA ILE D 52 29.26 -107.59 -39.33
C ILE D 52 29.90 -108.11 -38.07
N GLY D 53 29.09 -108.43 -37.06
CA GLY D 53 29.63 -108.88 -35.78
C GLY D 53 30.60 -107.86 -35.22
N GLN D 54 31.86 -108.25 -35.01
CA GLN D 54 32.91 -107.36 -34.47
C GLN D 54 33.75 -106.76 -35.59
N GLU D 55 34.10 -107.61 -36.55
CA GLU D 55 34.98 -107.21 -37.65
C GLU D 55 34.25 -106.35 -38.71
N THR D 56 35.00 -105.45 -39.32
CA THR D 56 34.53 -104.68 -40.46
C THR D 56 35.35 -105.11 -41.64
N TYR D 57 34.68 -105.41 -42.74
CA TYR D 57 35.32 -105.91 -43.93
C TYR D 57 35.19 -104.88 -45.03
N TYR D 58 36.07 -104.95 -46.02
CA TYR D 58 35.87 -104.28 -47.31
C TYR D 58 35.47 -105.31 -48.39
N PHE D 59 34.55 -104.91 -49.28
CA PHE D 59 34.08 -105.76 -50.40
C PHE D 59 34.39 -105.15 -51.78
N SER D 60 35.19 -105.86 -52.58
CA SER D 60 35.71 -105.35 -53.87
C SER D 60 34.65 -105.15 -54.95
N LYS D 61 34.84 -104.14 -55.80
CA LYS D 61 33.87 -103.88 -56.88
C LYS D 61 33.92 -104.97 -57.96
N ASP D 62 35.00 -105.77 -57.97
CA ASP D 62 35.21 -106.85 -58.95
C ASP D 62 34.14 -107.96 -58.85
N HIS D 63 34.46 -109.03 -58.12
CA HIS D 63 33.49 -110.09 -57.82
C HIS D 63 32.63 -109.65 -56.64
N GLY D 64 33.28 -109.31 -55.54
CA GLY D 64 32.61 -108.93 -54.29
C GLY D 64 33.21 -109.63 -53.08
N ASP D 65 34.52 -109.83 -53.09
CA ASP D 65 35.18 -110.67 -52.09
C ASP D 65 35.57 -109.85 -50.86
N ALA D 66 35.40 -110.43 -49.67
CA ALA D 66 35.66 -109.72 -48.42
C ALA D 66 37.15 -109.42 -48.16
N GLN D 67 37.41 -108.75 -47.04
CA GLN D 67 38.77 -108.48 -46.57
C GLN D 67 38.67 -107.74 -45.22
N LEU D 68 38.98 -108.46 -44.13
CA LEU D 68 38.85 -107.92 -42.77
C LEU D 68 39.83 -106.76 -42.53
N LEU D 69 39.31 -105.65 -42.03
CA LEU D 69 40.17 -104.55 -41.63
C LEU D 69 40.48 -104.68 -40.13
N PRO D 70 41.70 -105.10 -39.79
CA PRO D 70 41.99 -105.31 -38.38
C PRO D 70 41.94 -103.98 -37.61
N MET D 71 41.46 -104.01 -36.37
CA MET D 71 41.39 -102.81 -35.52
C MET D 71 42.77 -102.48 -34.95
N VAL D 72 43.02 -101.20 -34.70
CA VAL D 72 44.27 -100.77 -34.12
C VAL D 72 44.07 -100.58 -32.60
N THR D 73 44.39 -101.62 -31.84
CA THR D 73 44.31 -101.58 -30.39
C THR D 73 45.40 -100.67 -29.83
N GLU D 74 44.98 -99.56 -29.22
CA GLU D 74 45.94 -98.59 -28.67
C GLU D 74 46.46 -97.64 -29.74
N GLY D 75 46.92 -96.46 -29.32
CA GLY D 75 47.46 -95.45 -30.25
C GLY D 75 47.75 -94.12 -29.59
N HIS D 76 48.31 -93.18 -30.37
CA HIS D 76 48.77 -91.90 -29.81
C HIS D 76 47.78 -90.82 -30.07
N TYR D 77 47.62 -90.42 -31.32
CA TYR D 77 46.91 -89.19 -31.66
C TYR D 77 47.65 -87.95 -31.17
N GLY D 78 48.43 -87.36 -32.07
CA GLY D 78 49.18 -86.14 -31.77
C GLY D 78 49.24 -85.21 -32.99
N THR D 79 50.09 -84.19 -32.89
CA THR D 79 50.29 -83.20 -33.95
C THR D 79 51.78 -83.04 -34.17
N ILE D 80 52.17 -82.82 -35.41
CA ILE D 80 53.56 -82.50 -35.75
C ILE D 80 53.58 -81.41 -36.83
N THR D 81 54.77 -81.01 -37.25
CA THR D 81 54.95 -80.09 -38.37
C THR D 81 55.60 -80.80 -39.55
N LYS D 89 53.16 -75.51 -41.05
CA LYS D 89 51.85 -75.70 -40.44
C LYS D 89 51.85 -76.89 -39.47
N THR D 90 50.97 -76.82 -38.45
CA THR D 90 50.73 -77.92 -37.50
C THR D 90 49.58 -78.75 -38.04
N ALA D 91 49.62 -80.07 -37.86
CA ALA D 91 48.58 -80.97 -38.37
C ALA D 91 48.51 -82.30 -37.62
N TRP D 92 47.36 -82.97 -37.71
CA TRP D 92 47.10 -84.17 -36.93
C TRP D 92 47.51 -85.44 -37.60
N VAL D 93 48.07 -86.34 -36.80
CA VAL D 93 48.54 -87.63 -37.27
C VAL D 93 48.09 -88.60 -36.19
N TYR D 94 48.16 -89.91 -36.46
CA TYR D 94 47.74 -90.91 -35.48
C TYR D 94 48.89 -91.54 -34.72
N ARG D 95 49.84 -92.11 -35.45
CA ARG D 95 50.95 -92.89 -34.85
C ARG D 95 50.59 -93.86 -33.71
N ASP D 96 51.20 -95.05 -33.73
CA ASP D 96 50.93 -96.06 -32.73
C ASP D 96 51.81 -97.30 -32.87
N GLN D 97 51.76 -98.15 -31.85
CA GLN D 97 52.59 -99.34 -31.78
C GLN D 97 53.94 -98.97 -31.20
N ASN D 98 54.81 -98.47 -32.07
CA ASN D 98 56.12 -97.94 -31.68
C ASN D 98 56.22 -96.46 -32.12
N ASN D 99 55.22 -95.65 -31.73
CA ASN D 99 55.02 -94.24 -32.19
C ASN D 99 55.27 -94.02 -33.69
N THR D 100 54.83 -94.98 -34.49
CA THR D 100 55.10 -95.09 -35.93
C THR D 100 53.96 -94.55 -36.78
N ILE D 101 54.09 -93.30 -37.24
CA ILE D 101 52.99 -92.64 -37.96
C ILE D 101 52.35 -93.49 -39.05
N LEU D 102 51.06 -93.78 -38.88
CA LEU D 102 50.29 -94.57 -39.83
C LEU D 102 49.80 -93.69 -40.96
N LYS D 103 49.90 -94.20 -42.16
CA LYS D 103 49.46 -93.48 -43.34
C LYS D 103 48.53 -94.36 -44.18
N GLY D 104 47.65 -93.73 -44.96
CA GLY D 104 46.66 -94.46 -45.75
C GLY D 104 45.42 -94.76 -44.95
N LEU D 105 44.57 -95.64 -45.47
CA LEU D 105 43.31 -95.99 -44.79
C LEU D 105 43.60 -96.80 -43.54
N GLN D 106 42.74 -96.65 -42.54
CA GLN D 106 42.98 -97.25 -41.22
C GLN D 106 41.66 -97.47 -40.49
N ASN D 107 41.65 -98.46 -39.58
CA ASN D 107 40.50 -98.75 -38.73
C ASN D 107 40.85 -98.48 -37.28
N ILE D 108 40.61 -97.26 -36.84
CA ILE D 108 41.02 -96.84 -35.50
C ILE D 108 39.89 -96.95 -34.50
N ASN D 109 39.96 -97.99 -33.68
CA ASN D 109 38.90 -98.28 -32.72
C ASN D 109 37.55 -98.19 -33.39
N GLY D 110 37.33 -99.08 -34.35
CA GLY D 110 36.01 -99.24 -34.97
C GLY D 110 35.53 -98.12 -35.89
N THR D 111 36.29 -97.04 -35.98
CA THR D 111 35.96 -95.97 -36.90
C THR D 111 36.98 -95.98 -38.05
N LEU D 112 36.49 -95.95 -39.29
CA LEU D 112 37.34 -95.86 -40.47
C LEU D 112 37.82 -94.44 -40.65
N GLN D 113 39.14 -94.22 -40.61
CA GLN D 113 39.74 -92.89 -40.88
C GLN D 113 40.86 -93.00 -41.91
N PHE D 114 41.04 -91.93 -42.70
CA PHE D 114 42.05 -91.88 -43.75
C PHE D 114 43.13 -90.84 -43.48
N PHE D 115 44.37 -91.26 -43.65
CA PHE D 115 45.52 -90.40 -43.45
C PHE D 115 46.25 -90.27 -44.79
N ASP D 116 46.88 -89.12 -45.02
CA ASP D 116 47.51 -88.81 -46.31
C ASP D 116 48.75 -89.66 -46.45
N PRO D 117 48.91 -90.35 -47.60
CA PRO D 117 49.98 -91.34 -47.76
C PRO D 117 51.38 -90.73 -47.72
N TYR D 118 51.50 -89.47 -48.09
CA TYR D 118 52.78 -88.81 -48.01
C TYR D 118 53.01 -88.33 -46.58
N THR D 119 52.07 -87.55 -46.06
CA THR D 119 52.27 -86.74 -44.86
C THR D 119 51.71 -87.36 -43.57
N GLY D 120 50.56 -88.01 -43.67
CA GLY D 120 49.93 -88.69 -42.53
C GLY D 120 48.88 -87.86 -41.81
N GLU D 121 48.29 -86.92 -42.54
CA GLU D 121 47.41 -85.91 -41.97
C GLU D 121 45.97 -86.40 -41.95
N GLN D 122 45.31 -86.25 -40.81
CA GLN D 122 43.90 -86.65 -40.67
C GLN D 122 43.05 -85.98 -41.76
N LEU D 123 42.55 -86.74 -42.74
CA LEU D 123 41.71 -86.16 -43.79
C LEU D 123 40.32 -85.84 -43.24
N LYS D 124 40.09 -84.55 -42.96
CA LYS D 124 38.80 -84.06 -42.50
C LYS D 124 38.14 -83.27 -43.62
N GLY D 125 37.24 -83.89 -44.36
CA GLY D 125 36.48 -83.19 -45.40
C GLY D 125 37.13 -83.23 -46.76
N GLY D 126 37.24 -84.42 -47.34
CA GLY D 126 37.88 -84.61 -48.65
C GLY D 126 37.64 -85.98 -49.26
N VAL D 127 38.47 -86.36 -50.23
CA VAL D 127 38.40 -87.69 -50.87
C VAL D 127 39.76 -88.38 -50.88
N ALA D 128 39.71 -89.69 -51.06
CA ALA D 128 40.90 -90.54 -51.19
C ALA D 128 40.55 -91.75 -52.07
N LYS D 129 41.52 -92.27 -52.81
CA LYS D 129 41.29 -93.50 -53.56
C LYS D 129 41.54 -94.73 -52.66
N TYR D 130 40.82 -95.81 -52.96
CA TYR D 130 40.99 -97.11 -52.31
C TYR D 130 40.34 -98.12 -53.23
N ASP D 131 41.11 -99.10 -53.71
CA ASP D 131 40.66 -100.05 -54.73
C ASP D 131 40.20 -99.32 -56.01
N ASP D 132 40.97 -98.31 -56.41
CA ASP D 132 40.62 -97.40 -57.50
C ASP D 132 39.15 -97.00 -57.38
N LYS D 133 38.82 -96.41 -56.24
CA LYS D 133 37.50 -95.86 -55.98
C LYS D 133 37.60 -94.72 -54.96
N LEU D 134 36.75 -93.71 -55.11
CA LEU D 134 36.72 -92.56 -54.19
C LEU D 134 35.80 -92.76 -52.98
N PHE D 135 36.23 -92.24 -51.85
CA PHE D 135 35.44 -92.30 -50.61
C PHE D 135 35.55 -91.00 -49.85
N TYR D 136 34.40 -90.38 -49.57
CA TYR D 136 34.40 -89.10 -48.88
C TYR D 136 34.46 -89.27 -47.37
N PHE D 137 35.37 -88.54 -46.73
CA PHE D 137 35.50 -88.54 -45.28
C PHE D 137 35.06 -87.18 -44.77
N GLU D 138 33.98 -87.16 -44.00
CA GLU D 138 33.33 -85.92 -43.58
C GLU D 138 34.20 -85.02 -42.71
N SER D 139 33.76 -83.77 -42.57
CA SER D 139 34.57 -82.68 -42.03
C SER D 139 34.77 -82.68 -40.49
N GLY D 140 33.85 -83.29 -39.77
CA GLY D 140 33.91 -83.32 -38.31
C GLY D 140 35.00 -84.23 -37.81
N LYS D 141 34.62 -85.42 -37.36
CA LYS D 141 35.57 -86.37 -36.79
C LYS D 141 36.52 -86.97 -37.83
N GLY D 142 36.10 -86.99 -39.10
CA GLY D 142 36.89 -87.58 -40.18
C GLY D 142 36.47 -89.01 -40.49
N ASN D 143 35.16 -89.25 -40.49
CA ASN D 143 34.60 -90.58 -40.70
C ASN D 143 34.34 -90.77 -42.18
N LEU D 144 34.33 -92.01 -42.62
CA LEU D 144 33.95 -92.34 -44.00
C LEU D 144 32.41 -92.36 -44.07
N VAL D 145 31.83 -91.75 -45.11
CA VAL D 145 30.35 -91.65 -45.22
C VAL D 145 29.71 -91.93 -46.58
N SER D 146 30.49 -91.89 -47.65
CA SER D 146 29.93 -92.14 -48.98
C SER D 146 31.00 -92.19 -50.08
N THR D 147 30.52 -92.43 -51.30
CA THR D 147 31.37 -92.52 -52.47
C THR D 147 31.21 -91.27 -53.32
N VAL D 148 32.26 -90.94 -54.08
CA VAL D 148 32.17 -89.87 -55.07
C VAL D 148 32.36 -90.44 -56.49
N ALA D 149 31.77 -89.75 -57.46
CA ALA D 149 31.88 -90.12 -58.86
C ALA D 149 33.31 -89.93 -59.39
N GLY D 150 33.91 -88.77 -59.11
CA GLY D 150 35.29 -88.47 -59.56
C GLY D 150 35.95 -87.18 -59.04
N ASP D 151 37.25 -87.23 -58.77
CA ASP D 151 38.03 -86.06 -58.31
C ASP D 151 38.57 -85.35 -59.53
N TYR D 152 38.07 -84.14 -59.77
CA TYR D 152 38.42 -83.39 -60.98
C TYR D 152 39.10 -82.07 -60.63
N GLN D 153 40.31 -81.86 -61.14
CA GLN D 153 40.97 -80.55 -61.13
C GLN D 153 41.45 -80.16 -62.54
N ASP D 154 40.85 -80.80 -63.57
CA ASP D 154 41.36 -80.75 -64.96
C ASP D 154 40.47 -79.91 -65.89
N GLY D 155 39.17 -80.18 -65.88
CA GLY D 155 38.23 -79.47 -66.75
C GLY D 155 37.96 -78.04 -66.26
N HIS D 156 36.77 -77.52 -66.57
CA HIS D 156 36.44 -76.11 -66.33
C HIS D 156 34.96 -75.95 -66.13
N TYR D 157 34.55 -74.78 -65.65
CA TYR D 157 33.13 -74.48 -65.45
C TYR D 157 32.56 -73.83 -66.70
N ILE D 158 31.44 -74.36 -67.19
CA ILE D 158 30.74 -73.79 -68.33
C ILE D 158 29.46 -73.05 -67.88
N SER D 159 29.19 -71.90 -68.49
CA SER D 159 27.98 -71.10 -68.18
C SER D 159 26.93 -71.36 -69.28
N GLN D 160 25.76 -71.87 -68.89
CA GLN D 160 24.70 -72.22 -69.86
C GLN D 160 23.29 -72.20 -69.24
N ASP D 161 22.36 -71.52 -69.93
CA ASP D 161 20.92 -71.39 -69.56
C ASP D 161 20.64 -70.79 -68.16
N GLY D 162 21.56 -69.94 -67.70
CA GLY D 162 21.54 -69.39 -66.35
C GLY D 162 22.47 -70.14 -65.42
N GLN D 163 22.18 -71.42 -65.21
CA GLN D 163 22.91 -72.27 -64.25
C GLN D 163 24.29 -72.70 -64.72
N THR D 164 25.29 -72.48 -63.86
CA THR D 164 26.68 -72.86 -64.14
C THR D 164 26.81 -74.38 -64.13
N ARG D 165 27.70 -74.92 -64.96
CA ARG D 165 27.87 -76.38 -65.15
C ARG D 165 29.32 -76.72 -65.45
N TYR D 166 29.70 -78.00 -65.38
CA TYR D 166 31.12 -78.38 -65.40
C TYR D 166 31.45 -79.44 -66.47
N ALA D 167 32.49 -79.15 -67.27
CA ALA D 167 32.95 -80.01 -68.37
C ALA D 167 34.35 -80.54 -68.09
N ASP D 168 34.80 -81.45 -68.93
CA ASP D 168 36.01 -82.25 -68.66
C ASP D 168 36.96 -82.28 -69.84
N LYS D 169 37.98 -83.14 -69.75
CA LYS D 169 38.78 -83.53 -70.92
C LYS D 169 37.86 -83.84 -72.11
N GLN D 170 36.91 -84.77 -71.93
CA GLN D 170 36.02 -85.22 -72.99
C GLN D 170 34.93 -84.22 -73.43
N ASN D 171 34.89 -83.02 -72.82
CA ASN D 171 33.83 -82.01 -73.04
C ASN D 171 32.38 -82.56 -72.98
N GLN D 172 32.15 -83.48 -72.03
CA GLN D 172 30.82 -83.99 -71.70
C GLN D 172 30.52 -83.60 -70.24
N LEU D 173 29.27 -83.19 -69.98
CA LEU D 173 28.86 -82.71 -68.65
C LEU D 173 28.91 -83.85 -67.63
N VAL D 174 29.55 -83.59 -66.49
CA VAL D 174 29.62 -84.56 -65.39
C VAL D 174 28.37 -84.44 -64.52
N LYS D 175 27.78 -85.60 -64.22
CA LYS D 175 26.56 -85.69 -63.43
C LYS D 175 26.87 -86.26 -62.04
N GLY D 176 25.96 -85.95 -61.12
CA GLY D 176 25.99 -86.52 -59.75
C GLY D 176 26.88 -85.84 -58.72
N LEU D 177 27.28 -86.61 -57.73
CA LEU D 177 28.14 -86.12 -56.68
C LEU D 177 29.61 -86.26 -57.10
N VAL D 178 30.29 -85.12 -57.22
CA VAL D 178 31.71 -85.08 -57.58
C VAL D 178 32.51 -84.03 -56.79
N THR D 179 33.83 -84.12 -56.96
CA THR D 179 34.77 -83.13 -56.46
C THR D 179 35.18 -82.20 -57.62
N VAL D 180 35.42 -80.93 -57.31
CA VAL D 180 35.95 -79.98 -58.29
C VAL D 180 36.96 -79.04 -57.62
N ASN D 181 38.25 -79.40 -57.73
CA ASN D 181 39.34 -78.65 -57.11
C ASN D 181 39.29 -78.75 -55.59
N GLY D 182 39.04 -79.97 -55.10
CA GLY D 182 38.93 -80.19 -53.64
C GLY D 182 37.54 -79.99 -53.06
N ALA D 183 36.81 -79.00 -53.57
CA ALA D 183 35.45 -78.74 -53.09
C ALA D 183 34.45 -79.75 -53.66
N LEU D 184 33.74 -80.44 -52.77
CA LEU D 184 32.64 -81.32 -53.14
C LEU D 184 31.47 -80.48 -53.65
N GLN D 185 30.85 -80.93 -54.73
CA GLN D 185 29.62 -80.30 -55.26
C GLN D 185 28.69 -81.38 -55.81
N TYR D 186 27.50 -81.01 -56.28
CA TYR D 186 26.57 -81.98 -56.92
C TYR D 186 25.92 -81.41 -58.19
N PHE D 187 25.68 -82.29 -59.16
CA PHE D 187 25.14 -81.90 -60.49
C PHE D 187 24.00 -82.82 -61.02
N ASP D 188 22.75 -82.33 -60.95
CA ASP D 188 21.55 -83.13 -61.31
C ASP D 188 21.67 -83.78 -62.69
N ASN D 189 21.21 -85.04 -62.80
CA ASN D 189 21.30 -85.81 -64.06
C ASN D 189 20.59 -85.11 -65.23
N ALA D 190 19.33 -84.74 -65.01
CA ALA D 190 18.50 -84.13 -66.03
C ALA D 190 19.17 -82.88 -66.61
N THR D 191 19.22 -81.82 -65.81
CA THR D 191 19.60 -80.49 -66.29
C THR D 191 21.12 -80.26 -66.30
N GLY D 192 21.87 -81.11 -65.59
CA GLY D 192 23.31 -80.89 -65.39
C GLY D 192 23.64 -79.71 -64.48
N ASN D 193 22.61 -79.17 -63.81
CA ASN D 193 22.71 -77.89 -63.11
C ASN D 193 23.40 -78.09 -61.77
N GLN D 194 24.33 -77.17 -61.45
CA GLN D 194 24.91 -77.10 -60.13
C GLN D 194 23.75 -76.83 -59.17
N ILE D 195 23.66 -77.63 -58.12
CA ILE D 195 22.73 -77.36 -57.01
C ILE D 195 23.41 -76.33 -56.09
N LYS D 196 22.59 -75.41 -55.58
CA LYS D 196 23.06 -74.34 -54.70
C LYS D 196 22.00 -74.06 -53.64
N ASN D 197 22.42 -73.75 -52.42
CA ASN D 197 21.51 -73.46 -51.31
C ASN D 197 20.33 -74.44 -51.25
N GLN D 198 20.64 -75.73 -51.29
CA GLN D 198 19.65 -76.78 -51.11
C GLN D 198 20.31 -77.96 -50.40
N GLN D 199 19.50 -78.83 -49.81
CA GLN D 199 19.96 -80.11 -49.30
C GLN D 199 19.54 -81.15 -50.34
N VAL D 200 20.22 -82.28 -50.37
CA VAL D 200 19.78 -83.38 -51.22
C VAL D 200 20.27 -84.74 -50.70
N ILE D 201 19.42 -85.77 -50.85
CA ILE D 201 19.84 -87.12 -50.51
C ILE D 201 20.55 -87.73 -51.72
N VAL D 202 21.58 -88.53 -51.42
CA VAL D 202 22.37 -89.22 -52.43
C VAL D 202 22.80 -90.54 -51.81
N ASP D 203 22.30 -91.66 -52.33
CA ASP D 203 22.57 -92.99 -51.77
C ASP D 203 22.38 -93.06 -50.26
N GLY D 204 21.36 -92.36 -49.76
CA GLY D 204 21.02 -92.38 -48.34
C GLY D 204 21.85 -91.47 -47.45
N LYS D 205 22.23 -90.32 -48.00
CA LYS D 205 23.03 -89.34 -47.28
C LYS D 205 22.56 -87.92 -47.59
N THR D 206 22.57 -87.05 -46.57
CA THR D 206 22.15 -85.67 -46.74
C THR D 206 23.34 -84.70 -46.74
N TYR D 207 23.48 -83.91 -47.80
CA TYR D 207 24.48 -82.85 -47.87
C TYR D 207 23.80 -81.50 -48.18
N TYR D 208 24.34 -80.42 -47.62
CA TYR D 208 23.99 -79.06 -48.06
C TYR D 208 25.05 -78.56 -49.05
N PHE D 209 24.64 -77.65 -49.93
CA PHE D 209 25.56 -76.98 -50.87
C PHE D 209 25.23 -75.50 -50.87
N ASP D 210 26.24 -74.66 -50.65
CA ASP D 210 26.04 -73.23 -50.51
C ASP D 210 25.86 -72.51 -51.85
N ASP D 211 25.59 -71.20 -51.74
CA ASP D 211 25.41 -70.31 -52.90
C ASP D 211 26.56 -70.43 -53.91
N LYS D 212 27.78 -70.55 -53.38
CA LYS D 212 28.99 -70.73 -54.19
C LYS D 212 29.01 -72.12 -54.83
N GLY D 213 28.53 -73.13 -54.12
CA GLY D 213 28.42 -74.49 -54.66
C GLY D 213 29.14 -75.56 -53.85
N ASN D 214 30.05 -75.13 -52.99
CA ASN D 214 30.76 -76.03 -52.11
C ASN D 214 29.82 -76.65 -51.06
N GLY D 215 30.01 -77.93 -50.77
CA GLY D 215 29.12 -78.67 -49.87
C GLY D 215 29.80 -79.48 -48.78
N GLU D 216 28.97 -80.03 -47.90
CA GLU D 216 29.42 -80.64 -46.63
C GLU D 216 28.53 -81.82 -46.21
N TYR D 217 29.09 -82.76 -45.48
CA TYR D 217 28.30 -83.87 -44.95
C TYR D 217 27.38 -83.39 -43.83
N LEU D 218 26.24 -84.05 -43.68
CA LEU D 218 25.30 -83.76 -42.58
C LEU D 218 24.96 -85.02 -41.79
N PHE D 219 24.46 -86.04 -42.48
CA PHE D 219 24.14 -87.29 -41.85
C PHE D 219 23.74 -88.37 -42.87
N THR D 220 23.80 -89.61 -42.41
CA THR D 220 23.22 -90.75 -43.12
C THR D 220 21.91 -91.09 -42.41
N ASN D 221 20.76 -90.88 -43.07
CA ASN D 221 19.44 -91.17 -42.47
C ASN D 221 19.20 -92.67 -42.54
N THR D 222 18.11 -93.15 -41.94
CA THR D 222 17.88 -94.62 -41.79
C THR D 222 17.40 -95.34 -43.07
N LEU D 223 16.94 -96.59 -42.96
CA LEU D 223 16.40 -97.32 -44.14
C LEU D 223 14.85 -97.48 -44.12
N ASP D 224 14.33 -98.29 -45.04
CA ASP D 224 12.89 -98.48 -45.26
C ASP D 224 12.26 -99.17 -44.10
N MET D 225 12.68 -100.42 -43.86
CA MET D 225 12.09 -101.26 -42.81
C MET D 225 13.05 -102.31 -42.22
N SER D 226 12.53 -103.02 -41.21
CA SER D 226 13.18 -104.18 -40.59
C SER D 226 12.30 -104.87 -39.52
N SER D 231 8.37 -103.50 -33.08
CA SER D 231 8.12 -102.31 -33.92
C SER D 231 6.64 -101.86 -33.91
N THR D 232 5.74 -102.78 -34.23
CA THR D 232 4.30 -102.51 -34.13
C THR D 232 3.82 -102.35 -32.67
N LYS D 233 4.55 -102.91 -31.70
CA LYS D 233 4.27 -102.68 -30.26
C LYS D 233 4.83 -101.36 -29.71
N ASN D 234 5.83 -100.81 -30.38
CA ASN D 234 6.47 -99.57 -29.96
C ASN D 234 5.66 -98.33 -30.32
N VAL D 235 4.84 -98.43 -31.36
CA VAL D 235 4.02 -97.30 -31.83
C VAL D 235 3.11 -96.75 -30.72
N ALA D 236 2.94 -95.42 -30.74
CA ALA D 236 2.27 -94.68 -29.65
C ALA D 236 0.80 -95.04 -29.50
N PHE D 237 0.26 -94.90 -28.28
CA PHE D 237 -1.12 -95.24 -28.02
C PHE D 237 -2.11 -94.42 -28.84
N ASN D 238 -1.92 -93.10 -28.91
CA ASN D 238 -2.82 -92.26 -29.70
C ASN D 238 -2.25 -90.87 -29.97
N HIS D 239 -2.93 -90.13 -30.86
CA HIS D 239 -2.49 -88.80 -31.25
C HIS D 239 -2.69 -87.78 -30.15
N ASP D 240 -3.41 -88.14 -29.08
CA ASP D 240 -3.82 -87.17 -28.05
C ASP D 240 -2.66 -86.54 -27.30
N SER D 241 -2.82 -85.26 -26.97
CA SER D 241 -1.81 -84.46 -26.26
C SER D 241 -1.21 -85.20 -25.08
N SER D 242 -2.09 -85.58 -24.15
CA SER D 242 -1.68 -86.16 -22.86
C SER D 242 -0.92 -87.47 -23.03
N SER D 243 -0.82 -87.99 -24.25
CA SER D 243 -0.01 -89.17 -24.52
C SER D 243 1.47 -88.85 -24.77
N PHE D 244 1.79 -87.57 -24.99
CA PHE D 244 3.18 -87.12 -25.17
C PHE D 244 3.52 -85.97 -24.24
N ASP D 245 4.79 -85.88 -23.86
CA ASP D 245 5.28 -84.72 -23.09
C ASP D 245 6.56 -84.14 -23.70
N HIS D 246 7.07 -83.07 -23.07
CA HIS D 246 8.19 -82.31 -23.59
C HIS D 246 7.91 -81.98 -25.04
N THR D 247 6.86 -81.20 -25.26
CA THR D 247 6.34 -81.00 -26.61
C THR D 247 5.82 -79.59 -26.84
N VAL D 248 6.58 -78.80 -27.60
CA VAL D 248 6.26 -77.41 -27.85
C VAL D 248 5.24 -77.26 -28.98
N ASP D 249 4.12 -76.56 -28.69
CA ASP D 249 3.09 -76.25 -29.69
C ASP D 249 2.78 -77.43 -30.58
N GLY D 250 2.58 -78.60 -29.98
CA GLY D 250 2.23 -79.80 -30.74
C GLY D 250 3.27 -80.26 -31.75
N PHE D 251 4.55 -80.17 -31.37
CA PHE D 251 5.67 -80.73 -32.17
C PHE D 251 6.53 -81.59 -31.29
N LEU D 252 7.06 -82.65 -31.86
CA LEU D 252 7.85 -83.55 -31.06
C LEU D 252 9.27 -83.08 -31.10
N THR D 253 9.95 -83.25 -29.95
CA THR D 253 11.31 -82.77 -29.77
C THR D 253 12.25 -83.90 -29.36
N ALA D 254 13.56 -83.64 -29.36
CA ALA D 254 14.54 -84.66 -28.97
C ALA D 254 14.30 -85.07 -27.53
N ASP D 255 13.88 -84.10 -26.71
CA ASP D 255 13.62 -84.31 -25.28
C ASP D 255 12.22 -84.89 -25.01
N THR D 256 11.52 -85.38 -26.03
CA THR D 256 10.13 -85.84 -25.86
C THR D 256 10.04 -87.29 -25.38
N TRP D 257 9.12 -87.54 -24.44
CA TRP D 257 8.73 -88.89 -24.03
C TRP D 257 7.32 -89.14 -24.48
N TYR D 258 6.94 -90.43 -24.53
CA TYR D 258 5.64 -90.85 -25.09
C TYR D 258 5.04 -92.08 -24.41
N ARG D 259 3.75 -92.29 -24.63
CA ARG D 259 3.03 -93.47 -24.16
C ARG D 259 2.87 -94.47 -25.30
N PRO D 260 3.52 -95.64 -25.20
CA PRO D 260 3.37 -96.67 -26.24
C PRO D 260 2.08 -97.48 -26.07
N LYS D 261 1.78 -98.32 -27.07
CA LYS D 261 0.66 -99.22 -26.94
C LYS D 261 0.94 -100.29 -25.88
N SER D 262 2.22 -100.68 -25.75
CA SER D 262 2.59 -101.77 -24.86
C SER D 262 3.91 -101.52 -24.19
N ILE D 263 4.07 -102.11 -23.02
CA ILE D 263 5.30 -102.01 -22.22
C ILE D 263 5.76 -103.40 -21.82
N LEU D 264 7.04 -103.64 -21.97
CA LEU D 264 7.60 -104.95 -21.69
C LEU D 264 7.97 -105.10 -20.20
N ALA D 265 6.98 -105.43 -19.38
CA ALA D 265 7.11 -105.50 -17.91
C ALA D 265 8.26 -106.41 -17.51
N ASN D 266 9.20 -105.84 -16.74
CA ASN D 266 10.37 -106.56 -16.22
C ASN D 266 11.30 -107.12 -17.31
N GLY D 267 11.13 -106.64 -18.54
CA GLY D 267 11.90 -107.14 -19.68
C GLY D 267 11.49 -108.50 -20.20
N THR D 268 10.36 -109.02 -19.73
CA THR D 268 9.91 -110.38 -20.08
C THR D 268 8.37 -110.56 -20.25
N THR D 269 7.61 -109.48 -20.43
CA THR D 269 6.14 -109.56 -20.61
C THR D 269 5.47 -108.33 -21.22
N TRP D 270 5.03 -108.43 -22.46
CA TRP D 270 4.38 -107.30 -23.10
C TRP D 270 2.99 -107.14 -22.59
N ARG D 271 2.82 -106.11 -21.76
CA ARG D 271 1.51 -105.77 -21.24
C ARG D 271 0.87 -104.62 -22.02
N ASP D 272 -0.39 -104.34 -21.72
CA ASP D 272 -1.04 -103.11 -22.15
C ASP D 272 -0.58 -101.96 -21.21
N SER D 273 -0.01 -100.91 -21.81
CA SER D 273 0.43 -99.73 -21.08
C SER D 273 -0.72 -99.01 -20.41
N THR D 274 -0.37 -98.08 -19.53
CA THR D 274 -1.36 -97.28 -18.81
C THR D 274 -1.17 -95.80 -19.06
N ASP D 275 -2.07 -95.00 -18.50
CA ASP D 275 -1.86 -93.56 -18.47
C ASP D 275 -0.54 -93.16 -17.74
N LYS D 276 -0.16 -93.87 -16.68
CA LYS D 276 1.02 -93.47 -15.89
C LYS D 276 2.35 -93.90 -16.50
N ASP D 277 2.36 -94.97 -17.31
CA ASP D 277 3.57 -95.42 -18.02
C ASP D 277 3.90 -94.53 -19.21
N MET D 278 5.16 -94.09 -19.28
CA MET D 278 5.71 -93.44 -20.48
C MET D 278 7.21 -93.70 -20.63
N ARG D 279 7.68 -93.66 -21.88
CA ARG D 279 9.08 -93.94 -22.21
C ARG D 279 9.72 -92.82 -23.05
N PRO D 280 11.07 -92.83 -23.16
CA PRO D 280 11.74 -91.86 -24.02
C PRO D 280 11.65 -92.19 -25.50
N LEU D 281 11.40 -91.18 -26.29
CA LEU D 281 11.15 -91.32 -27.71
C LEU D 281 12.42 -91.69 -28.50
N ILE D 282 13.57 -91.26 -27.97
CA ILE D 282 14.85 -91.54 -28.61
C ILE D 282 15.25 -93.00 -28.42
N THR D 283 14.59 -93.71 -27.51
CA THR D 283 14.95 -95.10 -27.19
C THR D 283 14.31 -96.12 -28.11
N VAL D 284 13.28 -95.69 -28.84
CA VAL D 284 12.57 -96.53 -29.82
C VAL D 284 12.74 -96.07 -31.26
N TRP D 285 12.93 -94.75 -31.47
CA TRP D 285 13.03 -94.11 -32.81
C TRP D 285 14.19 -93.14 -32.89
N TRP D 286 14.78 -92.99 -34.07
CA TRP D 286 15.89 -92.05 -34.28
C TRP D 286 15.86 -91.39 -35.61
N PRO D 287 16.18 -90.08 -35.66
CA PRO D 287 16.05 -89.28 -36.90
C PRO D 287 17.00 -89.71 -38.05
N ASN D 288 18.20 -90.14 -37.68
CA ASN D 288 19.18 -90.63 -38.63
C ASN D 288 20.03 -91.77 -38.07
N LYS D 289 20.81 -92.39 -38.94
CA LYS D 289 21.64 -93.54 -38.62
C LYS D 289 22.82 -93.12 -37.74
N ASN D 290 23.15 -91.82 -37.80
CA ASN D 290 24.21 -91.28 -36.97
C ASN D 290 23.81 -91.35 -35.52
N VAL D 291 22.61 -90.85 -35.21
CA VAL D 291 22.13 -90.85 -33.83
C VAL D 291 21.97 -92.28 -33.31
N GLN D 292 21.40 -93.13 -34.16
CA GLN D 292 21.13 -94.53 -33.83
C GLN D 292 22.42 -95.30 -33.61
N VAL D 293 23.40 -95.13 -34.49
CA VAL D 293 24.70 -95.74 -34.26
C VAL D 293 25.21 -95.27 -32.90
N ASN D 294 25.07 -93.98 -32.64
CA ASN D 294 25.62 -93.41 -31.41
C ASN D 294 24.84 -93.78 -30.15
N TYR D 295 23.54 -93.99 -30.30
CA TYR D 295 22.73 -94.51 -29.21
C TYR D 295 23.22 -95.88 -28.77
N LEU D 296 23.47 -96.77 -29.72
CA LEU D 296 23.85 -98.13 -29.39
C LEU D 296 25.19 -98.17 -28.70
N ASN D 297 26.12 -97.33 -29.17
CA ASN D 297 27.45 -97.22 -28.55
C ASN D 297 27.41 -96.54 -27.19
N PHE D 298 26.62 -95.48 -27.10
CA PHE D 298 26.48 -94.79 -25.82
C PHE D 298 25.96 -95.76 -24.77
N MET D 299 24.94 -96.54 -25.13
CA MET D 299 24.38 -97.49 -24.20
C MET D 299 25.37 -98.63 -23.96
N LYS D 300 26.11 -98.99 -25.00
CA LYS D 300 27.10 -100.03 -24.86
C LYS D 300 28.05 -99.66 -23.69
N ALA D 301 28.52 -98.42 -23.67
CA ALA D 301 29.48 -97.96 -22.68
C ALA D 301 28.88 -97.75 -21.29
N ASN D 302 27.58 -97.45 -21.24
CA ASN D 302 26.87 -97.21 -19.97
C ASN D 302 26.42 -98.46 -19.20
N GLY D 303 26.61 -99.63 -19.79
CA GLY D 303 26.38 -100.90 -19.09
C GLY D 303 24.96 -101.40 -19.29
N LEU D 304 24.26 -100.82 -20.27
CA LEU D 304 22.93 -101.30 -20.66
C LEU D 304 22.99 -102.03 -21.99
N LEU D 305 24.19 -102.36 -22.45
CA LEU D 305 24.37 -103.31 -23.56
C LEU D 305 25.79 -103.85 -23.53
N THR D 306 25.98 -105.00 -22.91
CA THR D 306 27.32 -105.60 -22.83
C THR D 306 27.56 -106.63 -23.97
N THR D 307 28.09 -106.14 -25.09
CA THR D 307 28.38 -106.99 -26.26
C THR D 307 29.62 -106.54 -27.02
N ALA D 308 30.35 -107.51 -27.54
CA ALA D 308 31.57 -107.24 -28.28
C ALA D 308 31.23 -106.76 -29.68
N ALA D 309 29.98 -106.99 -30.12
CA ALA D 309 29.56 -106.60 -31.47
C ALA D 309 29.76 -105.11 -31.68
N GLN D 310 30.45 -104.76 -32.76
CA GLN D 310 30.74 -103.38 -33.09
C GLN D 310 29.61 -102.81 -33.94
N TYR D 311 29.23 -101.55 -33.66
CA TYR D 311 28.11 -100.90 -34.33
C TYR D 311 28.53 -99.53 -34.87
N THR D 312 28.44 -99.36 -36.19
CA THR D 312 28.90 -98.14 -36.86
C THR D 312 27.99 -97.74 -38.02
N LEU D 313 28.28 -96.62 -38.67
CA LEU D 313 27.54 -96.18 -39.85
C LEU D 313 27.55 -97.19 -40.98
N HIS D 314 28.54 -98.09 -40.96
CA HIS D 314 28.64 -99.16 -41.96
C HIS D 314 28.00 -100.47 -41.57
N SER D 315 27.37 -100.50 -40.39
CA SER D 315 26.60 -101.68 -39.95
C SER D 315 25.26 -101.70 -40.68
N ASP D 316 24.68 -102.88 -40.93
CA ASP D 316 23.38 -102.91 -41.62
C ASP D 316 22.23 -102.52 -40.71
N GLN D 317 21.25 -101.84 -41.30
CA GLN D 317 20.10 -101.31 -40.58
C GLN D 317 19.39 -102.36 -39.70
N TYR D 318 19.29 -103.58 -40.21
CA TYR D 318 18.62 -104.66 -39.49
C TYR D 318 19.32 -104.96 -38.17
N ASP D 319 20.66 -105.05 -38.21
CA ASP D 319 21.45 -105.38 -37.02
C ASP D 319 21.44 -104.24 -35.99
N LEU D 320 21.44 -103.01 -36.49
CA LEU D 320 21.24 -101.82 -35.66
C LEU D 320 19.89 -101.77 -34.96
N ASN D 321 18.84 -102.23 -35.64
CA ASN D 321 17.52 -102.26 -35.03
C ASN D 321 17.38 -103.40 -34.02
N GLN D 322 17.99 -104.53 -34.32
CA GLN D 322 17.94 -105.66 -33.40
C GLN D 322 18.63 -105.25 -32.13
N ALA D 323 19.84 -104.71 -32.26
CA ALA D 323 20.58 -104.24 -31.11
C ALA D 323 19.70 -103.29 -30.30
N ALA D 324 18.99 -102.40 -30.98
CA ALA D 324 18.20 -101.35 -30.33
C ALA D 324 17.05 -101.93 -29.53
N GLN D 325 16.56 -103.04 -30.03
CA GLN D 325 15.50 -103.74 -29.34
C GLN D 325 16.14 -104.40 -28.13
N ASP D 326 17.34 -104.93 -28.31
CA ASP D 326 18.11 -105.58 -27.22
C ASP D 326 18.42 -104.60 -26.08
N VAL D 327 18.46 -103.31 -26.41
CA VAL D 327 18.64 -102.25 -25.43
C VAL D 327 17.38 -102.08 -24.63
N GLN D 328 16.23 -102.11 -25.29
CA GLN D 328 14.95 -101.95 -24.59
C GLN D 328 14.83 -102.95 -23.45
N VAL D 329 15.11 -104.21 -23.76
CA VAL D 329 15.03 -105.26 -22.76
C VAL D 329 15.90 -104.91 -21.57
N ALA D 330 17.12 -104.45 -21.83
CA ALA D 330 18.02 -104.04 -20.76
C ALA D 330 17.45 -102.87 -19.99
N ILE D 331 16.93 -101.89 -20.71
CA ILE D 331 16.38 -100.68 -20.11
C ILE D 331 15.20 -100.99 -19.21
N GLU D 332 14.33 -101.88 -19.69
CA GLU D 332 13.19 -102.32 -18.91
C GLU D 332 13.69 -103.17 -17.74
N ARG D 333 14.72 -103.98 -17.97
CA ARG D 333 15.30 -104.78 -16.90
C ARG D 333 15.68 -103.86 -15.73
N ARG D 334 16.31 -102.72 -16.05
CA ARG D 334 16.69 -101.74 -15.04
C ARG D 334 15.46 -101.03 -14.43
N ILE D 335 14.45 -100.77 -15.25
CA ILE D 335 13.24 -100.00 -14.83
C ILE D 335 12.54 -100.69 -13.68
N ALA D 336 12.37 -102.00 -13.81
CA ALA D 336 11.83 -102.82 -12.74
C ALA D 336 12.81 -102.85 -11.55
N SER D 337 14.11 -103.02 -11.86
CA SER D 337 15.15 -103.08 -10.82
C SER D 337 15.15 -101.84 -9.92
N GLU D 338 15.12 -100.65 -10.52
CA GLU D 338 15.17 -99.41 -9.76
C GLU D 338 13.81 -98.75 -9.58
N HIS D 339 12.75 -99.48 -9.92
CA HIS D 339 11.38 -99.06 -9.61
C HIS D 339 11.09 -97.68 -10.14
N GLY D 340 11.51 -97.41 -11.37
CA GLY D 340 11.29 -96.10 -11.97
C GLY D 340 12.06 -95.86 -13.25
N THR D 341 11.96 -94.62 -13.76
CA THR D 341 12.57 -94.21 -15.01
C THR D 341 13.40 -92.93 -14.88
N ASP D 342 13.63 -92.48 -13.64
CA ASP D 342 14.31 -91.21 -13.39
C ASP D 342 15.78 -91.25 -13.81
N TRP D 343 16.41 -92.39 -13.61
CA TRP D 343 17.82 -92.60 -14.00
C TRP D 343 18.03 -92.54 -15.48
N LEU D 344 16.99 -92.89 -16.25
CA LEU D 344 17.04 -92.83 -17.71
C LEU D 344 17.04 -91.38 -18.15
N GLN D 345 16.08 -90.62 -17.67
CA GLN D 345 16.11 -89.16 -17.81
C GLN D 345 17.51 -88.58 -17.52
N LYS D 346 18.13 -89.05 -16.44
CA LYS D 346 19.48 -88.62 -16.03
C LYS D 346 20.52 -89.04 -17.06
N LEU D 347 20.30 -90.20 -17.68
CA LEU D 347 21.30 -90.85 -18.52
C LEU D 347 21.39 -90.19 -19.87
N LEU D 348 20.25 -89.84 -20.42
CA LEU D 348 20.17 -89.39 -21.81
C LEU D 348 20.12 -87.87 -21.96
N PHE D 349 19.56 -87.19 -20.97
CA PHE D 349 19.23 -85.78 -21.08
C PHE D 349 19.90 -84.92 -20.01
N GLU D 350 20.97 -85.44 -19.38
CA GLU D 350 21.75 -84.67 -18.41
C GLU D 350 23.24 -85.01 -18.51
N SER D 351 24.09 -84.15 -17.94
CA SER D 351 25.54 -84.33 -18.02
C SER D 351 26.04 -85.57 -17.28
N GLN D 352 26.96 -86.29 -17.91
CA GLN D 352 27.53 -87.50 -17.33
C GLN D 352 29.03 -87.32 -17.22
N ASN D 353 29.55 -87.47 -16.00
CA ASN D 353 30.98 -87.30 -15.70
C ASN D 353 31.49 -85.97 -16.22
N ASN D 354 30.70 -84.93 -16.00
CA ASN D 354 31.06 -83.63 -16.49
C ASN D 354 31.32 -83.67 -18.01
N ASN D 355 30.43 -84.36 -18.74
CA ASN D 355 30.40 -84.35 -20.22
C ASN D 355 28.99 -83.98 -20.70
N PRO D 356 28.84 -83.60 -21.98
CA PRO D 356 27.51 -83.20 -22.46
C PRO D 356 26.52 -84.34 -22.41
N SER D 357 25.24 -84.01 -22.36
CA SER D 357 24.22 -85.05 -22.41
C SER D 357 24.26 -85.75 -23.74
N PHE D 358 23.73 -86.96 -23.77
CA PHE D 358 23.76 -87.75 -24.99
C PHE D 358 23.12 -87.03 -26.17
N VAL D 359 22.02 -86.34 -25.91
CA VAL D 359 21.30 -85.62 -26.97
C VAL D 359 22.21 -84.52 -27.51
N LYS D 360 22.85 -83.79 -26.60
CA LYS D 360 23.75 -82.70 -26.95
C LYS D 360 25.02 -83.17 -27.65
N GLN D 361 25.42 -84.41 -27.41
CA GLN D 361 26.57 -84.98 -28.11
C GLN D 361 26.29 -85.21 -29.61
N GLN D 362 25.02 -85.26 -29.98
CA GLN D 362 24.65 -85.45 -31.39
C GLN D 362 24.74 -84.19 -32.19
N PHE D 363 25.07 -84.35 -33.46
CA PHE D 363 25.32 -83.21 -34.35
C PHE D 363 24.05 -82.38 -34.52
N ILE D 364 22.98 -83.03 -34.97
CA ILE D 364 21.74 -82.34 -35.29
C ILE D 364 21.03 -81.78 -34.07
N TRP D 365 21.52 -82.10 -32.88
CA TRP D 365 20.95 -81.55 -31.64
C TRP D 365 21.88 -80.64 -30.87
N ASN D 366 22.78 -79.95 -31.57
CA ASN D 366 23.75 -79.04 -30.93
C ASN D 366 24.21 -77.86 -31.81
N LYS D 367 25.10 -77.03 -31.25
CA LYS D 367 25.50 -75.78 -31.89
C LYS D 367 26.35 -75.97 -33.15
N ASP D 368 26.92 -77.17 -33.36
CA ASP D 368 27.73 -77.43 -34.57
C ASP D 368 26.87 -77.39 -35.83
N SER D 369 25.65 -77.89 -35.70
CA SER D 369 24.70 -77.97 -36.81
C SER D 369 23.94 -76.67 -37.06
N GLU D 370 24.22 -75.63 -36.29
CA GLU D 370 23.69 -74.28 -36.56
C GLU D 370 24.71 -73.41 -37.30
N TYR D 371 25.98 -73.82 -37.31
CA TYR D 371 27.05 -73.08 -37.96
C TYR D 371 27.08 -71.66 -37.44
N HIS D 372 27.71 -71.48 -36.28
CA HIS D 372 27.79 -70.19 -35.62
C HIS D 372 28.94 -69.44 -36.17
N GLY D 373 28.93 -68.12 -35.98
CA GLY D 373 30.06 -67.25 -36.32
C GLY D 373 29.95 -66.68 -37.70
N GLY D 374 31.04 -66.08 -38.17
CA GLY D 374 31.03 -65.35 -39.42
C GLY D 374 31.36 -63.89 -39.17
N GLY D 375 31.52 -63.14 -40.25
CA GLY D 375 31.75 -61.70 -40.17
C GLY D 375 30.47 -60.95 -39.84
N ASP D 376 29.34 -61.46 -40.36
CA ASP D 376 28.03 -60.84 -40.12
C ASP D 376 27.42 -61.13 -38.74
N ALA D 377 27.79 -62.26 -38.12
CA ALA D 377 27.39 -62.55 -36.73
C ALA D 377 28.23 -61.75 -35.76
N TRP D 378 27.71 -60.59 -35.33
CA TRP D 378 28.48 -59.65 -34.52
C TRP D 378 28.55 -60.06 -33.10
N PHE D 379 27.43 -60.55 -32.57
CA PHE D 379 27.36 -60.94 -31.19
C PHE D 379 26.69 -62.30 -31.07
N GLN D 380 26.94 -62.98 -29.95
CA GLN D 380 26.23 -64.23 -29.59
C GLN D 380 26.23 -65.29 -30.66
N GLY D 381 27.23 -65.25 -31.54
CA GLY D 381 27.41 -66.29 -32.53
C GLY D 381 26.39 -66.30 -33.64
N GLY D 382 25.84 -65.14 -33.97
CA GLY D 382 24.90 -65.07 -35.07
C GLY D 382 23.47 -65.13 -34.63
N TYR D 383 22.57 -65.20 -35.61
CA TYR D 383 21.14 -64.97 -35.42
C TYR D 383 20.31 -65.92 -36.25
N LEU D 384 19.04 -66.07 -35.87
CA LEU D 384 18.11 -66.90 -36.59
C LEU D 384 16.89 -66.08 -36.93
N LYS D 385 16.76 -65.69 -38.19
CA LYS D 385 15.63 -64.88 -38.71
C LYS D 385 14.42 -65.76 -38.88
N TYR D 386 13.28 -65.31 -38.34
CA TYR D 386 12.05 -66.08 -38.46
C TYR D 386 11.38 -65.93 -39.83
N GLY D 387 10.44 -66.83 -40.09
CA GLY D 387 9.65 -66.82 -41.29
C GLY D 387 8.32 -67.48 -41.03
N ASN D 388 7.64 -67.84 -42.10
CA ASN D 388 6.32 -68.46 -42.05
C ASN D 388 6.42 -69.94 -42.38
N ASN D 389 5.37 -70.67 -42.04
CA ASN D 389 5.21 -72.09 -42.41
C ASN D 389 3.76 -72.53 -42.14
N PRO D 390 3.15 -73.30 -43.06
CA PRO D 390 1.80 -73.81 -42.88
C PRO D 390 1.52 -74.40 -41.51
N LEU D 391 2.38 -75.31 -41.07
CA LEU D 391 2.16 -76.03 -39.82
C LEU D 391 2.27 -75.15 -38.53
N THR D 392 2.84 -73.93 -38.65
CA THR D 392 2.97 -72.97 -37.52
C THR D 392 2.20 -71.68 -37.76
N PRO D 393 0.86 -71.72 -37.58
CA PRO D 393 -0.01 -70.58 -37.88
C PRO D 393 -0.07 -69.52 -36.78
N THR D 394 0.27 -69.90 -35.54
CA THR D 394 0.30 -68.93 -34.45
C THR D 394 1.53 -68.01 -34.53
N THR D 395 2.66 -68.55 -34.98
CA THR D 395 3.90 -67.78 -35.04
C THR D 395 4.14 -67.08 -36.38
N ASN D 396 3.26 -67.28 -37.37
CA ASN D 396 3.43 -66.60 -38.67
C ASN D 396 3.22 -65.09 -38.56
N SER D 397 3.91 -64.35 -39.43
CA SER D 397 3.78 -62.90 -39.49
C SER D 397 3.99 -62.45 -40.93
N ASP D 398 3.22 -61.46 -41.33
CA ASP D 398 3.28 -60.96 -42.68
C ASP D 398 4.29 -59.81 -42.78
N TYR D 399 4.81 -59.35 -41.65
CA TYR D 399 5.72 -58.21 -41.66
C TYR D 399 7.20 -58.61 -41.59
N ARG D 400 7.85 -58.39 -40.46
CA ARG D 400 9.25 -58.77 -40.25
C ARG D 400 10.23 -58.22 -41.29
N GLN D 401 9.95 -57.03 -41.82
CA GLN D 401 10.93 -56.36 -42.68
C GLN D 401 11.84 -55.45 -41.81
N PRO D 402 13.12 -55.28 -42.22
CA PRO D 402 14.04 -54.53 -41.36
C PRO D 402 13.80 -53.01 -41.44
N GLY D 403 13.58 -52.48 -42.64
CA GLY D 403 13.38 -51.05 -42.87
C GLY D 403 14.44 -50.17 -42.24
N ASN D 404 15.71 -50.60 -42.33
CA ASN D 404 16.86 -49.85 -41.85
C ASN D 404 18.11 -50.54 -42.35
N ALA D 405 19.26 -49.86 -42.17
CA ALA D 405 20.56 -50.42 -42.52
C ALA D 405 20.77 -51.79 -41.86
N PHE D 406 20.38 -51.89 -40.58
CA PHE D 406 20.60 -53.12 -39.81
C PHE D 406 19.29 -53.69 -39.24
N ASP D 407 19.37 -54.91 -38.71
CA ASP D 407 18.19 -55.62 -38.19
C ASP D 407 18.44 -56.27 -36.83
N PHE D 408 19.39 -57.22 -36.82
CA PHE D 408 19.71 -58.06 -35.64
C PHE D 408 20.98 -57.64 -34.90
N LEU D 409 20.96 -57.81 -33.57
CA LEU D 409 22.04 -57.36 -32.72
C LEU D 409 22.25 -58.27 -31.50
N LEU D 410 21.21 -58.39 -30.66
CA LEU D 410 21.27 -59.21 -29.44
C LEU D 410 19.91 -59.79 -29.08
N ALA D 411 19.94 -60.94 -28.41
CA ALA D 411 18.75 -61.55 -27.82
C ALA D 411 17.62 -61.64 -28.86
N ASN D 412 16.38 -61.56 -28.40
CA ASN D 412 15.21 -61.62 -29.29
C ASN D 412 14.92 -60.28 -29.96
N ASP D 413 15.25 -60.11 -31.23
CA ASP D 413 14.95 -58.84 -31.93
C ASP D 413 13.43 -58.63 -32.09
N VAL D 414 12.94 -57.48 -31.67
CA VAL D 414 11.51 -57.16 -31.70
C VAL D 414 11.18 -56.71 -33.09
N ASP D 415 10.04 -57.16 -33.60
CA ASP D 415 9.56 -56.72 -34.92
C ASP D 415 8.85 -55.39 -34.77
N ASN D 416 9.59 -54.32 -35.04
CA ASN D 416 9.03 -52.98 -34.86
C ASN D 416 8.27 -52.49 -36.09
N SER D 417 8.24 -53.30 -37.15
CA SER D 417 7.43 -53.03 -38.36
C SER D 417 5.97 -53.49 -38.19
N ASN D 418 5.74 -54.41 -37.27
CA ASN D 418 4.39 -54.82 -36.93
C ASN D 418 3.60 -53.67 -36.27
N PRO D 419 2.43 -53.31 -36.86
CA PRO D 419 1.57 -52.24 -36.33
C PRO D 419 1.32 -52.32 -34.83
N VAL D 420 1.02 -53.52 -34.34
CA VAL D 420 0.70 -53.75 -32.92
C VAL D 420 1.90 -53.39 -32.05
N VAL D 421 3.08 -53.78 -32.52
CA VAL D 421 4.33 -53.47 -31.84
C VAL D 421 4.57 -51.96 -31.82
N GLN D 422 4.22 -51.30 -32.92
CA GLN D 422 4.37 -49.85 -33.01
C GLN D 422 3.50 -49.14 -31.97
N ALA D 423 2.28 -49.63 -31.79
CA ALA D 423 1.39 -49.08 -30.78
C ALA D 423 2.06 -49.29 -29.45
N GLU D 424 2.36 -50.56 -29.20
CA GLU D 424 3.01 -50.97 -27.96
C GLU D 424 4.21 -50.09 -27.64
N ASN D 425 4.98 -49.73 -28.65
CA ASN D 425 6.11 -48.82 -28.43
C ASN D 425 5.62 -47.43 -27.98
N LEU D 426 4.46 -47.00 -28.50
CA LEU D 426 3.87 -45.69 -28.14
C LEU D 426 3.38 -45.73 -26.70
N ASN D 427 2.75 -46.84 -26.37
CA ASN D 427 2.29 -47.12 -25.02
C ASN D 427 3.43 -47.10 -23.96
N TRP D 428 4.49 -47.85 -24.22
CA TRP D 428 5.63 -47.87 -23.34
C TRP D 428 6.26 -46.52 -23.26
N LEU D 429 6.43 -45.87 -24.41
CA LEU D 429 7.00 -44.53 -24.44
C LEU D 429 6.17 -43.60 -23.54
N HIS D 430 4.85 -43.66 -23.69
CA HIS D 430 3.94 -42.82 -22.91
C HIS D 430 4.07 -43.14 -21.46
N TYR D 431 4.21 -44.43 -21.16
CA TYR D 431 4.45 -44.91 -19.79
C TYR D 431 5.72 -44.27 -19.21
N LEU D 432 6.82 -44.37 -19.95
CA LEU D 432 8.09 -43.81 -19.51
C LEU D 432 7.95 -42.31 -19.29
N MET D 433 7.39 -41.62 -20.27
CA MET D 433 7.28 -40.16 -20.20
C MET D 433 6.44 -39.69 -19.03
N ASN D 434 5.36 -40.42 -18.76
CA ASN D 434 4.49 -40.14 -17.64
C ASN D 434 4.59 -41.28 -16.64
N PHE D 435 5.80 -41.54 -16.16
CA PHE D 435 6.05 -42.64 -15.24
C PHE D 435 5.56 -42.33 -13.85
N GLY D 436 5.84 -41.12 -13.38
CA GLY D 436 5.51 -40.70 -12.02
C GLY D 436 4.02 -40.54 -11.85
N THR D 437 3.40 -39.84 -12.78
CA THR D 437 1.96 -39.63 -12.73
C THR D 437 1.25 -40.97 -12.63
N ILE D 438 1.64 -41.92 -13.49
CA ILE D 438 1.08 -43.26 -13.46
C ILE D 438 1.29 -43.96 -12.13
N THR D 439 2.54 -43.99 -11.66
CA THR D 439 2.94 -44.92 -10.59
C THR D 439 2.67 -44.47 -9.16
N ALA D 440 3.00 -43.23 -8.82
CA ALA D 440 2.64 -42.69 -7.52
C ALA D 440 1.90 -41.37 -7.65
N GLY D 441 1.48 -41.02 -8.87
CA GLY D 441 0.81 -39.75 -9.11
C GLY D 441 1.69 -38.52 -9.00
N GLN D 442 3.01 -38.70 -9.05
CA GLN D 442 3.95 -37.59 -8.96
C GLN D 442 4.13 -36.96 -10.35
N ASP D 443 3.50 -35.81 -10.58
CA ASP D 443 3.63 -35.11 -11.87
C ASP D 443 5.04 -34.59 -12.16
N ASP D 444 5.77 -34.20 -11.12
CA ASP D 444 7.13 -33.67 -11.27
C ASP D 444 8.20 -34.77 -11.35
N ALA D 445 7.75 -36.03 -11.30
CA ALA D 445 8.65 -37.21 -11.27
C ALA D 445 8.63 -37.98 -12.60
N ASN D 446 8.46 -37.24 -13.71
CA ASN D 446 8.29 -37.81 -15.05
C ASN D 446 9.49 -37.51 -15.94
N PHE D 447 9.75 -38.41 -16.89
CA PHE D 447 10.86 -38.23 -17.85
C PHE D 447 10.50 -37.20 -18.91
N ASP D 448 11.53 -36.66 -19.56
CA ASP D 448 11.36 -35.51 -20.47
C ASP D 448 11.86 -35.79 -21.89
N SER D 449 13.10 -36.22 -22.02
CA SER D 449 13.65 -36.62 -23.33
C SER D 449 13.88 -38.13 -23.35
N ILE D 450 14.29 -38.63 -24.52
CA ILE D 450 14.53 -40.04 -24.72
C ILE D 450 15.82 -40.24 -25.49
N ARG D 451 16.41 -41.41 -25.32
CA ARG D 451 17.53 -41.81 -26.14
C ARG D 451 17.06 -43.04 -26.89
N ILE D 452 17.11 -43.01 -28.22
CA ILE D 452 16.79 -44.22 -29.00
C ILE D 452 18.01 -45.11 -29.06
N ASP D 453 17.96 -46.20 -28.32
CA ASP D 453 19.05 -47.15 -28.30
C ASP D 453 18.96 -48.03 -29.53
N ALA D 454 20.07 -48.14 -30.26
CA ALA D 454 20.14 -48.90 -31.51
C ALA D 454 19.16 -48.30 -32.49
N VAL D 455 19.34 -47.01 -32.78
CA VAL D 455 18.48 -46.33 -33.74
C VAL D 455 18.59 -46.97 -35.13
N ASP D 456 19.78 -47.51 -35.45
CA ASP D 456 19.99 -48.09 -36.76
C ASP D 456 19.49 -49.54 -36.86
N PHE D 457 19.07 -50.11 -35.73
CA PHE D 457 18.63 -51.50 -35.72
C PHE D 457 17.13 -51.71 -35.54
N ILE D 458 16.36 -50.68 -35.89
CA ILE D 458 14.91 -50.77 -35.83
C ILE D 458 14.29 -50.14 -37.07
N HIS D 459 13.02 -50.44 -37.32
CA HIS D 459 12.32 -49.94 -38.49
C HIS D 459 12.18 -48.44 -38.37
N ASN D 460 12.13 -47.76 -39.51
CA ASN D 460 11.93 -46.31 -39.54
C ASN D 460 10.49 -45.90 -39.20
N ASP D 461 9.54 -46.78 -39.42
CA ASP D 461 8.14 -46.44 -39.20
C ASP D 461 7.86 -46.23 -37.73
N THR D 462 8.54 -46.98 -36.87
CA THR D 462 8.45 -46.78 -35.43
C THR D 462 9.22 -45.51 -35.04
N ILE D 463 10.35 -45.28 -35.73
CA ILE D 463 11.17 -44.11 -35.45
C ILE D 463 10.41 -42.84 -35.81
N GLN D 464 9.87 -42.81 -37.02
CA GLN D 464 8.97 -41.75 -37.45
C GLN D 464 7.95 -41.51 -36.34
N ARG D 465 7.22 -42.57 -36.01
CA ARG D 465 6.06 -42.47 -35.14
C ARG D 465 6.49 -41.94 -33.80
N THR D 466 7.61 -42.47 -33.31
CA THR D 466 8.12 -42.06 -32.02
C THR D 466 8.29 -40.54 -32.04
N TYR D 467 8.85 -39.99 -33.10
CA TYR D 467 9.07 -38.55 -33.19
C TYR D 467 7.77 -37.74 -33.24
N ASP D 468 6.78 -38.27 -33.95
CA ASP D 468 5.48 -37.62 -33.99
C ASP D 468 4.85 -37.54 -32.60
N TYR D 469 4.98 -38.59 -31.81
CA TYR D 469 4.44 -38.58 -30.46
C TYR D 469 4.94 -37.33 -29.79
N LEU D 470 6.27 -37.17 -29.77
CA LEU D 470 6.92 -36.04 -29.10
C LEU D 470 6.35 -34.70 -29.58
N ARG D 471 6.29 -34.54 -30.91
CA ARG D 471 5.69 -33.36 -31.52
C ARG D 471 4.25 -33.13 -31.08
N ASP D 472 3.46 -34.19 -30.98
CA ASP D 472 2.06 -34.04 -30.58
C ASP D 472 1.90 -33.76 -29.09
N ALA D 473 2.75 -34.37 -28.26
CA ALA D 473 2.64 -34.24 -26.81
C ALA D 473 3.22 -32.90 -26.38
N TYR D 474 4.51 -32.71 -26.58
CA TYR D 474 5.23 -31.57 -26.03
C TYR D 474 5.36 -30.36 -26.95
N GLN D 475 5.01 -30.53 -28.23
CA GLN D 475 5.06 -29.47 -29.26
C GLN D 475 6.47 -28.94 -29.58
N VAL D 476 7.48 -29.81 -29.53
CA VAL D 476 8.89 -29.38 -29.69
C VAL D 476 9.16 -28.61 -30.99
N GLN D 477 8.35 -28.87 -32.02
CA GLN D 477 8.49 -28.22 -33.33
C GLN D 477 8.01 -26.76 -33.30
N GLN D 478 7.03 -26.47 -32.45
CA GLN D 478 6.47 -25.12 -32.28
C GLN D 478 7.60 -24.09 -32.16
N SER D 479 8.47 -24.25 -31.16
CA SER D 479 9.55 -23.30 -30.90
C SER D 479 10.84 -23.99 -30.42
N GLU D 480 11.93 -23.24 -30.38
CA GLU D 480 13.18 -23.78 -29.84
C GLU D 480 13.13 -23.87 -28.31
N ALA D 481 12.28 -23.06 -27.66
CA ALA D 481 12.13 -23.08 -26.19
C ALA D 481 11.44 -24.34 -25.65
N LYS D 482 10.49 -24.87 -26.43
CA LYS D 482 9.89 -26.18 -26.11
C LYS D 482 10.86 -27.30 -26.48
N ALA D 483 11.57 -27.12 -27.60
CA ALA D 483 12.43 -28.17 -28.14
C ALA D 483 13.59 -28.43 -27.20
N ASN D 484 14.26 -27.35 -26.76
CA ASN D 484 15.37 -27.43 -25.77
C ASN D 484 14.98 -28.02 -24.39
N GLN D 485 13.70 -27.96 -24.03
CA GLN D 485 13.21 -28.62 -22.81
C GLN D 485 13.19 -30.14 -22.96
N HIS D 486 13.08 -30.60 -24.21
CA HIS D 486 12.93 -32.04 -24.52
C HIS D 486 13.92 -32.48 -25.59
N ILE D 487 15.21 -32.35 -25.25
CA ILE D 487 16.32 -32.68 -26.17
C ILE D 487 16.56 -34.18 -26.22
N SER D 488 16.05 -34.82 -27.27
CA SER D 488 16.24 -36.24 -27.47
C SER D 488 17.48 -36.43 -28.31
N LEU D 489 18.10 -37.62 -28.24
CA LEU D 489 19.27 -37.99 -29.07
C LEU D 489 19.23 -39.46 -29.48
N VAL D 490 20.16 -39.86 -30.35
CA VAL D 490 20.24 -41.26 -30.83
C VAL D 490 21.66 -41.74 -31.01
N GLU D 491 21.83 -43.05 -30.91
CA GLU D 491 23.16 -43.63 -30.98
C GLU D 491 23.54 -43.88 -32.43
N ALA D 492 23.97 -42.81 -33.09
CA ALA D 492 24.31 -42.89 -34.51
C ALA D 492 24.84 -41.54 -34.98
N GLY D 493 25.49 -41.56 -36.15
CA GLY D 493 25.92 -40.34 -36.83
C GLY D 493 24.91 -39.89 -37.87
N LEU D 494 25.41 -39.35 -38.98
CA LEU D 494 24.55 -38.95 -40.09
C LEU D 494 23.93 -40.15 -40.82
N ASP D 495 24.28 -41.36 -40.36
CA ASP D 495 23.65 -42.58 -40.87
C ASP D 495 22.14 -42.71 -40.51
N ALA D 496 21.69 -42.08 -39.41
CA ALA D 496 20.30 -42.21 -38.93
C ALA D 496 19.33 -41.27 -39.64
N GLY D 497 18.96 -41.63 -40.88
CA GLY D 497 18.27 -40.72 -41.82
C GLY D 497 16.95 -40.11 -41.36
N THR D 498 16.17 -40.92 -40.65
CA THR D 498 14.87 -40.49 -40.12
C THR D 498 15.05 -39.47 -39.01
N SER D 499 16.21 -39.47 -38.37
CA SER D 499 16.51 -38.53 -37.30
C SER D 499 17.02 -37.19 -37.81
N THR D 500 18.05 -37.20 -38.65
CA THR D 500 18.62 -35.93 -39.18
C THR D 500 17.75 -35.23 -40.25
N ILE D 501 16.78 -35.96 -40.82
CA ILE D 501 15.89 -35.39 -41.84
C ILE D 501 15.15 -34.14 -41.35
N HIS D 502 14.62 -34.16 -40.14
CA HIS D 502 13.92 -32.99 -39.62
C HIS D 502 14.51 -32.54 -38.33
N ASN D 503 15.74 -32.99 -38.07
CA ASN D 503 16.46 -32.70 -36.81
C ASN D 503 15.61 -32.83 -35.55
N ASP D 504 14.95 -33.97 -35.44
CA ASP D 504 14.08 -34.31 -34.29
C ASP D 504 14.93 -34.64 -33.05
N ALA D 505 16.14 -35.13 -33.31
CA ALA D 505 17.08 -35.54 -32.26
C ALA D 505 18.54 -35.31 -32.70
N LEU D 506 19.40 -35.14 -31.71
CA LEU D 506 20.84 -34.94 -31.91
C LEU D 506 21.47 -36.25 -32.36
N ILE D 507 22.53 -36.15 -33.14
CA ILE D 507 23.30 -37.33 -33.58
C ILE D 507 24.76 -37.13 -33.19
N GLU D 508 25.54 -38.21 -33.22
CA GLU D 508 26.93 -38.15 -32.75
C GLU D 508 27.85 -37.49 -33.78
N SER D 509 28.59 -36.48 -33.34
CA SER D 509 29.65 -35.89 -34.14
C SER D 509 30.74 -36.92 -34.43
N ASN D 510 31.70 -36.53 -35.28
CA ASN D 510 32.86 -37.38 -35.57
C ASN D 510 34.06 -37.02 -34.70
N LEU D 511 33.82 -36.30 -33.61
CA LEU D 511 34.88 -35.85 -32.71
C LEU D 511 35.57 -37.04 -32.05
N ARG D 512 34.79 -37.99 -31.56
CA ARG D 512 35.36 -39.15 -30.91
C ARG D 512 36.35 -39.85 -31.81
N GLU D 513 35.92 -40.19 -33.03
CA GLU D 513 36.75 -40.87 -34.04
C GLU D 513 37.99 -40.03 -34.40
N ALA D 514 37.79 -38.71 -34.56
CA ALA D 514 38.87 -37.75 -34.79
C ALA D 514 39.87 -37.78 -33.63
N ALA D 515 39.35 -37.68 -32.41
CA ALA D 515 40.22 -37.71 -31.24
C ALA D 515 40.88 -39.08 -31.09
N THR D 516 40.24 -40.15 -31.59
CA THR D 516 40.84 -41.50 -31.61
C THR D 516 42.17 -41.53 -32.36
N LEU D 517 42.21 -40.88 -33.53
CA LEU D 517 43.35 -41.01 -34.45
C LEU D 517 44.41 -39.91 -34.32
N SER D 518 44.15 -38.90 -33.49
CA SER D 518 45.09 -37.79 -33.30
C SER D 518 45.41 -37.43 -31.84
N LEU D 519 44.71 -38.02 -30.88
CA LEU D 519 44.90 -37.68 -29.44
C LEU D 519 44.92 -38.86 -28.44
N THR D 520 44.02 -39.84 -28.63
CA THR D 520 43.86 -40.95 -27.66
C THR D 520 45.05 -41.93 -27.64
N ASN D 521 45.87 -41.95 -28.69
CA ASN D 521 46.94 -42.93 -28.84
C ASN D 521 48.21 -42.51 -28.15
N GLU D 522 49.15 -43.45 -28.03
CA GLU D 522 50.42 -43.21 -27.33
C GLU D 522 51.35 -42.32 -28.17
N PRO D 523 52.39 -41.78 -27.53
CA PRO D 523 53.33 -40.96 -28.29
C PRO D 523 53.83 -41.68 -29.54
N GLY D 524 53.89 -40.99 -30.67
CA GLY D 524 54.38 -41.58 -31.90
C GLY D 524 53.29 -42.24 -32.73
N LYS D 525 52.21 -42.67 -32.08
CA LYS D 525 51.08 -43.25 -32.80
C LYS D 525 49.87 -42.27 -32.89
N ASN D 526 50.17 -40.95 -32.88
CA ASN D 526 49.16 -39.88 -33.10
C ASN D 526 49.35 -39.18 -34.45
N LYS D 527 48.26 -38.97 -35.18
CA LYS D 527 48.32 -38.15 -36.39
C LYS D 527 48.22 -36.69 -35.93
N PRO D 528 48.57 -35.71 -36.79
CA PRO D 528 48.49 -34.28 -36.44
C PRO D 528 47.07 -33.83 -36.08
N LEU D 529 46.98 -32.70 -35.41
CA LEU D 529 45.69 -32.19 -34.94
C LEU D 529 44.89 -31.39 -35.97
N THR D 530 45.26 -31.45 -37.26
CA THR D 530 44.48 -30.77 -38.31
C THR D 530 43.10 -31.42 -38.48
N ASN D 531 43.00 -32.70 -38.17
CA ASN D 531 41.74 -33.45 -38.23
C ASN D 531 40.65 -32.98 -37.25
N MET D 532 41.06 -32.24 -36.22
CA MET D 532 40.12 -31.70 -35.25
C MET D 532 39.53 -30.37 -35.73
N LEU D 533 40.14 -29.77 -36.75
CA LEU D 533 39.66 -28.48 -37.28
C LEU D 533 38.24 -28.59 -37.83
N GLN D 534 37.93 -29.68 -38.52
CA GLN D 534 36.59 -29.88 -39.04
C GLN D 534 35.94 -31.12 -38.43
N ASP D 535 34.61 -31.10 -38.34
CA ASP D 535 33.82 -32.24 -37.90
C ASP D 535 33.16 -32.83 -39.15
N VAL D 536 33.80 -33.86 -39.70
CA VAL D 536 33.30 -34.51 -40.91
C VAL D 536 32.96 -35.98 -40.64
N ASP D 537 31.68 -36.31 -40.88
CA ASP D 537 31.20 -37.67 -40.79
C ASP D 537 31.30 -38.30 -42.19
N GLY D 538 32.53 -38.71 -42.53
CA GLY D 538 32.81 -39.44 -43.77
C GLY D 538 32.44 -38.67 -45.02
N GLY D 539 33.14 -37.57 -45.24
CA GLY D 539 32.86 -36.71 -46.39
C GLY D 539 31.92 -35.57 -46.06
N THR D 540 30.69 -35.88 -45.62
CA THR D 540 29.72 -34.83 -45.31
C THR D 540 30.12 -34.09 -44.03
N LEU D 541 30.02 -32.77 -44.10
CA LEU D 541 30.46 -31.90 -43.01
C LEU D 541 29.31 -31.72 -42.01
N ILE D 542 29.66 -31.63 -40.74
CA ILE D 542 28.69 -31.32 -39.67
C ILE D 542 28.85 -29.87 -39.19
N THR D 543 30.10 -29.48 -38.96
CA THR D 543 30.41 -28.11 -38.59
C THR D 543 31.91 -27.84 -38.80
N ASP D 544 32.24 -26.64 -39.25
CA ASP D 544 33.62 -26.22 -39.44
C ASP D 544 33.98 -25.25 -38.33
N HIS D 545 35.04 -25.54 -37.58
CA HIS D 545 35.48 -24.70 -36.48
C HIS D 545 36.44 -23.64 -36.92
N THR D 546 37.00 -23.77 -38.12
CA THR D 546 38.04 -22.86 -38.61
C THR D 546 37.69 -21.38 -38.38
N GLN D 547 36.42 -21.02 -38.61
CA GLN D 547 35.91 -19.66 -38.40
C GLN D 547 34.39 -19.70 -38.42
N ASN D 548 33.85 -20.18 -37.29
CA ASN D 548 32.41 -20.38 -37.10
C ASN D 548 31.78 -19.10 -36.56
N SER D 549 31.29 -18.27 -37.48
CA SER D 549 30.60 -17.00 -37.15
C SER D 549 29.09 -17.09 -37.31
N THR D 550 28.64 -17.95 -38.22
CA THR D 550 27.21 -18.11 -38.52
C THR D 550 26.53 -18.99 -37.49
N GLU D 551 25.19 -19.01 -37.51
CA GLU D 551 24.39 -19.91 -36.67
C GLU D 551 23.15 -20.45 -37.41
N ASN D 552 22.58 -21.53 -36.88
CA ASN D 552 21.50 -22.31 -37.52
C ASN D 552 21.89 -22.92 -38.89
N GLN D 553 23.10 -23.45 -38.94
CA GLN D 553 23.66 -24.03 -40.16
C GLN D 553 24.14 -25.45 -39.91
N ALA D 554 24.87 -25.64 -38.82
CA ALA D 554 25.40 -26.94 -38.48
C ALA D 554 24.28 -27.91 -38.11
N THR D 555 24.52 -29.21 -38.30
CA THR D 555 23.56 -30.23 -37.88
C THR D 555 23.65 -30.44 -36.38
N PRO D 556 22.51 -30.37 -35.67
CA PRO D 556 22.51 -30.58 -34.22
C PRO D 556 23.19 -31.89 -33.87
N ASN D 557 24.00 -31.87 -32.81
CA ASN D 557 24.86 -32.99 -32.48
C ASN D 557 25.46 -32.86 -31.08
N TYR D 558 25.88 -33.99 -30.54
CA TYR D 558 26.55 -34.05 -29.25
C TYR D 558 27.95 -34.63 -29.45
N SER D 559 28.90 -34.17 -28.65
CA SER D 559 30.27 -34.66 -28.72
C SER D 559 30.63 -35.50 -27.49
N ILE D 560 31.31 -36.61 -27.73
CA ILE D 560 31.78 -37.46 -26.64
C ILE D 560 33.17 -37.97 -26.97
N ILE D 561 33.83 -38.47 -25.93
CA ILE D 561 35.08 -39.17 -26.10
C ILE D 561 34.97 -40.57 -25.53
N HIS D 562 34.12 -40.78 -24.52
CA HIS D 562 33.80 -42.12 -24.03
C HIS D 562 32.33 -42.25 -23.70
N ALA D 563 31.89 -43.50 -23.56
CA ALA D 563 30.52 -43.83 -23.21
C ALA D 563 30.50 -45.11 -22.37
N HIS D 564 29.33 -45.43 -21.81
CA HIS D 564 29.19 -46.69 -21.11
C HIS D 564 29.78 -47.80 -21.96
N ASP D 565 29.60 -47.71 -23.27
CA ASP D 565 30.09 -48.74 -24.18
C ASP D 565 31.18 -48.27 -25.15
N LYS D 566 31.12 -47.02 -25.58
CA LYS D 566 32.00 -46.57 -26.65
C LYS D 566 33.43 -46.40 -26.19
N GLY D 567 34.32 -47.28 -26.64
CA GLY D 567 35.74 -47.20 -26.29
C GLY D 567 36.04 -47.41 -24.82
N VAL D 568 35.40 -48.42 -24.22
CA VAL D 568 35.52 -48.73 -22.79
C VAL D 568 35.47 -50.26 -22.54
N GLN D 569 34.35 -50.88 -22.93
CA GLN D 569 34.18 -52.31 -22.67
C GLN D 569 35.36 -53.10 -23.21
N GLU D 570 35.73 -52.81 -24.45
CA GLU D 570 36.79 -53.54 -25.12
C GLU D 570 38.17 -53.26 -24.51
N LYS D 571 38.34 -52.06 -23.95
CA LYS D 571 39.63 -51.65 -23.39
C LYS D 571 39.76 -52.02 -21.91
N VAL D 572 38.69 -51.88 -21.13
CA VAL D 572 38.68 -52.41 -19.77
C VAL D 572 38.81 -53.92 -19.86
N GLY D 573 37.96 -54.53 -20.69
CA GLY D 573 37.98 -55.98 -20.97
C GLY D 573 39.34 -56.55 -21.33
N ALA D 574 40.20 -55.76 -21.97
CA ALA D 574 41.58 -56.18 -22.24
C ALA D 574 42.48 -56.14 -20.99
N ALA D 575 42.09 -55.39 -19.96
CA ALA D 575 42.80 -55.41 -18.66
C ALA D 575 42.26 -56.52 -17.75
N ILE D 576 40.96 -56.78 -17.84
CA ILE D 576 40.31 -57.85 -17.07
C ILE D 576 40.90 -59.20 -17.45
N THR D 577 40.96 -59.48 -18.76
CA THR D 577 41.49 -60.75 -19.26
C THR D 577 42.93 -60.97 -18.81
N ASP D 578 43.73 -59.90 -18.74
CA ASP D 578 45.07 -59.98 -18.13
C ASP D 578 44.99 -59.99 -16.61
N ALA D 579 45.65 -60.95 -16.00
CA ALA D 579 45.45 -61.24 -14.58
C ALA D 579 44.01 -61.73 -14.37
N THR D 580 43.56 -62.69 -15.17
CA THR D 580 42.25 -63.31 -14.96
C THR D 580 41.92 -64.34 -16.04
N GLY D 581 41.89 -63.92 -17.30
CA GLY D 581 41.66 -64.84 -18.40
C GLY D 581 40.22 -65.12 -18.74
N ALA D 582 39.27 -64.45 -18.08
CA ALA D 582 37.85 -64.56 -18.46
C ALA D 582 37.57 -63.79 -19.78
N ASP D 583 36.42 -64.09 -20.38
CA ASP D 583 35.93 -63.37 -21.56
C ASP D 583 34.98 -62.26 -21.13
N TRP D 584 34.91 -61.17 -21.92
CA TRP D 584 34.21 -59.93 -21.48
C TRP D 584 32.69 -60.00 -21.44
N THR D 585 32.07 -61.14 -21.79
CA THR D 585 30.60 -61.36 -21.65
C THR D 585 30.18 -62.38 -20.52
N ASN D 586 31.16 -63.00 -19.85
CA ASN D 586 30.89 -63.83 -18.64
C ASN D 586 32.13 -64.10 -17.73
N PHE D 587 32.10 -63.52 -16.52
CA PHE D 587 33.21 -63.59 -15.55
C PHE D 587 32.69 -63.57 -14.10
N THR D 588 33.60 -63.75 -13.13
CA THR D 588 33.25 -63.72 -11.71
C THR D 588 33.17 -62.27 -11.20
N ASP D 589 32.30 -62.01 -10.22
CA ASP D 589 32.36 -60.74 -9.47
C ASP D 589 33.80 -60.51 -8.91
N GLU D 590 34.50 -61.60 -8.60
CA GLU D 590 35.92 -61.56 -8.20
C GLU D 590 36.87 -61.16 -9.34
N GLN D 591 36.55 -61.60 -10.56
CA GLN D 591 37.39 -61.35 -11.76
C GLN D 591 37.31 -59.90 -12.30
N LEU D 592 36.13 -59.29 -12.27
CA LEU D 592 35.97 -57.89 -12.71
C LEU D 592 36.68 -56.95 -11.76
N LYS D 593 36.35 -57.04 -10.48
CA LYS D 593 37.01 -56.23 -9.47
C LYS D 593 38.52 -56.36 -9.65
N ALA D 594 38.96 -57.56 -10.03
CA ALA D 594 40.37 -57.85 -10.34
C ALA D 594 40.90 -56.94 -11.45
N GLY D 595 40.15 -56.88 -12.53
CA GLY D 595 40.53 -56.12 -13.71
C GLY D 595 40.58 -54.62 -13.52
N LEU D 596 39.63 -54.10 -12.75
CA LEU D 596 39.57 -52.67 -12.45
C LEU D 596 40.69 -52.22 -11.52
N GLU D 597 41.29 -53.15 -10.80
CA GLU D 597 42.44 -52.80 -10.00
C GLU D 597 43.60 -52.42 -10.90
N LEU D 598 43.89 -53.29 -11.87
CA LEU D 598 44.99 -53.07 -12.82
C LEU D 598 44.69 -51.91 -13.77
N PHE D 599 43.41 -51.75 -14.11
CA PHE D 599 42.97 -50.72 -15.05
C PHE D 599 43.17 -49.31 -14.52
N TYR D 600 42.61 -49.01 -13.35
CA TYR D 600 42.74 -47.68 -12.76
C TYR D 600 44.16 -47.39 -12.18
N LYS D 601 44.97 -48.41 -11.92
CA LYS D 601 46.39 -48.18 -11.63
C LYS D 601 47.09 -47.65 -12.88
N ASP D 602 46.75 -48.25 -14.02
CA ASP D 602 47.28 -47.86 -15.33
C ASP D 602 46.79 -46.48 -15.82
N GLN D 603 45.57 -46.13 -15.44
CA GLN D 603 44.97 -44.87 -15.84
C GLN D 603 45.70 -43.70 -15.20
N ARG D 604 46.30 -43.92 -14.05
CA ARG D 604 46.98 -42.83 -13.35
C ARG D 604 48.46 -42.72 -13.69
N ALA D 605 48.98 -43.68 -14.45
CA ALA D 605 50.40 -43.63 -14.88
C ALA D 605 50.56 -42.75 -16.12
N THR D 606 51.82 -42.50 -16.46
CA THR D 606 52.20 -41.70 -17.65
C THR D 606 52.13 -42.54 -18.94
N ASN D 607 52.76 -43.71 -18.93
CA ASN D 607 52.58 -44.68 -20.03
C ASN D 607 51.30 -45.46 -19.73
N LYS D 608 50.42 -45.57 -20.72
CA LYS D 608 49.15 -46.26 -20.56
C LYS D 608 49.08 -47.38 -21.60
N LYS D 609 48.78 -48.59 -21.14
CA LYS D 609 48.63 -49.76 -22.02
C LYS D 609 47.15 -49.96 -22.37
N TYR D 610 46.28 -49.71 -21.39
CA TYR D 610 44.83 -49.95 -21.52
C TYR D 610 44.03 -48.66 -21.74
N ASN D 611 44.42 -47.59 -21.07
CA ASN D 611 43.67 -46.31 -21.14
C ASN D 611 44.09 -45.38 -22.28
N SER D 612 43.26 -44.39 -22.53
CA SER D 612 43.52 -43.38 -23.57
C SER D 612 44.22 -42.16 -22.99
N TYR D 613 45.02 -41.52 -23.83
CA TYR D 613 45.79 -40.36 -23.42
C TYR D 613 44.99 -39.08 -23.65
N ASN D 614 45.49 -37.98 -23.09
CA ASN D 614 45.01 -36.62 -23.36
C ASN D 614 43.50 -36.46 -23.21
N ILE D 615 42.94 -36.99 -22.11
CA ILE D 615 41.50 -36.95 -21.91
C ILE D 615 40.99 -35.55 -21.59
N PRO D 616 41.69 -34.82 -20.71
CA PRO D 616 41.24 -33.46 -20.42
C PRO D 616 41.36 -32.55 -21.64
N SER D 617 42.34 -32.82 -22.50
CA SER D 617 42.56 -32.06 -23.73
C SER D 617 41.41 -32.28 -24.72
N ILE D 618 40.89 -33.50 -24.76
CA ILE D 618 39.75 -33.83 -25.59
C ILE D 618 38.50 -33.15 -25.04
N TYR D 619 38.28 -33.31 -23.73
CA TYR D 619 37.14 -32.67 -23.03
C TYR D 619 37.25 -31.14 -23.03
N ALA D 620 38.49 -30.66 -23.15
CA ALA D 620 38.75 -29.25 -23.37
C ALA D 620 38.03 -28.83 -24.64
N LEU D 621 38.38 -29.46 -25.76
CA LEU D 621 37.72 -29.17 -27.04
C LEU D 621 36.22 -29.29 -26.89
N MET D 622 35.77 -30.44 -26.39
CA MET D 622 34.35 -30.73 -26.25
C MET D 622 33.60 -29.57 -25.62
N LEU D 623 34.17 -29.00 -24.58
CA LEU D 623 33.48 -27.95 -23.82
C LEU D 623 33.62 -26.55 -24.44
N THR D 624 34.44 -26.38 -25.48
CA THR D 624 34.65 -25.07 -26.09
C THR D 624 34.17 -24.99 -27.53
N ASN D 625 34.11 -26.13 -28.23
CA ASN D 625 33.72 -26.12 -29.64
C ASN D 625 32.34 -25.55 -29.80
N LYS D 626 32.11 -24.86 -30.92
CA LYS D 626 30.80 -24.29 -31.22
C LYS D 626 29.97 -25.28 -32.04
N ASP D 627 28.66 -25.15 -31.93
CA ASP D 627 27.71 -26.01 -32.63
C ASP D 627 27.92 -27.46 -32.22
N THR D 628 27.76 -27.69 -30.93
CA THR D 628 27.65 -29.04 -30.35
C THR D 628 27.29 -28.98 -28.86
N VAL D 629 26.68 -30.08 -28.39
CA VAL D 629 26.20 -30.20 -27.03
C VAL D 629 26.96 -31.35 -26.36
N PRO D 630 28.13 -31.08 -25.81
CA PRO D 630 28.97 -32.15 -25.31
C PRO D 630 28.26 -32.98 -24.25
N ARG D 631 28.57 -34.28 -24.22
CA ARG D 631 28.08 -35.19 -23.16
C ARG D 631 29.24 -35.71 -22.29
N MET D 632 29.17 -35.39 -20.99
CA MET D 632 30.19 -35.85 -20.05
C MET D 632 29.90 -37.31 -19.72
N TYR D 633 30.96 -38.12 -19.65
CA TYR D 633 30.84 -39.53 -19.25
C TYR D 633 31.22 -39.69 -17.78
N TYR D 634 30.32 -40.31 -17.03
CA TYR D 634 30.54 -40.58 -15.63
C TYR D 634 31.94 -41.16 -15.37
N GLY D 635 32.31 -42.18 -16.16
CA GLY D 635 33.53 -42.96 -15.92
C GLY D 635 34.86 -42.33 -16.30
N ASP D 636 34.81 -41.06 -16.73
CA ASP D 636 36.03 -40.25 -16.88
C ASP D 636 36.18 -39.28 -15.72
N MET D 637 35.15 -39.19 -14.89
CA MET D 637 35.21 -38.38 -13.68
C MET D 637 35.19 -39.22 -12.41
N TYR D 638 34.63 -40.42 -12.48
CA TYR D 638 34.57 -41.29 -11.32
C TYR D 638 35.01 -42.70 -11.64
N GLN D 639 35.73 -43.32 -10.71
CA GLN D 639 36.30 -44.65 -10.91
C GLN D 639 35.30 -45.72 -10.48
N ASP D 640 35.28 -46.83 -11.21
CA ASP D 640 34.33 -47.93 -10.97
C ASP D 640 34.78 -48.92 -9.90
N ASP D 641 35.99 -48.72 -9.36
CA ASP D 641 36.47 -49.59 -8.29
C ASP D 641 35.71 -49.30 -7.00
N GLY D 642 35.46 -48.03 -6.72
CA GLY D 642 34.57 -47.63 -5.65
C GLY D 642 33.12 -47.61 -6.12
N GLN D 643 32.20 -47.31 -5.21
CA GLN D 643 30.77 -47.17 -5.53
C GLN D 643 30.48 -45.87 -6.30
N TYR D 644 29.20 -45.59 -6.53
CA TYR D 644 28.81 -44.48 -7.38
C TYR D 644 29.12 -43.12 -6.76
N MET D 645 30.01 -42.36 -7.40
CA MET D 645 30.51 -41.05 -6.91
C MET D 645 31.26 -41.20 -5.58
N ALA D 646 32.11 -42.22 -5.49
CA ALA D 646 32.89 -42.50 -4.27
C ALA D 646 34.38 -42.22 -4.49
N ASN D 647 34.95 -42.76 -5.57
CA ASN D 647 36.37 -42.55 -5.90
C ASN D 647 36.51 -41.69 -7.12
N LYS D 648 36.79 -40.40 -6.93
CA LYS D 648 36.97 -39.49 -8.08
C LYS D 648 38.20 -39.94 -8.88
N SER D 649 38.23 -39.60 -10.16
CA SER D 649 39.31 -40.02 -11.07
C SER D 649 40.51 -39.07 -11.03
N ILE D 650 41.52 -39.37 -11.84
CA ILE D 650 42.70 -38.53 -12.00
C ILE D 650 42.40 -37.27 -12.84
N TYR D 651 41.33 -37.34 -13.63
CA TYR D 651 40.95 -36.26 -14.55
C TYR D 651 39.85 -35.34 -13.97
N TYR D 652 39.24 -35.74 -12.85
CA TYR D 652 38.09 -35.03 -12.27
C TYR D 652 38.29 -33.54 -12.02
N ASP D 653 39.47 -33.17 -11.53
CA ASP D 653 39.75 -31.75 -11.29
C ASP D 653 39.69 -30.98 -12.58
N ALA D 654 40.38 -31.49 -13.60
CA ALA D 654 40.43 -30.84 -14.90
C ALA D 654 39.03 -30.68 -15.55
N LEU D 655 38.23 -31.73 -15.53
CA LEU D 655 36.89 -31.65 -16.12
C LEU D 655 35.97 -30.68 -15.36
N VAL D 656 35.96 -30.76 -14.03
CA VAL D 656 35.12 -29.86 -13.22
C VAL D 656 35.42 -28.37 -13.54
N SER D 657 36.70 -28.06 -13.72
CA SER D 657 37.13 -26.69 -14.01
C SER D 657 36.79 -26.28 -15.44
N LEU D 658 36.92 -27.21 -16.39
CA LEU D 658 36.48 -26.93 -17.75
C LEU D 658 34.96 -26.65 -17.75
N MET D 659 34.19 -27.48 -17.04
CA MET D 659 32.74 -27.33 -17.02
C MET D 659 32.34 -25.96 -16.51
N THR D 660 33.01 -25.53 -15.43
CA THR D 660 32.77 -24.22 -14.83
C THR D 660 33.03 -23.13 -15.86
N ALA D 661 34.11 -23.28 -16.60
CA ALA D 661 34.55 -22.26 -17.54
C ALA D 661 33.59 -22.13 -18.71
N ARG D 662 32.98 -23.24 -19.14
CA ARG D 662 32.03 -23.22 -20.24
C ARG D 662 30.79 -22.43 -19.85
N LYS D 663 30.28 -22.74 -18.66
CA LYS D 663 29.12 -22.06 -18.08
C LYS D 663 29.31 -20.55 -18.04
N SER D 664 30.46 -20.11 -17.55
CA SER D 664 30.71 -18.69 -17.31
C SER D 664 31.05 -17.94 -18.57
N TYR D 665 32.01 -18.47 -19.34
CA TYR D 665 32.68 -17.71 -20.41
C TYR D 665 32.29 -18.15 -21.84
N VAL D 666 32.34 -19.45 -22.13
CA VAL D 666 32.20 -19.94 -23.51
C VAL D 666 30.89 -19.50 -24.12
N SER D 667 31.00 -18.74 -25.21
CA SER D 667 29.84 -18.23 -25.95
CA SER D 667 29.84 -18.22 -25.95
C SER D 667 30.33 -17.43 -27.16
N GLY D 668 29.42 -17.17 -28.11
CA GLY D 668 29.77 -16.45 -29.32
C GLY D 668 30.46 -17.34 -30.35
N GLY D 669 31.18 -16.72 -31.29
CA GLY D 669 31.74 -17.44 -32.43
C GLY D 669 33.09 -18.05 -32.14
N GLN D 670 33.60 -18.83 -33.08
CA GLN D 670 34.84 -19.59 -32.89
C GLN D 670 35.77 -19.39 -34.07
N THR D 671 37.07 -19.61 -33.84
CA THR D 671 38.08 -19.54 -34.91
C THR D 671 39.27 -20.43 -34.58
N MET D 672 39.31 -21.62 -35.16
CA MET D 672 40.34 -22.60 -34.85
C MET D 672 41.34 -22.70 -36.00
N SER D 673 42.59 -23.06 -35.64
CA SER D 673 43.68 -23.25 -36.61
C SER D 673 44.85 -23.98 -35.95
N VAL D 674 45.60 -24.76 -36.73
CA VAL D 674 46.80 -25.41 -36.21
C VAL D 674 48.04 -24.78 -36.85
N ASP D 675 48.98 -24.39 -36.00
CA ASP D 675 50.08 -23.51 -36.38
C ASP D 675 51.30 -24.27 -36.94
N ASN D 676 52.36 -23.51 -37.21
CA ASN D 676 53.61 -24.04 -37.70
C ASN D 676 54.09 -25.17 -36.80
N HIS D 677 54.05 -24.92 -35.48
CA HIS D 677 54.67 -25.80 -34.47
C HIS D 677 53.84 -26.98 -34.02
N GLY D 678 52.62 -27.12 -34.53
CA GLY D 678 51.80 -28.33 -34.33
C GLY D 678 50.85 -28.24 -33.15
N LEU D 679 50.41 -27.02 -32.85
CA LEU D 679 49.50 -26.76 -31.75
C LEU D 679 48.15 -26.23 -32.23
N LEU D 680 47.07 -26.85 -31.76
CA LEU D 680 45.72 -26.43 -32.11
C LEU D 680 45.33 -25.18 -31.31
N LYS D 681 44.80 -24.19 -32.00
CA LYS D 681 44.51 -22.92 -31.38
C LYS D 681 43.05 -22.63 -31.64
N SER D 682 42.20 -23.03 -30.72
CA SER D 682 40.78 -22.67 -30.76
C SER D 682 40.56 -21.46 -29.87
N VAL D 683 39.67 -20.57 -30.29
CA VAL D 683 39.34 -19.36 -29.50
C VAL D 683 37.85 -19.02 -29.67
N ARG D 684 37.20 -18.70 -28.55
CA ARG D 684 35.82 -18.22 -28.56
C ARG D 684 35.80 -16.79 -28.12
N PHE D 685 35.12 -15.93 -28.87
CA PHE D 685 35.19 -14.49 -28.68
C PHE D 685 34.31 -14.00 -27.54
N GLY D 686 33.10 -14.54 -27.47
CA GLY D 686 32.15 -14.16 -26.43
C GLY D 686 30.82 -13.78 -27.02
N LYS D 687 29.79 -13.78 -26.16
CA LYS D 687 28.40 -13.45 -26.55
C LYS D 687 28.37 -12.22 -27.47
N ASP D 688 27.56 -12.30 -28.52
CA ASP D 688 27.49 -11.21 -29.49
C ASP D 688 28.65 -11.26 -30.49
N ALA D 689 29.88 -11.33 -29.99
CA ALA D 689 31.05 -11.33 -30.88
C ALA D 689 31.08 -12.62 -31.71
N MET D 690 30.91 -12.49 -33.02
CA MET D 690 30.83 -13.65 -33.91
C MET D 690 32.08 -13.82 -34.78
N THR D 691 32.81 -12.73 -35.03
CA THR D 691 34.12 -12.80 -35.69
C THR D 691 35.15 -11.92 -35.00
N ALA D 692 36.42 -12.09 -35.37
CA ALA D 692 37.51 -11.34 -34.73
C ALA D 692 37.28 -9.84 -34.73
N ASN D 693 36.78 -9.32 -35.87
CA ASN D 693 36.61 -7.89 -36.08
C ASN D 693 35.47 -7.28 -35.28
N ASP D 694 34.47 -8.09 -34.94
CA ASP D 694 33.25 -7.59 -34.28
C ASP D 694 33.56 -7.16 -32.87
N LEU D 695 32.85 -6.14 -32.41
CA LEU D 695 33.11 -5.48 -31.13
C LEU D 695 32.28 -6.05 -29.97
N GLY D 696 31.01 -6.38 -30.26
CA GLY D 696 30.10 -7.04 -29.29
C GLY D 696 29.58 -6.11 -28.21
N THR D 697 28.68 -6.61 -27.36
CA THR D 697 28.15 -5.81 -26.23
C THR D 697 29.14 -5.71 -25.06
N SER D 698 28.70 -5.01 -24.01
CA SER D 698 29.52 -4.83 -22.82
C SER D 698 29.82 -6.16 -22.14
N ALA D 699 28.85 -7.06 -22.10
CA ALA D 699 29.05 -8.41 -21.56
C ALA D 699 30.16 -9.18 -22.30
N THR D 700 30.37 -8.89 -23.59
CA THR D 700 31.40 -9.56 -24.40
C THR D 700 32.81 -9.36 -23.86
N ARG D 701 33.01 -8.33 -23.05
CA ARG D 701 34.33 -8.01 -22.51
C ARG D 701 34.91 -9.13 -21.63
N THR D 702 34.10 -9.67 -20.74
CA THR D 702 34.59 -10.67 -19.79
C THR D 702 34.03 -12.04 -20.14
N GLU D 703 34.12 -12.38 -21.42
CA GLU D 703 33.57 -13.64 -21.93
C GLU D 703 34.37 -14.16 -23.12
N GLY D 704 34.26 -15.46 -23.37
CA GLY D 704 35.03 -16.12 -24.43
C GLY D 704 36.44 -16.47 -23.98
N LEU D 705 36.84 -17.71 -24.24
CA LEU D 705 38.14 -18.21 -23.82
C LEU D 705 38.94 -18.73 -25.01
N GLY D 706 40.21 -19.03 -24.74
CA GLY D 706 41.12 -19.57 -25.74
C GLY D 706 41.75 -20.84 -25.23
N VAL D 707 42.03 -21.74 -26.18
CA VAL D 707 42.58 -23.06 -25.88
C VAL D 707 43.83 -23.35 -26.73
N ILE D 708 44.86 -23.93 -26.09
CA ILE D 708 46.06 -24.39 -26.79
C ILE D 708 46.28 -25.89 -26.51
N ILE D 709 46.11 -26.74 -27.51
CA ILE D 709 46.36 -28.17 -27.33
C ILE D 709 47.46 -28.66 -28.27
N GLY D 710 48.35 -29.50 -27.75
CA GLY D 710 49.45 -30.07 -28.53
C GLY D 710 49.67 -31.52 -28.18
N ASN D 711 49.80 -32.37 -29.21
CA ASN D 711 49.93 -33.82 -29.03
C ASN D 711 51.37 -34.34 -29.12
N ASP D 712 52.34 -33.44 -29.04
CA ASP D 712 53.75 -33.81 -29.09
C ASP D 712 54.32 -33.62 -27.71
N PRO D 713 54.67 -34.71 -27.06
CA PRO D 713 55.19 -34.59 -25.72
C PRO D 713 56.68 -34.24 -25.71
N LYS D 714 57.36 -34.38 -26.84
CA LYS D 714 58.78 -34.12 -26.90
C LYS D 714 59.04 -32.73 -27.49
N LEU D 715 58.01 -31.89 -27.55
CA LEU D 715 58.13 -30.56 -28.16
C LEU D 715 58.99 -29.59 -27.36
N GLN D 716 59.95 -28.95 -28.02
CA GLN D 716 60.76 -27.90 -27.42
C GLN D 716 60.94 -26.71 -28.36
N LEU D 717 60.01 -25.77 -28.30
CA LEU D 717 60.12 -24.49 -29.04
C LEU D 717 61.44 -23.79 -28.78
N ASN D 718 62.12 -23.35 -29.85
CA ASN D 718 63.35 -22.58 -29.66
C ASN D 718 63.00 -21.13 -29.33
N ASP D 719 63.91 -20.43 -28.66
CA ASP D 719 63.62 -19.17 -27.96
C ASP D 719 62.99 -18.12 -28.88
N SER D 720 63.46 -18.08 -30.13
CA SER D 720 62.89 -17.19 -31.14
C SER D 720 61.38 -17.44 -31.33
N ASP D 721 60.96 -18.71 -31.35
CA ASP D 721 59.57 -19.08 -31.64
C ASP D 721 58.57 -18.43 -30.67
N LYS D 722 57.36 -18.22 -31.20
CA LYS D 722 56.25 -17.60 -30.46
C LYS D 722 54.93 -18.27 -30.84
N VAL D 723 54.13 -18.62 -29.82
CA VAL D 723 52.77 -19.09 -30.02
C VAL D 723 51.84 -17.94 -29.72
N THR D 724 50.75 -17.82 -30.47
CA THR D 724 49.80 -16.74 -30.23
C THR D 724 48.38 -17.23 -30.17
N LEU D 725 47.52 -16.39 -29.58
CA LEU D 725 46.09 -16.63 -29.55
C LEU D 725 45.43 -15.30 -29.76
N ASP D 726 44.69 -15.17 -30.86
CA ASP D 726 44.02 -13.92 -31.23
C ASP D 726 42.62 -13.88 -30.65
N MET D 727 42.51 -13.20 -29.51
CA MET D 727 41.30 -13.23 -28.68
C MET D 727 40.12 -12.45 -29.29
N GLY D 728 40.42 -11.57 -30.26
CA GLY D 728 39.40 -10.78 -30.96
C GLY D 728 39.52 -9.30 -30.72
N ALA D 729 38.86 -8.54 -31.59
CA ALA D 729 38.85 -7.07 -31.49
C ALA D 729 38.19 -6.58 -30.20
N ALA D 730 37.38 -7.43 -29.59
CA ALA D 730 36.68 -7.08 -28.35
C ALA D 730 37.54 -7.21 -27.10
N HIS D 731 38.82 -7.54 -27.27
CA HIS D 731 39.71 -7.81 -26.13
C HIS D 731 41.07 -7.14 -26.25
N LYS D 732 41.08 -5.94 -26.81
CA LYS D 732 42.34 -5.22 -27.02
C LYS D 732 42.87 -4.79 -25.65
N ASN D 733 44.14 -5.11 -25.38
CA ASN D 733 44.79 -4.70 -24.13
C ASN D 733 44.03 -5.09 -22.85
N GLN D 734 43.88 -6.39 -22.65
CA GLN D 734 43.13 -6.93 -21.51
C GLN D 734 43.98 -7.94 -20.73
N LYS D 735 43.72 -8.05 -19.43
CA LYS D 735 44.37 -9.05 -18.60
C LYS D 735 43.57 -10.33 -18.80
N TYR D 736 44.28 -11.45 -18.89
CA TYR D 736 43.68 -12.78 -18.96
C TYR D 736 44.28 -13.63 -17.85
N ARG D 737 43.48 -14.54 -17.31
CA ARG D 737 43.94 -15.47 -16.29
C ARG D 737 43.68 -16.91 -16.71
N ALA D 738 44.46 -17.82 -16.11
CA ALA D 738 44.46 -19.23 -16.50
C ALA D 738 43.34 -19.99 -15.81
N VAL D 739 42.80 -20.98 -16.51
CA VAL D 739 41.92 -21.99 -15.90
C VAL D 739 42.62 -23.35 -15.84
N ILE D 740 43.30 -23.71 -16.93
CA ILE D 740 44.19 -24.87 -16.94
C ILE D 740 45.60 -24.49 -17.41
N LEU D 741 46.60 -25.10 -16.80
CA LEU D 741 47.99 -24.93 -17.22
C LEU D 741 48.73 -26.23 -17.00
N THR D 742 49.55 -26.61 -17.96
CA THR D 742 50.26 -27.88 -17.89
C THR D 742 51.40 -27.78 -16.86
N THR D 743 51.53 -28.79 -16.00
CA THR D 743 52.71 -28.95 -15.14
C THR D 743 53.43 -30.27 -15.44
N ARG D 744 54.66 -30.41 -14.94
CA ARG D 744 55.40 -31.68 -15.06
C ARG D 744 54.58 -32.85 -14.51
N ASP D 745 53.93 -32.64 -13.36
CA ASP D 745 53.18 -33.70 -12.69
C ASP D 745 51.83 -33.94 -13.34
N GLY D 746 51.10 -32.88 -13.65
CA GLY D 746 49.75 -33.02 -14.21
C GLY D 746 49.20 -31.74 -14.82
N LEU D 747 48.11 -31.24 -14.25
CA LEU D 747 47.46 -30.01 -14.72
C LEU D 747 47.02 -29.14 -13.56
N ALA D 748 47.53 -27.90 -13.50
CA ALA D 748 47.15 -26.96 -12.46
C ALA D 748 45.83 -26.31 -12.86
N THR D 749 44.79 -26.55 -12.06
CA THR D 749 43.45 -25.99 -12.33
C THR D 749 43.13 -24.76 -11.47
N PHE D 750 42.33 -23.86 -12.04
CA PHE D 750 41.96 -22.59 -11.41
C PHE D 750 40.52 -22.20 -11.72
N ASN D 751 39.68 -22.19 -10.68
CA ASN D 751 38.26 -21.91 -10.87
C ASN D 751 37.88 -20.46 -10.57
N SER D 752 38.89 -19.59 -10.52
CA SER D 752 38.71 -18.20 -10.09
C SER D 752 39.82 -17.34 -10.65
N ASP D 753 39.66 -16.02 -10.55
CA ASP D 753 40.70 -15.09 -10.98
C ASP D 753 42.04 -15.27 -10.23
N GLN D 754 41.96 -15.73 -8.98
CA GLN D 754 43.15 -16.02 -8.18
C GLN D 754 43.93 -17.10 -8.93
N ALA D 755 44.76 -16.66 -9.87
CA ALA D 755 45.54 -17.56 -10.75
C ALA D 755 46.69 -16.85 -11.49
N PRO D 756 47.49 -17.62 -12.26
CA PRO D 756 48.47 -17.01 -13.17
C PRO D 756 47.81 -16.21 -14.30
N THR D 757 48.40 -15.05 -14.61
CA THR D 757 47.79 -14.07 -15.51
C THR D 757 48.79 -13.52 -16.51
N ALA D 758 48.30 -13.18 -17.71
CA ALA D 758 49.13 -12.62 -18.80
C ALA D 758 48.34 -11.76 -19.79
N TRP D 759 48.84 -10.55 -20.06
CA TRP D 759 48.13 -9.53 -20.86
C TRP D 759 48.10 -9.76 -22.36
N THR D 760 47.26 -8.99 -23.05
CA THR D 760 47.12 -9.06 -24.52
C THR D 760 47.56 -7.74 -25.14
N ASN D 761 48.14 -7.81 -26.35
CA ASN D 761 48.65 -6.61 -27.01
C ASN D 761 47.54 -5.69 -27.56
N ASP D 762 47.95 -4.61 -28.23
CA ASP D 762 47.03 -3.64 -28.84
C ASP D 762 46.10 -4.26 -29.87
N GLN D 763 46.58 -5.29 -30.58
CA GLN D 763 45.74 -6.07 -31.49
C GLN D 763 44.75 -6.96 -30.73
N GLY D 764 45.15 -7.41 -29.53
CA GLY D 764 44.32 -8.30 -28.69
C GLY D 764 44.77 -9.75 -28.76
N THR D 765 46.09 -9.97 -28.65
CA THR D 765 46.71 -11.27 -28.92
C THR D 765 47.59 -11.68 -27.76
N LEU D 766 47.40 -12.91 -27.28
CA LEU D 766 48.15 -13.46 -26.14
C LEU D 766 49.38 -14.19 -26.62
N THR D 767 50.53 -13.53 -26.49
CA THR D 767 51.78 -14.07 -26.99
C THR D 767 52.46 -14.96 -25.95
N PHE D 768 52.74 -16.22 -26.35
CA PHE D 768 53.40 -17.23 -25.50
C PHE D 768 54.73 -17.72 -26.06
N SER D 769 55.57 -18.22 -25.17
CA SER D 769 56.91 -18.70 -25.54
C SER D 769 57.43 -19.78 -24.59
N ASN D 770 58.56 -20.38 -24.96
CA ASN D 770 59.20 -21.40 -24.12
C ASN D 770 59.60 -20.85 -22.74
N GLN D 771 59.69 -19.53 -22.65
CA GLN D 771 59.95 -18.82 -21.39
C GLN D 771 58.66 -18.53 -20.64
N GLU D 772 58.79 -18.38 -19.32
CA GLU D 772 57.68 -18.11 -18.41
C GLU D 772 57.16 -16.68 -18.56
N ILE D 773 55.85 -16.52 -18.34
CA ILE D 773 55.19 -15.22 -18.48
C ILE D 773 55.38 -14.39 -17.21
N ASN D 774 56.41 -13.54 -17.23
CA ASN D 774 56.78 -12.70 -16.09
C ASN D 774 57.06 -13.54 -14.82
N GLY D 775 57.91 -14.54 -14.98
CA GLY D 775 58.35 -15.38 -13.87
C GLY D 775 57.28 -16.26 -13.23
N GLN D 776 56.23 -16.56 -13.99
CA GLN D 776 55.13 -17.40 -13.50
C GLN D 776 55.27 -18.83 -13.98
N ASP D 777 55.77 -19.70 -13.12
CA ASP D 777 56.05 -21.09 -13.48
C ASP D 777 54.86 -21.78 -14.16
N ASN D 778 55.14 -22.89 -14.83
CA ASN D 778 54.13 -23.70 -15.49
C ASN D 778 53.21 -22.95 -16.49
N THR D 779 53.56 -21.70 -16.83
CA THR D 779 52.79 -20.93 -17.82
C THR D 779 53.47 -20.95 -19.19
N GLN D 780 54.66 -21.53 -19.27
CA GLN D 780 55.35 -21.66 -20.55
C GLN D 780 54.76 -22.80 -21.38
N ILE D 781 54.93 -22.71 -22.71
CA ILE D 781 54.52 -23.76 -23.62
C ILE D 781 55.70 -24.70 -23.81
N ARG D 782 55.48 -25.98 -23.53
CA ARG D 782 56.49 -27.00 -23.82
C ARG D 782 55.92 -28.38 -23.68
N GLY D 783 56.45 -29.31 -24.48
CA GLY D 783 55.94 -30.68 -24.48
C GLY D 783 56.09 -31.33 -23.13
N VAL D 784 55.09 -32.08 -22.70
CA VAL D 784 55.14 -32.75 -21.40
C VAL D 784 54.43 -34.08 -21.51
N ALA D 785 54.98 -35.10 -20.85
CA ALA D 785 54.35 -36.43 -20.82
C ALA D 785 54.07 -36.78 -19.38
N ASN D 786 52.86 -36.47 -18.93
CA ASN D 786 52.37 -36.86 -17.61
C ASN D 786 51.02 -37.58 -17.75
N PRO D 787 50.50 -38.11 -16.64
CA PRO D 787 49.27 -38.90 -16.76
C PRO D 787 48.11 -38.12 -17.38
N GLN D 788 47.97 -36.85 -17.01
CA GLN D 788 46.84 -36.01 -17.41
C GLN D 788 47.03 -35.33 -18.76
N VAL D 789 48.25 -35.37 -19.31
CA VAL D 789 48.49 -34.80 -20.62
C VAL D 789 49.81 -35.24 -21.23
N SER D 790 49.76 -35.80 -22.44
CA SER D 790 50.97 -36.16 -23.18
C SER D 790 51.13 -35.21 -24.37
N GLY D 791 51.50 -33.97 -24.06
CA GLY D 791 51.79 -32.96 -25.07
C GLY D 791 51.75 -31.58 -24.46
N TYR D 792 50.64 -30.86 -24.69
CA TYR D 792 50.38 -29.57 -24.02
C TYR D 792 48.90 -29.20 -24.01
N LEU D 793 48.44 -28.66 -22.88
CA LEU D 793 47.07 -28.15 -22.73
C LEU D 793 47.11 -26.91 -21.84
N ALA D 794 46.43 -25.86 -22.31
CA ALA D 794 46.36 -24.57 -21.61
C ALA D 794 45.11 -23.84 -22.03
N VAL D 795 44.28 -23.48 -21.05
CA VAL D 795 43.02 -22.76 -21.30
C VAL D 795 43.00 -21.41 -20.57
N TRP D 796 42.67 -20.33 -21.29
CA TRP D 796 42.80 -18.98 -20.76
C TRP D 796 41.50 -18.23 -20.86
N VAL D 797 41.16 -17.50 -19.79
CA VAL D 797 39.90 -16.74 -19.70
C VAL D 797 40.12 -15.30 -19.23
N PRO D 798 39.24 -14.36 -19.65
CA PRO D 798 39.40 -12.93 -19.34
C PRO D 798 39.19 -12.58 -17.86
N VAL D 799 40.20 -11.89 -17.30
CA VAL D 799 40.24 -11.47 -15.87
C VAL D 799 39.09 -10.54 -15.50
N GLY D 800 38.62 -10.64 -14.26
CA GLY D 800 37.47 -9.86 -13.80
C GLY D 800 36.16 -10.45 -14.28
N ALA D 801 35.88 -11.69 -13.88
CA ALA D 801 34.60 -12.35 -14.16
C ALA D 801 33.58 -12.03 -13.07
N SER D 802 32.29 -11.94 -13.43
CA SER D 802 31.21 -11.65 -12.45
C SER D 802 30.87 -12.84 -11.53
N ASP D 803 30.63 -12.53 -10.25
CA ASP D 803 30.36 -13.55 -9.22
C ASP D 803 29.14 -14.42 -9.54
N ASN D 804 28.23 -13.87 -10.37
CA ASN D 804 27.10 -14.60 -10.93
C ASN D 804 27.06 -14.44 -12.45
N GLN D 805 28.17 -14.69 -13.13
CA GLN D 805 28.26 -14.58 -14.61
C GLN D 805 27.64 -15.79 -15.35
N ASP D 806 27.21 -15.60 -16.60
CA ASP D 806 26.64 -16.68 -17.44
C ASP D 806 26.64 -16.38 -18.96
N ALA D 807 27.55 -17.00 -19.69
CA ALA D 807 27.70 -16.77 -21.14
C ALA D 807 26.60 -17.42 -21.98
N ARG D 808 25.89 -18.37 -21.37
CA ARG D 808 24.82 -19.07 -22.07
C ARG D 808 23.74 -18.11 -22.55
N THR D 809 23.12 -18.45 -23.67
CA THR D 809 22.01 -17.69 -24.19
C THR D 809 20.71 -18.43 -23.92
N ALA D 810 19.65 -17.68 -23.63
CA ALA D 810 18.34 -18.26 -23.38
C ALA D 810 17.65 -18.73 -24.67
N ALA D 811 16.83 -19.76 -24.54
CA ALA D 811 16.03 -20.29 -25.64
C ALA D 811 14.84 -19.36 -25.79
N THR D 812 14.65 -18.82 -27.00
CA THR D 812 13.55 -17.89 -27.26
C THR D 812 12.21 -18.63 -27.36
N THR D 813 11.12 -17.91 -27.15
CA THR D 813 9.75 -18.49 -27.23
C THR D 813 9.10 -18.22 -28.59
N THR D 814 9.90 -17.73 -29.53
CA THR D 814 9.47 -17.35 -30.89
C THR D 814 9.00 -18.57 -31.65
N GLU D 815 8.10 -18.37 -32.60
CA GLU D 815 7.55 -19.46 -33.40
C GLU D 815 8.53 -19.99 -34.47
N ASN D 816 8.43 -21.30 -34.75
CA ASN D 816 9.11 -21.97 -35.88
C ASN D 816 8.09 -22.67 -36.78
N HIS D 817 7.98 -22.23 -38.02
CA HIS D 817 7.12 -22.89 -39.00
C HIS D 817 7.92 -23.60 -40.07
N ASP D 818 9.26 -23.66 -39.92
CA ASP D 818 10.16 -24.27 -40.93
C ASP D 818 10.09 -25.80 -41.00
N GLY D 819 9.77 -26.43 -39.87
CA GLY D 819 9.58 -27.89 -39.82
C GLY D 819 10.61 -28.67 -39.02
N LYS D 820 11.80 -28.08 -38.82
CA LYS D 820 12.79 -28.69 -37.94
C LYS D 820 12.41 -28.50 -36.45
N VAL D 821 12.86 -29.42 -35.62
CA VAL D 821 12.67 -29.29 -34.18
C VAL D 821 13.84 -28.47 -33.59
N LEU D 822 15.02 -29.09 -33.65
CA LEU D 822 16.28 -28.58 -33.07
C LEU D 822 17.10 -27.82 -34.10
N HIS D 823 17.67 -26.70 -33.67
CA HIS D 823 18.53 -25.91 -34.51
C HIS D 823 19.80 -25.74 -33.76
N SER D 824 20.93 -25.73 -34.46
CA SER D 824 22.24 -25.52 -33.84
C SER D 824 22.50 -24.02 -33.69
N ASN D 825 22.56 -23.53 -32.45
CA ASN D 825 22.73 -22.09 -32.18
C ASN D 825 23.11 -21.90 -30.72
N ALA D 826 23.29 -20.66 -30.28
CA ALA D 826 23.67 -20.35 -28.90
C ALA D 826 22.82 -21.06 -27.82
N ALA D 827 21.50 -20.99 -27.96
CA ALA D 827 20.59 -21.56 -26.97
C ALA D 827 20.83 -23.07 -26.75
N LEU D 828 21.05 -23.79 -27.85
CA LEU D 828 21.28 -25.22 -27.84
C LEU D 828 22.66 -25.55 -27.29
N ASP D 829 23.67 -24.79 -27.73
CA ASP D 829 25.04 -25.02 -27.29
C ASP D 829 25.15 -24.76 -25.80
N SER D 830 24.25 -23.95 -25.25
CA SER D 830 24.18 -23.69 -23.80
C SER D 830 23.77 -24.92 -22.97
N ASN D 831 23.30 -25.98 -23.62
CA ASN D 831 22.96 -27.22 -22.92
C ASN D 831 24.17 -28.14 -22.82
N LEU D 832 24.19 -28.94 -21.75
CA LEU D 832 25.27 -29.86 -21.42
C LEU D 832 24.62 -31.17 -20.93
N ILE D 833 25.00 -32.27 -21.57
CA ILE D 833 24.45 -33.60 -21.26
C ILE D 833 25.43 -34.34 -20.35
N TYR D 834 24.90 -35.19 -19.48
CA TYR D 834 25.71 -35.96 -18.56
C TYR D 834 25.23 -37.40 -18.61
N GLU D 835 26.11 -38.32 -19.02
CA GLU D 835 25.77 -39.74 -19.05
C GLU D 835 26.08 -40.34 -17.68
N GLY D 836 25.05 -40.54 -16.87
CA GLY D 836 25.23 -40.74 -15.43
C GLY D 836 25.25 -42.18 -15.00
N PHE D 837 26.15 -42.94 -15.58
CA PHE D 837 26.34 -44.31 -15.18
C PHE D 837 27.46 -44.96 -15.97
N SER D 838 27.83 -46.17 -15.55
CA SER D 838 28.70 -47.03 -16.34
C SER D 838 28.27 -48.47 -16.27
N ASN D 839 28.83 -49.27 -17.16
CA ASN D 839 28.50 -50.67 -17.19
C ASN D 839 29.14 -51.38 -16.01
N PHE D 840 30.40 -51.04 -15.72
CA PHE D 840 31.20 -51.81 -14.75
C PHE D 840 31.15 -51.26 -13.30
N GLN D 841 29.99 -50.77 -12.92
CA GLN D 841 29.76 -50.33 -11.56
C GLN D 841 29.59 -51.55 -10.67
N PRO D 842 30.03 -51.43 -9.42
CA PRO D 842 29.83 -52.50 -8.45
C PRO D 842 28.40 -52.51 -7.90
N LYS D 843 27.93 -53.66 -7.39
CA LYS D 843 26.60 -53.75 -6.79
C LYS D 843 26.61 -53.02 -5.45
N ALA D 844 25.49 -52.36 -5.12
CA ALA D 844 25.38 -51.61 -3.87
C ALA D 844 25.19 -52.53 -2.67
N THR D 845 25.97 -52.27 -1.62
CA THR D 845 25.91 -53.03 -0.38
C THR D 845 24.87 -52.48 0.60
N THR D 846 24.68 -51.17 0.60
CA THR D 846 23.66 -50.54 1.44
C THR D 846 22.76 -49.69 0.57
N HIS D 847 21.69 -49.15 1.16
CA HIS D 847 20.77 -48.28 0.45
C HIS D 847 21.46 -47.01 0.02
N ASP D 848 22.37 -46.50 0.85
CA ASP D 848 23.01 -45.21 0.58
C ASP D 848 24.00 -45.22 -0.58
N GLU D 849 24.53 -46.40 -0.92
CA GLU D 849 25.48 -46.54 -2.03
C GLU D 849 24.78 -46.66 -3.37
N LEU D 850 23.47 -46.94 -3.33
CA LEU D 850 22.64 -47.04 -4.54
C LEU D 850 22.84 -45.83 -5.43
N THR D 851 22.82 -46.04 -6.75
CA THR D 851 23.13 -44.96 -7.69
C THR D 851 22.11 -43.84 -7.59
N ASN D 852 20.83 -44.20 -7.60
CA ASN D 852 19.75 -43.22 -7.67
C ASN D 852 19.49 -42.50 -6.37
N VAL D 853 20.02 -43.03 -5.27
CA VAL D 853 19.99 -42.36 -3.98
C VAL D 853 21.02 -41.22 -3.91
N VAL D 854 22.19 -41.47 -4.50
CA VAL D 854 23.29 -40.52 -4.54
C VAL D 854 23.07 -39.40 -5.54
N ILE D 855 22.53 -39.75 -6.72
CA ILE D 855 22.27 -38.77 -7.77
C ILE D 855 21.35 -37.69 -7.24
N ALA D 856 20.23 -38.13 -6.68
CA ALA D 856 19.32 -37.22 -5.98
C ALA D 856 20.01 -36.49 -4.79
N LYS D 857 20.87 -37.20 -4.05
CA LYS D 857 21.66 -36.58 -2.97
C LYS D 857 22.47 -35.38 -3.49
N ASN D 858 23.07 -35.54 -4.67
CA ASN D 858 23.99 -34.55 -5.23
C ASN D 858 23.42 -33.81 -6.45
N ALA D 859 22.10 -33.69 -6.52
CA ALA D 859 21.44 -33.10 -7.68
C ALA D 859 21.93 -31.66 -7.94
N ASP D 860 22.26 -30.97 -6.85
CA ASP D 860 22.67 -29.58 -6.90
C ASP D 860 24.09 -29.49 -7.46
N VAL D 861 24.93 -30.46 -7.10
CA VAL D 861 26.31 -30.49 -7.61
C VAL D 861 26.34 -30.62 -9.15
N PHE D 862 25.37 -31.32 -9.74
CA PHE D 862 25.25 -31.39 -11.22
C PHE D 862 24.82 -30.08 -11.82
N ASN D 863 23.84 -29.45 -11.18
CA ASN D 863 23.39 -28.11 -11.59
C ASN D 863 24.53 -27.09 -11.52
N ASN D 864 25.35 -27.21 -10.48
CA ASN D 864 26.48 -26.31 -10.23
C ASN D 864 27.55 -26.36 -11.35
N TRP D 865 27.65 -27.49 -12.06
CA TRP D 865 28.52 -27.67 -13.26
C TRP D 865 27.94 -27.19 -14.55
N GLY D 866 26.64 -26.95 -14.54
CA GLY D 866 25.95 -26.43 -15.70
C GLY D 866 25.31 -27.54 -16.50
N ILE D 867 24.99 -28.66 -15.86
CA ILE D 867 24.28 -29.74 -16.53
C ILE D 867 22.81 -29.35 -16.74
N THR D 868 22.27 -29.75 -17.88
CA THR D 868 20.89 -29.45 -18.22
C THR D 868 20.14 -30.75 -18.51
N SER D 869 20.66 -31.58 -19.42
CA SER D 869 20.02 -32.87 -19.77
C SER D 869 20.77 -34.07 -19.12
N PHE D 870 20.27 -34.48 -17.96
CA PHE D 870 20.85 -35.61 -17.23
C PHE D 870 20.39 -36.91 -17.85
N GLU D 871 21.31 -37.65 -18.46
CA GLU D 871 20.95 -38.90 -19.11
C GLU D 871 21.14 -40.09 -18.20
N MET D 872 20.07 -40.58 -17.59
CA MET D 872 20.17 -41.73 -16.71
C MET D 872 20.28 -42.97 -17.56
N ALA D 873 20.94 -44.00 -17.04
CA ALA D 873 20.90 -45.33 -17.68
C ALA D 873 19.45 -45.83 -17.82
N PRO D 874 19.22 -46.86 -18.64
CA PRO D 874 17.89 -47.48 -18.68
C PRO D 874 17.53 -48.12 -17.33
N GLN D 875 16.41 -47.72 -16.73
CA GLN D 875 16.11 -48.12 -15.35
C GLN D 875 15.33 -49.45 -15.24
N TYR D 876 15.52 -50.32 -16.21
CA TYR D 876 14.72 -51.55 -16.34
C TYR D 876 15.43 -52.71 -15.69
N ARG D 877 14.66 -53.61 -15.09
CA ARG D 877 15.22 -54.75 -14.40
C ARG D 877 15.90 -55.73 -15.35
N SER D 878 17.19 -55.95 -15.14
CA SER D 878 18.00 -56.83 -15.99
C SER D 878 17.57 -58.30 -15.93
N SER D 879 17.92 -59.04 -16.96
CA SER D 879 17.53 -60.43 -17.02
C SER D 879 18.45 -61.24 -16.13
N GLY D 880 19.69 -60.79 -15.98
CA GLY D 880 20.65 -61.52 -15.17
C GLY D 880 20.72 -62.97 -15.61
N ASP D 881 21.01 -63.16 -16.89
CA ASP D 881 21.19 -64.49 -17.43
C ASP D 881 22.60 -64.68 -17.98
N HIS D 882 23.50 -63.73 -17.77
CA HIS D 882 24.91 -63.89 -18.19
C HIS D 882 25.11 -64.31 -19.64
N THR D 883 24.07 -64.10 -20.45
CA THR D 883 24.15 -64.36 -21.87
C THR D 883 25.08 -63.35 -22.53
N PHE D 884 25.02 -62.11 -22.07
CA PHE D 884 25.79 -61.01 -22.65
C PHE D 884 26.20 -60.04 -21.56
N LEU D 885 27.25 -59.29 -21.82
CA LEU D 885 27.80 -58.32 -20.88
C LEU D 885 26.72 -57.50 -20.20
N ASP D 886 25.73 -57.08 -20.98
CA ASP D 886 24.61 -56.24 -20.49
C ASP D 886 23.83 -56.94 -19.35
N SER D 887 23.55 -58.21 -19.54
CA SER D 887 22.87 -58.99 -18.52
C SER D 887 23.83 -59.43 -17.43
N THR D 888 25.14 -59.36 -17.71
CA THR D 888 26.19 -59.85 -16.80
C THR D 888 26.58 -58.87 -15.69
N ILE D 889 26.44 -57.58 -15.97
CA ILE D 889 26.63 -56.53 -14.95
C ILE D 889 25.40 -55.64 -14.84
N ASP D 890 24.26 -56.18 -15.26
CA ASP D 890 22.94 -55.55 -15.10
C ASP D 890 22.93 -54.03 -15.26
N ASN D 891 23.42 -53.57 -16.41
CA ASN D 891 23.47 -52.14 -16.75
C ASN D 891 22.14 -51.61 -17.20
N GLY D 892 21.16 -52.49 -17.38
CA GLY D 892 19.78 -52.08 -17.65
C GLY D 892 19.36 -52.18 -19.11
N TYR D 893 20.26 -52.61 -19.99
CA TYR D 893 19.94 -52.81 -21.41
C TYR D 893 19.49 -54.23 -21.71
N ALA D 894 19.73 -55.16 -20.78
CA ALA D 894 19.31 -56.55 -20.96
C ALA D 894 18.18 -56.95 -19.99
N PHE D 895 16.93 -56.82 -20.42
CA PHE D 895 15.74 -56.96 -19.58
C PHE D 895 14.68 -57.90 -20.21
N THR D 896 13.78 -58.43 -19.37
CA THR D 896 12.64 -59.21 -19.86
C THR D 896 11.33 -58.45 -19.76
N ASP D 897 11.09 -57.88 -18.58
CA ASP D 897 9.90 -57.05 -18.31
C ASP D 897 10.24 -55.57 -18.39
N ARG D 898 9.96 -54.96 -19.55
CA ARG D 898 10.39 -53.60 -19.83
C ARG D 898 9.51 -52.51 -19.24
N TYR D 899 8.43 -52.88 -18.58
CA TYR D 899 7.68 -51.93 -17.77
C TYR D 899 8.19 -51.92 -16.33
N ASP D 900 9.01 -52.91 -15.97
CA ASP D 900 9.50 -53.07 -14.62
C ASP D 900 10.72 -52.20 -14.40
N LEU D 901 10.55 -51.08 -13.70
CA LEU D 901 11.66 -50.18 -13.39
C LEU D 901 12.04 -50.20 -11.90
N GLY D 902 12.04 -51.39 -11.31
CA GLY D 902 12.54 -51.58 -9.95
C GLY D 902 11.45 -51.65 -8.92
N PHE D 903 10.34 -52.29 -9.28
CA PHE D 903 9.24 -52.49 -8.33
C PHE D 903 9.57 -53.61 -7.34
N ASN D 904 9.18 -53.41 -6.09
CA ASN D 904 9.40 -54.41 -5.05
C ASN D 904 10.87 -54.51 -4.68
N THR D 905 11.59 -55.37 -5.39
CA THR D 905 13.00 -55.52 -5.19
C THR D 905 13.63 -54.42 -6.05
N PRO D 906 14.88 -54.01 -5.74
CA PRO D 906 15.56 -52.92 -6.47
C PRO D 906 16.30 -53.39 -7.73
N THR D 907 16.47 -52.47 -8.70
CA THR D 907 17.39 -52.65 -9.83
C THR D 907 18.83 -52.38 -9.35
N LYS D 908 19.80 -52.36 -10.25
CA LYS D 908 21.17 -52.01 -9.90
C LYS D 908 21.23 -50.59 -9.35
N TYR D 909 20.36 -49.74 -9.90
CA TYR D 909 20.40 -48.31 -9.61
C TYR D 909 19.45 -47.97 -8.46
N GLY D 910 18.29 -48.62 -8.43
CA GLY D 910 17.38 -48.46 -7.31
C GLY D 910 15.96 -48.86 -7.62
N THR D 911 15.12 -48.81 -6.59
CA THR D 911 13.72 -49.11 -6.71
C THR D 911 12.98 -48.00 -7.45
N ASP D 912 11.72 -48.28 -7.80
CA ASP D 912 10.83 -47.33 -8.45
C ASP D 912 10.66 -46.06 -7.62
N GLY D 913 10.72 -46.22 -6.29
CA GLY D 913 10.64 -45.09 -5.37
C GLY D 913 11.89 -44.24 -5.40
N ASP D 914 13.04 -44.89 -5.39
CA ASP D 914 14.31 -44.16 -5.46
C ASP D 914 14.40 -43.38 -6.79
N LEU D 915 13.85 -43.97 -7.87
CA LEU D 915 13.83 -43.38 -9.23
C LEU D 915 12.96 -42.11 -9.34
N ARG D 916 11.81 -42.12 -8.69
CA ARG D 916 10.98 -40.90 -8.55
C ARG D 916 11.60 -39.89 -7.58
N ALA D 917 12.26 -40.41 -6.55
CA ALA D 917 13.10 -39.63 -5.68
C ALA D 917 14.11 -38.84 -6.52
N THR D 918 14.80 -39.57 -7.40
CA THR D 918 15.82 -39.02 -8.28
C THR D 918 15.27 -37.98 -9.23
N ILE D 919 14.34 -38.39 -10.08
CA ILE D 919 13.86 -37.53 -11.15
C ILE D 919 13.42 -36.19 -10.59
N GLN D 920 12.64 -36.25 -9.51
CA GLN D 920 12.21 -35.05 -8.80
C GLN D 920 13.43 -34.21 -8.43
N ALA D 921 14.43 -34.86 -7.81
CA ALA D 921 15.66 -34.20 -7.34
C ALA D 921 16.38 -33.42 -8.42
N LEU D 922 16.40 -33.97 -9.63
CA LEU D 922 16.98 -33.29 -10.79
C LEU D 922 16.09 -32.10 -11.23
N HIS D 923 14.78 -32.31 -11.22
CA HIS D 923 13.84 -31.25 -11.57
C HIS D 923 13.96 -30.08 -10.64
N HIS D 924 14.12 -30.33 -9.34
CA HIS D 924 14.34 -29.24 -8.38
C HIS D 924 15.70 -28.63 -8.49
N ALA D 925 16.62 -29.31 -9.15
CA ALA D 925 17.93 -28.74 -9.43
C ALA D 925 17.97 -28.25 -10.88
N ASN D 926 16.80 -28.11 -11.47
CA ASN D 926 16.67 -27.55 -12.81
C ASN D 926 17.46 -28.26 -13.88
N MET D 927 17.12 -29.53 -14.09
CA MET D 927 17.71 -30.32 -15.15
C MET D 927 16.65 -31.23 -15.76
N GLN D 928 16.62 -31.35 -17.08
CA GLN D 928 15.73 -32.32 -17.70
C GLN D 928 16.31 -33.74 -17.63
N VAL D 929 15.46 -34.75 -17.60
CA VAL D 929 15.92 -36.13 -17.51
C VAL D 929 15.61 -36.85 -18.84
N MET D 930 16.42 -37.86 -19.17
CA MET D 930 16.33 -38.57 -20.45
C MET D 930 16.08 -40.07 -20.27
N ALA D 931 14.95 -40.54 -20.78
CA ALA D 931 14.59 -41.94 -20.69
C ALA D 931 15.33 -42.66 -21.78
N ASP D 932 16.09 -43.69 -21.40
CA ASP D 932 16.82 -44.49 -22.38
C ASP D 932 15.89 -45.53 -23.00
N VAL D 933 15.48 -45.35 -24.24
CA VAL D 933 14.45 -46.21 -24.87
C VAL D 933 15.03 -47.35 -25.75
N VAL D 934 14.77 -48.59 -25.33
CA VAL D 934 15.32 -49.77 -25.99
C VAL D 934 14.24 -50.58 -26.73
N ASP D 935 13.89 -50.10 -27.93
CA ASP D 935 12.84 -50.73 -28.73
C ASP D 935 13.34 -51.96 -29.49
N ASN D 936 14.64 -52.25 -29.45
CA ASN D 936 15.22 -53.26 -30.36
C ASN D 936 15.00 -54.73 -29.99
N GLN D 937 15.29 -55.10 -28.76
CA GLN D 937 15.21 -56.50 -28.33
C GLN D 937 14.61 -56.74 -26.93
N VAL D 938 14.51 -58.00 -26.57
CA VAL D 938 14.05 -58.39 -25.25
C VAL D 938 14.85 -59.63 -24.83
N TYR D 939 15.27 -59.68 -23.56
CA TYR D 939 16.08 -60.79 -23.09
C TYR D 939 15.26 -61.82 -22.33
N ASN D 940 15.69 -63.08 -22.45
CA ASN D 940 15.38 -64.16 -21.52
C ASN D 940 13.88 -64.41 -21.29
N LEU D 941 13.22 -64.94 -22.33
CA LEU D 941 11.77 -65.22 -22.33
C LEU D 941 11.48 -66.71 -22.20
N PRO D 942 10.91 -67.15 -21.05
CA PRO D 942 10.88 -68.58 -20.69
C PRO D 942 10.03 -69.50 -21.57
N GLY D 943 8.85 -69.04 -21.96
CA GLY D 943 7.92 -69.85 -22.75
C GLY D 943 8.40 -70.15 -24.15
N LYS D 944 8.16 -71.38 -24.60
CA LYS D 944 8.72 -71.90 -25.86
C LYS D 944 7.71 -71.91 -26.99
N GLU D 945 8.20 -71.82 -28.22
CA GLU D 945 7.34 -71.87 -29.40
C GLU D 945 8.10 -72.36 -30.61
N VAL D 946 7.40 -73.03 -31.52
CA VAL D 946 8.01 -73.50 -32.76
C VAL D 946 7.75 -72.54 -33.92
N VAL D 947 8.85 -72.08 -34.53
CA VAL D 947 8.86 -71.04 -35.57
C VAL D 947 9.82 -71.43 -36.69
N SER D 948 9.44 -71.19 -37.95
CA SER D 948 10.33 -71.52 -39.09
C SER D 948 11.44 -70.49 -39.18
N ALA D 949 12.68 -70.94 -39.01
CA ALA D 949 13.82 -70.03 -38.87
C ALA D 949 14.95 -70.35 -39.84
N THR D 950 15.91 -69.43 -39.90
CA THR D 950 17.05 -69.54 -40.79
C THR D 950 18.17 -68.67 -40.25
N ARG D 951 19.41 -69.04 -40.54
CA ARG D 951 20.58 -68.32 -40.09
C ARG D 951 20.72 -67.00 -40.81
N ALA D 952 20.98 -65.93 -40.07
CA ALA D 952 21.14 -64.62 -40.67
C ALA D 952 22.13 -63.77 -39.92
N GLY D 953 22.51 -62.65 -40.53
CA GLY D 953 23.48 -61.71 -39.97
C GLY D 953 22.85 -60.38 -39.58
N VAL D 954 23.67 -59.46 -39.10
CA VAL D 954 23.18 -58.19 -38.54
C VAL D 954 22.32 -57.39 -39.52
N TYR D 955 22.59 -57.58 -40.82
CA TYR D 955 21.98 -56.75 -41.84
C TYR D 955 20.51 -57.14 -42.06
N GLY D 956 20.13 -58.32 -41.58
CA GLY D 956 18.82 -58.90 -41.89
C GLY D 956 18.92 -59.73 -43.16
N ASN D 957 20.06 -60.37 -43.37
CA ASN D 957 20.33 -61.07 -44.60
C ASN D 957 20.44 -62.55 -44.29
N ASP D 958 19.97 -63.37 -45.21
CA ASP D 958 19.92 -64.81 -45.01
C ASP D 958 21.28 -65.40 -45.31
N ASP D 959 21.76 -66.24 -44.40
CA ASP D 959 23.07 -66.87 -44.55
C ASP D 959 22.88 -68.23 -45.24
N ALA D 960 23.88 -68.63 -46.02
CA ALA D 960 23.86 -69.91 -46.71
C ALA D 960 24.63 -70.93 -45.89
N THR D 961 23.94 -71.60 -44.97
CA THR D 961 24.56 -72.60 -44.10
C THR D 961 23.88 -73.96 -44.26
N GLY D 962 24.55 -74.98 -43.74
CA GLY D 962 24.01 -76.34 -43.70
C GLY D 962 22.76 -76.46 -42.84
N PHE D 963 22.60 -75.55 -41.88
CA PHE D 963 21.37 -75.48 -41.10
C PHE D 963 20.16 -75.30 -42.03
N GLY D 964 20.30 -74.40 -42.99
CA GLY D 964 19.24 -74.17 -43.98
C GLY D 964 18.04 -73.45 -43.41
N THR D 965 16.85 -74.00 -43.63
CA THR D 965 15.64 -73.45 -42.99
C THR D 965 14.86 -74.58 -42.32
N GLN D 966 14.86 -74.59 -40.99
CA GLN D 966 14.17 -75.60 -40.22
C GLN D 966 13.24 -74.91 -39.25
N LEU D 967 12.40 -75.69 -38.58
CA LEU D 967 11.57 -75.16 -37.51
C LEU D 967 12.40 -75.28 -36.25
N TYR D 968 12.25 -74.32 -35.34
CA TYR D 968 13.17 -74.17 -34.23
C TYR D 968 12.38 -73.85 -32.98
N VAL D 969 12.67 -74.57 -31.91
CA VAL D 969 12.06 -74.30 -30.64
C VAL D 969 12.68 -73.05 -30.03
N THR D 970 11.98 -71.92 -30.14
CA THR D 970 12.50 -70.62 -29.70
C THR D 970 11.98 -70.26 -28.33
N ASN D 971 12.81 -69.51 -27.61
CA ASN D 971 12.43 -68.97 -26.31
C ASN D 971 11.77 -67.61 -26.50
N SER D 972 10.52 -67.63 -26.94
CA SER D 972 9.82 -66.41 -27.39
C SER D 972 8.76 -65.87 -26.45
N VAL D 973 7.95 -66.74 -25.85
CA VAL D 973 6.80 -66.28 -25.05
C VAL D 973 7.17 -65.87 -23.62
N GLY D 974 6.84 -64.64 -23.26
CA GLY D 974 7.19 -64.13 -21.93
C GLY D 974 7.00 -62.63 -21.79
N GLY D 975 7.27 -62.11 -20.60
CA GLY D 975 7.07 -60.71 -20.38
C GLY D 975 7.36 -60.33 -18.97
N GLY D 976 6.47 -60.68 -18.05
CA GLY D 976 6.60 -60.29 -16.65
C GLY D 976 5.32 -59.72 -16.06
N GLN D 977 5.38 -59.32 -14.79
CA GLN D 977 4.21 -58.85 -14.10
C GLN D 977 3.79 -57.51 -14.63
N TYR D 978 4.73 -56.57 -14.71
CA TYR D 978 4.33 -55.19 -14.97
C TYR D 978 4.01 -54.93 -16.44
N GLN D 979 4.42 -55.83 -17.31
CA GLN D 979 3.99 -55.74 -18.70
C GLN D 979 2.54 -56.24 -18.83
N GLU D 980 2.14 -57.21 -18.01
CA GLU D 980 0.74 -57.66 -17.97
C GLU D 980 -0.16 -56.52 -17.49
N LYS D 981 0.41 -55.60 -16.71
CA LYS D 981 -0.36 -54.54 -16.09
C LYS D 981 -0.54 -53.37 -17.06
N TYR D 982 0.58 -52.86 -17.56
CA TYR D 982 0.59 -51.58 -18.25
C TYR D 982 0.47 -51.70 -19.76
N ALA D 983 1.07 -52.72 -20.33
CA ALA D 983 1.05 -52.89 -21.78
C ALA D 983 -0.37 -52.82 -22.34
N GLY D 984 -0.55 -51.89 -23.28
CA GLY D 984 -1.79 -51.72 -24.03
C GLY D 984 -2.93 -51.05 -23.30
N GLN D 985 -2.59 -50.25 -22.29
CA GLN D 985 -3.60 -49.68 -21.40
C GLN D 985 -3.91 -48.24 -21.77
N TYR D 986 -2.89 -47.51 -22.20
CA TYR D 986 -3.07 -46.13 -22.59
C TYR D 986 -3.26 -45.97 -24.08
N LEU D 987 -3.55 -47.07 -24.80
CA LEU D 987 -3.70 -47.01 -26.26
C LEU D 987 -4.98 -46.29 -26.69
N GLU D 988 -6.12 -46.73 -26.16
CA GLU D 988 -7.39 -46.08 -26.48
C GLU D 988 -7.33 -44.61 -26.06
N ALA D 989 -6.74 -44.36 -24.90
CA ALA D 989 -6.57 -43.00 -24.37
C ALA D 989 -5.79 -42.09 -25.33
N LEU D 990 -4.70 -42.60 -25.90
CA LEU D 990 -3.89 -41.87 -26.89
C LEU D 990 -4.55 -41.73 -28.25
N LYS D 991 -5.39 -42.67 -28.65
CA LYS D 991 -6.10 -42.56 -29.94
C LYS D 991 -7.09 -41.38 -29.91
N ALA D 992 -7.81 -41.25 -28.78
CA ALA D 992 -8.70 -40.12 -28.58
C ALA D 992 -7.90 -38.83 -28.52
N LYS D 993 -6.75 -38.89 -27.89
CA LYS D 993 -5.93 -37.71 -27.64
C LYS D 993 -5.16 -37.27 -28.90
N TYR D 994 -4.40 -38.17 -29.50
CA TYR D 994 -3.61 -37.86 -30.70
C TYR D 994 -3.86 -38.85 -31.83
N PRO D 995 -5.07 -38.82 -32.42
CA PRO D 995 -5.49 -39.81 -33.45
C PRO D 995 -4.66 -39.82 -34.74
N ASP D 996 -3.84 -38.79 -34.93
CA ASP D 996 -2.90 -38.74 -36.06
C ASP D 996 -1.82 -39.81 -35.95
N LEU D 997 -1.31 -40.02 -34.73
CA LEU D 997 -0.24 -41.00 -34.48
C LEU D 997 -0.66 -42.37 -34.99
N PHE D 998 -1.92 -42.71 -34.77
CA PHE D 998 -2.43 -44.03 -35.15
C PHE D 998 -2.83 -44.12 -36.60
N GLU D 999 -2.94 -42.98 -37.27
CA GLU D 999 -3.19 -42.97 -38.71
C GLU D 999 -1.89 -43.18 -39.50
N GLY D 1000 -2.01 -43.79 -40.68
CA GLY D 1000 -0.90 -43.90 -41.62
C GLY D 1000 -0.34 -42.53 -41.98
N LYS D 1001 0.84 -42.51 -42.59
CA LYS D 1001 1.52 -41.27 -42.96
C LYS D 1001 2.70 -41.52 -43.92
N ALA D 1002 2.84 -40.64 -44.90
CA ALA D 1002 3.97 -40.66 -45.78
C ALA D 1002 4.99 -39.74 -45.14
N TYR D 1003 6.26 -40.03 -45.37
CA TYR D 1003 7.36 -39.19 -44.88
C TYR D 1003 8.65 -39.44 -45.67
N ASP D 1004 9.63 -38.57 -45.47
CA ASP D 1004 10.89 -38.67 -46.19
C ASP D 1004 12.03 -38.89 -45.21
N TYR D 1005 13.13 -39.45 -45.68
CA TYR D 1005 14.32 -39.60 -44.85
C TYR D 1005 15.57 -39.86 -45.68
N TRP D 1006 16.73 -39.47 -45.15
CA TRP D 1006 18.04 -39.64 -45.81
C TRP D 1006 18.46 -41.07 -45.83
N TYR D 1007 19.47 -41.37 -46.64
CA TYR D 1007 19.87 -42.76 -46.87
C TYR D 1007 21.31 -42.90 -47.39
N LYS D 1008 22.21 -43.29 -46.49
CA LYS D 1008 23.65 -43.36 -46.79
C LYS D 1008 23.96 -44.44 -47.84
N ASN D 1009 24.37 -44.00 -49.03
CA ASN D 1009 24.82 -44.92 -50.07
C ASN D 1009 26.35 -45.05 -49.99
N TYR D 1010 26.84 -46.27 -49.80
CA TYR D 1010 28.28 -46.54 -49.85
C TYR D 1010 28.73 -46.78 -51.29
N ALA D 1011 29.71 -46.02 -51.76
CA ALA D 1011 30.10 -46.04 -53.18
C ALA D 1011 31.04 -47.21 -53.47
N ASN D 1012 30.75 -47.94 -54.56
CA ASN D 1012 31.53 -49.12 -54.95
C ASN D 1012 32.92 -48.78 -55.51
N ASP D 1013 33.17 -47.50 -55.81
CA ASP D 1013 34.48 -47.03 -56.27
C ASP D 1013 35.39 -46.53 -55.12
N GLY D 1014 35.05 -46.88 -53.88
CA GLY D 1014 35.89 -46.57 -52.73
C GLY D 1014 36.04 -45.11 -52.36
N SER D 1015 35.11 -44.28 -52.83
CA SER D 1015 35.08 -42.86 -52.47
C SER D 1015 34.21 -42.65 -51.23
N ASN D 1016 33.98 -41.39 -50.86
CA ASN D 1016 33.14 -41.07 -49.70
C ASN D 1016 31.69 -41.52 -49.91
N PRO D 1017 30.92 -41.72 -48.81
CA PRO D 1017 29.49 -42.00 -48.94
C PRO D 1017 28.65 -40.75 -49.20
N TYR D 1018 27.47 -40.93 -49.81
CA TYR D 1018 26.60 -39.81 -50.20
C TYR D 1018 25.16 -40.12 -49.85
N TYR D 1019 24.39 -39.07 -49.59
CA TYR D 1019 23.05 -39.27 -49.08
C TYR D 1019 21.99 -39.03 -50.14
N THR D 1020 20.90 -39.77 -50.07
CA THR D 1020 19.79 -39.64 -51.03
C THR D 1020 18.40 -39.75 -50.38
N LEU D 1021 17.55 -38.76 -50.64
CA LEU D 1021 16.19 -38.67 -50.06
C LEU D 1021 15.31 -39.87 -50.44
N SER D 1022 15.03 -40.73 -49.48
CA SER D 1022 14.09 -41.84 -49.67
C SER D 1022 12.71 -41.49 -49.13
N HIS D 1023 11.73 -42.27 -49.57
CA HIS D 1023 10.33 -42.07 -49.21
C HIS D 1023 9.84 -43.29 -48.47
N GLY D 1024 9.15 -43.06 -47.34
CA GLY D 1024 8.55 -44.13 -46.56
C GLY D 1024 7.08 -43.86 -46.24
N ASP D 1025 6.28 -44.93 -46.14
CA ASP D 1025 4.86 -44.85 -45.76
C ASP D 1025 4.55 -45.78 -44.59
N ARG D 1026 4.33 -45.21 -43.41
CA ARG D 1026 3.92 -46.00 -42.24
C ARG D 1026 2.46 -46.42 -42.40
N GLU D 1027 2.13 -47.61 -41.90
CA GLU D 1027 0.75 -48.08 -41.92
C GLU D 1027 -0.02 -47.52 -40.72
N SER D 1028 -1.29 -47.89 -40.60
CA SER D 1028 -2.09 -47.50 -39.45
C SER D 1028 -2.10 -48.65 -38.46
N ILE D 1029 -2.05 -48.27 -37.18
CA ILE D 1029 -1.78 -49.18 -36.09
C ILE D 1029 -3.01 -49.22 -35.18
N PRO D 1030 -3.31 -50.37 -34.58
CA PRO D 1030 -4.50 -50.51 -33.75
C PRO D 1030 -4.31 -50.05 -32.30
N ALA D 1031 -5.43 -49.71 -31.65
CA ALA D 1031 -5.44 -49.38 -30.21
C ALA D 1031 -6.01 -50.53 -29.38
N ASP D 1032 -6.90 -51.33 -29.98
CA ASP D 1032 -7.59 -52.40 -29.27
C ASP D 1032 -6.74 -53.63 -28.98
N VAL D 1033 -5.59 -53.76 -29.64
CA VAL D 1033 -4.74 -54.92 -29.43
C VAL D 1033 -3.59 -54.53 -28.51
N ALA D 1034 -3.37 -55.36 -27.49
CA ALA D 1034 -2.44 -55.06 -26.43
C ALA D 1034 -1.47 -56.22 -26.24
N ILE D 1035 -0.17 -55.99 -26.43
CA ILE D 1035 0.81 -57.07 -26.23
C ILE D 1035 1.12 -57.24 -24.75
N LYS D 1036 0.23 -57.97 -24.08
CA LYS D 1036 0.40 -58.28 -22.68
C LYS D 1036 1.72 -59.00 -22.53
N GLN D 1037 1.94 -60.00 -23.37
CA GLN D 1037 3.18 -60.75 -23.36
C GLN D 1037 3.68 -61.02 -24.78
N TRP D 1038 4.99 -61.14 -24.91
CA TRP D 1038 5.63 -61.32 -26.21
C TRP D 1038 5.51 -62.75 -26.66
N SER D 1039 5.71 -62.94 -27.96
CA SER D 1039 5.58 -64.21 -28.62
C SER D 1039 6.26 -64.14 -29.98
N ALA D 1040 6.32 -65.28 -30.65
CA ALA D 1040 7.07 -65.42 -31.89
C ALA D 1040 6.68 -64.38 -32.92
N LYS D 1041 5.38 -64.23 -33.09
CA LYS D 1041 4.83 -63.38 -34.16
C LYS D 1041 5.17 -61.92 -34.00
N TYR D 1042 5.72 -61.56 -32.83
CA TYR D 1042 6.13 -60.20 -32.55
C TYR D 1042 7.66 -60.00 -32.56
N MET D 1043 8.40 -61.02 -33.01
CA MET D 1043 9.85 -60.92 -33.12
C MET D 1043 10.30 -61.27 -34.53
N ASN D 1044 11.28 -60.52 -35.03
CA ASN D 1044 11.95 -60.85 -36.29
C ASN D 1044 12.69 -62.18 -36.18
N GLY D 1045 13.36 -62.40 -35.06
CA GLY D 1045 14.20 -63.57 -34.87
C GLY D 1045 14.81 -63.66 -33.49
N THR D 1046 15.94 -64.36 -33.39
CA THR D 1046 16.60 -64.60 -32.11
C THR D 1046 18.04 -65.04 -32.34
N ASN D 1047 18.90 -64.74 -31.37
CA ASN D 1047 20.26 -65.27 -31.37
C ASN D 1047 20.25 -66.79 -31.30
N VAL D 1048 21.18 -67.43 -32.00
CA VAL D 1048 21.29 -68.90 -32.01
C VAL D 1048 21.28 -69.43 -30.59
N LEU D 1049 20.34 -70.32 -30.29
CA LEU D 1049 20.16 -70.85 -28.93
C LEU D 1049 20.92 -72.15 -28.70
N GLY D 1050 21.44 -72.73 -29.78
CA GLY D 1050 22.23 -73.96 -29.67
C GLY D 1050 21.40 -75.24 -29.48
N ASN D 1051 20.12 -75.18 -29.86
CA ASN D 1051 19.22 -76.34 -29.74
C ASN D 1051 19.52 -77.46 -30.75
N GLY D 1052 19.87 -77.07 -31.97
CA GLY D 1052 20.18 -78.03 -33.02
C GLY D 1052 19.43 -77.76 -34.30
N MET D 1053 19.76 -78.49 -35.35
CA MET D 1053 19.17 -78.31 -36.68
C MET D 1053 17.87 -79.11 -36.77
N GLY D 1054 17.87 -80.28 -36.15
CA GLY D 1054 16.70 -81.15 -36.13
C GLY D 1054 16.12 -81.37 -34.74
N TYR D 1055 16.24 -80.37 -33.86
CA TYR D 1055 15.69 -80.47 -32.51
C TYR D 1055 14.22 -80.77 -32.56
N VAL D 1056 13.51 -80.05 -33.42
CA VAL D 1056 12.14 -80.38 -33.77
C VAL D 1056 12.24 -81.58 -34.69
N LEU D 1057 11.67 -82.69 -34.25
CA LEU D 1057 11.84 -83.94 -34.96
C LEU D 1057 11.07 -83.93 -36.28
N LYS D 1058 11.63 -84.61 -37.26
CA LYS D 1058 10.98 -84.73 -38.53
C LYS D 1058 11.52 -85.93 -39.32
N ASP D 1059 10.74 -86.38 -40.31
CA ASP D 1059 11.15 -87.46 -41.18
C ASP D 1059 12.01 -86.89 -42.29
N TRP D 1060 13.31 -87.07 -42.15
CA TRP D 1060 14.30 -86.48 -43.05
C TRP D 1060 14.35 -87.15 -44.41
N HIS D 1061 13.63 -88.25 -44.56
CA HIS D 1061 13.56 -88.94 -45.84
C HIS D 1061 12.81 -88.12 -46.86
N ASN D 1062 11.83 -87.37 -46.38
CA ASN D 1062 11.00 -86.49 -47.22
C ASN D 1062 10.76 -85.09 -46.63
N GLY D 1063 11.25 -84.84 -45.42
CA GLY D 1063 11.10 -83.53 -44.81
C GLY D 1063 9.68 -83.30 -44.35
N GLN D 1064 9.16 -84.26 -43.61
CA GLN D 1064 7.80 -84.17 -43.06
C GLN D 1064 7.83 -84.01 -41.54
N TYR D 1065 7.51 -82.82 -41.06
CA TYR D 1065 7.47 -82.60 -39.63
C TYR D 1065 6.40 -83.44 -38.97
N PHE D 1066 6.63 -83.81 -37.71
CA PHE D 1066 5.65 -84.56 -36.92
C PHE D 1066 4.79 -83.58 -36.13
N LYS D 1067 3.47 -83.69 -36.30
CA LYS D 1067 2.51 -82.74 -35.71
C LYS D 1067 1.41 -83.52 -34.95
N LEU D 1068 0.84 -82.92 -33.90
CA LEU D 1068 -0.22 -83.56 -33.12
C LEU D 1068 -1.57 -82.91 -33.37
N ASP D 1069 -2.29 -83.36 -34.41
CA ASP D 1069 -3.69 -82.99 -34.66
C ASP D 1069 -4.62 -84.22 -34.50
N GLY D 1070 -5.83 -84.11 -35.06
CA GLY D 1070 -6.71 -85.27 -35.27
C GLY D 1070 -6.22 -86.15 -36.41
N ASP D 1071 -5.78 -85.52 -37.51
CA ASP D 1071 -5.09 -86.21 -38.61
C ASP D 1071 -3.57 -85.99 -38.53
N LYS D 1072 -3.01 -86.33 -37.37
CA LYS D 1072 -1.63 -86.01 -37.01
C LYS D 1072 -0.60 -86.90 -37.73
N SER D 1073 0.65 -86.43 -37.72
CA SER D 1073 1.80 -87.22 -38.17
C SER D 1073 2.67 -87.49 -36.95
N THR D 1074 2.83 -88.76 -36.57
CA THR D 1074 3.61 -89.15 -35.39
C THR D 1074 4.65 -90.25 -35.74
N LEU D 1075 5.49 -90.62 -34.76
CA LEU D 1075 6.42 -91.75 -34.88
C LEU D 1075 5.72 -93.07 -34.46
CA CA E . -22.37 -23.51 37.53
C1 GOL F . -13.66 -43.77 43.16
O1 GOL F . -13.74 -42.39 43.47
C2 GOL F . -13.82 -43.93 41.66
O2 GOL F . -12.73 -43.34 40.98
C3 GOL F . -15.09 -43.26 41.18
O3 GOL F . -15.21 -43.57 39.80
CA CA G . -30.46 48.07 2.18
C1 GOL H . -40.29 29.25 8.42
O1 GOL H . -40.32 30.54 7.81
C2 GOL H . -40.43 29.41 9.92
O2 GOL H . -41.49 30.35 10.15
C3 GOL H . -39.12 29.94 10.46
O3 GOL H . -39.35 30.46 11.76
C1 GOL I . -39.97 48.42 43.35
O1 GOL I . -40.94 48.74 42.34
C2 GOL I . -40.52 47.47 44.43
O2 GOL I . -41.54 48.12 45.20
C3 GOL I . -39.38 47.03 45.37
O3 GOL I . -38.52 46.05 44.81
CA CA J . 35.93 26.28 -3.70
C1 GOL K . 48.37 19.00 13.03
O1 GOL K . 47.82 17.75 12.62
C2 GOL K . 47.73 19.29 14.38
O2 GOL K . 47.79 18.11 15.18
C3 GOL K . 46.27 19.72 14.20
O3 GOL K . 45.45 18.55 14.14
C1 GOL L . 26.69 -0.09 12.67
O1 GOL L . 27.54 -0.35 13.77
C2 GOL L . 25.31 -0.67 12.95
O2 GOL L . 24.71 -1.02 11.68
C3 GOL L . 24.42 0.32 13.73
O3 GOL L . 24.36 0.04 15.14
C1 GOL M . 20.53 27.55 3.61
O1 GOL M . 20.88 26.35 2.91
C2 GOL M . 20.50 27.33 5.13
O2 GOL M . 21.71 26.67 5.55
C3 GOL M . 19.26 26.54 5.56
O3 GOL M . 19.58 25.16 5.78
CA CA N . 15.52 -54.72 -34.68
C1 GOL O . 29.16 -59.44 -45.57
O1 GOL O . 27.84 -59.84 -45.15
C2 GOL O . 30.14 -59.46 -44.39
O2 GOL O . 29.89 -60.61 -43.59
C3 GOL O . 29.94 -58.21 -43.53
O3 GOL O . 30.26 -58.51 -42.16
C1 GOL P . 1.17 -68.91 -45.09
O1 GOL P . 2.12 -68.31 -44.21
C2 GOL P . 1.64 -70.33 -45.34
O2 GOL P . 1.80 -71.01 -44.12
C3 GOL P . 3.01 -70.26 -45.97
O3 GOL P . 3.93 -69.92 -44.94
C1 GOL Q . 31.18 -94.70 -36.77
O1 GOL Q . 29.85 -94.90 -37.24
C2 GOL Q . 32.00 -94.30 -37.97
O2 GOL Q . 31.16 -93.51 -38.81
C3 GOL Q . 32.41 -95.53 -38.77
O3 GOL Q . 33.24 -95.14 -39.87
#